data_6N06
#
_entry.id   6N06
#
loop_
_entity.id
_entity.type
_entity.pdbx_description
1 polymer 'Microcompartments protein'
2 polymer 'Microcompartments protein'
#
loop_
_entity_poly.entity_id
_entity_poly.type
_entity_poly.pdbx_seq_one_letter_code
_entity_poly.pdbx_strand_id
1 'polypeptide(L)'
;MDHAPERFDATPPAGEPDRPALGVLELTSIARGITVADAALKRAPSLLLMSRPVSSGKHLLMMRGQVAEVEESMIAAREI
AGAGSGALLDELELPYAHEQLWRFLDAPVVADAWEEDTESVIIVETATVCAAIDSADAALKTAPVVLRDMRLAIGIAGKA
FFTLTGELADVEAAAEVVRERCGARLLELACIARPVDELRGRLFF
;
A,B,C
2 'polypeptide(L)'
;MADALGMIEVRGFVGMVEAADAMVKAAKVELIGYEKTGGGYVTAVVRGDVAAVKAATEAGQRAAERVGEVVAVHVIPRPH
VNVDAALPLGRTPGMDKSA
;
GA,GB,GC,GD,GE,GF,HA,HB,HC,HD,HE,HF,IA,IB,IC,ID,IE,IF,JA,JB,JC,JD,JE,JF,KA,KB,KC,KD,KE,KF,LA,LB,LC,LD,LE,LF
#
# COMPACT_ATOMS: atom_id res chain seq x y z
N PRO A 5 9.72 21.79 -19.38
CA PRO A 5 10.17 20.40 -19.32
C PRO A 5 11.53 20.20 -19.97
N GLU A 6 12.21 21.30 -20.28
CA GLU A 6 13.55 21.26 -20.85
C GLU A 6 14.64 21.45 -19.81
N ARG A 7 14.27 21.53 -18.53
CA ARG A 7 15.23 21.69 -17.45
C ARG A 7 15.87 20.37 -17.03
N PHE A 8 15.45 19.25 -17.62
CA PHE A 8 16.02 17.94 -17.34
C PHE A 8 17.07 17.52 -18.36
N ASP A 9 17.62 18.48 -19.10
CA ASP A 9 18.63 18.14 -20.10
C ASP A 9 19.98 17.87 -19.43
N ALA A 10 20.87 17.22 -20.18
CA ALA A 10 22.19 16.89 -19.65
C ALA A 10 23.06 18.14 -19.54
N THR A 11 23.30 18.81 -20.67
CA THR A 11 24.10 20.01 -20.65
C THR A 11 23.25 21.25 -20.94
N PRO A 12 23.53 22.37 -20.29
CA PRO A 12 22.77 23.59 -20.57
C PRO A 12 23.31 24.27 -21.82
N PRO A 13 22.54 25.20 -22.42
CA PRO A 13 23.06 25.93 -23.60
C PRO A 13 24.17 26.91 -23.27
N ALA A 14 24.60 27.66 -24.29
CA ALA A 14 25.72 28.60 -24.15
C ALA A 14 25.37 29.84 -23.33
N GLY A 15 24.08 30.09 -23.10
CA GLY A 15 23.65 31.20 -22.28
C GLY A 15 23.25 30.85 -20.86
N GLU A 16 23.59 29.66 -20.39
CA GLU A 16 23.19 29.19 -19.07
C GLU A 16 24.41 28.65 -18.33
N PRO A 17 24.44 28.79 -17.00
CA PRO A 17 25.53 28.18 -16.23
C PRO A 17 25.34 26.68 -16.12
N ASP A 18 26.44 26.00 -15.84
CA ASP A 18 26.46 24.54 -15.82
C ASP A 18 26.03 24.04 -14.44
N ARG A 19 25.08 23.12 -14.43
CA ARG A 19 24.54 22.54 -13.20
C ARG A 19 24.66 21.02 -13.27
N PRO A 20 25.81 20.47 -12.87
CA PRO A 20 26.01 19.02 -13.01
C PRO A 20 25.49 18.22 -11.85
N ALA A 21 25.31 18.84 -10.69
CA ALA A 21 24.99 18.09 -9.49
C ALA A 21 23.51 17.68 -9.48
N LEU A 22 23.15 16.86 -8.50
CA LEU A 22 21.81 16.30 -8.41
C LEU A 22 21.54 15.87 -6.98
N GLY A 23 20.42 16.31 -6.43
CA GLY A 23 20.03 15.89 -5.09
C GLY A 23 18.60 15.39 -5.05
N VAL A 24 18.41 14.16 -4.61
CA VAL A 24 17.09 13.54 -4.54
C VAL A 24 16.78 13.24 -3.09
N LEU A 25 15.62 13.71 -2.64
CA LEU A 25 15.09 13.42 -1.32
C LEU A 25 13.76 12.70 -1.45
N GLU A 26 13.49 11.81 -0.51
CA GLU A 26 12.27 11.02 -0.50
C GLU A 26 11.69 11.08 0.90
N LEU A 27 10.44 11.53 1.01
CA LEU A 27 9.86 11.80 2.32
C LEU A 27 8.54 11.05 2.47
N THR A 28 8.30 10.55 3.69
CA THR A 28 7.06 9.85 3.98
C THR A 28 5.87 10.80 4.08
N SER A 29 6.12 12.09 4.28
CA SER A 29 5.08 13.10 4.35
C SER A 29 5.23 14.05 3.16
N ILE A 30 4.18 14.82 2.91
CA ILE A 30 4.13 15.75 1.80
C ILE A 30 4.24 17.19 2.28
N ALA A 31 3.65 17.51 3.44
CA ALA A 31 3.83 18.83 4.03
C ALA A 31 5.28 19.05 4.46
N ARG A 32 5.90 18.02 5.04
CA ARG A 32 7.33 18.06 5.30
C ARG A 32 8.13 18.15 4.02
N GLY A 33 7.59 17.61 2.92
CA GLY A 33 8.26 17.72 1.63
C GLY A 33 8.39 19.15 1.16
N ILE A 34 7.37 19.97 1.37
CA ILE A 34 7.48 21.35 0.92
C ILE A 34 8.22 22.22 1.94
N THR A 35 8.15 21.87 3.23
CA THR A 35 9.03 22.54 4.20
C THR A 35 10.51 22.29 3.88
N VAL A 36 10.83 21.05 3.53
CA VAL A 36 12.19 20.70 3.10
C VAL A 36 12.54 21.39 1.79
N ALA A 37 11.59 21.49 0.86
CA ALA A 37 11.83 22.11 -0.44
C ALA A 37 12.14 23.59 -0.31
N ASP A 38 11.32 24.34 0.43
CA ASP A 38 11.62 25.76 0.49
C ASP A 38 12.72 26.07 1.49
N ALA A 39 13.05 25.16 2.42
CA ALA A 39 14.27 25.37 3.20
C ALA A 39 15.52 25.21 2.32
N ALA A 40 15.52 24.19 1.45
CA ALA A 40 16.65 24.00 0.53
C ALA A 40 16.73 25.10 -0.51
N LEU A 41 15.61 25.71 -0.87
CA LEU A 41 15.66 26.86 -1.76
C LEU A 41 15.92 28.17 -1.03
N LYS A 42 15.75 28.22 0.29
CA LYS A 42 16.17 29.40 1.04
C LYS A 42 17.67 29.44 1.27
N ARG A 43 18.29 28.30 1.61
CA ARG A 43 19.69 28.40 1.99
C ARG A 43 20.61 28.59 0.80
N ALA A 44 20.53 27.72 -0.20
CA ALA A 44 21.46 27.80 -1.32
C ALA A 44 20.69 27.82 -2.64
N PRO A 45 21.20 28.52 -3.68
CA PRO A 45 20.37 28.73 -4.89
C PRO A 45 20.36 27.53 -5.83
N SER A 46 19.72 26.45 -5.39
CA SER A 46 19.61 25.25 -6.21
C SER A 46 18.34 25.32 -7.05
N LEU A 47 18.48 25.03 -8.34
CA LEU A 47 17.32 24.90 -9.20
C LEU A 47 16.55 23.63 -8.84
N LEU A 48 15.26 23.76 -8.60
CA LEU A 48 14.44 22.66 -8.13
C LEU A 48 13.82 21.96 -9.33
N LEU A 49 14.16 20.69 -9.54
CA LEU A 49 13.65 19.96 -10.69
C LEU A 49 12.21 19.52 -10.48
N MET A 50 11.90 18.87 -9.35
CA MET A 50 10.53 18.45 -9.12
C MET A 50 10.22 18.36 -7.64
N SER A 51 8.94 18.55 -7.33
CA SER A 51 8.34 18.38 -6.01
C SER A 51 7.06 17.60 -6.27
N ARG A 52 7.14 16.28 -6.25
CA ARG A 52 6.10 15.46 -6.85
C ARG A 52 5.59 14.40 -5.88
N PRO A 53 4.28 14.33 -5.66
CA PRO A 53 3.74 13.22 -4.85
C PRO A 53 3.74 11.91 -5.62
N VAL A 54 4.54 10.96 -5.17
CA VAL A 54 4.57 9.64 -5.77
C VAL A 54 3.81 8.67 -4.86
N SER A 55 3.56 7.48 -5.38
CA SER A 55 2.62 6.54 -4.81
C SER A 55 3.13 5.98 -3.47
N SER A 56 2.23 5.25 -2.80
CA SER A 56 2.34 4.86 -1.38
C SER A 56 2.54 6.07 -0.47
N GLY A 57 1.98 7.22 -0.88
CA GLY A 57 1.99 8.43 -0.10
C GLY A 57 3.35 9.01 0.19
N LYS A 58 4.19 9.17 -0.83
CA LYS A 58 5.52 9.71 -0.61
C LYS A 58 5.68 11.00 -1.40
N HIS A 59 6.63 11.82 -1.00
CA HIS A 59 6.93 13.05 -1.69
C HIS A 59 8.37 13.00 -2.16
N LEU A 60 8.57 13.20 -3.45
CA LEU A 60 9.87 13.04 -4.09
C LEU A 60 10.36 14.41 -4.54
N LEU A 61 11.52 14.82 -4.05
CA LEU A 61 12.13 16.10 -4.37
C LEU A 61 13.39 15.87 -5.16
N MET A 62 13.51 16.56 -6.29
CA MET A 62 14.74 16.53 -7.06
C MET A 62 15.19 17.97 -7.30
N MET A 63 16.46 18.24 -7.01
CA MET A 63 17.05 19.56 -7.18
C MET A 63 18.36 19.44 -7.95
N ARG A 64 18.71 20.53 -8.65
CA ARG A 64 19.83 20.54 -9.57
C ARG A 64 20.60 21.84 -9.38
N GLY A 65 21.92 21.77 -9.47
CA GLY A 65 22.73 22.95 -9.35
C GLY A 65 24.19 22.62 -9.43
N GLN A 66 25.01 23.52 -8.91
CA GLN A 66 26.44 23.27 -8.81
C GLN A 66 26.70 22.35 -7.62
N VAL A 67 27.97 21.98 -7.40
CA VAL A 67 28.27 20.99 -6.39
C VAL A 67 28.12 21.58 -4.99
N ALA A 68 28.64 22.78 -4.77
CA ALA A 68 28.51 23.41 -3.45
C ALA A 68 27.09 23.87 -3.16
N GLU A 69 26.36 24.33 -4.19
CA GLU A 69 24.99 24.78 -4.00
C GLU A 69 24.08 23.61 -3.64
N VAL A 70 24.22 22.49 -4.35
CA VAL A 70 23.42 21.30 -4.02
C VAL A 70 23.84 20.71 -2.69
N GLU A 71 25.14 20.76 -2.36
CA GLU A 71 25.59 20.27 -1.05
C GLU A 71 25.00 21.09 0.09
N GLU A 72 24.94 22.41 -0.07
CA GLU A 72 24.42 23.24 1.00
C GLU A 72 22.89 23.16 1.08
N SER A 73 22.21 23.07 -0.07
CA SER A 73 20.77 22.85 -0.08
C SER A 73 20.41 21.51 0.54
N MET A 74 21.22 20.48 0.28
CA MET A 74 20.95 19.17 0.86
C MET A 74 21.24 19.13 2.35
N ILE A 75 22.25 19.86 2.84
CA ILE A 75 22.48 19.81 4.28
C ILE A 75 21.41 20.62 5.02
N ALA A 76 20.88 21.69 4.40
CA ALA A 76 19.74 22.38 4.99
C ALA A 76 18.49 21.51 4.98
N ALA A 77 18.20 20.91 3.83
CA ALA A 77 17.03 20.06 3.65
C ALA A 77 17.09 18.79 4.47
N ARG A 78 18.31 18.34 4.82
CA ARG A 78 18.49 17.19 5.67
C ARG A 78 18.32 17.55 7.14
N GLU A 79 18.80 18.72 7.56
CA GLU A 79 18.60 19.10 8.95
C GLU A 79 17.19 19.61 9.23
N ILE A 80 16.40 19.93 8.21
CA ILE A 80 14.99 20.23 8.43
C ILE A 80 14.14 18.97 8.46
N ALA A 81 14.46 17.98 7.62
CA ALA A 81 13.64 16.77 7.50
C ALA A 81 13.66 15.93 8.76
N GLY A 82 14.85 15.67 9.31
CA GLY A 82 14.95 14.90 10.53
C GLY A 82 14.76 15.73 11.78
N ALA A 83 13.60 16.36 11.91
CA ALA A 83 13.27 17.20 13.05
C ALA A 83 12.01 16.63 13.71
N GLY A 84 12.19 15.93 14.81
CA GLY A 84 11.07 15.31 15.50
C GLY A 84 10.74 13.94 14.93
N SER A 85 9.68 13.88 14.14
CA SER A 85 9.32 12.63 13.46
C SER A 85 10.21 12.46 12.23
N GLY A 86 10.71 11.24 12.04
CA GLY A 86 11.65 10.96 10.97
C GLY A 86 11.02 10.90 9.60
N ALA A 87 10.66 12.06 9.06
CA ALA A 87 9.93 12.12 7.79
C ALA A 87 10.81 11.71 6.62
N LEU A 88 12.13 11.87 6.73
CA LEU A 88 13.03 11.53 5.66
C LEU A 88 13.23 10.02 5.58
N LEU A 89 13.03 9.45 4.39
CA LEU A 89 13.16 8.01 4.21
C LEU A 89 14.47 7.62 3.55
N ASP A 90 14.83 8.26 2.44
CA ASP A 90 16.08 7.97 1.77
C ASP A 90 16.54 9.23 1.04
N GLU A 91 17.85 9.40 0.96
CA GLU A 91 18.45 10.60 0.39
C GLU A 91 19.52 10.22 -0.61
N LEU A 92 19.91 11.19 -1.44
CA LEU A 92 20.92 11.01 -2.46
C LEU A 92 21.46 12.38 -2.86
N GLU A 93 22.78 12.48 -2.97
CA GLU A 93 23.42 13.73 -3.38
C GLU A 93 24.58 13.35 -4.29
N LEU A 94 24.36 13.44 -5.60
CA LEU A 94 25.37 13.09 -6.60
C LEU A 94 26.15 14.32 -7.02
N PRO A 95 27.49 14.28 -6.95
CA PRO A 95 28.27 15.44 -7.42
C PRO A 95 28.25 15.61 -8.92
N TYR A 96 28.11 14.52 -9.68
CA TYR A 96 28.07 14.59 -11.14
C TYR A 96 27.32 13.36 -11.65
N ALA A 97 26.07 13.58 -12.06
CA ALA A 97 25.27 12.50 -12.59
C ALA A 97 25.70 12.18 -14.02
N HIS A 98 25.44 10.95 -14.45
CA HIS A 98 25.81 10.52 -15.78
C HIS A 98 24.88 11.18 -16.80
N GLU A 99 25.37 11.32 -18.03
CA GLU A 99 24.64 12.07 -19.05
C GLU A 99 23.38 11.34 -19.51
N GLN A 100 23.38 10.01 -19.43
CA GLN A 100 22.24 9.23 -19.88
C GLN A 100 21.11 9.20 -18.87
N LEU A 101 21.34 9.67 -17.63
CA LEU A 101 20.36 9.58 -16.56
C LEU A 101 19.38 10.73 -16.54
N TRP A 102 19.76 11.88 -17.12
CA TRP A 102 19.02 13.13 -16.92
C TRP A 102 17.63 13.09 -17.56
N ARG A 103 17.43 12.28 -18.59
CA ARG A 103 16.11 12.20 -19.19
C ARG A 103 15.24 11.12 -18.57
N PHE A 104 15.76 10.37 -17.59
CA PHE A 104 14.99 9.33 -16.92
C PHE A 104 14.53 9.75 -15.54
N LEU A 105 14.28 11.04 -15.33
CA LEU A 105 13.84 11.54 -14.04
C LEU A 105 12.41 12.05 -14.05
N ASP A 106 12.02 12.82 -15.06
CA ASP A 106 10.69 13.45 -15.06
C ASP A 106 9.60 12.42 -15.37
N ALA A 107 9.65 11.83 -16.55
CA ALA A 107 8.57 10.96 -16.97
C ALA A 107 9.02 9.50 -16.94
N PRO A 108 8.09 8.57 -16.72
CA PRO A 108 8.42 7.15 -16.88
C PRO A 108 8.66 6.81 -18.34
N VAL A 109 9.91 6.55 -18.68
CA VAL A 109 10.29 6.24 -20.05
C VAL A 109 10.31 4.73 -20.21
N VAL A 110 9.74 4.23 -21.31
CA VAL A 110 9.78 2.82 -21.66
C VAL A 110 10.51 2.68 -22.99
N ALA A 111 11.11 1.51 -23.20
CA ALA A 111 11.91 1.25 -24.38
C ALA A 111 11.06 0.66 -25.49
N ASP A 112 11.16 1.25 -26.68
CA ASP A 112 10.43 0.76 -27.84
C ASP A 112 11.23 -0.22 -28.68
N ALA A 113 12.53 -0.01 -28.81
CA ALA A 113 13.40 -0.91 -29.56
C ALA A 113 14.83 -0.72 -29.11
N TRP A 114 15.60 -1.81 -29.17
CA TRP A 114 17.03 -1.78 -28.90
C TRP A 114 17.79 -1.55 -30.19
N GLU A 115 19.11 -1.73 -30.17
CA GLU A 115 19.91 -1.75 -31.37
C GLU A 115 20.06 -3.19 -31.84
N GLU A 116 20.56 -3.37 -33.05
CA GLU A 116 20.70 -4.67 -33.69
C GLU A 116 21.71 -5.56 -32.96
N ASP A 117 22.70 -4.95 -32.31
CA ASP A 117 23.73 -5.66 -31.57
C ASP A 117 23.63 -5.32 -30.08
N THR A 118 22.75 -6.03 -29.39
CA THR A 118 22.49 -5.84 -27.96
C THR A 118 22.35 -7.22 -27.32
N GLU A 119 23.43 -7.70 -26.73
CA GLU A 119 23.51 -9.06 -26.22
C GLU A 119 22.59 -9.31 -25.03
N SER A 120 22.86 -8.63 -23.91
CA SER A 120 22.25 -8.99 -22.63
C SER A 120 21.56 -7.80 -21.99
N VAL A 121 20.62 -8.12 -21.10
CA VAL A 121 19.79 -7.14 -20.41
C VAL A 121 19.75 -7.49 -18.92
N ILE A 122 19.79 -6.47 -18.08
CA ILE A 122 19.73 -6.61 -16.62
C ILE A 122 18.63 -5.70 -16.10
N ILE A 123 17.78 -6.23 -15.24
CA ILE A 123 16.69 -5.47 -14.63
C ILE A 123 16.90 -5.42 -13.12
N VAL A 124 16.83 -4.21 -12.56
CA VAL A 124 17.13 -3.95 -11.16
C VAL A 124 15.93 -3.24 -10.56
N GLU A 125 15.44 -3.73 -9.42
CA GLU A 125 14.41 -3.03 -8.68
C GLU A 125 14.85 -2.77 -7.24
N THR A 126 14.54 -1.57 -6.77
CA THR A 126 14.92 -1.08 -5.46
C THR A 126 13.68 -0.69 -4.69
N ALA A 127 13.78 -0.79 -3.36
CA ALA A 127 12.65 -0.46 -2.49
C ALA A 127 12.41 1.03 -2.40
N THR A 128 13.42 1.85 -2.66
CA THR A 128 13.29 3.31 -2.61
C THR A 128 13.53 3.88 -4.00
N VAL A 129 13.56 5.20 -4.09
CA VAL A 129 13.83 5.89 -5.34
C VAL A 129 15.29 6.31 -5.43
N CYS A 130 15.88 6.71 -4.31
CA CYS A 130 17.28 7.13 -4.28
C CYS A 130 18.21 5.97 -4.56
N ALA A 131 17.82 4.74 -4.17
CA ALA A 131 18.65 3.58 -4.46
C ALA A 131 18.67 3.27 -5.96
N ALA A 132 17.53 3.47 -6.63
CA ALA A 132 17.46 3.23 -8.07
C ALA A 132 18.33 4.21 -8.84
N ILE A 133 18.24 5.49 -8.49
CA ILE A 133 19.01 6.52 -9.18
C ILE A 133 20.50 6.37 -8.86
N ASP A 134 20.83 6.04 -7.62
CA ASP A 134 22.22 5.84 -7.21
C ASP A 134 22.83 4.64 -7.92
N SER A 135 22.10 3.53 -7.98
CA SER A 135 22.61 2.32 -8.61
C SER A 135 22.72 2.47 -10.11
N ALA A 136 21.74 3.14 -10.73
CA ALA A 136 21.82 3.41 -12.16
C ALA A 136 22.97 4.35 -12.49
N ASP A 137 23.22 5.33 -11.62
CA ASP A 137 24.30 6.27 -11.84
C ASP A 137 25.67 5.60 -11.73
N ALA A 138 25.84 4.76 -10.70
CA ALA A 138 27.10 4.04 -10.54
C ALA A 138 27.32 3.03 -11.66
N ALA A 139 26.26 2.32 -12.07
CA ALA A 139 26.40 1.31 -13.11
C ALA A 139 26.59 1.93 -14.49
N LEU A 140 26.09 3.15 -14.70
CA LEU A 140 26.43 3.85 -15.93
C LEU A 140 27.87 4.36 -15.90
N LYS A 141 28.33 4.81 -14.74
CA LYS A 141 29.69 5.33 -14.69
C LYS A 141 30.75 4.26 -14.58
N THR A 142 30.38 2.98 -14.43
CA THR A 142 31.40 1.95 -14.32
C THR A 142 31.49 1.00 -15.51
N ALA A 143 30.58 1.08 -16.48
CA ALA A 143 30.54 0.09 -17.54
C ALA A 143 29.85 0.69 -18.74
N PRO A 144 30.21 0.29 -19.97
CA PRO A 144 29.54 0.86 -21.16
C PRO A 144 28.18 0.23 -21.42
N VAL A 145 27.22 0.54 -20.55
CA VAL A 145 25.86 0.03 -20.67
C VAL A 145 24.94 1.18 -21.01
N VAL A 146 23.76 0.83 -21.53
CA VAL A 146 22.75 1.79 -21.94
C VAL A 146 21.53 1.61 -21.07
N LEU A 147 21.09 2.69 -20.43
CA LEU A 147 19.88 2.67 -19.62
C LEU A 147 18.67 2.80 -20.55
N ARG A 148 17.83 1.77 -20.57
CA ARG A 148 16.73 1.71 -21.54
C ARG A 148 15.44 2.27 -20.99
N ASP A 149 14.94 1.70 -19.89
CA ASP A 149 13.70 2.15 -19.29
C ASP A 149 13.84 2.18 -17.77
N MET A 150 13.04 3.03 -17.14
CA MET A 150 13.20 3.34 -15.73
C MET A 150 11.87 3.86 -15.22
N ARG A 151 11.51 3.44 -14.01
CA ARG A 151 10.21 3.75 -13.41
C ARG A 151 10.47 4.06 -11.94
N LEU A 152 10.08 5.26 -11.51
CA LEU A 152 10.41 5.79 -10.20
C LEU A 152 9.13 6.06 -9.42
N ALA A 153 8.64 5.04 -8.72
CA ALA A 153 7.66 5.07 -7.64
C ALA A 153 6.25 5.46 -8.06
N ILE A 154 6.01 5.84 -9.30
CA ILE A 154 4.67 6.16 -9.76
C ILE A 154 4.06 4.93 -10.40
N GLY A 155 2.85 4.58 -9.96
CA GLY A 155 2.13 3.45 -10.50
C GLY A 155 2.47 2.11 -9.87
N ILE A 156 3.65 1.97 -9.25
CA ILE A 156 4.07 0.70 -8.68
C ILE A 156 4.36 0.81 -7.19
N ALA A 157 3.84 1.88 -6.55
CA ALA A 157 3.74 2.02 -5.09
C ALA A 157 5.08 1.97 -4.38
N GLY A 158 5.92 2.97 -4.67
CA GLY A 158 7.14 3.19 -3.92
C GLY A 158 8.37 2.49 -4.46
N LYS A 159 8.20 1.32 -5.05
CA LYS A 159 9.32 0.59 -5.64
C LYS A 159 9.79 1.32 -6.90
N ALA A 160 11.01 1.00 -7.34
CA ALA A 160 11.53 1.66 -8.54
C ALA A 160 12.43 0.71 -9.29
N PHE A 161 12.21 0.57 -10.60
CA PHE A 161 13.06 -0.33 -11.37
C PHE A 161 13.70 0.39 -12.55
N PHE A 162 14.70 -0.27 -13.13
CA PHE A 162 15.36 0.20 -14.34
C PHE A 162 16.07 -0.98 -14.99
N THR A 163 16.16 -0.95 -16.31
CA THR A 163 16.88 -1.98 -17.04
C THR A 163 18.04 -1.36 -17.80
N LEU A 164 19.21 -1.98 -17.67
CA LEU A 164 20.37 -1.66 -18.47
C LEU A 164 20.57 -2.75 -19.51
N THR A 165 21.21 -2.41 -20.61
CA THR A 165 21.56 -3.37 -21.65
C THR A 165 23.02 -3.21 -22.05
N GLY A 166 23.58 -4.27 -22.60
CA GLY A 166 24.94 -4.21 -23.09
C GLY A 166 25.51 -5.61 -23.23
N GLU A 167 26.84 -5.66 -23.33
CA GLU A 167 27.55 -6.93 -23.35
C GLU A 167 27.40 -7.61 -21.98
N LEU A 168 27.45 -8.96 -21.99
CA LEU A 168 27.14 -9.74 -20.79
C LEU A 168 28.16 -9.51 -19.68
N ALA A 169 29.44 -9.38 -20.02
CA ALA A 169 30.45 -9.12 -19.01
C ALA A 169 30.29 -7.72 -18.43
N ASP A 170 29.89 -6.75 -19.26
CA ASP A 170 29.67 -5.39 -18.79
C ASP A 170 28.47 -5.31 -17.86
N VAL A 171 27.38 -6.01 -18.18
CA VAL A 171 26.23 -5.96 -17.30
C VAL A 171 26.43 -6.83 -16.05
N GLU A 172 27.34 -7.80 -16.08
CA GLU A 172 27.68 -8.48 -14.84
C GLU A 172 28.56 -7.61 -13.94
N ALA A 173 29.42 -6.77 -14.53
CA ALA A 173 30.14 -5.78 -13.73
C ALA A 173 29.18 -4.74 -13.15
N ALA A 174 28.18 -4.34 -13.92
CA ALA A 174 27.16 -3.44 -13.41
C ALA A 174 26.32 -4.09 -12.32
N ALA A 175 26.06 -5.40 -12.42
CA ALA A 175 25.38 -6.11 -11.34
C ALA A 175 26.22 -6.13 -10.08
N GLU A 176 27.54 -6.35 -10.23
CA GLU A 176 28.42 -6.37 -9.07
C GLU A 176 28.54 -5.00 -8.41
N VAL A 177 28.39 -3.91 -9.17
CA VAL A 177 28.43 -2.61 -8.51
C VAL A 177 27.05 -2.21 -7.95
N VAL A 178 25.96 -2.65 -8.57
CA VAL A 178 24.63 -2.29 -8.07
C VAL A 178 24.31 -3.05 -6.79
N ARG A 179 24.75 -4.32 -6.71
CA ARG A 179 24.49 -5.11 -5.52
C ARG A 179 25.26 -4.63 -4.30
N GLU A 180 26.31 -3.81 -4.49
CA GLU A 180 27.02 -3.21 -3.37
C GLU A 180 26.73 -1.73 -3.16
N ARG A 181 26.19 -1.03 -4.17
CA ARG A 181 25.73 0.34 -3.94
C ARG A 181 24.30 0.39 -3.40
N CYS A 182 23.52 -0.68 -3.55
CA CYS A 182 22.20 -0.72 -2.93
C CYS A 182 22.27 -1.23 -1.50
N GLY A 183 22.76 -2.45 -1.31
CA GLY A 183 22.77 -3.08 0.00
C GLY A 183 21.43 -3.68 0.36
N ALA A 184 20.83 -3.22 1.45
CA ALA A 184 19.51 -3.68 1.86
C ALA A 184 18.39 -3.02 1.07
N ARG A 185 18.71 -2.04 0.23
CA ARG A 185 17.72 -1.32 -0.58
C ARG A 185 17.58 -1.92 -1.97
N LEU A 186 17.78 -3.23 -2.11
CA LEU A 186 17.67 -3.94 -3.37
C LEU A 186 16.67 -5.07 -3.20
N LEU A 187 15.60 -5.06 -4.01
CA LEU A 187 14.62 -6.14 -3.88
C LEU A 187 15.06 -7.37 -4.67
N GLU A 188 15.28 -7.21 -5.97
CA GLU A 188 15.80 -8.31 -6.78
C GLU A 188 16.46 -7.76 -8.04
N LEU A 189 17.65 -8.25 -8.34
CA LEU A 189 18.30 -8.08 -9.63
C LEU A 189 18.16 -9.37 -10.42
N ALA A 190 18.03 -9.24 -11.74
CA ALA A 190 17.89 -10.40 -12.61
C ALA A 190 18.74 -10.19 -13.85
N CYS A 191 19.77 -11.04 -14.01
CA CYS A 191 20.72 -10.92 -15.10
C CYS A 191 20.34 -11.90 -16.21
N ILE A 192 19.53 -11.43 -17.14
CA ILE A 192 19.20 -12.22 -18.34
C ILE A 192 20.39 -12.16 -19.29
N ALA A 193 20.99 -13.32 -19.56
CA ALA A 193 22.17 -13.35 -20.42
C ALA A 193 21.82 -13.36 -21.90
N ARG A 194 20.62 -13.80 -22.26
CA ARG A 194 20.17 -13.76 -23.65
C ARG A 194 18.66 -13.72 -23.71
N PRO A 195 18.06 -12.56 -23.94
CA PRO A 195 16.60 -12.49 -24.03
C PRO A 195 16.10 -13.04 -25.36
N VAL A 196 14.84 -13.45 -25.35
CA VAL A 196 14.22 -14.06 -26.53
C VAL A 196 14.01 -12.99 -27.59
N ASP A 197 14.05 -13.40 -28.86
CA ASP A 197 13.79 -12.49 -29.97
C ASP A 197 12.37 -11.93 -29.97
N GLU A 198 11.44 -12.60 -29.27
CA GLU A 198 10.10 -12.07 -29.06
C GLU A 198 10.03 -11.06 -27.92
N LEU A 199 11.15 -10.74 -27.28
CA LEU A 199 11.13 -9.83 -26.15
C LEU A 199 12.25 -8.79 -26.21
N ARG A 200 13.12 -8.84 -27.21
CA ARG A 200 14.17 -7.84 -27.35
C ARG A 200 13.58 -6.50 -27.76
N GLY A 201 14.03 -5.44 -27.10
CA GLY A 201 13.57 -4.10 -27.38
C GLY A 201 12.27 -3.72 -26.73
N ARG A 202 11.53 -4.67 -26.18
CA ARG A 202 10.16 -4.42 -25.71
C ARG A 202 9.90 -5.38 -24.54
N LEU A 203 10.14 -4.88 -23.33
CA LEU A 203 10.00 -5.69 -22.12
C LEU A 203 8.69 -5.45 -21.40
N PHE A 204 8.15 -4.24 -21.44
CA PHE A 204 6.95 -3.87 -20.72
C PHE A 204 5.92 -3.35 -21.72
N PHE A 205 4.74 -3.97 -21.72
CA PHE A 205 3.74 -3.70 -22.75
C PHE A 205 2.37 -4.23 -22.31
N PRO B 5 -20.43 16.81 -15.91
CA PRO B 5 -19.42 17.31 -14.97
C PRO B 5 -19.77 18.69 -14.42
N GLU B 6 -21.02 19.13 -14.64
CA GLU B 6 -21.50 20.41 -14.14
C GLU B 6 -22.29 20.26 -12.85
N ARG B 7 -22.32 19.07 -12.27
CA ARG B 7 -23.03 18.82 -11.02
C ARG B 7 -22.20 19.16 -9.79
N PHE B 8 -20.94 19.58 -9.97
CA PHE B 8 -20.07 19.96 -8.87
C PHE B 8 -20.01 21.47 -8.68
N ASP B 9 -21.02 22.21 -9.14
CA ASP B 9 -21.04 23.65 -8.97
C ASP B 9 -21.68 24.02 -7.63
N ALA B 10 -21.33 25.21 -7.14
CA ALA B 10 -21.84 25.66 -5.84
C ALA B 10 -23.31 26.04 -5.93
N THR B 11 -23.64 27.02 -6.77
CA THR B 11 -25.04 27.35 -6.86
C THR B 11 -25.70 26.66 -8.06
N PRO B 12 -26.94 26.21 -7.92
CA PRO B 12 -27.63 25.62 -9.07
C PRO B 12 -28.22 26.71 -9.94
N PRO B 13 -28.60 26.39 -11.19
CA PRO B 13 -29.26 27.38 -12.04
C PRO B 13 -30.68 27.71 -11.60
N ALA B 14 -31.35 28.59 -12.35
CA ALA B 14 -32.69 29.04 -11.97
C ALA B 14 -33.75 27.97 -12.21
N GLY B 15 -33.47 26.98 -13.04
CA GLY B 15 -34.42 25.92 -13.30
C GLY B 15 -34.12 24.64 -12.54
N GLU B 16 -33.32 24.75 -11.49
CA GLU B 16 -32.90 23.60 -10.69
C GLU B 16 -33.13 23.88 -9.22
N PRO B 17 -33.46 22.86 -8.43
CA PRO B 17 -33.59 23.05 -6.98
C PRO B 17 -32.24 23.23 -6.32
N ASP B 18 -32.27 23.76 -5.11
CA ASP B 18 -31.04 24.08 -4.38
C ASP B 18 -30.60 22.87 -3.57
N ARG B 19 -29.32 22.52 -3.69
CA ARG B 19 -28.73 21.37 -2.98
C ARG B 19 -27.44 21.82 -2.32
N PRO B 20 -27.52 22.35 -1.10
CA PRO B 20 -26.31 22.85 -0.43
C PRO B 20 -25.56 21.84 0.40
N ALA B 21 -26.14 20.68 0.71
CA ALA B 21 -25.52 19.74 1.63
C ALA B 21 -24.52 18.86 0.88
N LEU B 22 -23.86 17.98 1.63
CA LEU B 22 -22.82 17.12 1.11
C LEU B 22 -22.62 15.95 2.06
N GLY B 23 -22.32 14.78 1.49
CA GLY B 23 -22.00 13.63 2.29
C GLY B 23 -20.95 12.75 1.64
N VAL B 24 -19.86 12.49 2.36
CA VAL B 24 -18.73 11.71 1.84
C VAL B 24 -18.62 10.43 2.65
N LEU B 25 -18.59 9.31 1.94
CA LEU B 25 -18.39 7.99 2.51
C LEU B 25 -17.10 7.40 1.97
N GLU B 26 -16.39 6.68 2.83
CA GLU B 26 -15.11 6.09 2.47
C GLU B 26 -15.14 4.64 2.96
N LEU B 27 -14.98 3.70 2.04
CA LEU B 27 -15.23 2.29 2.36
C LEU B 27 -14.04 1.45 1.93
N THR B 28 -13.65 0.49 2.79
CA THR B 28 -12.53 -0.37 2.48
C THR B 28 -12.86 -1.36 1.36
N SER B 29 -14.13 -1.61 1.10
CA SER B 29 -14.56 -2.50 0.04
C SER B 29 -15.27 -1.70 -1.05
N ILE B 30 -15.33 -2.30 -2.25
CA ILE B 30 -15.93 -1.63 -3.39
C ILE B 30 -17.32 -2.21 -3.63
N ALA B 31 -17.51 -3.48 -3.28
CA ALA B 31 -18.81 -4.14 -3.50
C ALA B 31 -19.88 -3.56 -2.58
N ARG B 32 -19.61 -3.53 -1.28
CA ARG B 32 -20.58 -2.85 -0.42
C ARG B 32 -20.46 -1.34 -0.52
N GLY B 33 -19.46 -0.80 -1.21
CA GLY B 33 -19.54 0.58 -1.66
C GLY B 33 -20.74 0.82 -2.57
N ILE B 34 -20.96 -0.10 -3.52
CA ILE B 34 -22.12 0.01 -4.39
C ILE B 34 -23.41 -0.31 -3.63
N THR B 35 -23.33 -1.24 -2.66
CA THR B 35 -24.52 -1.54 -1.84
C THR B 35 -24.93 -0.33 -0.98
N VAL B 36 -23.96 0.34 -0.36
CA VAL B 36 -24.20 1.55 0.39
C VAL B 36 -24.72 2.66 -0.52
N ALA B 37 -24.18 2.73 -1.75
CA ALA B 37 -24.60 3.77 -2.70
C ALA B 37 -26.06 3.61 -3.10
N ASP B 38 -26.47 2.40 -3.51
CA ASP B 38 -27.86 2.32 -3.93
C ASP B 38 -28.83 2.19 -2.76
N ALA B 39 -28.37 1.82 -1.56
CA ALA B 39 -29.26 1.92 -0.41
C ALA B 39 -29.53 3.38 -0.04
N ALA B 40 -28.47 4.22 -0.09
CA ALA B 40 -28.64 5.64 0.16
C ALA B 40 -29.46 6.32 -0.92
N LEU B 41 -29.39 5.83 -2.16
CA LEU B 41 -30.28 6.35 -3.20
C LEU B 41 -31.67 5.74 -3.16
N LYS B 42 -31.85 4.60 -2.48
CA LYS B 42 -33.20 4.09 -2.27
C LYS B 42 -33.95 4.88 -1.21
N ARG B 43 -33.30 5.22 -0.09
CA ARG B 43 -34.07 5.81 1.00
C ARG B 43 -34.45 7.26 0.72
N ALA B 44 -33.48 8.11 0.38
CA ALA B 44 -33.77 9.51 0.19
C ALA B 44 -33.24 9.99 -1.15
N PRO B 45 -33.90 10.97 -1.80
CA PRO B 45 -33.50 11.34 -3.18
C PRO B 45 -32.26 12.22 -3.24
N SER B 46 -31.11 11.63 -2.95
CA SER B 46 -29.86 12.35 -2.97
C SER B 46 -29.21 12.22 -4.34
N LEU B 47 -28.82 13.35 -4.91
CA LEU B 47 -28.04 13.36 -6.15
C LEU B 47 -26.63 12.87 -5.84
N LEU B 48 -26.27 11.71 -6.36
CA LEU B 48 -24.97 11.12 -6.08
C LEU B 48 -23.92 11.77 -6.95
N LEU B 49 -22.91 12.40 -6.33
CA LEU B 49 -21.87 13.07 -7.10
C LEU B 49 -20.88 12.08 -7.69
N MET B 50 -20.36 11.17 -6.89
CA MET B 50 -19.43 10.18 -7.43
C MET B 50 -19.49 8.88 -6.65
N SER B 51 -19.18 7.79 -7.35
CA SER B 51 -18.97 6.46 -6.79
C SER B 51 -17.68 5.97 -7.41
N ARG B 52 -16.53 6.31 -6.81
CA ARG B 52 -15.26 6.19 -7.49
C ARG B 52 -14.28 5.34 -6.70
N PRO B 53 -13.71 4.28 -7.28
CA PRO B 53 -12.68 3.52 -6.59
C PRO B 53 -11.33 4.22 -6.66
N VAL B 54 -10.86 4.70 -5.52
CA VAL B 54 -9.60 5.40 -5.43
C VAL B 54 -8.56 4.48 -4.80
N SER B 55 -7.31 4.93 -4.82
CA SER B 55 -6.13 4.11 -4.58
C SER B 55 -6.06 3.67 -3.11
N SER B 56 -5.09 2.78 -2.86
CA SER B 56 -5.02 1.91 -1.67
C SER B 56 -6.29 1.09 -1.50
N GLY B 57 -6.94 0.76 -2.62
CA GLY B 57 -8.12 -0.08 -2.68
C GLY B 57 -9.31 0.36 -1.85
N LYS B 58 -9.86 1.54 -2.10
CA LYS B 58 -11.01 1.95 -1.31
C LYS B 58 -12.00 2.72 -2.18
N HIS B 59 -13.26 2.54 -1.89
CA HIS B 59 -14.33 3.14 -2.67
C HIS B 59 -14.79 4.42 -1.99
N LEU B 60 -14.94 5.48 -2.78
CA LEU B 60 -15.24 6.82 -2.28
C LEU B 60 -16.58 7.24 -2.85
N LEU B 61 -17.54 7.50 -1.97
CA LEU B 61 -18.88 7.95 -2.36
C LEU B 61 -19.05 9.41 -1.97
N MET B 62 -19.59 10.19 -2.88
CA MET B 62 -19.95 11.57 -2.57
C MET B 62 -21.36 11.81 -3.07
N MET B 63 -22.22 12.30 -2.19
CA MET B 63 -23.62 12.56 -2.53
C MET B 63 -23.99 13.98 -2.11
N ARG B 64 -25.03 14.50 -2.76
CA ARG B 64 -25.40 15.90 -2.70
C ARG B 64 -26.91 16.00 -2.70
N GLY B 65 -27.44 16.96 -1.95
CA GLY B 65 -28.88 17.14 -1.89
C GLY B 65 -29.23 18.20 -0.87
N GLN B 66 -30.49 18.17 -0.45
CA GLN B 66 -30.92 19.02 0.64
C GLN B 66 -30.45 18.43 1.97
N VAL B 67 -30.68 19.18 3.05
CA VAL B 67 -30.11 18.80 4.35
C VAL B 67 -30.77 17.54 4.88
N ALA B 68 -32.10 17.47 4.82
CA ALA B 68 -32.81 16.28 5.29
C ALA B 68 -32.57 15.08 4.37
N GLU B 69 -32.45 15.31 3.06
CA GLU B 69 -32.22 14.22 2.13
C GLU B 69 -30.84 13.62 2.30
N VAL B 70 -29.81 14.47 2.46
CA VAL B 70 -28.46 13.98 2.70
C VAL B 70 -28.36 13.31 4.06
N GLU B 71 -29.03 13.85 5.08
CA GLU B 71 -29.01 13.22 6.40
C GLU B 71 -29.68 11.86 6.39
N GLU B 72 -30.78 11.72 5.65
CA GLU B 72 -31.49 10.44 5.62
C GLU B 72 -30.74 9.41 4.77
N SER B 73 -30.13 9.86 3.66
CA SER B 73 -29.30 8.96 2.86
C SER B 73 -28.07 8.53 3.63
N MET B 74 -27.48 9.42 4.43
CA MET B 74 -26.31 9.04 5.22
C MET B 74 -26.67 8.11 6.37
N ILE B 75 -27.85 8.25 6.98
CA ILE B 75 -28.17 7.32 8.05
C ILE B 75 -28.52 5.94 7.49
N ALA B 76 -29.11 5.89 6.28
CA ALA B 76 -29.26 4.59 5.60
C ALA B 76 -27.91 4.01 5.20
N ALA B 77 -27.01 4.87 4.75
CA ALA B 77 -25.72 4.44 4.25
C ALA B 77 -24.83 3.93 5.38
N ARG B 78 -24.93 4.50 6.57
CA ARG B 78 -24.15 3.99 7.69
C ARG B 78 -24.87 2.89 8.46
N GLU B 79 -26.18 2.67 8.25
CA GLU B 79 -26.73 1.43 8.78
C GLU B 79 -26.55 0.25 7.82
N ILE B 80 -26.18 0.51 6.57
CA ILE B 80 -25.81 -0.57 5.65
C ILE B 80 -24.31 -0.90 5.74
N ALA B 81 -23.46 0.12 5.88
CA ALA B 81 -22.01 -0.09 5.85
C ALA B 81 -21.51 -0.86 7.05
N GLY B 82 -21.97 -0.51 8.25
CA GLY B 82 -21.57 -1.21 9.44
C GLY B 82 -22.41 -2.45 9.71
N ALA B 83 -22.43 -3.39 8.77
CA ALA B 83 -23.22 -4.60 8.88
C ALA B 83 -22.26 -5.78 9.06
N GLY B 84 -21.94 -6.06 10.33
CA GLY B 84 -21.05 -7.16 10.64
C GLY B 84 -19.59 -6.82 10.43
N SER B 85 -19.18 -6.76 9.17
CA SER B 85 -17.82 -6.37 8.82
C SER B 85 -17.77 -4.85 8.72
N GLY B 86 -17.06 -4.22 9.65
CA GLY B 86 -17.02 -2.78 9.74
C GLY B 86 -16.18 -2.13 8.66
N ALA B 87 -16.68 -2.15 7.43
CA ALA B 87 -15.95 -1.66 6.28
C ALA B 87 -16.15 -0.17 6.02
N LEU B 88 -16.69 0.57 6.98
CA LEU B 88 -16.79 2.02 6.87
C LEU B 88 -15.56 2.64 7.51
N LEU B 89 -14.66 3.17 6.69
CA LEU B 89 -13.40 3.70 7.20
C LEU B 89 -13.59 5.06 7.84
N ASP B 90 -14.26 5.98 7.15
CA ASP B 90 -14.54 7.30 7.70
C ASP B 90 -15.73 7.89 6.96
N GLU B 91 -16.48 8.76 7.63
CA GLU B 91 -17.66 9.39 7.08
C GLU B 91 -17.64 10.89 7.37
N LEU B 92 -18.53 11.61 6.68
CA LEU B 92 -18.64 13.05 6.81
C LEU B 92 -20.00 13.48 6.28
N GLU B 93 -20.66 14.39 7.00
CA GLU B 93 -21.98 14.90 6.60
C GLU B 93 -21.99 16.40 6.88
N LEU B 94 -21.66 17.19 5.86
CA LEU B 94 -21.66 18.64 5.97
C LEU B 94 -23.04 19.18 5.63
N PRO B 95 -23.71 19.91 6.52
CA PRO B 95 -25.02 20.47 6.18
C PRO B 95 -24.95 21.60 5.18
N TYR B 96 -23.79 22.25 5.04
CA TYR B 96 -23.63 23.35 4.10
C TYR B 96 -22.14 23.47 3.79
N ALA B 97 -21.74 22.95 2.64
CA ALA B 97 -20.35 23.02 2.23
C ALA B 97 -20.03 24.40 1.69
N HIS B 98 -18.78 24.82 1.88
CA HIS B 98 -18.33 26.13 1.44
C HIS B 98 -18.25 26.18 -0.08
N GLU B 99 -18.37 27.40 -0.63
CA GLU B 99 -18.48 27.54 -2.08
C GLU B 99 -17.16 27.24 -2.78
N GLN B 100 -16.04 27.45 -2.11
CA GLN B 100 -14.73 27.16 -2.69
C GLN B 100 -14.33 25.71 -2.56
N LEU B 101 -15.17 24.87 -1.96
CA LEU B 101 -14.88 23.46 -1.75
C LEU B 101 -15.47 22.58 -2.84
N TRP B 102 -16.42 23.10 -3.62
CA TRP B 102 -17.18 22.25 -4.53
C TRP B 102 -16.35 21.82 -5.75
N ARG B 103 -15.53 22.72 -6.29
CA ARG B 103 -14.82 22.40 -7.52
C ARG B 103 -13.48 21.73 -7.28
N PHE B 104 -13.21 21.30 -6.05
CA PHE B 104 -12.03 20.48 -5.73
C PHE B 104 -12.40 19.05 -5.42
N LEU B 105 -13.61 18.62 -5.77
CA LEU B 105 -14.09 17.30 -5.42
C LEU B 105 -13.89 16.27 -6.53
N ASP B 106 -14.17 16.64 -7.78
CA ASP B 106 -14.15 15.65 -8.86
C ASP B 106 -12.73 15.28 -9.26
N ALA B 107 -11.97 16.26 -9.73
CA ALA B 107 -10.63 16.02 -10.23
C ALA B 107 -9.59 16.62 -9.29
N PRO B 108 -8.37 16.08 -9.26
CA PRO B 108 -7.30 16.73 -8.50
C PRO B 108 -6.87 18.02 -9.17
N VAL B 109 -7.27 19.15 -8.59
CA VAL B 109 -6.93 20.46 -9.15
C VAL B 109 -5.65 20.94 -8.50
N VAL B 110 -4.69 21.37 -9.31
CA VAL B 110 -3.45 21.95 -8.83
C VAL B 110 -3.42 23.42 -9.23
N ALA B 111 -2.70 24.21 -8.45
CA ALA B 111 -2.62 25.65 -8.66
C ALA B 111 -1.28 26.00 -9.30
N ASP B 112 -1.31 26.95 -10.23
CA ASP B 112 -0.12 27.36 -10.96
C ASP B 112 0.29 28.81 -10.72
N ALA B 113 -0.57 29.64 -10.14
CA ALA B 113 -0.23 31.04 -9.90
C ALA B 113 -1.05 31.56 -8.73
N TRP B 114 -0.49 32.54 -8.04
CA TRP B 114 -1.13 33.20 -6.90
C TRP B 114 -1.29 34.67 -7.23
N GLU B 115 -1.72 35.52 -6.30
CA GLU B 115 -1.67 36.96 -6.50
C GLU B 115 -0.58 37.51 -5.59
N GLU B 116 -0.22 38.77 -5.78
CA GLU B 116 0.83 39.41 -5.00
C GLU B 116 0.42 39.67 -3.56
N ASP B 117 -0.87 39.53 -3.26
CA ASP B 117 -1.41 39.72 -1.91
C ASP B 117 -1.39 38.44 -1.10
N THR B 118 -0.50 37.51 -1.40
CA THR B 118 -0.42 36.22 -0.74
C THR B 118 0.81 36.20 0.16
N GLU B 119 0.59 36.35 1.46
CA GLU B 119 1.68 36.33 2.42
C GLU B 119 2.18 34.91 2.69
N SER B 120 1.29 34.04 3.17
CA SER B 120 1.68 32.75 3.71
C SER B 120 0.80 31.65 3.15
N VAL B 121 1.29 30.42 3.29
CA VAL B 121 0.66 29.22 2.75
C VAL B 121 0.78 28.10 3.78
N ILE B 122 -0.28 27.31 3.92
CA ILE B 122 -0.33 26.17 4.83
C ILE B 122 -0.73 24.93 4.03
N ILE B 123 0.01 23.84 4.22
CA ILE B 123 -0.32 22.56 3.60
C ILE B 123 -0.75 21.58 4.68
N VAL B 124 -1.90 20.95 4.48
CA VAL B 124 -2.52 20.04 5.43
C VAL B 124 -2.69 18.70 4.74
N GLU B 125 -2.22 17.62 5.38
CA GLU B 125 -2.53 16.30 4.89
C GLU B 125 -3.12 15.42 6.00
N THR B 126 -4.19 14.72 5.65
CA THR B 126 -4.88 13.83 6.56
C THR B 126 -4.84 12.41 5.99
N ALA B 127 -5.06 11.45 6.88
CA ALA B 127 -4.99 10.04 6.49
C ALA B 127 -6.20 9.61 5.67
N THR B 128 -7.31 10.32 5.77
CA THR B 128 -8.54 9.96 5.08
C THR B 128 -8.92 11.08 4.12
N VAL B 129 -10.01 10.87 3.39
CA VAL B 129 -10.59 11.90 2.55
C VAL B 129 -11.57 12.76 3.33
N CYS B 130 -12.32 12.12 4.23
CA CYS B 130 -13.34 12.80 5.01
C CYS B 130 -12.75 13.83 5.95
N ALA B 131 -11.60 13.51 6.57
CA ALA B 131 -10.94 14.48 7.44
C ALA B 131 -10.37 15.64 6.64
N ALA B 132 -9.89 15.39 5.42
CA ALA B 132 -9.40 16.47 4.57
C ALA B 132 -10.52 17.41 4.17
N ILE B 133 -11.66 16.87 3.76
CA ILE B 133 -12.78 17.71 3.36
C ILE B 133 -13.37 18.44 4.56
N ASP B 134 -13.42 17.78 5.72
CA ASP B 134 -13.93 18.40 6.94
C ASP B 134 -13.06 19.56 7.40
N SER B 135 -11.73 19.35 7.38
CA SER B 135 -10.82 20.39 7.83
C SER B 135 -10.76 21.54 6.83
N ALA B 136 -10.84 21.23 5.53
CA ALA B 136 -10.89 22.27 4.51
C ALA B 136 -12.16 23.10 4.64
N ASP B 137 -13.29 22.45 4.95
CA ASP B 137 -14.54 23.16 5.14
C ASP B 137 -14.51 24.07 6.36
N ALA B 138 -14.00 23.55 7.49
CA ALA B 138 -13.91 24.35 8.71
C ALA B 138 -12.95 25.52 8.54
N ALA B 139 -11.82 25.29 7.86
CA ALA B 139 -10.85 26.35 7.69
C ALA B 139 -11.28 27.39 6.65
N LEU B 140 -12.09 27.00 5.67
CA LEU B 140 -12.68 27.99 4.78
C LEU B 140 -13.78 28.79 5.48
N LYS B 141 -14.49 28.17 6.41
CA LYS B 141 -15.54 28.91 7.10
C LYS B 141 -14.99 29.90 8.11
N THR B 142 -13.97 29.52 8.88
CA THR B 142 -13.59 30.35 10.01
C THR B 142 -12.59 31.46 9.67
N ALA B 143 -12.04 31.48 8.46
CA ALA B 143 -10.95 32.41 8.17
C ALA B 143 -10.99 32.79 6.71
N PRO B 144 -10.57 34.01 6.36
CA PRO B 144 -10.58 34.41 4.92
C PRO B 144 -9.38 33.86 4.16
N VAL B 145 -9.36 32.56 3.96
CA VAL B 145 -8.29 31.88 3.23
C VAL B 145 -8.83 31.41 1.89
N VAL B 146 -7.91 31.07 0.99
CA VAL B 146 -8.24 30.60 -0.34
C VAL B 146 -7.68 29.19 -0.50
N LEU B 147 -8.53 28.24 -0.85
CA LEU B 147 -8.10 26.87 -1.10
C LEU B 147 -7.49 26.80 -2.50
N ARG B 148 -6.22 26.43 -2.58
CA ARG B 148 -5.48 26.48 -3.85
C ARG B 148 -5.50 25.14 -4.57
N ASP B 149 -5.01 24.09 -3.92
CA ASP B 149 -4.97 22.77 -4.54
C ASP B 149 -5.30 21.70 -3.51
N MET B 150 -5.74 20.56 -4.01
CA MET B 150 -6.31 19.50 -3.17
C MET B 150 -6.27 18.18 -3.91
N ARG B 151 -5.69 17.16 -3.27
CA ARG B 151 -5.61 15.81 -3.81
C ARG B 151 -6.31 14.88 -2.82
N LEU B 152 -7.16 14.00 -3.36
CA LEU B 152 -8.01 13.11 -2.56
C LEU B 152 -7.80 11.67 -2.99
N ALA B 153 -6.80 11.02 -2.40
CA ALA B 153 -6.60 9.57 -2.34
C ALA B 153 -6.37 8.91 -3.69
N ILE B 154 -6.13 9.67 -4.75
CA ILE B 154 -5.76 9.07 -6.04
C ILE B 154 -4.28 9.35 -6.28
N GLY B 155 -3.53 8.29 -6.52
CA GLY B 155 -2.11 8.40 -6.76
C GLY B 155 -1.24 8.47 -5.53
N ILE B 156 -1.82 8.69 -4.34
CA ILE B 156 -1.02 8.80 -3.13
C ILE B 156 -1.50 7.84 -2.05
N ALA B 157 -2.30 6.85 -2.45
CA ALA B 157 -2.66 5.68 -1.64
C ALA B 157 -3.40 6.04 -0.35
N GLY B 158 -4.56 6.67 -0.51
CA GLY B 158 -5.48 6.88 0.60
C GLY B 158 -5.31 8.17 1.35
N LYS B 159 -4.11 8.75 1.36
CA LYS B 159 -3.87 10.03 2.00
C LYS B 159 -4.57 11.15 1.22
N ALA B 160 -4.69 12.32 1.84
CA ALA B 160 -5.32 13.41 1.13
C ALA B 160 -4.76 14.73 1.65
N PHE B 161 -4.36 15.61 0.72
CA PHE B 161 -3.80 16.89 1.15
C PHE B 161 -4.50 18.05 0.45
N PHE B 162 -4.27 19.24 0.99
CA PHE B 162 -4.78 20.48 0.43
C PHE B 162 -3.97 21.64 1.00
N THR B 163 -3.81 22.69 0.21
CA THR B 163 -3.12 23.88 0.68
C THR B 163 -4.06 25.08 0.68
N LEU B 164 -3.91 25.92 1.70
CA LEU B 164 -4.60 27.19 1.83
C LEU B 164 -3.56 28.31 1.77
N THR B 165 -4.00 29.50 1.35
CA THR B 165 -3.15 30.67 1.35
C THR B 165 -3.87 31.83 2.02
N GLY B 166 -3.08 32.84 2.40
CA GLY B 166 -3.68 34.06 2.92
C GLY B 166 -2.69 34.79 3.81
N GLU B 167 -3.23 35.64 4.67
CA GLU B 167 -2.44 36.31 5.69
C GLU B 167 -1.96 35.27 6.70
N LEU B 168 -0.82 35.57 7.35
CA LEU B 168 -0.22 34.61 8.27
C LEU B 168 -1.09 34.36 9.50
N ALA B 169 -1.73 35.41 10.01
CA ALA B 169 -2.64 35.24 11.14
C ALA B 169 -3.87 34.43 10.75
N ASP B 170 -4.37 34.64 9.54
CA ASP B 170 -5.53 33.89 9.05
C ASP B 170 -5.21 32.43 8.84
N VAL B 171 -4.05 32.11 8.26
CA VAL B 171 -3.71 30.72 8.06
C VAL B 171 -3.29 30.04 9.36
N GLU B 172 -2.86 30.80 10.37
CA GLU B 172 -2.64 30.16 11.67
C GLU B 172 -3.95 29.93 12.43
N ALA B 173 -4.96 30.79 12.25
CA ALA B 173 -6.28 30.48 12.77
C ALA B 173 -6.88 29.26 12.08
N ALA B 174 -6.66 29.15 10.77
CA ALA B 174 -7.05 27.96 10.03
C ALA B 174 -6.27 26.73 10.50
N ALA B 175 -5.00 26.90 10.86
CA ALA B 175 -4.22 25.79 11.42
C ALA B 175 -4.79 25.32 12.74
N GLU B 176 -5.22 26.26 13.59
CA GLU B 176 -5.85 25.89 14.85
C GLU B 176 -7.15 25.13 14.63
N VAL B 177 -7.99 25.59 13.69
CA VAL B 177 -9.27 24.92 13.52
C VAL B 177 -9.08 23.57 12.81
N VAL B 178 -8.04 23.42 11.98
CA VAL B 178 -7.79 22.14 11.33
C VAL B 178 -7.25 21.14 12.33
N ARG B 179 -6.33 21.56 13.19
CA ARG B 179 -5.81 20.69 14.24
C ARG B 179 -6.88 20.34 15.28
N GLU B 180 -7.91 21.18 15.44
CA GLU B 180 -9.02 20.80 16.30
C GLU B 180 -9.98 19.83 15.60
N ARG B 181 -10.31 20.07 14.32
CA ARG B 181 -11.30 19.22 13.66
C ARG B 181 -10.75 17.88 13.20
N CYS B 182 -9.43 17.73 13.11
CA CYS B 182 -8.86 16.43 12.77
C CYS B 182 -8.55 15.61 14.02
N GLY B 183 -7.67 16.12 14.87
CA GLY B 183 -7.34 15.45 16.11
C GLY B 183 -6.33 14.34 15.93
N ALA B 184 -6.78 13.20 15.39
CA ALA B 184 -5.92 12.05 15.20
C ALA B 184 -5.80 11.61 13.75
N ARG B 185 -6.54 12.26 12.85
CA ARG B 185 -6.48 11.91 11.44
C ARG B 185 -5.52 12.77 10.66
N LEU B 186 -5.12 13.92 11.21
CA LEU B 186 -4.08 14.75 10.64
C LEU B 186 -2.75 14.03 10.69
N LEU B 187 -2.12 13.78 9.53
CA LEU B 187 -0.81 13.14 9.56
C LEU B 187 0.25 14.12 10.01
N GLU B 188 0.46 15.19 9.24
CA GLU B 188 1.35 16.27 9.66
C GLU B 188 1.00 17.53 8.90
N LEU B 189 1.02 18.66 9.61
CA LEU B 189 0.71 19.97 9.06
C LEU B 189 1.99 20.79 8.99
N ALA B 190 2.02 21.73 8.05
CA ALA B 190 3.17 22.62 7.89
C ALA B 190 2.69 24.03 7.63
N CYS B 191 3.24 24.99 8.37
CA CYS B 191 2.86 26.39 8.27
C CYS B 191 4.04 27.17 7.74
N ILE B 192 4.12 27.29 6.41
CA ILE B 192 5.12 28.12 5.76
C ILE B 192 4.69 29.58 5.92
N ALA B 193 5.44 30.35 6.70
CA ALA B 193 5.05 31.73 6.94
C ALA B 193 5.47 32.67 5.82
N ARG B 194 6.45 32.28 5.01
CA ARG B 194 6.87 33.07 3.86
C ARG B 194 7.53 32.17 2.83
N PRO B 195 6.81 31.78 1.77
CA PRO B 195 7.41 30.91 0.76
C PRO B 195 8.37 31.67 -0.14
N VAL B 196 9.28 30.91 -0.75
CA VAL B 196 10.31 31.50 -1.60
C VAL B 196 9.68 31.93 -2.91
N ASP B 197 10.21 33.01 -3.50
CA ASP B 197 9.74 33.50 -4.79
C ASP B 197 9.96 32.51 -5.93
N GLU B 198 10.85 31.54 -5.75
CA GLU B 198 11.00 30.42 -6.67
C GLU B 198 9.96 29.33 -6.46
N LEU B 199 9.04 29.51 -5.51
CA LEU B 199 8.06 28.47 -5.22
C LEU B 199 6.65 29.03 -5.02
N ARG B 200 6.46 30.35 -5.09
CA ARG B 200 5.13 30.92 -4.89
C ARG B 200 4.24 30.62 -6.08
N GLY B 201 3.12 29.95 -5.83
CA GLY B 201 2.14 29.63 -6.83
C GLY B 201 2.34 28.27 -7.47
N ARG B 202 3.57 27.76 -7.50
CA ARG B 202 3.91 26.56 -8.26
C ARG B 202 4.63 25.64 -7.28
N LEU B 203 3.85 24.85 -6.53
CA LEU B 203 4.39 23.98 -5.49
C LEU B 203 4.61 22.56 -5.99
N PHE B 204 3.57 21.94 -6.54
CA PHE B 204 3.63 20.57 -7.02
C PHE B 204 3.87 20.59 -8.52
N PHE B 205 4.99 20.01 -8.95
CA PHE B 205 5.40 20.06 -10.34
C PHE B 205 6.45 18.99 -10.64
N PRO C 5 -2.24 -3.99 -30.99
CA PRO C 5 -3.20 -3.99 -29.89
C PRO C 5 -4.50 -4.72 -30.21
N GLU C 6 -4.42 -5.65 -31.17
CA GLU C 6 -5.56 -6.49 -31.55
C GLU C 6 -5.37 -7.94 -31.12
N ARG C 7 -4.33 -8.23 -30.35
CA ARG C 7 -4.04 -9.58 -29.89
C ARG C 7 -4.95 -10.05 -28.76
N PHE C 8 -5.79 -9.17 -28.23
CA PHE C 8 -6.75 -9.52 -27.19
C PHE C 8 -8.13 -9.85 -27.75
N ASP C 9 -8.21 -10.21 -29.03
CA ASP C 9 -9.50 -10.57 -29.60
C ASP C 9 -9.90 -11.99 -29.22
N ALA C 10 -11.18 -12.30 -29.40
CA ALA C 10 -11.69 -13.62 -29.03
C ALA C 10 -11.22 -14.69 -30.01
N THR C 11 -11.58 -14.55 -31.27
CA THR C 11 -11.13 -15.51 -32.26
C THR C 11 -10.19 -14.86 -33.27
N PRO C 12 -9.16 -15.57 -33.71
CA PRO C 12 -8.26 -15.02 -34.72
C PRO C 12 -8.86 -15.16 -36.11
N PRO C 13 -8.37 -14.39 -37.10
CA PRO C 13 -8.89 -14.53 -38.47
C PRO C 13 -8.50 -15.83 -39.16
N ALA C 14 -8.87 -15.96 -40.43
CA ALA C 14 -8.62 -17.19 -41.18
C ALA C 14 -7.15 -17.42 -41.53
N GLY C 15 -6.30 -16.40 -41.38
CA GLY C 15 -4.88 -16.54 -41.61
C GLY C 15 -4.06 -16.81 -40.37
N GLU C 16 -4.68 -17.08 -39.24
CA GLU C 16 -3.98 -17.28 -37.98
C GLU C 16 -4.47 -18.56 -37.31
N PRO C 17 -3.59 -19.27 -36.59
CA PRO C 17 -4.04 -20.43 -35.84
C PRO C 17 -4.81 -20.02 -34.57
N ASP C 18 -5.67 -20.91 -34.12
CA ASP C 18 -6.54 -20.62 -32.99
C ASP C 18 -5.77 -20.80 -31.70
N ARG C 19 -5.80 -19.77 -30.84
CA ARG C 19 -5.11 -19.79 -29.54
C ARG C 19 -6.15 -19.54 -28.45
N PRO C 20 -6.77 -20.60 -27.92
CA PRO C 20 -7.88 -20.40 -26.98
C PRO C 20 -7.47 -20.34 -25.51
N ALA C 21 -6.26 -20.80 -25.18
CA ALA C 21 -5.90 -20.91 -23.77
C ALA C 21 -5.46 -19.56 -23.22
N LEU C 22 -5.26 -19.52 -21.91
CA LEU C 22 -4.86 -18.29 -21.23
C LEU C 22 -4.09 -18.64 -19.97
N GLY C 23 -2.94 -18.01 -19.79
CA GLY C 23 -2.16 -18.19 -18.59
C GLY C 23 -1.85 -16.85 -17.92
N VAL C 24 -2.21 -16.73 -16.65
CA VAL C 24 -2.06 -15.50 -15.89
C VAL C 24 -1.12 -15.74 -14.73
N LEU C 25 -0.13 -14.87 -14.58
CA LEU C 25 0.87 -14.93 -13.53
C LEU C 25 0.92 -13.60 -12.80
N GLU C 26 0.95 -13.66 -11.47
CA GLU C 26 1.02 -12.47 -10.64
C GLU C 26 2.24 -12.62 -9.74
N LEU C 27 3.16 -11.68 -9.83
CA LEU C 27 4.43 -11.79 -9.12
C LEU C 27 4.65 -10.55 -8.25
N THR C 28 5.20 -10.78 -7.05
CA THR C 28 5.51 -9.66 -6.17
C THR C 28 6.80 -8.94 -6.55
N SER C 29 7.55 -9.46 -7.53
CA SER C 29 8.74 -8.83 -8.04
C SER C 29 8.56 -8.54 -9.52
N ILE C 30 9.36 -7.60 -10.04
CA ILE C 30 9.25 -7.20 -11.44
C ILE C 30 10.44 -7.79 -12.20
N ALA C 31 11.57 -7.97 -11.51
CA ALA C 31 12.76 -8.52 -12.15
C ALA C 31 12.57 -9.98 -12.52
N ARG C 32 12.17 -10.80 -11.55
CA ARG C 32 11.85 -12.16 -11.94
C ARG C 32 10.50 -12.27 -12.63
N GLY C 33 9.70 -11.20 -12.70
CA GLY C 33 8.62 -11.15 -13.67
C GLY C 33 9.12 -11.28 -15.10
N ILE C 34 10.18 -10.54 -15.42
CA ILE C 34 10.77 -10.63 -16.75
C ILE C 34 11.51 -11.95 -16.93
N THR C 35 12.11 -12.47 -15.85
CA THR C 35 12.76 -13.78 -15.93
C THR C 35 11.74 -14.91 -16.18
N VAL C 36 10.59 -14.85 -15.49
CA VAL C 36 9.52 -15.80 -15.74
C VAL C 36 8.95 -15.64 -17.14
N ALA C 37 8.89 -14.39 -17.63
CA ALA C 37 8.37 -14.11 -18.96
C ALA C 37 9.24 -14.73 -20.05
N ASP C 38 10.55 -14.47 -20.01
CA ASP C 38 11.35 -15.04 -21.10
C ASP C 38 11.65 -16.51 -20.89
N ALA C 39 11.55 -17.05 -19.66
CA ALA C 39 11.63 -18.50 -19.51
C ALA C 39 10.40 -19.19 -20.12
N ALA C 40 9.22 -18.62 -19.91
CA ALA C 40 8.00 -19.16 -20.50
C ALA C 40 8.00 -19.02 -22.01
N LEU C 41 8.59 -17.94 -22.55
CA LEU C 41 8.72 -17.84 -24.00
C LEU C 41 9.87 -18.67 -24.56
N LYS C 42 10.80 -19.12 -23.72
CA LYS C 42 11.83 -20.04 -24.20
C LYS C 42 11.32 -21.48 -24.27
N ARG C 43 10.55 -21.92 -23.26
CA ARG C 43 10.20 -23.34 -23.26
C ARG C 43 9.14 -23.68 -24.30
N ALA C 44 8.11 -22.86 -24.45
CA ALA C 44 7.03 -23.16 -25.38
C ALA C 44 6.60 -21.89 -26.10
N PRO C 45 6.22 -21.98 -27.39
CA PRO C 45 5.89 -20.76 -28.15
C PRO C 45 4.52 -20.18 -27.79
N SER C 46 4.46 -19.54 -26.62
CA SER C 46 3.24 -18.89 -26.17
C SER C 46 3.29 -17.42 -26.52
N LEU C 47 2.23 -16.94 -27.17
CA LEU C 47 2.10 -15.52 -27.45
C LEU C 47 1.81 -14.77 -26.15
N LEU C 48 2.76 -13.96 -25.72
CA LEU C 48 2.63 -13.21 -24.47
C LEU C 48 1.72 -12.01 -24.70
N LEU C 49 0.63 -11.92 -23.94
CA LEU C 49 -0.31 -10.83 -24.14
C LEU C 49 0.14 -9.56 -23.42
N MET C 50 0.58 -9.68 -22.18
CA MET C 50 1.08 -8.50 -21.47
C MET C 50 2.15 -8.89 -20.45
N SER C 51 3.06 -7.96 -20.23
CA SER C 51 4.07 -8.00 -19.17
C SER C 51 4.00 -6.61 -18.54
N ARG C 52 3.12 -6.43 -17.56
CA ARG C 52 2.73 -5.10 -17.14
C ARG C 52 2.91 -4.91 -15.64
N PRO C 53 3.59 -3.86 -15.20
CA PRO C 53 3.69 -3.58 -13.76
C PRO C 53 2.41 -2.92 -13.25
N VAL C 54 1.71 -3.62 -12.38
CA VAL C 54 0.50 -3.11 -11.79
C VAL C 54 0.78 -2.69 -10.34
N SER C 55 -0.20 -2.02 -9.73
CA SER C 55 -0.03 -1.30 -8.48
C SER C 55 0.19 -2.27 -7.32
N SER C 56 0.51 -1.68 -6.16
CA SER C 56 1.05 -2.37 -4.97
C SER C 56 2.32 -3.16 -5.32
N GLY C 57 3.09 -2.67 -6.28
CA GLY C 57 4.36 -3.24 -6.68
C GLY C 57 4.30 -4.66 -7.22
N LYS C 58 3.39 -4.94 -8.15
CA LYS C 58 3.27 -6.30 -8.66
C LYS C 58 3.50 -6.30 -10.16
N HIS C 59 3.79 -7.48 -10.70
CA HIS C 59 4.00 -7.65 -12.13
C HIS C 59 3.03 -8.70 -12.63
N LEU C 60 2.29 -8.35 -13.68
CA LEU C 60 1.21 -9.17 -14.20
C LEU C 60 1.61 -9.66 -15.59
N LEU C 61 1.65 -10.98 -15.75
CA LEU C 61 1.97 -11.61 -17.02
C LEU C 61 0.74 -12.33 -17.55
N MET C 62 0.36 -12.05 -18.78
CA MET C 62 -0.69 -12.79 -19.44
C MET C 62 -0.15 -13.33 -20.75
N MET C 63 -0.29 -14.63 -20.95
CA MET C 63 0.16 -15.31 -22.15
C MET C 63 -0.98 -16.10 -22.76
N ARG C 64 -0.88 -16.32 -24.06
CA ARG C 64 -1.96 -16.89 -24.86
C ARG C 64 -1.38 -17.89 -25.85
N GLY C 65 -2.09 -18.98 -26.07
CA GLY C 65 -1.63 -19.98 -27.01
C GLY C 65 -2.61 -21.13 -27.06
N GLN C 66 -2.12 -22.27 -27.53
CA GLN C 66 -2.89 -23.51 -27.48
C GLN C 66 -2.83 -24.07 -26.07
N VAL C 67 -3.50 -25.20 -25.84
CA VAL C 67 -3.58 -25.74 -24.48
C VAL C 67 -2.23 -26.32 -24.04
N ALA C 68 -1.56 -27.06 -24.94
CA ALA C 68 -0.29 -27.66 -24.58
C ALA C 68 0.83 -26.63 -24.46
N GLU C 69 0.81 -25.61 -25.33
CA GLU C 69 1.85 -24.58 -25.31
C GLU C 69 1.74 -23.72 -24.06
N VAL C 70 0.52 -23.34 -23.68
CA VAL C 70 0.32 -22.58 -22.46
C VAL C 70 0.61 -23.42 -21.24
N GLU C 71 0.27 -24.72 -21.27
CA GLU C 71 0.58 -25.60 -20.15
C GLU C 71 2.09 -25.75 -19.95
N GLU C 72 2.84 -25.83 -21.05
CA GLU C 72 4.29 -25.98 -20.94
C GLU C 72 4.97 -24.68 -20.53
N SER C 73 4.50 -23.55 -21.05
CA SER C 73 5.03 -22.25 -20.62
C SER C 73 4.71 -21.99 -19.15
N MET C 74 3.52 -22.41 -18.70
CA MET C 74 3.18 -22.24 -17.30
C MET C 74 3.95 -23.17 -16.39
N ILE C 75 4.31 -24.38 -16.85
CA ILE C 75 5.11 -25.22 -15.96
C ILE C 75 6.56 -24.72 -15.91
N ALA C 76 7.04 -24.07 -16.98
CA ALA C 76 8.32 -23.36 -16.91
C ALA C 76 8.22 -22.18 -15.94
N ALA C 77 7.11 -21.46 -15.98
CA ALA C 77 6.89 -20.34 -15.08
C ALA C 77 6.79 -20.78 -13.63
N ARG C 78 6.22 -21.96 -13.39
CA ARG C 78 6.17 -22.51 -12.03
C ARG C 78 7.56 -22.88 -11.54
N GLU C 79 8.39 -23.50 -12.40
CA GLU C 79 9.71 -23.88 -11.92
C GLU C 79 10.67 -22.70 -11.83
N ILE C 80 10.39 -21.59 -12.48
CA ILE C 80 11.25 -20.41 -12.35
C ILE C 80 10.79 -19.48 -11.22
N ALA C 81 9.47 -19.26 -11.10
CA ALA C 81 8.95 -18.28 -10.15
C ALA C 81 9.14 -18.72 -8.71
N GLY C 82 8.85 -19.98 -8.42
CA GLY C 82 9.04 -20.50 -7.08
C GLY C 82 10.43 -21.03 -6.83
N ALA C 83 11.44 -20.20 -7.06
CA ALA C 83 12.85 -20.57 -6.89
C ALA C 83 13.47 -19.63 -5.86
N GLY C 84 13.58 -20.10 -4.62
CA GLY C 84 14.15 -19.29 -3.56
C GLY C 84 13.11 -18.39 -2.93
N SER C 85 13.12 -17.11 -3.31
CA SER C 85 12.08 -16.19 -2.88
C SER C 85 10.79 -16.51 -3.63
N GLY C 86 9.79 -17.01 -2.93
CA GLY C 86 8.55 -17.43 -3.54
C GLY C 86 7.68 -16.27 -3.98
N ALA C 87 8.09 -15.55 -5.03
CA ALA C 87 7.40 -14.36 -5.47
C ALA C 87 6.16 -14.64 -6.29
N LEU C 88 5.89 -15.90 -6.64
CA LEU C 88 4.65 -16.25 -7.34
C LEU C 88 3.49 -16.12 -6.37
N LEU C 89 2.73 -15.03 -6.48
CA LEU C 89 1.63 -14.81 -5.55
C LEU C 89 0.43 -15.70 -5.89
N ASP C 90 0.02 -15.69 -7.16
CA ASP C 90 -1.08 -16.54 -7.59
C ASP C 90 -0.98 -16.72 -9.09
N GLU C 91 -1.44 -17.87 -9.58
CA GLU C 91 -1.33 -18.20 -10.99
C GLU C 91 -2.60 -18.87 -11.50
N LEU C 92 -2.85 -18.71 -12.79
CA LEU C 92 -4.04 -19.21 -13.46
C LEU C 92 -3.66 -19.88 -14.75
N GLU C 93 -4.35 -20.98 -15.08
CA GLU C 93 -4.12 -21.67 -16.36
C GLU C 93 -5.49 -22.11 -16.86
N LEU C 94 -6.08 -21.30 -17.75
CA LEU C 94 -7.39 -21.60 -18.30
C LEU C 94 -7.22 -22.38 -19.60
N PRO C 95 -7.77 -23.59 -19.71
CA PRO C 95 -7.68 -24.31 -20.98
C PRO C 95 -8.50 -23.69 -22.09
N TYR C 96 -9.58 -22.99 -21.74
CA TYR C 96 -10.42 -22.32 -22.73
C TYR C 96 -11.15 -21.18 -22.03
N ALA C 97 -10.65 -19.97 -22.21
CA ALA C 97 -11.30 -18.80 -21.63
C ALA C 97 -12.53 -18.42 -22.44
N HIS C 98 -13.49 -17.79 -21.76
CA HIS C 98 -14.76 -17.44 -22.38
C HIS C 98 -14.57 -16.25 -23.33
N GLU C 99 -15.49 -16.13 -24.29
CA GLU C 99 -15.32 -15.13 -25.34
C GLU C 99 -15.53 -13.71 -24.84
N GLN C 100 -16.34 -13.53 -23.80
CA GLN C 100 -16.66 -12.21 -23.29
C GLN C 100 -15.62 -11.66 -22.32
N LEU C 101 -14.51 -12.38 -22.14
CA LEU C 101 -13.50 -12.01 -21.16
C LEU C 101 -12.26 -11.39 -21.80
N TRP C 102 -12.00 -11.69 -23.08
CA TRP C 102 -10.73 -11.33 -23.71
C TRP C 102 -10.56 -9.82 -23.87
N ARG C 103 -11.66 -9.07 -23.96
CA ARG C 103 -11.55 -7.62 -24.09
C ARG C 103 -11.47 -6.93 -22.73
N PHE C 104 -11.50 -7.67 -21.63
CA PHE C 104 -11.42 -7.09 -20.31
C PHE C 104 -10.08 -7.33 -19.64
N LEU C 105 -9.12 -7.89 -20.37
CA LEU C 105 -7.81 -8.17 -19.78
C LEU C 105 -6.86 -7.00 -19.93
N ASP C 106 -6.87 -6.31 -21.06
CA ASP C 106 -5.89 -5.27 -21.33
C ASP C 106 -6.20 -3.99 -20.57
N ALA C 107 -7.32 -3.37 -20.85
CA ALA C 107 -7.60 -2.07 -20.28
C ALA C 107 -8.77 -2.14 -19.31
N PRO C 108 -8.78 -1.28 -18.29
CA PRO C 108 -9.97 -1.19 -17.44
C PRO C 108 -11.17 -0.63 -18.18
N VAL C 109 -12.17 -1.47 -18.41
CA VAL C 109 -13.37 -1.09 -19.13
C VAL C 109 -14.45 -0.79 -18.11
N VAL C 110 -15.16 0.32 -18.30
CA VAL C 110 -16.34 0.65 -17.51
C VAL C 110 -17.53 0.78 -18.44
N ALA C 111 -18.71 0.42 -17.92
CA ALA C 111 -19.92 0.39 -18.72
C ALA C 111 -20.70 1.69 -18.54
N ASP C 112 -21.27 2.20 -19.63
CA ASP C 112 -22.03 3.44 -19.60
C ASP C 112 -23.54 3.23 -19.65
N ALA C 113 -24.00 2.14 -20.25
CA ALA C 113 -25.42 1.80 -20.28
C ALA C 113 -25.54 0.30 -20.51
N TRP C 114 -26.38 -0.37 -19.72
CA TRP C 114 -26.46 -1.81 -19.82
C TRP C 114 -27.35 -2.26 -20.98
N GLU C 115 -28.66 -2.12 -20.79
CA GLU C 115 -29.74 -2.70 -21.58
C GLU C 115 -31.05 -2.08 -21.08
N GLU C 116 -32.17 -2.61 -21.57
CA GLU C 116 -33.49 -2.31 -21.03
C GLU C 116 -34.09 -3.49 -20.28
N ASP C 117 -33.48 -4.67 -20.39
CA ASP C 117 -34.04 -5.91 -19.86
C ASP C 117 -33.36 -6.40 -18.59
N THR C 118 -32.23 -5.80 -18.23
CA THR C 118 -31.40 -6.26 -17.11
C THR C 118 -32.09 -6.15 -15.77
N GLU C 119 -32.25 -7.28 -15.08
CA GLU C 119 -32.90 -7.29 -13.77
C GLU C 119 -31.91 -6.93 -12.66
N SER C 120 -30.87 -7.74 -12.48
CA SER C 120 -30.03 -7.67 -11.30
C SER C 120 -28.55 -7.59 -11.65
N VAL C 121 -27.78 -7.00 -10.74
CA VAL C 121 -26.35 -6.79 -10.89
C VAL C 121 -25.64 -7.38 -9.68
N ILE C 122 -24.45 -7.92 -9.91
CA ILE C 122 -23.61 -8.46 -8.86
C ILE C 122 -22.18 -7.95 -9.05
N ILE C 123 -21.62 -7.34 -8.01
CA ILE C 123 -20.26 -6.84 -8.02
C ILE C 123 -19.40 -7.73 -7.12
N VAL C 124 -18.27 -8.20 -7.68
CA VAL C 124 -17.42 -9.19 -7.03
C VAL C 124 -16.00 -8.65 -7.02
N GLU C 125 -15.37 -8.61 -5.85
CA GLU C 125 -13.96 -8.22 -5.77
C GLU C 125 -13.14 -9.28 -5.06
N THR C 126 -11.95 -9.52 -5.59
CA THR C 126 -11.00 -10.48 -5.05
C THR C 126 -9.68 -9.77 -4.76
N ALA C 127 -8.91 -10.36 -3.85
CA ALA C 127 -7.66 -9.76 -3.43
C ALA C 127 -6.57 -9.86 -4.49
N THR C 128 -6.68 -10.80 -5.41
CA THR C 128 -5.67 -11.00 -6.46
C THR C 128 -6.28 -10.67 -7.82
N VAL C 129 -5.47 -10.85 -8.86
CA VAL C 129 -5.95 -10.72 -10.24
C VAL C 129 -6.33 -12.07 -10.80
N CYS C 130 -5.60 -13.11 -10.39
CA CYS C 130 -5.90 -14.48 -10.78
C CYS C 130 -7.29 -14.91 -10.36
N ALA C 131 -7.67 -14.62 -9.12
CA ALA C 131 -8.98 -15.02 -8.63
C ALA C 131 -10.10 -14.24 -9.31
N ALA C 132 -9.83 -12.99 -9.70
CA ALA C 132 -10.82 -12.21 -10.42
C ALA C 132 -11.09 -12.79 -11.81
N ILE C 133 -10.04 -13.18 -12.52
CA ILE C 133 -10.22 -13.75 -13.85
C ILE C 133 -10.80 -15.15 -13.77
N ASP C 134 -10.41 -15.91 -12.74
CA ASP C 134 -10.94 -17.26 -12.55
C ASP C 134 -12.43 -17.22 -12.20
N SER C 135 -12.84 -16.27 -11.36
CA SER C 135 -14.24 -16.13 -11.01
C SER C 135 -15.05 -15.53 -12.15
N ALA C 136 -14.47 -14.59 -12.89
CA ALA C 136 -15.15 -13.99 -14.04
C ALA C 136 -15.07 -14.85 -15.27
N ASP C 137 -14.42 -16.02 -15.19
CA ASP C 137 -14.55 -17.06 -16.20
C ASP C 137 -15.49 -18.17 -15.77
N ALA C 138 -15.42 -18.61 -14.51
CA ALA C 138 -16.26 -19.71 -14.05
C ALA C 138 -17.71 -19.32 -13.82
N ALA C 139 -18.03 -18.03 -13.81
CA ALA C 139 -19.40 -17.60 -13.55
C ALA C 139 -20.23 -17.49 -14.81
N LEU C 140 -19.74 -16.76 -15.82
CA LEU C 140 -20.51 -16.56 -17.03
C LEU C 140 -20.53 -17.79 -17.92
N LYS C 141 -19.68 -18.77 -17.63
CA LYS C 141 -19.72 -20.05 -18.31
C LYS C 141 -20.81 -20.96 -17.74
N THR C 142 -21.22 -20.74 -16.50
CA THR C 142 -22.25 -21.54 -15.83
C THR C 142 -23.52 -20.76 -15.57
N ALA C 143 -23.73 -19.65 -16.26
CA ALA C 143 -24.92 -18.82 -16.10
C ALA C 143 -25.06 -17.94 -17.34
N PRO C 144 -26.28 -17.60 -17.74
CA PRO C 144 -26.44 -16.64 -18.86
C PRO C 144 -26.37 -15.20 -18.38
N VAL C 145 -25.17 -14.78 -17.96
CA VAL C 145 -24.96 -13.44 -17.44
C VAL C 145 -23.98 -12.70 -18.35
N VAL C 146 -23.95 -11.39 -18.21
CA VAL C 146 -23.13 -10.51 -19.03
C VAL C 146 -22.13 -9.81 -18.13
N LEU C 147 -20.85 -10.00 -18.43
CA LEU C 147 -19.79 -9.31 -17.70
C LEU C 147 -19.68 -7.89 -18.23
N ARG C 148 -19.94 -6.91 -17.36
CA ARG C 148 -20.09 -5.52 -17.79
C ARG C 148 -18.79 -4.73 -17.68
N ASP C 149 -18.24 -4.60 -16.47
CA ASP C 149 -17.05 -3.82 -16.25
C ASP C 149 -16.12 -4.56 -15.30
N MET C 150 -14.82 -4.34 -15.50
CA MET C 150 -13.80 -5.11 -14.81
C MET C 150 -12.60 -4.21 -14.58
N ARG C 151 -11.89 -4.46 -13.49
CA ARG C 151 -10.76 -3.63 -13.08
C ARG C 151 -9.73 -4.56 -12.46
N LEU C 152 -8.51 -4.51 -12.97
CA LEU C 152 -7.47 -5.48 -12.63
C LEU C 152 -6.22 -4.76 -12.13
N ALA C 153 -6.20 -4.47 -10.83
CA ALA C 153 -5.06 -4.10 -10.00
C ALA C 153 -4.45 -2.75 -10.31
N ILE C 154 -4.87 -2.04 -11.35
CA ILE C 154 -4.35 -0.72 -11.63
C ILE C 154 -5.34 0.31 -11.09
N GLY C 155 -4.84 1.21 -10.23
CA GLY C 155 -5.65 2.21 -9.61
C GLY C 155 -6.25 1.84 -8.28
N ILE C 156 -6.33 0.55 -7.95
CA ILE C 156 -6.95 0.12 -6.70
C ILE C 156 -6.01 -0.81 -5.93
N ALA C 157 -4.73 -0.80 -6.29
CA ALA C 157 -3.62 -1.29 -5.45
C ALA C 157 -3.71 -2.79 -5.14
N GLY C 158 -3.75 -3.60 -6.19
CA GLY C 158 -3.66 -5.04 -6.06
C GLY C 158 -4.98 -5.78 -6.10
N LYS C 159 -6.03 -5.17 -5.54
CA LYS C 159 -7.38 -5.73 -5.59
C LYS C 159 -7.89 -5.75 -7.03
N ALA C 160 -8.95 -6.51 -7.26
CA ALA C 160 -9.51 -6.55 -8.61
C ALA C 160 -11.00 -6.89 -8.54
N PHE C 161 -11.82 -6.18 -9.30
CA PHE C 161 -13.25 -6.43 -9.25
C PHE C 161 -13.85 -6.54 -10.65
N PHE C 162 -15.10 -6.99 -10.68
CA PHE C 162 -15.88 -7.12 -11.89
C PHE C 162 -17.35 -7.21 -11.54
N THR C 163 -18.20 -6.73 -12.43
CA THR C 163 -19.64 -6.85 -12.22
C THR C 163 -20.27 -7.69 -13.33
N LEU C 164 -21.20 -8.55 -12.94
CA LEU C 164 -22.04 -9.31 -13.84
C LEU C 164 -23.46 -8.79 -13.77
N THR C 165 -24.22 -8.96 -14.84
CA THR C 165 -25.63 -8.58 -14.87
C THR C 165 -26.45 -9.70 -15.50
N GLY C 166 -27.68 -9.83 -15.02
CA GLY C 166 -28.57 -10.82 -15.61
C GLY C 166 -29.83 -10.98 -14.76
N GLU C 167 -30.50 -12.11 -14.97
CA GLU C 167 -31.63 -12.48 -14.13
C GLU C 167 -31.14 -12.79 -12.73
N LEU C 168 -32.01 -12.60 -11.73
CA LEU C 168 -31.62 -12.73 -10.33
C LEU C 168 -31.20 -14.14 -9.97
N ALA C 169 -31.94 -15.14 -10.45
CA ALA C 169 -31.56 -16.53 -10.18
C ALA C 169 -30.25 -16.90 -10.87
N ASP C 170 -30.03 -16.34 -12.06
CA ASP C 170 -28.79 -16.59 -12.80
C ASP C 170 -27.59 -15.95 -12.11
N VAL C 171 -27.73 -14.71 -11.63
CA VAL C 171 -26.60 -14.08 -10.96
C VAL C 171 -26.40 -14.65 -9.56
N GLU C 172 -27.42 -15.26 -8.95
CA GLU C 172 -27.17 -15.97 -7.69
C GLU C 172 -26.48 -17.31 -7.92
N ALA C 173 -26.77 -17.99 -9.02
CA ALA C 173 -25.98 -19.17 -9.38
C ALA C 173 -24.53 -18.80 -9.69
N ALA C 174 -24.34 -17.65 -10.35
CA ALA C 174 -23.00 -17.13 -10.58
C ALA C 174 -22.31 -16.75 -9.27
N ALA C 175 -23.07 -16.23 -8.30
CA ALA C 175 -22.52 -15.93 -6.98
C ALA C 175 -22.07 -17.19 -6.27
N GLU C 176 -22.84 -18.26 -6.38
CA GLU C 176 -22.46 -19.54 -5.77
C GLU C 176 -21.20 -20.10 -6.39
N VAL C 177 -21.09 -20.05 -7.72
CA VAL C 177 -19.90 -20.63 -8.33
C VAL C 177 -18.66 -19.73 -8.14
N VAL C 178 -18.84 -18.41 -8.02
CA VAL C 178 -17.72 -17.53 -7.69
C VAL C 178 -17.24 -17.79 -6.27
N ARG C 179 -18.17 -17.90 -5.32
CA ARG C 179 -17.80 -18.16 -3.94
C ARG C 179 -17.21 -19.56 -3.74
N GLU C 180 -17.53 -20.51 -4.63
CA GLU C 180 -16.85 -21.79 -4.58
C GLU C 180 -15.48 -21.76 -5.26
N ARG C 181 -15.30 -20.97 -6.31
CA ARG C 181 -14.00 -20.93 -6.98
C ARG C 181 -13.01 -19.96 -6.35
N CYS C 182 -13.42 -19.15 -5.38
CA CYS C 182 -12.49 -18.29 -4.66
C CYS C 182 -12.26 -18.76 -3.23
N GLY C 183 -13.31 -18.87 -2.43
CA GLY C 183 -13.18 -19.35 -1.07
C GLY C 183 -12.59 -18.33 -0.12
N ALA C 184 -11.29 -18.06 -0.24
CA ALA C 184 -10.61 -17.13 0.63
C ALA C 184 -9.99 -15.94 -0.09
N ARG C 185 -9.82 -16.01 -1.42
CA ARG C 185 -9.29 -14.88 -2.17
C ARG C 185 -10.36 -13.84 -2.44
N LEU C 186 -11.63 -14.22 -2.35
CA LEU C 186 -12.74 -13.28 -2.42
C LEU C 186 -12.73 -12.35 -1.23
N LEU C 187 -12.71 -11.03 -1.49
CA LEU C 187 -12.81 -10.10 -0.37
C LEU C 187 -14.26 -9.92 0.06
N GLU C 188 -15.10 -9.37 -0.83
CA GLU C 188 -16.53 -9.29 -0.60
C GLU C 188 -17.27 -9.54 -1.90
N LEU C 189 -18.59 -9.68 -1.76
CA LEU C 189 -19.49 -9.90 -2.87
C LEU C 189 -20.82 -9.26 -2.50
N ALA C 190 -21.51 -8.72 -3.51
CA ALA C 190 -22.75 -8.00 -3.26
C ALA C 190 -23.78 -8.42 -4.30
N CYS C 191 -24.90 -8.97 -3.83
CA CYS C 191 -25.98 -9.42 -4.71
C CYS C 191 -27.10 -8.39 -4.65
N ILE C 192 -27.02 -7.38 -5.52
CA ILE C 192 -28.07 -6.38 -5.64
C ILE C 192 -29.17 -6.96 -6.53
N ALA C 193 -30.33 -7.22 -5.95
CA ALA C 193 -31.40 -7.87 -6.70
C ALA C 193 -32.18 -6.90 -7.58
N ARG C 194 -32.15 -5.62 -7.28
CA ARG C 194 -32.84 -4.62 -8.09
C ARG C 194 -32.18 -3.25 -7.89
N PRO C 195 -31.24 -2.88 -8.75
CA PRO C 195 -30.57 -1.58 -8.59
C PRO C 195 -31.48 -0.43 -8.99
N VAL C 196 -31.16 0.75 -8.43
CA VAL C 196 -31.97 1.94 -8.63
C VAL C 196 -31.77 2.45 -10.05
N ASP C 197 -32.82 3.05 -10.62
CA ASP C 197 -32.75 3.62 -11.97
C ASP C 197 -31.75 4.77 -12.09
N GLU C 198 -31.38 5.41 -10.98
CA GLU C 198 -30.32 6.41 -10.97
C GLU C 198 -28.93 5.79 -10.98
N LEU C 199 -28.82 4.46 -10.91
CA LEU C 199 -27.53 3.80 -10.89
C LEU C 199 -27.43 2.68 -11.93
N ARG C 200 -28.52 2.34 -12.63
CA ARG C 200 -28.48 1.28 -13.62
C ARG C 200 -27.66 1.70 -14.84
N GLY C 201 -26.73 0.84 -15.23
CA GLY C 201 -25.86 1.10 -16.35
C GLY C 201 -24.62 1.90 -16.03
N ARG C 202 -24.56 2.56 -14.88
CA ARG C 202 -23.51 3.53 -14.62
C ARG C 202 -23.22 3.48 -13.12
N LEU C 203 -22.24 2.67 -12.73
CA LEU C 203 -21.91 2.44 -11.33
C LEU C 203 -20.66 3.17 -10.87
N PHE C 204 -19.75 3.50 -11.78
CA PHE C 204 -18.47 4.07 -11.40
C PHE C 204 -18.27 5.36 -12.18
N PHE C 205 -18.19 6.48 -11.47
CA PHE C 205 -18.24 7.79 -12.08
C PHE C 205 -17.79 8.86 -11.10
N ALA D 2 22.17 38.25 -3.29
CA ALA D 2 23.00 38.06 -4.47
C ALA D 2 24.08 37.03 -4.20
N ASP D 3 25.33 37.48 -4.15
CA ASP D 3 26.45 36.58 -3.87
C ASP D 3 26.43 36.14 -2.41
N ALA D 4 27.08 35.01 -2.16
CA ALA D 4 27.17 34.47 -0.82
C ALA D 4 28.04 35.32 0.08
N LEU D 5 27.81 35.18 1.39
CA LEU D 5 28.38 36.05 2.40
C LEU D 5 29.26 35.25 3.34
N GLY D 6 30.35 35.85 3.82
CA GLY D 6 31.20 35.22 4.80
C GLY D 6 31.76 36.24 5.77
N MET D 7 31.84 35.89 7.05
CA MET D 7 32.25 36.83 8.08
C MET D 7 33.21 36.20 9.06
N ILE D 8 34.22 36.97 9.47
CA ILE D 8 35.08 36.62 10.59
C ILE D 8 35.01 37.75 11.59
N GLU D 9 34.58 37.46 12.81
CA GLU D 9 34.57 38.45 13.87
C GLU D 9 35.72 38.15 14.83
N VAL D 10 36.58 39.14 15.05
CA VAL D 10 37.76 39.00 15.89
C VAL D 10 37.75 40.13 16.91
N ARG D 11 38.03 39.79 18.17
CA ARG D 11 38.25 40.80 19.19
C ARG D 11 39.70 41.29 19.04
N GLY D 12 39.89 42.18 18.07
CA GLY D 12 41.21 42.67 17.76
C GLY D 12 41.39 42.98 16.30
N PHE D 13 42.04 44.11 16.00
CA PHE D 13 42.22 44.53 14.61
C PHE D 13 43.23 43.65 13.89
N VAL D 14 44.22 43.13 14.62
CA VAL D 14 45.31 42.38 13.99
C VAL D 14 44.82 41.03 13.50
N GLY D 15 44.04 40.34 14.33
CA GLY D 15 43.46 39.07 13.92
C GLY D 15 42.46 39.23 12.79
N MET D 16 41.75 40.35 12.75
CA MET D 16 40.83 40.61 11.66
C MET D 16 41.59 40.87 10.36
N VAL D 17 42.74 41.55 10.43
CA VAL D 17 43.52 41.81 9.23
C VAL D 17 44.16 40.51 8.71
N GLU D 18 44.62 39.65 9.63
CA GLU D 18 45.15 38.36 9.17
C GLU D 18 44.06 37.46 8.61
N ALA D 19 42.87 37.50 9.19
CA ALA D 19 41.74 36.76 8.63
C ALA D 19 41.34 37.29 7.27
N ALA D 20 41.30 38.61 7.12
CA ALA D 20 40.93 39.23 5.84
C ALA D 20 42.00 39.03 4.78
N ASP D 21 43.25 38.82 5.18
CA ASP D 21 44.28 38.46 4.22
C ASP D 21 44.16 37.01 3.78
N ALA D 22 43.93 36.12 4.74
CA ALA D 22 43.83 34.70 4.42
C ALA D 22 42.58 34.37 3.62
N MET D 23 41.50 35.12 3.79
CA MET D 23 40.29 34.87 3.01
C MET D 23 40.49 35.25 1.55
N VAL D 24 41.10 36.41 1.29
CA VAL D 24 41.32 36.80 -0.11
C VAL D 24 42.51 36.10 -0.75
N LYS D 25 43.36 35.45 0.05
CA LYS D 25 44.40 34.62 -0.56
C LYS D 25 43.97 33.18 -0.79
N ALA D 26 43.06 32.65 0.03
CA ALA D 26 42.72 31.23 -0.08
C ALA D 26 41.80 30.97 -1.27
N ALA D 27 40.82 31.81 -1.51
CA ALA D 27 39.88 31.61 -2.61
C ALA D 27 39.51 32.95 -3.21
N LYS D 28 38.75 32.90 -4.30
CA LYS D 28 38.35 34.10 -5.01
C LYS D 28 37.14 34.71 -4.32
N VAL D 29 37.42 35.57 -3.34
CA VAL D 29 36.38 36.33 -2.66
C VAL D 29 36.70 37.81 -2.81
N GLU D 30 35.84 38.67 -2.27
CA GLU D 30 36.02 40.11 -2.36
C GLU D 30 35.81 40.72 -0.98
N LEU D 31 36.89 41.23 -0.39
CA LEU D 31 36.80 41.90 0.91
C LEU D 31 36.14 43.27 0.70
N ILE D 32 34.88 43.39 1.13
CA ILE D 32 34.13 44.62 0.86
C ILE D 32 34.32 45.67 1.95
N GLY D 33 35.03 45.35 3.02
CA GLY D 33 35.21 46.29 4.11
C GLY D 33 35.23 45.55 5.44
N TYR D 34 34.84 46.26 6.48
CA TYR D 34 34.89 45.73 7.84
C TYR D 34 33.97 46.58 8.72
N GLU D 35 33.42 45.96 9.75
CA GLU D 35 32.47 46.62 10.63
C GLU D 35 33.03 46.70 12.04
N LYS D 36 32.99 47.89 12.62
CA LYS D 36 33.45 48.15 13.98
C LYS D 36 32.23 48.34 14.88
N THR D 37 31.92 47.34 15.69
CA THR D 37 30.80 47.42 16.60
C THR D 37 31.19 47.88 18.00
N GLY D 38 32.41 48.40 18.15
CA GLY D 38 32.87 48.85 19.45
C GLY D 38 33.28 47.70 20.34
N GLY D 39 33.90 48.07 21.47
CA GLY D 39 34.35 47.08 22.43
C GLY D 39 35.50 46.20 21.97
N GLY D 40 36.19 46.59 20.91
CA GLY D 40 37.27 45.79 20.37
C GLY D 40 36.85 44.75 19.37
N TYR D 41 35.56 44.53 19.17
CA TYR D 41 35.07 43.58 18.19
C TYR D 41 35.10 44.22 16.81
N VAL D 42 35.78 43.58 15.86
CA VAL D 42 35.77 44.01 14.46
C VAL D 42 35.48 42.81 13.58
N THR D 43 34.70 43.01 12.53
CA THR D 43 34.22 41.93 11.70
C THR D 43 34.60 42.18 10.24
N ALA D 44 35.39 41.29 9.67
CA ALA D 44 35.73 41.32 8.26
C ALA D 44 34.67 40.55 7.47
N VAL D 45 34.24 41.14 6.36
CA VAL D 45 33.13 40.64 5.57
C VAL D 45 33.63 40.42 4.15
N VAL D 46 33.66 39.16 3.71
CA VAL D 46 33.94 38.83 2.32
C VAL D 46 32.65 38.38 1.67
N ARG D 47 32.63 38.41 0.34
CA ARG D 47 31.39 38.20 -0.39
C ARG D 47 31.69 37.67 -1.77
N GLY D 48 31.30 36.42 -2.02
CA GLY D 48 31.51 35.78 -3.29
C GLY D 48 30.64 34.54 -3.36
N ASP D 49 30.84 33.75 -4.41
CA ASP D 49 30.06 32.53 -4.58
C ASP D 49 30.37 31.50 -3.49
N VAL D 50 29.44 30.55 -3.33
CA VAL D 50 29.32 29.81 -2.08
C VAL D 50 30.50 28.87 -1.83
N ALA D 51 31.10 28.33 -2.88
CA ALA D 51 32.25 27.44 -2.69
C ALA D 51 33.49 28.20 -2.27
N ALA D 52 33.71 29.37 -2.89
CA ALA D 52 34.88 30.17 -2.56
C ALA D 52 34.79 30.75 -1.15
N VAL D 53 33.61 31.21 -0.73
CA VAL D 53 33.51 31.72 0.63
C VAL D 53 33.49 30.57 1.63
N LYS D 54 33.01 29.39 1.23
CA LYS D 54 32.97 28.25 2.12
C LYS D 54 34.37 27.69 2.37
N ALA D 55 35.29 27.91 1.42
CA ALA D 55 36.70 27.60 1.68
C ALA D 55 37.43 28.75 2.35
N ALA D 56 37.08 30.00 1.99
CA ALA D 56 37.82 31.16 2.47
C ALA D 56 37.57 31.40 3.95
N THR D 57 36.35 31.19 4.43
CA THR D 57 36.07 31.39 5.85
C THR D 57 36.76 30.33 6.70
N GLU D 58 36.78 29.07 6.25
CA GLU D 58 37.44 28.05 7.04
C GLU D 58 38.96 28.10 6.90
N ALA D 59 39.49 28.84 5.93
CA ALA D 59 40.92 29.12 5.96
C ALA D 59 41.26 30.35 6.80
N GLY D 60 40.41 31.38 6.75
CA GLY D 60 40.65 32.57 7.54
C GLY D 60 40.45 32.36 9.02
N GLN D 61 39.55 31.44 9.40
CA GLN D 61 39.42 31.05 10.79
C GLN D 61 40.67 30.34 11.28
N ARG D 62 41.25 29.48 10.44
CA ARG D 62 42.44 28.74 10.84
C ARG D 62 43.65 29.68 10.94
N ALA D 63 43.73 30.66 10.06
CA ALA D 63 44.83 31.62 10.14
C ALA D 63 44.59 32.74 11.15
N ALA D 64 43.35 32.92 11.61
CA ALA D 64 43.04 33.99 12.55
C ALA D 64 43.12 33.56 14.00
N GLU D 65 43.06 32.26 14.28
CA GLU D 65 43.23 31.78 15.65
C GLU D 65 44.68 31.83 16.10
N ARG D 66 45.62 31.97 15.17
CA ARG D 66 47.03 32.02 15.53
C ARG D 66 47.42 33.36 16.14
N VAL D 67 46.73 34.43 15.79
CA VAL D 67 47.17 35.77 16.20
C VAL D 67 46.16 36.45 17.10
N GLY D 68 44.89 36.07 16.99
CA GLY D 68 43.86 36.80 17.71
C GLY D 68 42.83 35.93 18.40
N GLU D 69 41.67 36.52 18.69
CA GLU D 69 40.59 35.85 19.39
C GLU D 69 39.38 35.82 18.46
N VAL D 70 39.08 34.66 17.89
CA VAL D 70 37.96 34.51 16.98
C VAL D 70 36.68 34.33 17.79
N VAL D 71 35.69 35.17 17.53
CA VAL D 71 34.43 35.12 18.24
C VAL D 71 33.39 34.27 17.51
N ALA D 72 33.16 34.56 16.23
CA ALA D 72 32.15 33.85 15.47
C ALA D 72 32.54 33.80 13.99
N VAL D 73 32.36 32.64 13.38
CA VAL D 73 32.56 32.43 11.95
C VAL D 73 31.27 31.85 11.40
N HIS D 74 30.73 32.48 10.36
CA HIS D 74 29.48 32.00 9.80
C HIS D 74 29.38 32.38 8.33
N VAL D 75 28.81 31.48 7.53
CA VAL D 75 28.64 31.66 6.10
C VAL D 75 27.15 31.69 5.80
N ILE D 76 26.70 32.72 5.09
CA ILE D 76 25.33 32.82 4.62
C ILE D 76 25.34 32.64 3.11
N PRO D 77 24.89 31.51 2.58
CA PRO D 77 25.01 31.27 1.14
C PRO D 77 24.06 32.11 0.29
N ARG D 78 22.89 32.43 0.81
CA ARG D 78 21.99 33.39 0.17
C ARG D 78 21.54 34.39 1.20
N PRO D 79 22.19 35.53 1.31
CA PRO D 79 21.63 36.63 2.08
C PRO D 79 20.41 37.19 1.36
N HIS D 80 19.36 37.45 2.14
CA HIS D 80 18.10 37.94 1.60
C HIS D 80 18.27 39.38 1.09
N VAL D 81 17.35 39.80 0.23
CA VAL D 81 17.47 41.11 -0.41
C VAL D 81 17.26 42.24 0.61
N ASN D 82 16.51 41.99 1.68
CA ASN D 82 16.36 42.99 2.72
C ASN D 82 17.64 43.12 3.55
N VAL D 83 18.39 42.03 3.68
CA VAL D 83 19.66 42.06 4.40
C VAL D 83 20.68 42.92 3.65
N ASP D 84 20.74 42.75 2.33
CA ASP D 84 21.65 43.57 1.53
C ASP D 84 21.14 45.00 1.36
N ALA D 85 19.83 45.22 1.49
CA ALA D 85 19.28 46.56 1.40
C ALA D 85 19.32 47.32 2.73
N ALA D 86 19.54 46.63 3.85
CA ALA D 86 19.58 47.27 5.15
C ALA D 86 20.94 47.26 5.82
N LEU D 87 21.70 46.19 5.66
CA LEU D 87 23.01 46.09 6.30
C LEU D 87 24.11 46.47 5.33
N PRO D 88 25.19 47.12 5.79
CA PRO D 88 26.28 47.51 4.88
C PRO D 88 27.19 46.35 4.50
N LEU D 89 26.74 45.55 3.53
CA LEU D 89 27.39 44.30 3.17
C LEU D 89 27.83 44.28 1.72
N GLY D 90 28.41 45.38 1.24
CA GLY D 90 29.07 45.37 -0.05
C GLY D 90 28.21 45.54 -1.28
N ARG D 91 27.05 44.89 -1.33
CA ARG D 91 26.20 44.91 -2.51
C ARG D 91 24.88 45.62 -2.25
N THR D 92 24.94 46.76 -1.56
CA THR D 92 23.75 47.58 -1.37
C THR D 92 23.49 48.38 -2.64
N PRO D 93 22.31 48.25 -3.28
CA PRO D 93 21.97 48.94 -4.53
C PRO D 93 21.91 50.45 -4.39
N ALA E 2 51.49 46.43 -1.50
CA ALA E 2 52.80 46.97 -1.84
C ALA E 2 53.85 46.48 -0.85
N ASP E 3 54.17 47.32 0.13
CA ASP E 3 55.16 46.98 1.14
C ASP E 3 54.57 46.04 2.17
N ALA E 4 55.44 45.46 2.99
CA ALA E 4 55.03 44.56 4.05
C ALA E 4 54.37 45.33 5.18
N LEU E 5 53.53 44.61 5.93
CA LEU E 5 52.63 45.19 6.93
C LEU E 5 52.99 44.66 8.30
N GLY E 6 53.03 45.54 9.29
CA GLY E 6 53.32 45.13 10.65
C GLY E 6 52.41 45.81 11.64
N MET E 7 52.00 45.11 12.69
CA MET E 7 51.00 45.62 13.63
C MET E 7 51.34 45.22 15.05
N ILE E 8 51.14 46.16 15.98
CA ILE E 8 51.15 45.88 17.41
C ILE E 8 49.82 46.36 17.97
N GLU E 9 49.07 45.46 18.58
CA GLU E 9 47.82 45.83 19.24
C GLU E 9 48.03 45.84 20.75
N VAL E 10 47.67 46.95 21.38
CA VAL E 10 47.82 47.13 22.82
C VAL E 10 46.48 47.58 23.38
N ARG E 11 46.07 46.95 24.49
CA ARG E 11 44.96 47.49 25.29
C ARG E 11 45.53 48.63 26.11
N GLY E 12 45.51 49.83 25.52
CA GLY E 12 46.09 50.99 26.17
C GLY E 12 46.84 51.87 25.21
N PHE E 13 46.73 53.19 25.40
CA PHE E 13 47.38 54.12 24.50
C PHE E 13 48.88 54.21 24.77
N VAL E 14 49.29 54.01 26.02
CA VAL E 14 50.69 54.21 26.40
C VAL E 14 51.57 53.11 25.82
N GLY E 15 51.12 51.85 25.94
CA GLY E 15 51.85 50.74 25.35
C GLY E 15 51.89 50.81 23.84
N MET E 16 50.83 51.34 23.22
CA MET E 16 50.84 51.48 21.77
C MET E 16 51.79 52.58 21.33
N VAL E 17 51.91 53.66 22.11
CA VAL E 17 52.87 54.71 21.76
C VAL E 17 54.30 54.23 21.95
N GLU E 18 54.55 53.45 23.01
CA GLU E 18 55.88 52.87 23.19
C GLU E 18 56.22 51.86 22.09
N ALA E 19 55.24 51.05 21.68
CA ALA E 19 55.46 50.11 20.59
C ALA E 19 55.69 50.82 19.27
N ALA E 20 54.90 51.87 18.99
CA ALA E 20 55.03 52.60 17.74
C ALA E 20 56.32 53.42 17.72
N ASP E 21 56.85 53.78 18.88
CA ASP E 21 58.14 54.43 18.94
C ASP E 21 59.28 53.44 18.72
N ALA E 22 59.19 52.26 19.34
CA ALA E 22 60.23 51.26 19.18
C ALA E 22 60.28 50.69 17.77
N MET E 23 59.13 50.62 17.09
CA MET E 23 59.12 50.12 15.71
C MET E 23 59.81 51.09 14.77
N VAL E 24 59.56 52.39 14.90
CA VAL E 24 60.21 53.33 14.01
C VAL E 24 61.64 53.62 14.43
N LYS E 25 62.02 53.33 15.67
CA LYS E 25 63.42 53.44 16.06
C LYS E 25 64.23 52.19 15.76
N ALA E 26 63.58 51.06 15.53
CA ALA E 26 64.32 49.83 15.24
C ALA E 26 64.90 49.85 13.83
N ALA E 27 64.07 50.15 12.84
CA ALA E 27 64.53 50.17 11.45
C ALA E 27 63.76 51.26 10.71
N LYS E 28 63.98 51.35 9.39
CA LYS E 28 63.29 52.35 8.59
C LYS E 28 61.93 51.80 8.20
N VAL E 29 60.92 52.11 9.02
CA VAL E 29 59.54 51.81 8.71
C VAL E 29 58.78 53.13 8.72
N GLU E 30 57.56 53.09 8.18
CA GLU E 30 56.70 54.26 8.10
C GLU E 30 55.46 54.02 8.94
N LEU E 31 55.38 54.69 10.08
CA LEU E 31 54.18 54.63 10.92
C LEU E 31 53.08 55.42 10.25
N ILE E 32 52.18 54.71 9.55
CA ILE E 32 51.16 55.39 8.78
C ILE E 32 50.04 55.91 9.67
N GLY E 33 49.82 55.29 10.82
CA GLY E 33 48.77 55.75 11.72
C GLY E 33 48.52 54.76 12.83
N TYR E 34 47.26 54.69 13.23
CA TYR E 34 46.83 53.85 14.35
C TYR E 34 45.33 53.68 14.26
N GLU E 35 44.85 52.49 14.62
CA GLU E 35 43.43 52.15 14.52
C GLU E 35 42.85 51.98 15.91
N LYS E 36 41.77 52.70 16.18
CA LYS E 36 41.10 52.66 17.48
C LYS E 36 39.83 51.84 17.34
N THR E 37 39.90 50.56 17.71
CA THR E 37 38.75 49.68 17.62
C THR E 37 37.84 49.76 18.83
N GLY E 38 38.07 50.71 19.73
CA GLY E 38 37.20 50.92 20.87
C GLY E 38 37.42 49.90 21.98
N GLY E 39 36.90 50.23 23.15
CA GLY E 39 37.06 49.37 24.31
C GLY E 39 38.43 49.38 24.93
N GLY E 40 39.28 50.32 24.54
CA GLY E 40 40.64 50.39 25.01
C GLY E 40 41.67 49.77 24.07
N TYR E 41 41.22 48.99 23.10
CA TYR E 41 42.13 48.36 22.14
C TYR E 41 42.54 49.35 21.08
N VAL E 42 43.84 49.54 20.90
CA VAL E 42 44.37 50.34 19.80
C VAL E 42 45.46 49.54 19.11
N THR E 43 45.71 49.88 17.85
CA THR E 43 46.61 49.11 17.00
C THR E 43 47.54 50.06 16.24
N ALA E 44 48.82 50.00 16.56
CA ALA E 44 49.83 50.72 15.80
C ALA E 44 50.19 49.92 14.55
N VAL E 45 50.14 50.58 13.40
CA VAL E 45 50.30 49.95 12.10
C VAL E 45 51.49 50.58 11.39
N VAL E 46 52.56 49.82 11.23
CA VAL E 46 53.70 50.26 10.43
C VAL E 46 53.68 49.51 9.12
N ARG E 47 54.38 50.06 8.14
CA ARG E 47 54.34 49.48 6.80
C ARG E 47 55.61 49.84 6.04
N GLY E 48 56.38 48.83 5.69
CA GLY E 48 57.63 49.02 4.98
C GLY E 48 58.16 47.69 4.50
N ASP E 49 59.37 47.70 3.97
CA ASP E 49 59.98 46.48 3.43
C ASP E 49 60.25 45.46 4.53
N VAL E 50 60.29 44.19 4.13
CA VAL E 50 59.94 43.08 5.02
C VAL E 50 60.99 42.84 6.10
N ALA E 51 62.27 43.09 5.80
CA ALA E 51 63.30 42.95 6.83
C ALA E 51 63.17 44.03 7.89
N ALA E 52 62.87 45.26 7.46
CA ALA E 52 62.73 46.37 8.38
C ALA E 52 61.52 46.19 9.28
N VAL E 53 60.40 45.73 8.74
CA VAL E 53 59.23 45.55 9.59
C VAL E 53 59.36 44.30 10.45
N LYS E 54 60.12 43.29 10.01
CA LYS E 54 60.29 42.12 10.85
C LYS E 54 61.23 42.41 12.02
N ALA E 55 62.19 43.31 11.83
CA ALA E 55 62.99 43.78 12.96
C ALA E 55 62.19 44.75 13.82
N ALA E 56 61.34 45.57 13.19
CA ALA E 56 60.63 46.63 13.88
C ALA E 56 59.58 46.06 14.83
N THR E 57 58.78 45.09 14.36
CA THR E 57 57.75 44.52 15.22
C THR E 57 58.34 43.66 16.31
N GLU E 58 59.47 42.99 16.08
CA GLU E 58 60.06 42.21 17.15
C GLU E 58 60.79 43.08 18.16
N ALA E 59 61.13 44.31 17.79
CA ALA E 59 61.58 45.26 18.80
C ALA E 59 60.40 45.88 19.55
N GLY E 60 59.30 46.16 18.83
CA GLY E 60 58.14 46.75 19.45
C GLY E 60 57.40 45.82 20.37
N GLN E 61 57.39 44.52 20.07
CA GLN E 61 56.81 43.54 20.98
C GLN E 61 57.62 43.43 22.25
N ARG E 62 58.95 43.46 22.12
CA ARG E 62 59.81 43.38 23.30
C ARG E 62 59.73 44.64 24.14
N ALA E 63 59.54 45.80 23.51
CA ALA E 63 59.47 47.05 24.24
C ALA E 63 58.07 47.39 24.74
N ALA E 64 57.04 46.72 24.22
CA ALA E 64 55.67 47.01 24.63
C ALA E 64 55.18 46.10 25.74
N GLU E 65 55.76 44.91 25.89
CA GLU E 65 55.41 44.05 27.01
C GLU E 65 56.00 44.54 28.32
N ARG E 66 57.00 45.43 28.26
CA ARG E 66 57.59 46.00 29.46
C ARG E 66 56.73 47.08 30.08
N VAL E 67 55.76 47.62 29.35
CA VAL E 67 54.96 48.74 29.83
C VAL E 67 53.47 48.42 29.92
N GLY E 68 52.96 47.43 29.22
CA GLY E 68 51.54 47.21 29.19
C GLY E 68 51.12 45.86 28.65
N GLU E 69 49.86 45.80 28.23
CA GLU E 69 49.22 44.55 27.83
C GLU E 69 49.20 44.48 26.31
N VAL E 70 49.94 43.52 25.76
CA VAL E 70 50.04 43.32 24.31
C VAL E 70 49.06 42.23 23.91
N VAL E 71 48.14 42.55 23.00
CA VAL E 71 47.13 41.61 22.55
C VAL E 71 47.68 40.74 21.43
N ALA E 72 48.13 41.37 20.34
CA ALA E 72 48.47 40.63 19.14
C ALA E 72 49.60 41.31 18.39
N VAL E 73 50.56 40.49 17.94
CA VAL E 73 51.68 40.92 17.12
C VAL E 73 51.73 40.04 15.87
N HIS E 74 51.75 40.66 14.70
CA HIS E 74 51.77 39.89 13.46
C HIS E 74 52.33 40.72 12.32
N VAL E 75 53.05 40.07 11.41
CA VAL E 75 53.63 40.69 10.23
C VAL E 75 53.11 39.97 9.00
N ILE E 76 52.57 40.72 8.07
CA ILE E 76 52.15 40.19 6.77
C ILE E 76 53.18 40.66 5.74
N PRO E 77 53.99 39.76 5.17
CA PRO E 77 55.04 40.21 4.24
C PRO E 77 54.51 40.69 2.90
N ARG E 78 53.42 40.12 2.40
CA ARG E 78 52.77 40.59 1.18
C ARG E 78 51.27 40.57 1.37
N PRO E 79 50.68 41.68 1.83
CA PRO E 79 49.22 41.75 1.88
C PRO E 79 48.65 41.90 0.48
N HIS E 80 47.50 41.26 0.25
CA HIS E 80 46.82 41.29 -1.03
C HIS E 80 46.30 42.70 -1.31
N VAL E 81 46.05 42.98 -2.60
CA VAL E 81 45.64 44.32 -3.00
C VAL E 81 44.22 44.63 -2.51
N ASN E 82 43.40 43.61 -2.29
CA ASN E 82 42.08 43.82 -1.70
C ASN E 82 42.19 44.24 -0.24
N VAL E 83 43.21 43.75 0.47
CA VAL E 83 43.45 44.14 1.85
C VAL E 83 43.87 45.60 1.93
N ASP E 84 44.68 46.06 0.98
CA ASP E 84 45.07 47.47 0.95
C ASP E 84 43.91 48.35 0.52
N ALA E 85 43.05 47.86 -0.38
CA ALA E 85 41.97 48.69 -0.88
C ALA E 85 40.80 48.77 0.10
N ALA E 86 40.61 47.76 0.94
CA ALA E 86 39.45 47.73 1.82
C ALA E 86 39.75 48.12 3.25
N LEU E 87 41.00 48.09 3.67
CA LEU E 87 41.34 48.42 5.04
C LEU E 87 42.21 49.67 5.10
N PRO E 88 42.06 50.50 6.14
CA PRO E 88 42.90 51.72 6.24
C PRO E 88 44.33 51.41 6.67
N LEU E 89 45.16 51.04 5.69
CA LEU E 89 46.52 50.60 5.96
C LEU E 89 47.57 51.52 5.34
N GLY E 90 47.20 52.75 5.02
CA GLY E 90 48.15 53.74 4.59
C GLY E 90 48.46 53.75 3.10
N ARG E 91 48.29 52.63 2.42
CA ARG E 91 48.58 52.53 0.99
C ARG E 91 47.31 52.29 0.19
N THR E 92 46.23 52.96 0.56
CA THR E 92 44.99 52.86 -0.19
C THR E 92 45.11 53.67 -1.47
N PRO E 93 44.90 53.07 -2.66
CA PRO E 93 45.01 53.74 -3.96
C PRO E 93 43.94 54.81 -4.15
N ALA F 2 60.75 66.68 19.54
CA ALA F 2 61.21 67.84 20.28
C ALA F 2 61.43 67.50 21.75
N ASP F 3 60.52 67.93 22.61
CA ASP F 3 60.65 67.65 24.04
C ASP F 3 60.27 66.21 24.34
N ALA F 4 60.72 65.74 25.50
CA ALA F 4 60.42 64.40 25.96
C ALA F 4 58.95 64.25 26.29
N LEU F 5 58.48 63.01 26.26
CA LEU F 5 57.07 62.68 26.36
C LEU F 5 56.78 62.03 27.70
N GLY F 6 55.57 62.27 28.23
CA GLY F 6 55.18 61.64 29.47
C GLY F 6 53.71 61.32 29.48
N MET F 7 53.34 60.12 29.94
CA MET F 7 51.96 59.67 29.87
C MET F 7 51.54 58.96 31.13
N ILE F 8 50.33 59.26 31.59
CA ILE F 8 49.67 58.50 32.65
C ILE F 8 48.34 58.05 32.09
N GLU F 9 48.17 56.74 31.89
CA GLU F 9 46.88 56.20 31.48
C GLU F 9 46.14 55.71 32.71
N VAL F 10 44.93 56.20 32.90
CA VAL F 10 44.10 55.83 34.05
C VAL F 10 42.74 55.40 33.50
N ARG F 11 42.22 54.29 34.01
CA ARG F 11 40.84 53.90 33.72
C ARG F 11 39.94 54.78 34.58
N GLY F 12 39.65 55.97 34.04
CA GLY F 12 38.89 56.95 34.79
C GLY F 12 39.32 58.38 34.49
N PHE F 13 38.34 59.27 34.38
CA PHE F 13 38.65 60.68 34.15
C PHE F 13 39.21 61.35 35.40
N VAL F 14 38.80 60.88 36.57
CA VAL F 14 39.17 61.52 37.82
C VAL F 14 40.64 61.29 38.14
N GLY F 15 41.10 60.04 38.01
CA GLY F 15 42.50 59.74 38.20
C GLY F 15 43.38 60.39 37.16
N MET F 16 42.87 60.56 35.94
CA MET F 16 43.60 61.27 34.90
C MET F 16 43.78 62.73 35.27
N VAL F 17 42.74 63.38 35.79
CA VAL F 17 42.85 64.80 36.12
C VAL F 17 43.75 65.00 37.33
N GLU F 18 43.68 64.10 38.31
CA GLU F 18 44.60 64.17 39.45
C GLU F 18 46.04 63.93 39.03
N ALA F 19 46.27 62.99 38.12
CA ALA F 19 47.61 62.74 37.61
C ALA F 19 48.13 63.92 36.80
N ALA F 20 47.26 64.55 36.01
CA ALA F 20 47.67 65.71 35.23
C ALA F 20 48.01 66.90 36.12
N ASP F 21 47.24 67.08 37.20
CA ASP F 21 47.51 68.15 38.16
C ASP F 21 48.84 67.91 38.88
N ALA F 22 49.10 66.67 39.27
CA ALA F 22 50.37 66.37 39.93
C ALA F 22 51.55 66.49 38.98
N MET F 23 51.36 66.17 37.70
CA MET F 23 52.44 66.33 36.73
C MET F 23 52.75 67.81 36.48
N VAL F 24 51.71 68.63 36.30
CA VAL F 24 51.98 70.05 36.03
C VAL F 24 52.38 70.83 37.28
N LYS F 25 52.18 70.28 38.48
CA LYS F 25 52.72 70.93 39.66
C LYS F 25 54.10 70.41 40.05
N ALA F 26 54.45 69.18 39.68
CA ALA F 26 55.71 68.61 40.14
C ALA F 26 56.91 69.20 39.40
N ALA F 27 56.75 69.55 38.13
CA ALA F 27 57.83 70.11 37.35
C ALA F 27 57.25 71.03 36.29
N LYS F 28 58.14 71.60 35.46
CA LYS F 28 57.72 72.49 34.38
C LYS F 28 57.49 71.64 33.14
N VAL F 29 56.30 71.05 33.07
CA VAL F 29 55.88 70.28 31.91
C VAL F 29 54.67 70.96 31.30
N GLU F 30 54.36 70.60 30.06
CA GLU F 30 53.25 71.18 29.33
C GLU F 30 52.21 70.11 29.08
N LEU F 31 51.10 70.18 29.80
CA LEU F 31 49.97 69.29 29.56
C LEU F 31 49.33 69.66 28.23
N ILE F 32 49.54 68.83 27.21
CA ILE F 32 49.06 69.16 25.88
C ILE F 32 47.62 68.74 25.65
N GLY F 33 47.16 67.69 26.35
CA GLY F 33 45.80 67.22 26.14
C GLY F 33 45.56 65.90 26.83
N TYR F 34 44.67 65.11 26.24
CA TYR F 34 44.31 63.81 26.79
C TYR F 34 43.71 62.97 25.67
N GLU F 35 43.95 61.67 25.73
CA GLU F 35 43.55 60.75 24.67
C GLU F 35 42.51 59.78 25.21
N LYS F 36 41.39 59.65 24.50
CA LYS F 36 40.27 58.80 24.88
C LYS F 36 40.25 57.60 23.95
N THR F 37 40.63 56.43 24.45
CA THR F 37 40.65 55.22 23.67
C THR F 37 39.44 54.34 23.90
N GLY F 38 38.39 54.87 24.53
CA GLY F 38 37.19 54.11 24.78
C GLY F 38 37.33 53.15 25.94
N GLY F 39 36.19 52.71 26.45
CA GLY F 39 36.19 51.78 27.57
C GLY F 39 36.57 52.36 28.91
N GLY F 40 36.65 53.69 29.01
CA GLY F 40 37.03 54.35 30.24
C GLY F 40 38.50 54.67 30.37
N TYR F 41 39.33 54.20 29.44
CA TYR F 41 40.77 54.49 29.49
C TYR F 41 41.01 55.91 28.98
N VAL F 42 41.63 56.74 29.81
CA VAL F 42 42.00 58.10 29.40
C VAL F 42 43.48 58.28 29.69
N THR F 43 44.22 58.82 28.73
CA THR F 43 45.66 58.99 28.83
C THR F 43 46.02 60.48 28.89
N ALA F 44 46.57 60.91 30.02
CA ALA F 44 47.11 62.25 30.15
C ALA F 44 48.52 62.31 29.59
N VAL F 45 48.77 63.30 28.73
CA VAL F 45 50.04 63.43 28.02
C VAL F 45 50.64 64.80 28.36
N VAL F 46 51.80 64.78 28.99
CA VAL F 46 52.58 66.00 29.20
C VAL F 46 53.85 65.92 28.35
N ARG F 47 54.53 67.05 28.22
CA ARG F 47 55.66 67.11 27.32
C ARG F 47 56.64 68.17 27.78
N GLY F 48 57.87 67.74 28.02
CA GLY F 48 58.93 68.62 28.48
C GLY F 48 60.23 67.83 28.51
N ASP F 49 61.30 68.50 28.91
CA ASP F 49 62.60 67.86 28.92
C ASP F 49 62.66 66.75 29.97
N VAL F 50 63.64 65.85 29.78
CA VAL F 50 63.52 64.46 30.24
C VAL F 50 63.54 64.35 31.76
N ALA F 51 64.29 65.22 32.45
CA ALA F 51 64.29 65.18 33.91
C ALA F 51 62.99 65.69 34.48
N ALA F 52 62.40 66.71 33.84
CA ALA F 52 61.14 67.26 34.32
C ALA F 52 60.00 66.29 34.14
N VAL F 53 59.91 65.62 32.99
CA VAL F 53 58.84 64.65 32.79
C VAL F 53 59.12 63.38 33.60
N LYS F 54 60.39 63.05 33.85
CA LYS F 54 60.69 61.88 34.67
C LYS F 54 60.32 62.11 36.13
N ALA F 55 60.43 63.35 36.62
CA ALA F 55 59.93 63.66 37.95
C ALA F 55 58.41 63.79 37.96
N ALA F 56 57.84 64.38 36.89
CA ALA F 56 56.42 64.67 36.85
C ALA F 56 55.58 63.40 36.77
N THR F 57 55.99 62.43 35.95
CA THR F 57 55.21 61.20 35.84
C THR F 57 55.32 60.34 37.10
N GLU F 58 56.49 60.35 37.77
CA GLU F 58 56.58 59.57 38.99
C GLU F 58 55.92 60.25 40.17
N ALA F 59 55.64 61.55 40.07
CA ALA F 59 54.76 62.17 41.06
C ALA F 59 53.29 61.95 40.72
N GLY F 60 52.95 61.98 39.44
CA GLY F 60 51.57 61.78 39.04
C GLY F 60 51.08 60.36 39.21
N GLN F 61 51.98 59.38 39.05
CA GLN F 61 51.64 58.00 39.36
C GLN F 61 51.40 57.81 40.85
N ARG F 62 52.17 58.51 41.68
CA ARG F 62 51.99 58.41 43.12
C ARG F 62 50.70 59.08 43.56
N ALA F 63 50.33 60.18 42.90
CA ALA F 63 49.09 60.88 43.27
C ALA F 63 47.86 60.25 42.63
N ALA F 64 48.02 59.46 41.57
CA ALA F 64 46.86 58.90 40.89
C ALA F 64 46.49 57.51 41.38
N GLU F 65 47.42 56.79 42.01
CA GLU F 65 47.07 55.49 42.58
C GLU F 65 46.25 55.62 43.86
N ARG F 66 46.26 56.79 44.49
CA ARG F 66 45.42 57.04 45.65
C ARG F 66 43.98 57.32 45.27
N VAL F 67 43.71 57.66 44.01
CA VAL F 67 42.38 58.08 43.58
C VAL F 67 41.80 57.19 42.49
N GLY F 68 42.59 56.33 41.86
CA GLY F 68 42.08 55.55 40.76
C GLY F 68 42.95 54.36 40.43
N GLU F 69 42.71 53.81 39.24
CA GLU F 69 43.40 52.61 38.77
C GLU F 69 44.33 53.01 37.63
N VAL F 70 45.62 53.00 37.90
CA VAL F 70 46.62 53.40 36.91
C VAL F 70 46.99 52.21 36.05
N VAL F 71 46.83 52.34 34.73
CA VAL F 71 47.16 51.26 33.82
C VAL F 71 48.64 51.25 33.50
N ALA F 72 49.15 52.34 32.93
CA ALA F 72 50.52 52.37 32.42
C ALA F 72 51.12 53.76 32.60
N VAL F 73 52.40 53.79 32.93
CA VAL F 73 53.19 55.02 33.10
C VAL F 73 54.47 54.84 32.31
N HIS F 74 54.76 55.77 31.41
CA HIS F 74 55.97 55.64 30.62
C HIS F 74 56.46 57.01 30.17
N VAL F 75 57.79 57.14 30.06
CA VAL F 75 58.45 58.35 29.63
C VAL F 75 59.32 58.02 28.42
N ILE F 76 59.15 58.76 27.34
CA ILE F 76 60.00 58.64 26.16
C ILE F 76 60.92 59.86 26.14
N PRO F 77 62.24 59.68 26.19
CA PRO F 77 63.14 60.84 26.23
C PRO F 77 63.21 61.60 24.92
N ARG F 78 63.16 60.91 23.79
CA ARG F 78 63.15 61.54 22.48
C ARG F 78 62.10 60.82 21.64
N PRO F 79 60.89 61.36 21.54
CA PRO F 79 59.92 60.77 20.61
C PRO F 79 60.33 61.00 19.18
N HIS F 80 60.22 59.95 18.38
CA HIS F 80 60.63 59.97 16.99
C HIS F 80 59.72 60.91 16.19
N VAL F 81 60.25 61.43 15.09
CA VAL F 81 59.53 62.45 14.33
C VAL F 81 58.32 61.86 13.62
N ASN F 82 58.35 60.55 13.31
CA ASN F 82 57.18 59.91 12.75
C ASN F 82 56.11 59.70 13.80
N VAL F 83 56.52 59.48 15.06
CA VAL F 83 55.56 59.33 16.16
C VAL F 83 54.88 60.67 16.45
N ASP F 84 55.64 61.76 16.46
CA ASP F 84 55.04 63.08 16.64
C ASP F 84 54.25 63.52 15.41
N ALA F 85 54.53 62.96 14.24
CA ALA F 85 53.76 63.33 13.06
C ALA F 85 52.48 62.53 12.91
N ALA F 86 52.44 61.29 13.40
CA ALA F 86 51.27 60.43 13.24
C ALA F 86 50.37 60.42 14.47
N LEU F 87 50.91 60.07 15.62
CA LEU F 87 50.14 59.96 16.85
C LEU F 87 49.81 61.36 17.39
N PRO F 88 48.61 61.55 17.97
CA PRO F 88 48.21 62.89 18.48
C PRO F 88 48.90 63.28 19.79
N LEU F 89 50.10 63.83 19.66
CA LEU F 89 50.90 64.17 20.83
C LEU F 89 51.09 65.67 21.01
N GLY F 90 50.31 66.48 20.31
CA GLY F 90 50.36 67.92 20.51
C GLY F 90 51.45 68.65 19.76
N ARG F 91 52.28 67.95 18.99
CA ARG F 91 53.33 68.59 18.21
C ARG F 91 53.27 68.14 16.76
N THR F 92 52.06 68.10 16.21
CA THR F 92 51.89 67.80 14.80
C THR F 92 52.27 69.01 13.97
N PRO F 93 53.28 68.93 13.08
CA PRO F 93 53.77 70.07 12.30
C PRO F 93 52.76 70.59 11.28
N ALA G 2 42.76 78.89 40.94
CA ALA G 2 41.43 79.28 40.51
C ALA G 2 40.36 78.65 41.40
N ASP G 3 39.20 78.39 40.82
CA ASP G 3 38.12 77.73 41.55
C ASP G 3 38.47 76.27 41.79
N ALA G 4 38.12 75.78 42.98
CA ALA G 4 38.38 74.41 43.35
C ALA G 4 37.50 73.45 42.54
N LEU G 5 38.00 72.23 42.39
CA LEU G 5 37.46 71.25 41.45
C LEU G 5 36.85 70.08 42.21
N GLY G 6 35.75 69.55 41.71
CA GLY G 6 35.15 68.38 42.32
C GLY G 6 34.58 67.45 41.28
N MET G 7 34.85 66.15 41.40
CA MET G 7 34.46 65.19 40.38
C MET G 7 33.86 63.95 41.01
N ILE G 8 32.79 63.45 40.39
CA ILE G 8 32.19 62.17 40.72
C ILE G 8 32.16 61.35 39.44
N GLU G 9 32.86 60.22 39.43
CA GLU G 9 32.80 59.32 38.28
C GLU G 9 31.91 58.13 38.64
N VAL G 10 30.91 57.88 37.79
CA VAL G 10 29.95 56.80 38.03
C VAL G 10 29.93 55.94 36.77
N ARG G 11 29.97 54.62 36.95
CA ARG G 11 29.63 53.69 35.89
C ARG G 11 28.11 53.67 35.77
N GLY G 12 27.58 54.64 35.02
CA GLY G 12 26.16 54.79 34.90
C GLY G 12 25.71 56.24 34.83
N PHE G 13 24.81 56.54 33.89
CA PHE G 13 24.34 57.90 33.73
C PHE G 13 23.41 58.33 34.86
N VAL G 14 22.66 57.37 35.41
CA VAL G 14 21.66 57.69 36.44
C VAL G 14 22.34 58.08 37.74
N GLY G 15 23.38 57.34 38.14
CA GLY G 15 24.14 57.71 39.32
C GLY G 15 24.89 59.02 39.16
N MET G 16 25.32 59.33 37.93
CA MET G 16 25.97 60.61 37.67
C MET G 16 24.98 61.75 37.78
N VAL G 17 23.74 61.56 37.31
CA VAL G 17 22.75 62.63 37.41
C VAL G 17 22.32 62.83 38.87
N GLU G 18 22.21 61.73 39.63
CA GLU G 18 21.91 61.87 41.06
C GLU G 18 23.03 62.55 41.82
N ALA G 19 24.29 62.22 41.49
CA ALA G 19 25.42 62.87 42.13
C ALA G 19 25.50 64.35 41.75
N ALA G 20 25.30 64.67 40.47
CA ALA G 20 25.36 66.05 40.02
C ALA G 20 24.16 66.87 40.52
N ASP G 21 23.07 66.21 40.88
CA ASP G 21 21.96 66.91 41.51
C ASP G 21 22.25 67.18 42.99
N ALA G 22 22.78 66.18 43.69
CA ALA G 22 23.07 66.35 45.11
C ALA G 22 24.20 67.32 45.36
N MET G 23 25.16 67.42 44.43
CA MET G 23 26.26 68.36 44.60
C MET G 23 25.79 69.80 44.48
N VAL G 24 24.93 70.09 43.50
CA VAL G 24 24.46 71.47 43.36
C VAL G 24 23.33 71.79 44.33
N LYS G 25 22.69 70.79 44.94
CA LYS G 25 21.74 71.10 46.00
C LYS G 25 22.40 71.26 47.38
N ALA G 26 23.51 70.55 47.63
CA ALA G 26 24.09 70.58 48.96
C ALA G 26 24.86 71.86 49.25
N ALA G 27 25.46 72.48 48.25
CA ALA G 27 26.23 73.70 48.46
C ALA G 27 26.16 74.54 47.20
N LYS G 28 26.77 75.72 47.24
CA LYS G 28 26.75 76.66 46.13
C LYS G 28 27.94 76.37 45.23
N VAL G 29 27.78 75.36 44.37
CA VAL G 29 28.76 75.00 43.37
C VAL G 29 28.10 75.11 42.00
N GLU G 30 28.92 75.04 40.95
CA GLU G 30 28.44 75.17 39.58
C GLU G 30 28.79 73.91 38.81
N LEU G 31 27.77 73.16 38.40
CA LEU G 31 27.95 72.02 37.51
C LEU G 31 28.28 72.52 36.11
N ILE G 32 29.54 72.38 35.70
CA ILE G 32 29.93 72.93 34.40
C ILE G 32 29.54 71.99 33.27
N GLY G 33 29.47 70.69 33.52
CA GLY G 33 29.16 69.76 32.45
C GLY G 33 29.33 68.32 32.90
N TYR G 34 29.71 67.49 31.94
CA TYR G 34 29.85 66.06 32.18
C TYR G 34 30.76 65.48 31.10
N GLU G 35 31.54 64.48 31.48
CA GLU G 35 32.52 63.87 30.59
C GLU G 35 32.15 62.42 30.34
N LYS G 36 32.06 62.05 29.07
CA LYS G 36 31.72 60.69 28.64
C LYS G 36 32.99 60.04 28.11
N THR G 37 33.68 59.31 28.99
CA THR G 37 34.92 58.65 28.60
C THR G 37 34.70 57.32 27.88
N GLY G 38 33.45 56.89 27.72
CA GLY G 38 33.16 55.63 27.07
C GLY G 38 33.22 54.46 28.03
N GLY G 39 32.55 53.38 27.65
CA GLY G 39 32.50 52.20 28.49
C GLY G 39 31.52 52.29 29.62
N GLY G 40 30.58 53.23 29.56
CA GLY G 40 29.62 53.41 30.63
C GLY G 40 30.07 54.32 31.74
N TYR G 41 31.31 54.80 31.72
CA TYR G 41 31.82 55.70 32.73
C TYR G 41 31.47 57.12 32.33
N VAL G 42 30.75 57.84 33.20
CA VAL G 42 30.49 59.25 33.00
C VAL G 42 30.85 60.00 34.28
N THR G 43 31.38 61.21 34.12
CA THR G 43 31.96 61.97 35.22
C THR G 43 31.29 63.33 35.31
N ALA G 44 30.68 63.61 36.46
CA ALA G 44 30.13 64.91 36.76
C ALA G 44 31.20 65.78 37.42
N VAL G 45 31.26 67.04 36.98
CA VAL G 45 32.30 67.98 37.38
C VAL G 45 31.64 69.24 37.91
N VAL G 46 31.76 69.48 39.21
CA VAL G 46 31.36 70.74 39.80
C VAL G 46 32.61 71.56 40.09
N ARG G 47 32.44 72.86 40.24
CA ARG G 47 33.59 73.73 40.37
C ARG G 47 33.21 74.99 41.13
N GLY G 48 33.81 75.15 42.30
CA GLY G 48 33.56 76.28 43.17
C GLY G 48 34.62 76.31 44.26
N ASP G 49 34.43 77.19 45.24
CA ASP G 49 35.42 77.33 46.30
C ASP G 49 35.46 76.09 47.18
N VAL G 50 36.56 75.97 47.94
CA VAL G 50 37.04 74.68 48.43
C VAL G 50 36.11 74.07 49.48
N ALA G 51 35.49 74.89 50.34
CA ALA G 51 34.59 74.35 51.35
C ALA G 51 33.29 73.87 50.72
N ALA G 52 32.79 74.60 49.74
CA ALA G 52 31.54 74.21 49.08
C ALA G 52 31.71 72.94 48.27
N VAL G 53 32.83 72.80 47.55
CA VAL G 53 33.02 71.56 46.79
C VAL G 53 33.38 70.42 47.73
N LYS G 54 34.00 70.71 48.88
CA LYS G 54 34.37 69.66 49.81
C LYS G 54 33.14 69.12 50.53
N ALA G 55 32.10 69.94 50.70
CA ALA G 55 30.83 69.43 51.18
C ALA G 55 29.99 68.83 50.06
N ALA G 56 30.07 69.38 48.85
CA ALA G 56 29.24 68.93 47.74
C ALA G 56 29.64 67.54 47.28
N THR G 57 30.94 67.26 47.15
CA THR G 57 31.35 65.93 46.69
C THR G 57 31.11 64.87 47.74
N GLU G 58 31.25 65.20 49.03
CA GLU G 58 30.95 64.20 50.05
C GLU G 58 29.45 64.03 50.27
N ALA G 59 28.63 64.97 49.78
CA ALA G 59 27.20 64.68 49.72
C ALA G 59 26.85 63.87 48.47
N GLY G 60 27.53 64.14 47.35
CA GLY G 60 27.23 63.44 46.12
C GLY G 60 27.72 62.01 46.12
N GLN G 61 28.80 61.72 46.84
CA GLN G 61 29.23 60.34 47.02
C GLN G 61 28.23 59.56 47.85
N ARG G 62 27.72 60.18 48.92
CA ARG G 62 26.75 59.50 49.78
C ARG G 62 25.41 59.34 49.09
N ALA G 63 25.07 60.24 48.17
CA ALA G 63 23.82 60.13 47.44
C ALA G 63 23.93 59.29 46.17
N ALA G 64 25.13 59.07 45.66
CA ALA G 64 25.31 58.30 44.43
C ALA G 64 25.63 56.83 44.67
N GLU G 65 26.06 56.46 45.87
CA GLU G 65 26.25 55.05 46.20
C GLU G 65 24.94 54.33 46.46
N ARG G 66 23.83 55.06 46.59
CA ARG G 66 22.53 54.43 46.75
C ARG G 66 22.00 53.87 45.44
N VAL G 67 22.27 54.54 44.32
CA VAL G 67 21.70 54.15 43.04
C VAL G 67 22.73 53.70 42.02
N GLY G 68 24.00 54.11 42.13
CA GLY G 68 24.98 53.84 41.11
C GLY G 68 26.25 53.24 41.68
N GLU G 69 27.21 53.01 40.80
CA GLU G 69 28.52 52.46 41.13
C GLU G 69 29.53 53.59 41.04
N VAL G 70 29.98 54.08 42.18
CA VAL G 70 30.93 55.19 42.23
C VAL G 70 32.34 54.64 42.06
N VAL G 71 33.03 55.11 41.02
CA VAL G 71 34.41 54.69 40.77
C VAL G 71 35.40 55.53 41.57
N ALA G 72 35.27 56.87 41.51
CA ALA G 72 36.25 57.74 42.12
C ALA G 72 35.61 59.05 42.53
N VAL G 73 36.03 59.57 43.69
CA VAL G 73 35.64 60.87 44.21
C VAL G 73 36.92 61.61 44.58
N HIS G 74 37.10 62.82 44.04
CA HIS G 74 38.30 63.57 44.38
C HIS G 74 38.04 65.06 44.24
N VAL G 75 38.70 65.83 45.10
CA VAL G 75 38.61 67.28 45.13
C VAL G 75 40.01 67.84 44.94
N ILE G 76 40.16 68.71 43.95
CA ILE G 76 41.41 69.45 43.75
C ILE G 76 41.18 70.88 44.22
N PRO G 77 41.75 71.30 45.35
CA PRO G 77 41.43 72.63 45.89
C PRO G 77 42.04 73.77 45.09
N ARG G 78 43.26 73.62 44.58
CA ARG G 78 43.93 74.64 43.80
C ARG G 78 44.44 74.02 42.50
N PRO G 79 43.58 73.90 41.49
CA PRO G 79 44.05 73.35 40.21
C PRO G 79 44.92 74.35 39.47
N HIS G 80 45.95 73.84 38.81
CA HIS G 80 46.90 74.66 38.09
C HIS G 80 46.25 75.23 36.83
N VAL G 81 46.82 76.32 36.31
CA VAL G 81 46.24 76.98 35.15
C VAL G 81 46.40 76.13 33.88
N ASN G 82 47.39 75.25 33.84
CA ASN G 82 47.57 74.39 32.67
C ASN G 82 46.49 73.31 32.59
N VAL G 83 45.99 72.87 33.76
CA VAL G 83 44.90 71.91 33.80
C VAL G 83 43.63 72.53 33.23
N ASP G 84 43.36 73.78 33.58
CA ASP G 84 42.19 74.47 33.02
C ASP G 84 42.37 74.80 31.55
N ALA G 85 43.60 75.12 31.14
CA ALA G 85 43.83 75.46 29.74
C ALA G 85 43.90 74.26 28.82
N ALA G 86 44.12 73.06 29.35
CA ALA G 86 44.22 71.86 28.54
C ALA G 86 43.02 70.94 28.65
N LEU G 87 42.48 70.77 29.85
CA LEU G 87 41.35 69.87 30.05
C LEU G 87 40.04 70.66 30.07
N PRO G 88 38.96 70.12 29.51
CA PRO G 88 37.67 70.86 29.47
C PRO G 88 36.92 70.84 30.80
N LEU G 89 37.29 71.75 31.69
CA LEU G 89 36.74 71.78 33.04
C LEU G 89 35.87 73.01 33.29
N GLY G 90 35.40 73.67 32.23
CA GLY G 90 34.43 74.74 32.35
C GLY G 90 35.01 76.12 32.50
N ARG G 91 36.28 76.24 32.91
CA ARG G 91 36.91 77.54 33.09
C ARG G 91 38.09 77.72 32.13
N THR G 92 37.91 77.30 30.88
CA THR G 92 38.96 77.45 29.89
C THR G 92 39.02 78.91 29.43
N PRO G 93 40.20 79.55 29.52
CA PRO G 93 40.36 80.96 29.09
C PRO G 93 40.21 81.16 27.59
N ALA H 2 12.42 71.98 36.20
CA ALA H 2 10.99 72.14 35.98
C ALA H 2 10.24 70.88 36.37
N ASP H 3 9.95 70.03 35.38
CA ASP H 3 9.24 68.79 35.65
C ASP H 3 10.15 67.77 36.33
N ALA H 4 9.51 66.84 37.02
CA ALA H 4 10.22 65.74 37.66
C ALA H 4 10.86 64.83 36.62
N LEU H 5 11.92 64.15 37.03
CA LEU H 5 12.82 63.42 36.15
C LEU H 5 12.79 61.95 36.52
N GLY H 6 12.64 61.08 35.53
CA GLY H 6 12.68 59.64 35.76
C GLY H 6 13.61 58.97 34.78
N MET H 7 14.33 57.97 35.26
CA MET H 7 15.38 57.34 34.47
C MET H 7 15.37 55.83 34.63
N ILE H 8 15.55 55.14 33.52
CA ILE H 8 15.88 53.73 33.51
C ILE H 8 17.21 53.61 32.79
N GLU H 9 18.13 52.79 33.32
CA GLU H 9 19.37 52.49 32.62
C GLU H 9 19.43 51.00 32.40
N VAL H 10 19.55 50.59 31.14
CA VAL H 10 19.58 49.19 30.76
C VAL H 10 20.86 48.93 29.98
N ARG H 11 21.53 47.82 30.31
CA ARG H 11 22.63 47.32 29.47
C ARG H 11 22.01 46.56 28.31
N GLY H 12 21.59 47.31 27.30
CA GLY H 12 20.91 46.74 26.17
C GLY H 12 19.84 47.65 25.60
N PHE H 13 19.76 47.72 24.28
CA PHE H 13 18.80 48.60 23.63
C PHE H 13 17.38 48.07 23.75
N VAL H 14 17.23 46.74 23.80
CA VAL H 14 15.91 46.11 23.79
C VAL H 14 15.18 46.36 25.10
N GLY H 15 15.87 46.16 26.22
CA GLY H 15 15.28 46.43 27.51
C GLY H 15 14.98 47.90 27.72
N MET H 16 15.80 48.78 27.13
CA MET H 16 15.52 50.21 27.21
C MET H 16 14.28 50.58 26.41
N VAL H 17 14.07 49.94 25.25
CA VAL H 17 12.87 50.23 24.47
C VAL H 17 11.63 49.69 25.17
N GLU H 18 11.74 48.51 25.80
CA GLU H 18 10.61 47.99 26.57
C GLU H 18 10.29 48.87 27.78
N ALA H 19 11.32 49.35 28.48
CA ALA H 19 11.10 50.25 29.60
C ALA H 19 10.52 51.58 29.14
N ALA H 20 11.01 52.10 28.01
CA ALA H 20 10.50 53.37 27.48
C ALA H 20 9.10 53.24 26.92
N ASP H 21 8.68 52.03 26.55
CA ASP H 21 7.29 51.82 26.16
C ASP H 21 6.39 51.73 27.38
N ALA H 22 6.83 51.00 28.41
CA ALA H 22 6.02 50.81 29.60
C ALA H 22 5.89 52.10 30.41
N MET H 23 6.90 52.98 30.35
CA MET H 23 6.80 54.24 31.08
C MET H 23 5.75 55.17 30.45
N VAL H 24 5.76 55.29 29.12
CA VAL H 24 4.78 56.17 28.49
C VAL H 24 3.41 55.52 28.34
N LYS H 25 3.31 54.21 28.55
CA LYS H 25 1.99 53.61 28.69
C LYS H 25 1.49 53.58 30.12
N ALA H 26 2.38 53.82 31.09
CA ALA H 26 1.97 53.72 32.50
C ALA H 26 1.24 54.97 32.97
N ALA H 27 1.77 56.16 32.66
CA ALA H 27 1.18 57.39 33.13
C ALA H 27 1.47 58.50 32.12
N LYS H 28 1.12 59.74 32.47
CA LYS H 28 1.29 60.87 31.56
C LYS H 28 2.69 61.41 31.74
N VAL H 29 3.64 60.81 31.02
CA VAL H 29 5.03 61.26 31.00
C VAL H 29 5.41 61.55 29.56
N GLU H 30 6.66 61.96 29.35
CA GLU H 30 7.15 62.24 28.00
C GLU H 30 8.56 61.68 27.87
N LEU H 31 8.72 60.67 27.02
CA LEU H 31 10.05 60.16 26.68
C LEU H 31 10.76 61.22 25.84
N ILE H 32 11.68 61.94 26.45
CA ILE H 32 12.35 63.02 25.74
C ILE H 32 13.43 62.48 24.82
N GLY H 33 14.01 61.34 25.15
CA GLY H 33 15.08 60.77 24.33
C GLY H 33 15.74 59.61 25.02
N TYR H 34 17.04 59.47 24.78
CA TYR H 34 17.82 58.36 25.31
C TYR H 34 19.29 58.74 25.25
N GLU H 35 20.03 58.35 26.27
CA GLU H 35 21.45 58.68 26.39
C GLU H 35 22.28 57.44 26.19
N LYS H 36 23.26 57.51 25.28
CA LYS H 36 24.16 56.41 24.97
C LYS H 36 25.52 56.72 25.58
N THR H 37 25.78 56.18 26.76
CA THR H 37 27.06 56.40 27.43
C THR H 37 28.15 55.44 26.96
N GLY H 38 27.86 54.57 26.00
CA GLY H 38 28.86 53.67 25.46
C GLY H 38 29.05 52.44 26.32
N GLY H 39 29.58 51.39 25.69
CA GLY H 39 29.77 50.13 26.37
C GLY H 39 28.52 49.30 26.50
N GLY H 40 27.42 49.69 25.86
CA GLY H 40 26.18 48.97 25.93
C GLY H 40 25.19 49.54 26.94
N TYR H 41 25.61 50.51 27.74
CA TYR H 41 24.70 51.15 28.69
C TYR H 41 23.91 52.23 27.97
N VAL H 42 22.59 52.11 27.99
CA VAL H 42 21.72 53.16 27.47
C VAL H 42 20.75 53.56 28.56
N THR H 43 20.25 54.80 28.48
CA THR H 43 19.46 55.37 29.56
C THR H 43 18.24 56.06 28.97
N ALA H 44 17.06 55.53 29.26
CA ALA H 44 15.81 56.16 28.89
C ALA H 44 15.41 57.18 29.94
N VAL H 45 15.02 58.37 29.47
CA VAL H 45 14.73 59.51 30.33
C VAL H 45 13.31 59.98 30.04
N VAL H 46 12.45 59.91 31.05
CA VAL H 46 11.12 60.48 30.96
C VAL H 46 11.05 61.69 31.89
N ARG H 47 10.10 62.58 31.61
CA ARG H 47 10.05 63.83 32.35
C ARG H 47 8.61 64.29 32.47
N GLY H 48 8.12 64.35 33.70
CA GLY H 48 6.76 64.77 33.98
C GLY H 48 6.61 64.99 35.47
N ASP H 49 5.37 65.27 35.90
CA ASP H 49 5.13 65.52 37.31
C ASP H 49 5.34 64.26 38.14
N VAL H 50 5.51 64.45 39.45
CA VAL H 50 6.23 63.50 40.29
C VAL H 50 5.44 62.21 40.51
N ALA H 51 4.11 62.27 40.53
CA ALA H 51 3.33 61.05 40.72
C ALA H 51 3.28 60.22 39.45
N ALA H 52 3.19 60.89 38.29
CA ALA H 52 3.17 60.16 37.03
C ALA H 52 4.52 59.50 36.74
N VAL H 53 5.63 60.19 37.02
CA VAL H 53 6.92 59.56 36.81
C VAL H 53 7.19 58.52 37.89
N LYS H 54 6.62 58.70 39.08
CA LYS H 54 6.81 57.74 40.15
C LYS H 54 6.06 56.44 39.86
N ALA H 55 4.94 56.52 39.14
CA ALA H 55 4.28 55.31 38.67
C ALA H 55 4.96 54.75 37.43
N ALA H 56 5.42 55.63 36.53
CA ALA H 56 5.95 55.20 35.24
C ALA H 56 7.28 54.48 35.40
N THR H 57 8.16 54.97 36.29
CA THR H 57 9.45 54.31 36.46
C THR H 57 9.32 52.97 37.15
N GLU H 58 8.40 52.85 38.11
CA GLU H 58 8.22 51.56 38.76
C GLU H 58 7.44 50.58 37.90
N ALA H 59 6.73 51.06 36.87
CA ALA H 59 6.21 50.13 35.87
C ALA H 59 7.27 49.76 34.84
N GLY H 60 8.12 50.70 34.46
CA GLY H 60 9.13 50.43 33.47
C GLY H 60 10.25 49.55 33.99
N GLN H 61 10.58 49.67 35.27
CA GLN H 61 11.53 48.74 35.88
C GLN H 61 10.96 47.33 35.95
N ARG H 62 9.67 47.21 36.30
CA ARG H 62 9.04 45.90 36.39
C ARG H 62 8.88 45.26 35.01
N ALA H 63 8.73 46.07 33.97
CA ALA H 63 8.66 45.53 32.62
C ALA H 63 10.03 45.34 31.97
N ALA H 64 11.08 45.99 32.48
CA ALA H 64 12.39 45.89 31.87
C ALA H 64 13.25 44.79 32.46
N GLU H 65 12.95 44.33 33.69
CA GLU H 65 13.72 43.23 34.27
C GLU H 65 13.37 41.89 33.65
N ARG H 66 12.23 41.79 32.97
CA ARG H 66 11.84 40.55 32.33
C ARG H 66 12.58 40.30 31.03
N VAL H 67 13.22 41.32 30.45
CA VAL H 67 13.82 41.19 29.13
C VAL H 67 15.32 41.43 29.18
N GLY H 68 15.79 42.18 30.18
CA GLY H 68 17.20 42.53 30.23
C GLY H 68 17.74 42.77 31.62
N GLU H 69 18.85 43.50 31.70
CA GLU H 69 19.47 43.84 32.97
C GLU H 69 19.31 45.33 33.23
N VAL H 70 18.79 45.67 34.42
CA VAL H 70 18.55 47.06 34.80
C VAL H 70 19.64 47.47 35.77
N VAL H 71 20.35 48.54 35.44
CA VAL H 71 21.47 49.01 36.27
C VAL H 71 20.97 49.92 37.39
N ALA H 72 20.14 50.91 37.06
CA ALA H 72 19.73 51.90 38.03
C ALA H 72 18.39 52.50 37.64
N VAL H 73 17.52 52.69 38.63
CA VAL H 73 16.24 53.37 38.48
C VAL H 73 16.16 54.45 39.55
N HIS H 74 15.91 55.69 39.15
CA HIS H 74 15.85 56.76 40.13
C HIS H 74 14.92 57.86 39.64
N VAL H 75 14.21 58.48 40.58
CA VAL H 75 13.27 59.56 40.30
C VAL H 75 13.71 60.79 41.08
N ILE H 76 13.86 61.91 40.39
CA ILE H 76 14.20 63.19 41.01
C ILE H 76 12.95 64.07 40.93
N PRO H 77 12.33 64.41 42.07
CA PRO H 77 11.08 65.18 42.03
C PRO H 77 11.23 66.62 41.57
N ARG H 78 12.23 67.33 42.09
CA ARG H 78 12.52 68.70 41.67
C ARG H 78 14.00 68.79 41.37
N PRO H 79 14.39 68.57 40.12
CA PRO H 79 15.80 68.72 39.75
C PRO H 79 16.21 70.19 39.75
N HIS H 80 17.46 70.43 40.12
CA HIS H 80 17.98 71.78 40.20
C HIS H 80 18.16 72.35 38.80
N VAL H 81 18.12 73.67 38.69
CA VAL H 81 18.15 74.33 37.40
C VAL H 81 19.52 74.20 36.72
N ASN H 82 20.58 73.97 37.49
CA ASN H 82 21.89 73.76 36.88
C ASN H 82 21.98 72.37 36.25
N VAL H 83 21.24 71.41 36.79
CA VAL H 83 21.19 70.07 36.20
C VAL H 83 20.48 70.09 34.86
N ASP H 84 19.40 70.87 34.76
CA ASP H 84 18.75 71.05 33.48
C ASP H 84 19.59 71.89 32.51
N ALA H 85 20.36 72.83 33.04
CA ALA H 85 21.18 73.67 32.17
C ALA H 85 22.43 72.98 31.68
N ALA H 86 22.92 71.96 32.39
CA ALA H 86 24.16 71.29 32.04
C ALA H 86 23.96 69.93 31.38
N LEU H 87 23.02 69.14 31.86
CA LEU H 87 22.83 67.78 31.38
C LEU H 87 21.71 67.72 30.35
N PRO H 88 21.85 66.90 29.29
CA PRO H 88 20.81 66.85 28.23
C PRO H 88 19.57 66.06 28.64
N LEU H 89 18.71 66.70 29.42
CA LEU H 89 17.60 66.01 30.05
C LEU H 89 16.23 66.49 29.58
N GLY H 90 16.17 67.28 28.51
CA GLY H 90 14.92 67.61 27.87
C GLY H 90 14.48 69.04 28.00
N ARG H 91 14.95 69.77 29.00
CA ARG H 91 14.54 71.15 29.23
C ARG H 91 15.74 72.10 29.18
N THR H 92 16.62 71.90 28.22
CA THR H 92 17.74 72.81 28.03
C THR H 92 17.24 74.12 27.43
N PRO H 93 17.45 75.27 28.08
CA PRO H 93 16.96 76.57 27.60
C PRO H 93 17.63 77.03 26.31
N ALA I 2 3.02 52.39 15.73
CA ALA I 2 2.21 52.00 14.58
C ALA I 2 2.28 50.50 14.36
N ASP I 3 3.22 50.08 13.51
CA ASP I 3 3.43 48.67 13.26
C ASP I 3 4.10 48.02 14.47
N ALA I 4 3.91 46.71 14.58
CA ALA I 4 4.51 45.95 15.67
C ALA I 4 6.01 45.85 15.51
N LEU I 5 6.69 45.81 16.65
CA LEU I 5 8.14 45.93 16.76
C LEU I 5 8.76 44.57 17.07
N GLY I 6 9.96 44.33 16.56
CA GLY I 6 10.66 43.11 16.87
C GLY I 6 12.15 43.34 16.96
N MET I 7 12.82 42.76 17.96
CA MET I 7 14.20 43.08 18.23
C MET I 7 15.01 41.83 18.57
N ILE I 8 16.22 41.77 18.01
CA ILE I 8 17.22 40.78 18.41
C ILE I 8 18.49 41.53 18.76
N GLU I 9 18.92 41.44 20.02
CA GLU I 9 20.18 42.04 20.41
C GLU I 9 21.24 40.95 20.55
N VAL I 10 22.35 41.12 19.84
CA VAL I 10 23.45 40.16 19.84
C VAL I 10 24.72 40.90 20.24
N ARG I 11 25.51 40.31 21.13
CA ARG I 11 26.86 40.79 21.38
C ARG I 11 27.75 40.28 20.25
N GLY I 12 27.74 41.01 19.15
CA GLY I 12 28.50 40.64 17.98
C GLY I 12 27.74 40.92 16.70
N PHE I 13 28.48 41.24 15.64
CA PHE I 13 27.87 41.62 14.37
C PHE I 13 27.42 40.40 13.58
N VAL I 14 28.13 39.29 13.69
CA VAL I 14 27.84 38.10 12.88
C VAL I 14 26.55 37.45 13.31
N GLY I 15 26.33 37.33 14.63
CA GLY I 15 25.08 36.80 15.12
C GLY I 15 23.90 37.68 14.80
N MET I 16 24.11 38.99 14.78
CA MET I 16 23.05 39.92 14.40
C MET I 16 22.70 39.80 12.92
N VAL I 17 23.71 39.59 12.07
CA VAL I 17 23.44 39.42 10.64
C VAL I 17 22.72 38.10 10.39
N GLU I 18 23.10 37.05 11.12
CA GLU I 18 22.38 35.77 11.01
C GLU I 18 20.94 35.88 11.49
N ALA I 19 20.72 36.60 12.60
CA ALA I 19 19.37 36.80 13.10
C ALA I 19 18.54 37.66 12.15
N ALA I 20 19.15 38.70 11.59
CA ALA I 20 18.44 39.56 10.64
C ALA I 20 18.18 38.86 9.32
N ASP I 21 18.97 37.85 8.98
CA ASP I 21 18.68 37.04 7.80
C ASP I 21 17.53 36.08 8.08
N ALA I 22 17.54 35.44 9.25
CA ALA I 22 16.50 34.48 9.58
C ALA I 22 15.16 35.16 9.84
N MET I 23 15.16 36.42 10.27
CA MET I 23 13.89 37.11 10.47
C MET I 23 13.22 37.44 9.15
N VAL I 24 13.95 38.01 8.20
CA VAL I 24 13.34 38.35 6.92
C VAL I 24 13.18 37.14 6.01
N LYS I 25 13.80 36.01 6.32
CA LYS I 25 13.43 34.77 5.65
C LYS I 25 12.29 34.04 6.35
N ALA I 26 12.04 34.33 7.62
CA ALA I 26 11.04 33.58 8.36
C ALA I 26 9.64 34.09 8.09
N ALA I 27 9.46 35.41 7.98
CA ALA I 27 8.13 35.98 7.82
C ALA I 27 8.24 37.27 7.04
N LYS I 28 7.08 37.87 6.76
CA LYS I 28 7.03 39.11 5.99
C LYS I 28 7.16 40.28 6.95
N VAL I 29 8.41 40.54 7.35
CA VAL I 29 8.75 41.69 8.18
C VAL I 29 9.63 42.61 7.36
N GLU I 30 9.98 43.77 7.93
CA GLU I 30 10.82 44.75 7.26
C GLU I 30 12.01 45.06 8.16
N LEU I 31 13.21 44.70 7.71
CA LEU I 31 14.44 45.01 8.44
C LEU I 31 14.79 46.46 8.17
N ILE I 32 14.51 47.33 9.15
CA ILE I 32 14.69 48.76 8.94
C ILE I 32 16.12 49.23 9.23
N GLY I 33 16.89 48.48 10.00
CA GLY I 33 18.25 48.89 10.31
C GLY I 33 18.80 48.11 11.49
N TYR I 34 19.73 48.74 12.19
CA TYR I 34 20.36 48.12 13.35
C TYR I 34 20.96 49.22 14.21
N GLU I 35 20.89 49.03 15.52
CA GLU I 35 21.34 50.02 16.48
C GLU I 35 22.63 49.55 17.16
N LYS I 36 23.61 50.43 17.20
CA LYS I 36 24.94 50.13 17.74
C LYS I 36 25.09 50.89 19.07
N THR I 37 24.86 50.20 20.18
CA THR I 37 25.01 50.82 21.49
C THR I 37 26.43 50.71 22.04
N GLY I 38 27.38 50.25 21.23
CA GLY I 38 28.76 50.16 21.64
C GLY I 38 29.06 48.95 22.50
N GLY I 39 30.34 48.65 22.64
CA GLY I 39 30.76 47.55 23.47
C GLY I 39 30.46 46.18 22.92
N GLY I 40 30.26 46.07 21.61
CA GLY I 40 29.96 44.80 20.99
C GLY I 40 28.48 44.51 20.84
N TYR I 41 27.63 45.25 21.54
CA TYR I 41 26.18 45.04 21.48
C TYR I 41 25.63 45.71 20.23
N VAL I 42 24.93 44.95 19.40
CA VAL I 42 24.16 45.51 18.29
C VAL I 42 22.76 44.91 18.34
N THR I 43 21.82 45.63 17.73
CA THR I 43 20.40 45.26 17.83
C THR I 43 19.75 45.37 16.47
N ALA I 44 19.34 44.23 15.91
CA ALA I 44 18.57 44.20 14.68
C ALA I 44 17.10 44.43 14.99
N VAL I 45 16.47 45.32 14.22
CA VAL I 45 15.11 45.78 14.47
C VAL I 45 14.28 45.50 13.23
N VAL I 46 13.29 44.61 13.36
CA VAL I 46 12.32 44.37 12.31
C VAL I 46 11.00 44.98 12.73
N ARG I 47 10.09 45.13 11.78
CA ARG I 47 8.87 45.84 12.05
C ARG I 47 7.78 45.43 11.07
N GLY I 48 6.66 44.96 11.60
CA GLY I 48 5.55 44.50 10.79
C GLY I 48 4.38 44.16 11.69
N ASP I 49 3.38 43.49 11.11
CA ASP I 49 2.23 43.07 11.91
C ASP I 49 2.64 41.99 12.91
N VAL I 50 1.82 41.81 13.94
CA VAL I 50 2.25 41.17 15.19
C VAL I 50 2.51 39.67 15.00
N ALA I 51 1.79 39.02 14.08
CA ALA I 51 2.02 37.61 13.84
C ALA I 51 3.34 37.36 13.12
N ALA I 52 3.66 38.21 12.14
CA ALA I 52 4.90 38.04 11.39
C ALA I 52 6.11 38.37 12.23
N VAL I 53 6.04 39.40 13.08
CA VAL I 53 7.19 39.68 13.92
C VAL I 53 7.30 38.67 15.05
N LYS I 54 6.16 38.12 15.50
CA LYS I 54 6.20 37.13 16.56
C LYS I 54 6.75 35.80 16.06
N ALA I 55 6.59 35.50 14.77
CA ALA I 55 7.25 34.34 14.18
C ALA I 55 8.70 34.63 13.83
N ALA I 56 8.98 35.86 13.37
CA ALA I 56 10.32 36.20 12.91
C ALA I 56 11.31 36.27 14.06
N THR I 57 10.91 36.82 15.21
CA THR I 57 11.82 36.88 16.34
C THR I 57 12.07 35.51 16.94
N GLU I 58 11.04 34.66 16.99
CA GLU I 58 11.26 33.32 17.54
C GLU I 58 11.97 32.40 16.56
N ALA I 59 12.09 32.79 15.29
CA ALA I 59 13.01 32.07 14.41
C ALA I 59 14.42 32.66 14.44
N GLY I 60 14.54 33.98 14.55
CA GLY I 60 15.85 34.61 14.56
C GLY I 60 16.61 34.39 15.84
N GLN I 61 15.89 34.26 16.96
CA GLN I 61 16.54 33.89 18.22
C GLN I 61 17.09 32.48 18.16
N ARG I 62 16.33 31.56 17.55
CA ARG I 62 16.78 30.18 17.42
C ARG I 62 17.96 30.07 16.46
N ALA I 63 17.98 30.89 15.40
CA ALA I 63 19.10 30.87 14.48
C ALA I 63 20.30 31.68 14.95
N ALA I 64 20.11 32.57 15.93
CA ALA I 64 21.22 33.38 16.42
C ALA I 64 21.93 32.78 17.62
N GLU I 65 21.30 31.86 18.35
CA GLU I 65 21.98 31.17 19.44
C GLU I 65 23.00 30.16 18.95
N ARG I 66 22.93 29.76 17.68
CA ARG I 66 23.85 28.77 17.15
C ARG I 66 25.21 29.34 16.81
N VAL I 67 25.31 30.65 16.55
CA VAL I 67 26.57 31.25 16.16
C VAL I 67 27.05 32.34 17.11
N GLY I 68 26.17 32.90 17.95
CA GLY I 68 26.60 34.00 18.79
C GLY I 68 26.01 33.98 20.19
N GLU I 69 25.91 35.16 20.79
CA GLU I 69 25.38 35.31 22.16
C GLU I 69 24.18 36.24 22.08
N VAL I 70 23.01 35.71 22.41
CA VAL I 70 21.76 36.48 22.35
C VAL I 70 21.54 37.15 23.71
N VAL I 71 21.44 38.47 23.70
CA VAL I 71 21.27 39.23 24.92
C VAL I 71 19.79 39.38 25.28
N ALA I 72 18.97 39.86 24.35
CA ALA I 72 17.57 40.13 24.63
C ALA I 72 16.74 40.05 23.37
N VAL I 73 15.56 39.44 23.48
CA VAL I 73 14.59 39.33 22.40
C VAL I 73 13.24 39.79 22.94
N HIS I 74 12.58 40.71 22.24
CA HIS I 74 11.29 41.18 22.69
C HIS I 74 10.46 41.70 21.53
N VAL I 75 9.14 41.54 21.64
CA VAL I 75 8.18 41.96 20.63
C VAL I 75 7.19 42.92 21.26
N ILE I 76 7.03 44.09 20.66
CA ILE I 76 6.07 45.09 21.12
C ILE I 76 4.98 45.22 20.06
N PRO I 77 3.73 44.85 20.37
CA PRO I 77 2.69 44.89 19.32
C PRO I 77 2.23 46.29 18.98
N ARG I 78 2.10 47.17 19.96
CA ARG I 78 1.92 48.60 19.71
C ARG I 78 2.97 49.37 20.49
N PRO I 79 4.01 49.85 19.83
CA PRO I 79 4.83 50.89 20.45
C PRO I 79 4.07 52.21 20.44
N HIS I 80 4.14 52.93 21.55
CA HIS I 80 3.48 54.22 21.70
C HIS I 80 4.11 55.24 20.77
N VAL I 81 3.34 56.30 20.44
CA VAL I 81 3.78 57.26 19.45
C VAL I 81 4.97 58.09 19.96
N ASN I 82 5.11 58.21 21.29
CA ASN I 82 6.30 58.85 21.85
C ASN I 82 7.52 57.97 21.66
N VAL I 83 7.35 56.65 21.70
CA VAL I 83 8.46 55.73 21.47
C VAL I 83 8.89 55.75 20.02
N ASP I 84 7.93 55.76 19.10
CA ASP I 84 8.26 55.81 17.68
C ASP I 84 8.79 57.17 17.25
N ALA I 85 8.45 58.24 17.97
CA ALA I 85 8.96 59.55 17.64
C ALA I 85 10.29 59.85 18.29
N ALA I 86 10.57 59.28 19.47
CA ALA I 86 11.78 59.59 20.20
C ALA I 86 12.93 58.64 19.89
N LEU I 87 12.63 57.34 19.79
CA LEU I 87 13.63 56.32 19.56
C LEU I 87 13.73 56.00 18.07
N PRO I 88 14.93 55.75 17.54
CA PRO I 88 15.10 55.44 16.10
C PRO I 88 14.69 54.01 15.74
N LEU I 89 13.38 53.82 15.53
CA LEU I 89 12.84 52.49 15.34
C LEU I 89 12.21 52.28 13.97
N GLY I 90 12.25 53.27 13.09
CA GLY I 90 11.86 53.10 11.71
C GLY I 90 10.67 53.92 11.26
N ARG I 91 9.81 54.34 12.19
CA ARG I 91 8.64 55.11 11.78
C ARG I 91 8.63 56.50 12.40
N THR I 92 9.76 57.17 12.37
CA THR I 92 9.82 58.55 12.84
C THR I 92 9.20 59.46 11.78
N PRO I 93 8.11 60.19 12.10
CA PRO I 93 7.39 61.02 11.13
C PRO I 93 8.19 62.21 10.62
N ALA J 2 -15.55 42.86 8.52
CA ALA J 2 -14.24 42.95 7.88
C ALA J 2 -13.18 42.22 8.68
N ASP J 3 -12.59 42.92 9.65
CA ASP J 3 -11.53 42.33 10.45
C ASP J 3 -12.10 41.38 11.50
N ALA J 4 -11.20 40.70 12.20
CA ALA J 4 -11.58 39.76 13.25
C ALA J 4 -12.16 40.50 14.45
N LEU J 5 -12.85 39.73 15.29
CA LEU J 5 -13.68 40.24 16.37
C LEU J 5 -13.13 39.75 17.71
N GLY J 6 -13.23 40.60 18.73
CA GLY J 6 -12.83 40.21 20.07
C GLY J 6 -13.72 40.87 21.11
N MET J 7 -14.04 40.17 22.19
CA MET J 7 -15.01 40.66 23.15
C MET J 7 -14.59 40.35 24.58
N ILE J 8 -14.87 41.29 25.47
CA ILE J 8 -14.78 41.06 26.91
C ILE J 8 -16.11 41.47 27.52
N GLU J 9 -16.82 40.53 28.13
CA GLU J 9 -18.04 40.86 28.84
C GLU J 9 -17.75 40.90 30.34
N VAL J 10 -18.09 42.02 30.96
CA VAL J 10 -17.87 42.23 32.39
C VAL J 10 -19.20 42.64 33.02
N ARG J 11 -19.53 42.01 34.14
CA ARG J 11 -20.61 42.50 34.99
C ARG J 11 -20.07 43.69 35.75
N GLY J 12 -20.19 44.87 35.16
CA GLY J 12 -19.63 46.07 35.74
C GLY J 12 -18.95 46.96 34.74
N PHE J 13 -19.15 48.27 34.88
CA PHE J 13 -18.59 49.21 33.93
C PHE J 13 -17.08 49.37 34.11
N VAL J 14 -16.60 49.26 35.34
CA VAL J 14 -15.21 49.56 35.66
C VAL J 14 -14.27 48.49 35.11
N GLY J 15 -14.64 47.22 35.30
CA GLY J 15 -13.86 46.14 34.72
C GLY J 15 -13.87 46.14 33.20
N MET J 16 -14.97 46.61 32.60
CA MET J 16 -15.02 46.73 31.16
C MET J 16 -14.12 47.85 30.66
N VAL J 17 -14.03 48.95 31.41
CA VAL J 17 -13.15 50.04 30.98
C VAL J 17 -11.68 49.63 31.14
N GLU J 18 -11.36 48.90 32.20
CA GLU J 18 -9.99 48.38 32.34
C GLU J 18 -9.66 47.37 31.25
N ALA J 19 -10.62 46.51 30.88
CA ALA J 19 -10.40 45.57 29.80
C ALA J 19 -10.25 46.28 28.46
N ALA J 20 -11.08 47.30 28.22
CA ALA J 20 -11.02 48.04 26.97
C ALA J 20 -9.78 48.91 26.87
N ASP J 21 -9.18 49.28 28.01
CA ASP J 21 -7.89 49.96 27.95
C ASP J 21 -6.76 48.98 27.70
N ALA J 22 -6.81 47.83 28.37
CA ALA J 22 -5.73 46.85 28.20
C ALA J 22 -5.74 46.22 26.82
N MET J 23 -6.90 46.12 26.17
CA MET J 23 -6.95 45.58 24.81
C MET J 23 -6.33 46.53 23.80
N VAL J 24 -6.65 47.83 23.90
CA VAL J 24 -6.07 48.78 22.95
C VAL J 24 -4.64 49.15 23.29
N LYS J 25 -4.17 48.86 24.51
CA LYS J 25 -2.74 48.99 24.77
C LYS J 25 -1.97 47.71 24.49
N ALA J 26 -2.65 46.57 24.35
CA ALA J 26 -1.96 45.31 24.14
C ALA J 26 -1.47 45.18 22.70
N ALA J 27 -2.38 45.23 21.73
CA ALA J 27 -2.02 45.06 20.32
C ALA J 27 -2.91 45.98 19.48
N LYS J 28 -2.66 46.00 18.18
CA LYS J 28 -3.28 46.97 17.27
C LYS J 28 -4.71 46.55 17.00
N VAL J 29 -5.62 47.02 17.84
CA VAL J 29 -7.04 46.74 17.70
C VAL J 29 -7.77 48.08 17.61
N GLU J 30 -9.09 48.03 17.52
CA GLU J 30 -9.92 49.24 17.49
C GLU J 30 -11.14 49.01 18.36
N LEU J 31 -11.23 49.73 19.47
CA LEU J 31 -12.41 49.69 20.33
C LEU J 31 -13.55 50.41 19.63
N ILE J 32 -14.48 49.64 19.06
CA ILE J 32 -15.58 50.27 18.33
C ILE J 32 -16.61 50.83 19.31
N GLY J 33 -16.71 50.27 20.50
CA GLY J 33 -17.66 50.73 21.47
C GLY J 33 -17.95 49.70 22.55
N TYR J 34 -19.23 49.58 22.92
CA TYR J 34 -19.63 48.72 24.02
C TYR J 34 -21.12 48.46 23.89
N GLU J 35 -21.56 47.32 24.43
CA GLU J 35 -22.95 46.92 24.36
C GLU J 35 -23.47 46.72 25.78
N LYS J 36 -24.59 47.39 26.08
CA LYS J 36 -25.25 47.32 27.39
C LYS J 36 -26.45 46.41 27.27
N THR J 37 -26.31 45.16 27.68
CA THR J 37 -27.40 44.19 27.60
C THR J 37 -28.29 44.19 28.82
N GLY J 38 -28.17 45.18 29.70
CA GLY J 38 -29.02 45.28 30.87
C GLY J 38 -28.62 44.33 31.97
N GLY J 39 -29.10 44.64 33.18
CA GLY J 39 -28.78 43.83 34.33
C GLY J 39 -27.38 44.00 34.86
N GLY J 40 -26.64 44.98 34.36
CA GLY J 40 -25.28 45.22 34.78
C GLY J 40 -24.23 44.59 33.91
N TYR J 41 -24.62 43.88 32.86
CA TYR J 41 -23.66 43.23 31.96
C TYR J 41 -23.32 44.20 30.84
N VAL J 42 -22.03 44.45 30.64
CA VAL J 42 -21.58 45.24 29.50
C VAL J 42 -20.53 44.45 28.76
N THR J 43 -20.38 44.76 27.47
CA THR J 43 -19.51 44.00 26.58
C THR J 43 -18.67 44.95 25.74
N ALA J 44 -17.35 44.92 25.95
CA ALA J 44 -16.42 45.69 25.14
C ALA J 44 -16.05 44.88 23.90
N VAL J 45 -16.06 45.54 22.76
CA VAL J 45 -15.88 44.91 21.46
C VAL J 45 -14.71 45.59 20.75
N VAL J 46 -13.68 44.82 20.44
CA VAL J 46 -12.54 45.30 19.66
C VAL J 46 -12.52 44.56 18.34
N ARG J 47 -11.92 45.19 17.32
CA ARG J 47 -11.80 44.57 16.01
C ARG J 47 -10.40 44.78 15.46
N GLY J 48 -9.94 43.79 14.71
CA GLY J 48 -8.61 43.77 14.15
C GLY J 48 -8.28 42.37 13.71
N ASP J 49 -7.13 42.22 13.06
CA ASP J 49 -6.70 40.90 12.61
C ASP J 49 -6.42 39.98 13.77
N VAL J 50 -6.57 38.68 13.53
CA VAL J 50 -6.84 37.72 14.60
C VAL J 50 -5.66 37.53 15.55
N ALA J 51 -4.44 37.82 15.12
CA ALA J 51 -3.31 37.78 16.04
C ALA J 51 -3.37 38.94 17.02
N ALA J 52 -3.75 40.13 16.54
CA ALA J 52 -3.80 41.29 17.42
C ALA J 52 -4.95 41.20 18.40
N VAL J 53 -6.14 40.80 17.95
CA VAL J 53 -7.24 40.66 18.89
C VAL J 53 -7.05 39.42 19.77
N LYS J 54 -6.30 38.42 19.29
CA LYS J 54 -6.03 37.24 20.09
C LYS J 54 -5.06 37.54 21.22
N ALA J 55 -4.11 38.44 20.99
CA ALA J 55 -3.27 38.92 22.09
C ALA J 55 -4.00 39.93 22.97
N ALA J 56 -4.87 40.75 22.37
CA ALA J 56 -5.53 41.80 23.12
C ALA J 56 -6.56 41.25 24.09
N THR J 57 -7.32 40.23 23.69
CA THR J 57 -8.31 39.67 24.61
C THR J 57 -7.67 38.85 25.72
N GLU J 58 -6.55 38.18 25.45
CA GLU J 58 -5.89 37.47 26.53
C GLU J 58 -5.09 38.41 27.43
N ALA J 59 -4.82 39.63 27.00
CA ALA J 59 -4.34 40.63 27.95
C ALA J 59 -5.49 41.28 28.71
N GLY J 60 -6.64 41.46 28.06
CA GLY J 60 -7.77 42.09 28.71
C GLY J 60 -8.45 41.20 29.72
N GLN J 61 -8.44 39.89 29.50
CA GLN J 61 -8.94 38.96 30.51
C GLN J 61 -8.02 38.92 31.72
N ARG J 62 -6.70 39.02 31.48
CA ARG J 62 -5.75 39.04 32.58
C ARG J 62 -5.82 40.33 33.37
N ALA J 63 -6.12 41.45 32.70
CA ALA J 63 -6.21 42.73 33.38
C ALA J 63 -7.60 43.02 33.94
N ALA J 64 -8.63 42.30 33.51
CA ALA J 64 -9.99 42.57 33.96
C ALA J 64 -10.43 41.67 35.10
N GLU J 65 -9.80 40.51 35.28
CA GLU J 65 -10.13 39.67 36.43
C GLU J 65 -9.54 40.22 37.73
N ARG J 66 -8.54 41.09 37.64
CA ARG J 66 -7.98 41.72 38.83
C ARG J 66 -8.87 42.81 39.40
N VAL J 67 -9.84 43.29 38.64
CA VAL J 67 -10.66 44.42 39.07
C VAL J 67 -12.14 44.09 39.19
N GLY J 68 -12.63 43.08 38.50
CA GLY J 68 -14.06 42.78 38.53
C GLY J 68 -14.36 41.34 38.21
N GLU J 69 -15.56 41.12 37.67
CA GLU J 69 -16.06 39.79 37.31
C GLU J 69 -16.16 39.68 35.80
N VAL J 70 -15.47 38.72 35.22
CA VAL J 70 -15.46 38.50 33.78
C VAL J 70 -16.41 37.37 33.46
N VAL J 71 -17.36 37.62 32.57
CA VAL J 71 -18.36 36.63 32.19
C VAL J 71 -17.86 35.75 31.05
N ALA J 72 -17.39 36.35 29.97
CA ALA J 72 -17.03 35.59 28.77
C ALA J 72 -16.00 36.34 27.95
N VAL J 73 -15.03 35.59 27.43
CA VAL J 73 -13.98 36.10 26.55
C VAL J 73 -13.95 35.22 25.31
N HIS J 74 -14.06 35.83 24.13
CA HIS J 74 -14.04 35.02 22.91
C HIS J 74 -13.54 35.86 21.75
N VAL J 75 -12.88 35.17 20.80
CA VAL J 75 -12.35 35.77 19.58
C VAL J 75 -12.91 35.02 18.39
N ILE J 76 -13.55 35.73 17.47
CA ILE J 76 -13.98 35.18 16.19
C ILE J 76 -12.98 35.62 15.13
N PRO J 77 -12.32 34.70 14.42
CA PRO J 77 -11.32 35.11 13.42
C PRO J 77 -11.93 35.76 12.20
N ARG J 78 -13.17 35.42 11.86
CA ARG J 78 -13.85 35.99 10.70
C ARG J 78 -15.33 35.90 10.97
N PRO J 79 -15.97 37.00 11.40
CA PRO J 79 -17.43 36.99 11.51
C PRO J 79 -18.06 36.95 10.14
N HIS J 80 -19.13 36.17 10.03
CA HIS J 80 -19.86 36.01 8.78
C HIS J 80 -20.55 37.32 8.41
N VAL J 81 -20.84 37.49 7.13
CA VAL J 81 -21.38 38.74 6.62
C VAL J 81 -22.81 39.00 7.07
N ASN J 82 -23.50 38.01 7.64
CA ASN J 82 -24.80 38.20 8.23
C ASN J 82 -24.72 38.49 9.73
N VAL J 83 -23.52 38.51 10.29
CA VAL J 83 -23.32 38.88 11.68
C VAL J 83 -22.91 40.34 11.81
N ASP J 84 -22.01 40.82 10.95
CA ASP J 84 -21.65 42.23 10.93
C ASP J 84 -22.78 43.11 10.43
N ALA J 85 -23.71 42.56 9.65
CA ALA J 85 -24.81 43.33 9.09
C ALA J 85 -26.09 43.20 9.89
N ALA J 86 -26.07 42.51 11.03
CA ALA J 86 -27.24 42.37 11.87
C ALA J 86 -26.99 42.76 13.31
N LEU J 87 -25.81 42.47 13.84
CA LEU J 87 -25.37 42.79 15.19
C LEU J 87 -24.52 44.06 15.17
N PRO J 88 -24.69 44.96 16.15
CA PRO J 88 -23.90 46.21 16.17
C PRO J 88 -22.46 45.99 16.60
N LEU J 89 -21.64 45.52 15.67
CA LEU J 89 -20.28 45.13 15.98
C LEU J 89 -19.22 46.04 15.38
N GLY J 90 -19.60 47.00 14.54
CA GLY J 90 -18.68 48.01 14.05
C GLY J 90 -18.46 48.04 12.56
N ARG J 91 -18.81 46.99 11.82
CA ARG J 91 -18.61 46.99 10.38
C ARG J 91 -19.94 46.90 9.63
N THR J 92 -20.95 47.58 10.15
CA THR J 92 -22.23 47.64 9.46
C THR J 92 -22.14 48.59 8.28
N PRO J 93 -22.40 48.12 7.04
CA PRO J 93 -22.30 48.98 5.85
C PRO J 93 -23.38 50.05 5.79
N ALA K 2 -6.47 62.67 27.88
CA ALA K 2 -5.11 62.78 28.40
C ALA K 2 -5.12 62.77 29.92
N ASP K 3 -6.26 63.14 30.50
CA ASP K 3 -6.37 63.19 31.95
C ASP K 3 -6.51 61.80 32.52
N ALA K 4 -6.00 61.62 33.74
CA ALA K 4 -6.12 60.34 34.43
C ALA K 4 -7.55 60.07 34.84
N LEU K 5 -7.88 58.79 34.95
CA LEU K 5 -9.24 58.32 35.17
C LEU K 5 -9.38 57.70 36.55
N GLY K 6 -10.57 57.83 37.13
CA GLY K 6 -10.85 57.20 38.41
C GLY K 6 -12.30 56.80 38.50
N MET K 7 -12.60 55.62 39.06
CA MET K 7 -13.95 55.09 39.03
C MET K 7 -14.31 54.44 40.36
N ILE K 8 -15.56 54.63 40.77
CA ILE K 8 -16.16 53.89 41.87
C ILE K 8 -17.47 53.31 41.36
N GLU K 9 -17.59 51.99 41.38
CA GLU K 9 -18.86 51.36 41.02
C GLU K 9 -19.56 50.86 42.28
N VAL K 10 -20.79 51.28 42.47
CA VAL K 10 -21.59 50.90 43.63
C VAL K 10 -22.90 50.30 43.13
N ARG K 11 -23.29 49.16 43.72
CA ARG K 11 -24.64 48.63 43.53
C ARG K 11 -25.58 49.45 44.41
N GLY K 12 -25.98 50.60 43.88
CA GLY K 12 -26.81 51.51 44.65
C GLY K 12 -26.46 52.97 44.42
N PHE K 13 -27.47 53.83 44.38
CA PHE K 13 -27.25 55.23 44.09
C PHE K 13 -26.69 55.99 45.28
N VAL K 14 -27.06 55.58 46.50
CA VAL K 14 -26.67 56.32 47.70
C VAL K 14 -25.18 56.16 47.97
N GLY K 15 -24.67 54.93 47.83
CA GLY K 15 -23.25 54.70 47.97
C GLY K 15 -22.43 55.40 46.90
N MET K 16 -22.98 55.51 45.69
CA MET K 16 -22.28 56.24 44.63
C MET K 16 -22.25 57.74 44.91
N VAL K 17 -23.31 58.28 45.51
CA VAL K 17 -23.32 59.71 45.81
C VAL K 17 -22.36 60.02 46.96
N GLU K 18 -22.31 59.14 47.97
CA GLU K 18 -21.33 59.32 49.04
C GLU K 18 -19.90 59.16 48.53
N ALA K 19 -19.69 58.22 47.60
CA ALA K 19 -18.38 58.06 46.97
C ALA K 19 -17.98 59.28 46.17
N ALA K 20 -18.91 59.84 45.41
CA ALA K 20 -18.62 61.01 44.59
C ALA K 20 -18.33 62.24 45.45
N ASP K 21 -19.06 62.37 46.57
CA ASP K 21 -18.80 63.46 47.50
C ASP K 21 -17.42 63.33 48.14
N ALA K 22 -17.05 62.11 48.56
CA ALA K 22 -15.73 61.91 49.12
C ALA K 22 -14.62 62.12 48.10
N MET K 23 -14.86 61.77 46.84
CA MET K 23 -13.85 61.98 45.81
C MET K 23 -13.66 63.46 45.50
N VAL K 24 -14.76 64.21 45.35
CA VAL K 24 -14.59 65.62 45.00
C VAL K 24 -14.26 66.49 46.22
N LYS K 25 -14.35 65.97 47.43
CA LYS K 25 -13.82 66.70 48.57
C LYS K 25 -12.39 66.32 48.91
N ALA K 26 -11.97 65.09 48.58
CA ALA K 26 -10.65 64.63 48.98
C ALA K 26 -9.52 65.22 48.14
N ALA K 27 -9.79 65.62 46.90
CA ALA K 27 -8.74 66.13 46.03
C ALA K 27 -9.36 67.07 45.00
N LYS K 28 -8.51 67.58 44.11
CA LYS K 28 -8.93 68.50 43.05
C LYS K 28 -9.16 67.69 41.79
N VAL K 29 -10.32 67.02 41.73
CA VAL K 29 -10.70 66.21 40.58
C VAL K 29 -11.97 66.80 39.98
N GLU K 30 -12.45 66.19 38.91
CA GLU K 30 -13.66 66.65 38.23
C GLU K 30 -14.60 65.47 38.06
N LEU K 31 -15.75 65.52 38.72
CA LEU K 31 -16.79 64.51 38.55
C LEU K 31 -17.52 64.81 37.25
N ILE K 32 -17.22 64.02 36.21
CA ILE K 32 -17.80 64.32 34.90
C ILE K 32 -19.23 63.80 34.79
N GLY K 33 -19.57 62.77 35.57
CA GLY K 33 -20.91 62.21 35.47
C GLY K 33 -20.99 60.86 36.17
N TYR K 34 -21.86 60.02 35.65
CA TYR K 34 -22.10 58.70 36.23
C TYR K 34 -22.76 57.82 35.18
N GLU K 35 -22.38 56.55 35.17
CA GLU K 35 -22.86 55.58 34.18
C GLU K 35 -23.82 54.61 34.84
N LYS K 36 -24.96 54.38 34.19
CA LYS K 36 -26.01 53.51 34.69
C LYS K 36 -26.07 52.28 33.78
N THR K 37 -25.48 51.18 34.23
CA THR K 37 -25.50 49.94 33.47
C THR K 37 -26.69 49.05 33.82
N GLY K 38 -27.62 49.55 34.62
CA GLY K 38 -28.81 48.80 34.98
C GLY K 38 -28.54 47.74 36.02
N GLY K 39 -29.63 47.18 36.55
CA GLY K 39 -29.51 46.14 37.54
C GLY K 39 -29.07 46.61 38.90
N GLY K 40 -29.16 47.90 39.18
CA GLY K 40 -28.73 48.47 40.43
C GLY K 40 -27.33 49.03 40.43
N TYR K 41 -26.55 48.76 39.37
CA TYR K 41 -25.17 49.20 39.29
C TYR K 41 -25.10 50.62 38.76
N VAL K 42 -24.34 51.48 39.45
CA VAL K 42 -23.99 52.80 38.93
C VAL K 42 -22.50 53.01 39.15
N THR K 43 -21.92 53.91 38.35
CA THR K 43 -20.48 54.12 38.36
C THR K 43 -20.18 55.61 38.33
N ALA K 44 -19.53 56.11 39.37
CA ALA K 44 -19.08 57.50 39.42
C ALA K 44 -17.68 57.60 38.82
N VAL K 45 -17.50 58.54 37.92
CA VAL K 45 -16.29 58.70 37.13
C VAL K 45 -15.70 60.07 37.43
N VAL K 46 -14.55 60.10 38.08
CA VAL K 46 -13.80 61.32 38.28
C VAL K 46 -12.61 61.32 37.33
N ARG K 47 -12.07 62.50 37.06
CA ARG K 47 -11.07 62.61 36.02
C ARG K 47 -10.14 63.78 36.31
N GLY K 48 -8.86 63.47 36.51
CA GLY K 48 -7.86 64.47 36.80
C GLY K 48 -6.49 63.85 36.78
N ASP K 49 -5.49 64.61 37.24
CA ASP K 49 -4.12 64.09 37.27
C ASP K 49 -3.99 62.98 38.31
N VAL K 50 -2.90 62.21 38.17
CA VAL K 50 -2.82 60.86 38.73
C VAL K 50 -2.78 60.87 40.27
N ALA K 51 -2.14 61.87 40.87
CA ALA K 51 -2.10 61.93 42.34
C ALA K 51 -3.46 62.27 42.92
N ALA K 52 -4.18 63.19 42.28
CA ALA K 52 -5.49 63.60 42.79
C ALA K 52 -6.51 62.48 42.65
N VAL K 53 -6.53 61.77 41.52
CA VAL K 53 -7.49 60.69 41.38
C VAL K 53 -7.07 59.49 42.23
N LYS K 54 -5.77 59.29 42.43
CA LYS K 54 -5.30 58.17 43.24
C LYS K 54 -5.57 58.39 44.72
N ALA K 55 -5.66 59.65 45.15
CA ALA K 55 -6.10 59.92 46.52
C ALA K 55 -7.62 59.97 46.63
N ALA K 56 -8.29 60.50 45.60
CA ALA K 56 -9.74 60.68 45.66
C ALA K 56 -10.47 59.35 45.63
N THR K 57 -10.05 58.42 44.77
CA THR K 57 -10.73 57.13 44.71
C THR K 57 -10.45 56.28 45.95
N GLU K 58 -9.26 56.39 46.54
CA GLU K 58 -9.01 55.62 47.75
C GLU K 58 -9.65 56.24 48.97
N ALA K 59 -10.04 57.52 48.90
CA ALA K 59 -10.91 58.06 49.95
C ALA K 59 -12.37 57.68 49.72
N GLY K 60 -12.80 57.66 48.45
CA GLY K 60 -14.18 57.31 48.14
C GLY K 60 -14.49 55.85 48.36
N GLN K 61 -13.50 54.98 48.21
CA GLN K 61 -13.69 53.56 48.55
C GLN K 61 -13.83 53.39 50.06
N ARG K 62 -13.09 54.16 50.84
CA ARG K 62 -13.21 54.10 52.30
C ARG K 62 -14.55 54.65 52.77
N ALA K 63 -15.04 55.71 52.12
CA ALA K 63 -16.30 56.32 52.53
C ALA K 63 -17.52 55.65 51.92
N ALA K 64 -17.36 54.82 50.89
CA ALA K 64 -18.49 54.22 50.21
C ALA K 64 -18.79 52.80 50.67
N GLU K 65 -17.83 52.12 51.30
CA GLU K 65 -18.11 50.81 51.88
C GLU K 65 -18.93 50.90 53.15
N ARG K 66 -19.04 52.08 53.74
CA ARG K 66 -19.84 52.24 54.95
C ARG K 66 -21.33 52.33 54.65
N VAL K 67 -21.70 52.79 53.45
CA VAL K 67 -23.11 52.98 53.10
C VAL K 67 -23.53 52.17 51.88
N GLY K 68 -22.60 51.54 51.16
CA GLY K 68 -22.94 50.83 49.94
C GLY K 68 -22.17 49.54 49.82
N GLU K 69 -22.40 48.87 48.70
CA GLU K 69 -21.72 47.62 48.36
C GLU K 69 -20.84 47.92 47.15
N VAL K 70 -19.57 48.21 47.42
CA VAL K 70 -18.65 48.67 46.38
C VAL K 70 -18.20 47.48 45.55
N VAL K 71 -18.45 47.55 44.24
CA VAL K 71 -18.08 46.45 43.35
C VAL K 71 -16.62 46.55 42.93
N ALA K 72 -16.26 47.65 42.28
CA ALA K 72 -14.94 47.77 41.69
C ALA K 72 -14.41 49.19 41.82
N VAL K 73 -13.12 49.30 42.14
CA VAL K 73 -12.40 50.57 42.23
C VAL K 73 -11.16 50.46 41.37
N HIS K 74 -10.96 51.42 40.45
CA HIS K 74 -9.79 51.35 39.61
C HIS K 74 -9.38 52.75 39.15
N VAL K 75 -8.07 52.95 38.99
CA VAL K 75 -7.48 54.21 38.54
C VAL K 75 -6.69 53.92 37.28
N ILE K 76 -6.90 54.73 36.26
CA ILE K 76 -6.08 54.64 35.04
C ILE K 76 -5.30 55.95 34.89
N PRO K 77 -3.97 55.93 34.99
CA PRO K 77 -3.22 57.18 34.94
C PRO K 77 -3.15 57.79 33.55
N ARG K 78 -3.04 56.97 32.52
CA ARG K 78 -3.13 57.43 31.13
C ARG K 78 -4.03 56.47 30.36
N PRO K 79 -5.28 56.83 30.11
CA PRO K 79 -6.08 56.03 29.19
C PRO K 79 -5.70 56.31 27.75
N HIS K 80 -5.84 55.29 26.93
CA HIS K 80 -5.53 55.42 25.50
C HIS K 80 -6.59 56.29 24.84
N VAL K 81 -6.22 56.90 23.71
CA VAL K 81 -7.08 57.87 23.05
C VAL K 81 -8.32 57.20 22.44
N ASN K 82 -8.24 55.90 22.13
CA ASN K 82 -9.42 55.18 21.64
C ASN K 82 -10.44 54.97 22.74
N VAL K 83 -9.98 54.78 23.98
CA VAL K 83 -10.89 54.63 25.11
C VAL K 83 -11.63 55.93 25.38
N ASP K 84 -10.93 57.05 25.30
CA ASP K 84 -11.56 58.34 25.53
C ASP K 84 -12.45 58.76 24.37
N ALA K 85 -12.15 58.28 23.16
CA ALA K 85 -12.98 58.63 22.01
C ALA K 85 -14.22 57.74 21.90
N ALA K 86 -14.13 56.48 22.33
CA ALA K 86 -15.24 55.55 22.21
C ALA K 86 -16.14 55.56 23.44
N LEU K 87 -15.57 55.26 24.60
CA LEU K 87 -16.34 55.17 25.84
C LEU K 87 -16.69 56.57 26.34
N PRO K 88 -17.88 56.76 26.92
CA PRO K 88 -18.29 58.10 27.41
C PRO K 88 -17.70 58.46 28.77
N LEU K 89 -16.45 58.93 28.76
CA LEU K 89 -15.71 59.18 29.99
C LEU K 89 -15.31 60.63 30.13
N GLY K 90 -16.22 61.54 29.78
CA GLY K 90 -16.07 62.94 30.09
C GLY K 90 -15.29 63.76 29.08
N ARG K 91 -14.37 63.15 28.34
CA ARG K 91 -13.50 63.87 27.42
C ARG K 91 -13.59 63.29 26.02
N THR K 92 -14.80 63.08 25.54
CA THR K 92 -15.00 62.65 24.16
C THR K 92 -14.77 63.83 23.23
N PRO K 93 -13.83 63.73 22.27
CA PRO K 93 -13.49 64.82 21.35
C PRO K 93 -14.64 65.17 20.39
N ALA L 2 -25.37 73.19 48.90
CA ALA L 2 -25.99 74.18 49.77
C ALA L 2 -26.72 73.50 50.92
N ASP L 3 -27.98 73.13 50.68
CA ASP L 3 -28.77 72.46 51.69
C ASP L 3 -28.32 71.01 51.87
N ALA L 4 -28.63 70.46 53.03
CA ALA L 4 -28.27 69.08 53.34
C ALA L 4 -29.08 68.10 52.53
N LEU L 5 -28.53 66.90 52.38
CA LEU L 5 -29.03 65.88 51.48
C LEU L 5 -29.44 64.63 52.27
N GLY L 6 -30.54 64.00 51.88
CA GLY L 6 -30.95 62.76 52.50
C GLY L 6 -31.50 61.80 51.48
N MET L 7 -31.21 60.51 51.62
CA MET L 7 -31.59 59.53 50.61
C MET L 7 -32.09 58.25 51.25
N ILE L 8 -33.16 57.70 50.68
CA ILE L 8 -33.68 56.38 51.05
C ILE L 8 -33.70 55.55 49.78
N GLU L 9 -32.87 54.52 49.72
CA GLU L 9 -32.88 53.60 48.59
C GLU L 9 -33.69 52.36 48.97
N VAL L 10 -34.72 52.06 48.18
CA VAL L 10 -35.60 50.94 48.44
C VAL L 10 -35.66 50.07 47.20
N ARG L 11 -35.50 48.76 47.37
CA ARG L 11 -35.78 47.80 46.29
C ARG L 11 -37.28 47.66 46.19
N GLY L 12 -37.90 48.60 45.48
CA GLY L 12 -39.34 48.62 45.36
C GLY L 12 -39.91 50.02 45.33
N PHE L 13 -40.87 50.26 44.43
CA PHE L 13 -41.44 51.59 44.29
C PHE L 13 -42.37 51.93 45.45
N VAL L 14 -43.05 50.93 46.02
CA VAL L 14 -44.02 51.16 47.08
C VAL L 14 -43.33 51.60 48.36
N GLY L 15 -42.24 50.93 48.72
CA GLY L 15 -41.47 51.34 49.89
C GLY L 15 -40.83 52.70 49.72
N MET L 16 -40.45 53.04 48.49
CA MET L 16 -39.89 54.36 48.23
C MET L 16 -40.96 55.45 48.36
N VAL L 17 -42.19 55.16 47.93
CA VAL L 17 -43.26 56.15 48.05
C VAL L 17 -43.67 56.33 49.50
N GLU L 18 -43.69 55.24 50.28
CA GLU L 18 -43.98 55.35 51.71
C GLU L 18 -42.87 56.09 52.45
N ALA L 19 -41.60 55.84 52.08
CA ALA L 19 -40.48 56.58 52.65
C ALA L 19 -40.54 58.06 52.29
N ALA L 20 -40.86 58.37 51.03
CA ALA L 20 -40.91 59.75 50.59
C ALA L 20 -42.12 60.49 51.15
N ASP L 21 -43.16 59.77 51.56
CA ASP L 21 -44.27 60.41 52.25
C ASP L 21 -43.91 60.67 53.71
N ALA L 22 -43.24 59.70 54.36
CA ALA L 22 -42.88 59.87 55.76
C ALA L 22 -41.80 60.94 55.95
N MET L 23 -40.92 61.12 54.96
CA MET L 23 -39.89 62.14 55.07
C MET L 23 -40.49 63.54 54.99
N VAL L 24 -41.46 63.76 54.09
CA VAL L 24 -42.05 65.08 53.98
C VAL L 24 -43.11 65.32 55.04
N LYS L 25 -43.62 64.27 55.69
CA LYS L 25 -44.49 64.48 56.84
C LYS L 25 -43.72 64.62 58.16
N ALA L 26 -42.47 64.17 58.21
CA ALA L 26 -41.71 64.25 59.46
C ALA L 26 -41.26 65.68 59.75
N ALA L 27 -40.45 66.25 58.87
CA ALA L 27 -39.95 67.60 59.04
C ALA L 27 -40.07 68.34 57.71
N LYS L 28 -39.80 69.65 57.75
CA LYS L 28 -39.92 70.48 56.57
C LYS L 28 -38.73 70.22 55.66
N VAL L 29 -38.87 69.24 54.78
CA VAL L 29 -37.87 68.94 53.77
C VAL L 29 -38.52 69.13 52.41
N GLU L 30 -37.75 68.93 51.34
CA GLU L 30 -38.27 69.09 49.99
C GLU L 30 -37.94 67.83 49.20
N LEU L 31 -38.98 67.08 48.84
CA LEU L 31 -38.82 65.91 47.97
C LEU L 31 -38.60 66.40 46.55
N ILE L 32 -37.36 66.34 46.07
CA ILE L 32 -37.05 66.89 44.76
C ILE L 32 -37.35 65.91 43.63
N GLY L 33 -37.36 64.62 43.92
CA GLY L 33 -37.60 63.63 42.87
C GLY L 33 -37.19 62.25 43.35
N TYR L 34 -36.71 61.45 42.40
CA TYR L 34 -36.34 60.06 42.66
C TYR L 34 -35.47 59.58 41.51
N GLU L 35 -34.67 58.55 41.79
CA GLU L 35 -33.74 58.00 40.81
C GLU L 35 -34.01 56.52 40.62
N LYS L 36 -34.11 56.10 39.35
CA LYS L 36 -34.37 54.72 38.96
C LYS L 36 -33.06 54.15 38.42
N THR L 37 -32.31 53.45 39.26
CA THR L 37 -31.05 52.85 38.84
C THR L 37 -31.23 51.47 38.22
N GLY L 38 -32.46 51.03 38.01
CA GLY L 38 -32.73 49.74 37.41
C GLY L 38 -32.57 48.60 38.39
N GLY L 39 -33.06 47.43 37.97
CA GLY L 39 -32.99 46.27 38.83
C GLY L 39 -33.95 46.29 40.00
N GLY L 40 -34.94 47.17 39.97
CA GLY L 40 -35.88 47.30 41.05
C GLY L 40 -35.51 48.30 42.12
N TYR L 41 -34.31 48.85 42.07
CA TYR L 41 -33.89 49.85 43.04
C TYR L 41 -34.40 51.22 42.63
N VAL L 42 -35.03 51.92 43.57
CA VAL L 42 -35.40 53.32 43.38
C VAL L 42 -35.00 54.09 44.63
N THR L 43 -34.51 55.31 44.44
CA THR L 43 -33.93 56.11 45.52
C THR L 43 -34.67 57.43 45.63
N ALA L 44 -35.28 57.67 46.79
CA ALA L 44 -35.93 58.94 47.08
C ALA L 44 -34.91 59.90 47.68
N VAL L 45 -34.90 61.13 47.17
CA VAL L 45 -33.91 62.14 47.52
C VAL L 45 -34.64 63.35 48.09
N VAL L 46 -34.38 63.67 49.36
CA VAL L 46 -34.92 64.87 49.97
C VAL L 46 -33.79 65.83 50.27
N ARG L 47 -34.14 67.09 50.44
CA ARG L 47 -33.14 68.13 50.61
C ARG L 47 -33.65 69.19 51.57
N GLY L 48 -32.86 69.47 52.61
CA GLY L 48 -33.18 70.47 53.60
C GLY L 48 -32.03 70.55 54.57
N ASP L 49 -32.16 71.44 55.55
CA ASP L 49 -31.11 71.62 56.55
C ASP L 49 -30.97 70.37 57.43
N VAL L 50 -29.81 70.29 58.10
CA VAL L 50 -29.29 69.01 58.58
C VAL L 50 -30.14 68.42 59.71
N ALA L 51 -30.79 69.26 60.52
CA ALA L 51 -31.64 68.74 61.58
C ALA L 51 -32.94 68.18 61.02
N ALA L 52 -33.53 68.88 60.05
CA ALA L 52 -34.78 68.42 59.47
C ALA L 52 -34.59 67.15 58.65
N VAL L 53 -33.52 67.05 57.88
CA VAL L 53 -33.30 65.81 57.14
C VAL L 53 -32.79 64.71 58.07
N LYS L 54 -32.14 65.07 59.18
CA LYS L 54 -31.70 64.06 60.13
C LYS L 54 -32.89 63.44 60.87
N ALA L 55 -33.97 64.21 61.04
CA ALA L 55 -35.21 63.62 61.55
C ALA L 55 -36.00 62.92 60.45
N ALA L 56 -35.99 63.48 59.24
CA ALA L 56 -36.84 62.97 58.17
C ALA L 56 -36.36 61.62 57.66
N THR L 57 -35.04 61.45 57.50
CA THR L 57 -34.53 60.17 57.00
C THR L 57 -34.70 59.07 58.03
N GLU L 58 -34.56 59.37 59.32
CA GLU L 58 -34.77 58.34 60.31
C GLU L 58 -36.25 58.08 60.59
N ALA L 59 -37.14 58.97 60.14
CA ALA L 59 -38.56 58.61 60.14
C ALA L 59 -38.93 57.79 58.91
N GLY L 60 -38.36 58.14 57.75
CA GLY L 60 -38.65 57.41 56.54
C GLY L 60 -38.04 56.02 56.51
N GLN L 61 -36.92 55.82 57.20
CA GLN L 61 -36.37 54.48 57.34
C GLN L 61 -37.25 53.61 58.23
N ARG L 62 -37.79 54.18 59.30
CA ARG L 62 -38.65 53.43 60.20
C ARG L 62 -39.99 53.12 59.56
N ALA L 63 -40.50 54.02 58.71
CA ALA L 63 -41.75 53.77 58.03
C ALA L 63 -41.59 52.99 56.72
N ALA L 64 -40.37 52.89 56.20
CA ALA L 64 -40.13 52.19 54.94
C ALA L 64 -39.80 50.73 55.13
N GLU L 65 -39.33 50.34 56.31
CA GLU L 65 -39.09 48.93 56.61
C GLU L 65 -40.37 48.16 56.86
N ARG L 66 -41.48 48.85 57.09
CA ARG L 66 -42.76 48.18 57.27
C ARG L 66 -43.27 47.57 55.98
N VAL L 67 -42.97 48.18 54.84
CA VAL L 67 -43.57 47.78 53.57
C VAL L 67 -42.56 47.27 52.56
N GLY L 68 -41.28 47.63 52.64
CA GLY L 68 -40.35 47.24 51.62
C GLY L 68 -38.99 46.79 52.11
N GLU L 69 -37.99 46.89 51.25
CA GLU L 69 -36.63 46.46 51.55
C GLU L 69 -35.70 47.66 51.41
N VAL L 70 -35.24 48.18 52.54
CA VAL L 70 -34.38 49.35 52.56
C VAL L 70 -32.94 48.91 52.39
N VAL L 71 -32.26 49.48 51.39
CA VAL L 71 -30.89 49.09 51.09
C VAL L 71 -29.88 50.02 51.77
N ALA L 72 -30.06 51.33 51.66
CA ALA L 72 -29.11 52.27 52.19
C ALA L 72 -29.81 53.54 52.64
N VAL L 73 -29.42 54.05 53.80
CA VAL L 73 -29.88 55.34 54.33
C VAL L 73 -28.63 56.14 54.68
N HIS L 74 -28.50 57.35 54.12
CA HIS L 74 -27.35 58.17 54.41
C HIS L 74 -27.71 59.63 54.26
N VAL L 75 -27.11 60.47 55.10
CA VAL L 75 -27.36 61.90 55.12
C VAL L 75 -26.03 62.61 54.90
N ILE L 76 -25.98 63.46 53.87
CA ILE L 76 -24.81 64.28 53.58
C ILE L 76 -25.13 65.70 54.02
N PRO L 77 -24.49 66.22 55.08
CA PRO L 77 -24.88 67.54 55.59
C PRO L 77 -24.45 68.69 54.71
N ARG L 78 -23.24 68.65 54.17
CA ARG L 78 -22.77 69.68 53.25
C ARG L 78 -22.30 69.00 51.97
N PRO L 79 -23.19 68.80 51.00
CA PRO L 79 -22.76 68.25 49.72
C PRO L 79 -21.97 69.28 48.92
N HIS L 80 -20.90 68.82 48.28
CA HIS L 80 -20.03 69.68 47.50
C HIS L 80 -20.76 70.16 46.25
N VAL L 81 -20.32 71.32 45.73
CA VAL L 81 -21.02 71.93 44.61
C VAL L 81 -20.82 71.15 43.31
N ASN L 82 -19.74 70.37 43.21
CA ASN L 82 -19.56 69.50 42.05
C ASN L 82 -20.56 68.35 42.08
N VAL L 83 -20.93 67.88 43.27
CA VAL L 83 -21.96 66.85 43.39
C VAL L 83 -23.33 67.42 43.02
N ASP L 84 -23.62 68.66 43.45
CA ASP L 84 -24.88 69.28 43.11
C ASP L 84 -24.96 69.67 41.64
N ALA L 85 -23.82 69.84 40.97
CA ALA L 85 -23.84 70.19 39.55
C ALA L 85 -23.78 68.97 38.64
N ALA L 86 -23.15 67.88 39.06
CA ALA L 86 -22.97 66.72 38.20
C ALA L 86 -23.99 65.62 38.43
N LEU L 87 -24.65 65.59 39.57
CA LEU L 87 -25.64 64.57 39.87
C LEU L 87 -27.04 65.17 39.92
N PRO L 88 -28.08 64.41 39.52
CA PRO L 88 -29.46 64.96 39.56
C PRO L 88 -30.03 65.03 40.97
N LEU L 89 -29.69 66.10 41.68
CA LEU L 89 -30.11 66.25 43.08
C LEU L 89 -30.98 67.48 43.29
N GLY L 90 -31.66 67.95 42.25
CA GLY L 90 -32.60 69.03 42.38
C GLY L 90 -32.01 70.41 42.49
N ARG L 91 -30.70 70.56 42.38
CA ARG L 91 -30.04 71.86 42.46
C ARG L 91 -29.10 72.07 41.28
N THR L 92 -29.54 71.70 40.10
CA THR L 92 -28.76 71.96 38.89
C THR L 92 -28.97 73.40 38.46
N PRO L 93 -27.91 74.24 38.43
CA PRO L 93 -28.03 75.67 38.11
C PRO L 93 -28.43 75.93 36.66
N ALA M 2 -54.10 64.82 48.16
CA ALA M 2 -55.49 64.91 47.71
C ALA M 2 -56.21 63.60 47.98
N ASP M 3 -56.52 62.86 46.91
CA ASP M 3 -57.15 61.56 47.06
C ASP M 3 -56.16 60.55 47.62
N ALA M 4 -56.70 59.51 48.25
CA ALA M 4 -55.89 58.45 48.82
C ALA M 4 -55.26 57.59 47.72
N LEU M 5 -54.17 56.93 48.09
CA LEU M 5 -53.29 56.26 47.14
C LEU M 5 -53.17 54.79 47.49
N GLY M 6 -53.26 53.94 46.48
CA GLY M 6 -53.09 52.50 46.67
C GLY M 6 -52.16 51.93 45.63
N MET M 7 -51.38 50.94 46.05
CA MET M 7 -50.35 50.36 45.20
C MET M 7 -50.26 48.87 45.38
N ILE M 8 -50.04 48.15 44.28
CA ILE M 8 -49.64 46.75 44.33
C ILE M 8 -48.35 46.64 43.52
N GLU M 9 -47.30 46.14 44.14
CA GLU M 9 -46.06 45.84 43.42
C GLU M 9 -45.93 44.34 43.23
N VAL M 10 -45.73 43.93 41.99
CA VAL M 10 -45.60 42.52 41.63
C VAL M 10 -44.31 42.35 40.85
N ARG M 11 -43.54 41.31 41.19
CA ARG M 11 -42.46 40.87 40.31
C ARG M 11 -43.09 40.09 39.17
N GLY M 12 -43.45 40.81 38.12
CA GLY M 12 -44.10 40.21 36.96
C GLY M 12 -45.27 41.04 36.49
N PHE M 13 -45.51 41.01 35.18
CA PHE M 13 -46.56 41.81 34.58
C PHE M 13 -47.94 41.20 34.80
N VAL M 14 -48.03 39.87 34.85
CA VAL M 14 -49.32 39.20 34.89
C VAL M 14 -50.00 39.38 36.23
N GLY M 15 -49.24 39.23 37.32
CA GLY M 15 -49.78 39.50 38.64
C GLY M 15 -50.17 40.94 38.84
N MET M 16 -49.45 41.86 38.19
CA MET M 16 -49.80 43.28 38.26
C MET M 16 -51.08 43.56 37.49
N VAL M 17 -51.31 42.87 36.37
CA VAL M 17 -52.55 43.08 35.63
C VAL M 17 -53.73 42.49 36.37
N GLU M 18 -53.55 41.33 37.01
CA GLU M 18 -54.60 40.76 37.85
C GLU M 18 -54.91 41.64 39.06
N ALA M 19 -53.87 42.23 39.67
CA ALA M 19 -54.07 43.15 40.78
C ALA M 19 -54.78 44.43 40.34
N ALA M 20 -54.36 45.00 39.21
CA ALA M 20 -54.97 46.22 38.70
C ALA M 20 -56.38 45.98 38.19
N ASP M 21 -56.72 44.75 37.84
CA ASP M 21 -58.09 44.43 37.46
C ASP M 21 -58.97 44.26 38.70
N ALA M 22 -58.45 43.57 39.72
CA ALA M 22 -59.23 43.38 40.94
C ALA M 22 -59.43 44.67 41.71
N MET M 23 -58.47 45.61 41.63
CA MET M 23 -58.63 46.89 42.32
C MET M 23 -59.72 47.73 41.68
N VAL M 24 -59.83 47.72 40.35
CA VAL M 24 -60.87 48.51 39.72
C VAL M 24 -62.20 47.77 39.69
N LYS M 25 -62.22 46.46 39.89
CA LYS M 25 -63.47 45.74 40.04
C LYS M 25 -63.96 45.64 41.47
N ALA M 26 -63.14 46.02 42.45
CA ALA M 26 -63.59 45.97 43.84
C ALA M 26 -64.40 47.20 44.22
N ALA M 27 -63.96 48.38 43.81
CA ALA M 27 -64.63 49.62 44.17
C ALA M 27 -64.39 50.65 43.07
N LYS M 28 -64.89 51.86 43.30
CA LYS M 28 -64.71 52.94 42.33
C LYS M 28 -63.37 53.61 42.62
N VAL M 29 -62.33 53.14 41.93
CA VAL M 29 -61.03 53.77 42.00
C VAL M 29 -60.67 54.22 40.59
N GLU M 30 -59.50 54.84 40.44
CA GLU M 30 -59.00 55.26 39.14
C GLU M 30 -57.60 54.69 38.96
N LEU M 31 -57.46 53.71 38.08
CA LEU M 31 -56.16 53.17 37.74
C LEU M 31 -55.44 54.17 36.86
N ILE M 32 -54.55 54.97 37.46
CA ILE M 32 -53.84 55.98 36.69
C ILE M 32 -52.71 55.35 35.87
N GLY M 33 -52.21 54.20 36.27
CA GLY M 33 -51.23 53.50 35.49
C GLY M 33 -50.35 52.62 36.36
N TYR M 34 -49.07 52.58 35.99
CA TYR M 34 -48.15 51.59 36.52
C TYR M 34 -46.73 52.11 36.33
N GLU M 35 -45.86 51.74 37.26
CA GLU M 35 -44.47 52.15 37.23
C GLU M 35 -43.59 50.93 37.02
N LYS M 36 -42.69 51.02 36.04
CA LYS M 36 -41.75 49.95 35.70
C LYS M 36 -40.38 50.33 36.24
N THR M 37 -40.05 49.83 37.42
CA THR M 37 -38.77 50.13 38.04
C THR M 37 -37.66 49.18 37.60
N GLY M 38 -37.88 48.40 36.57
CA GLY M 38 -36.87 47.53 36.01
C GLY M 38 -36.64 46.28 36.86
N GLY M 39 -36.00 45.29 36.23
CA GLY M 39 -35.69 44.05 36.90
C GLY M 39 -36.86 43.13 37.08
N GLY M 40 -38.00 43.41 36.45
CA GLY M 40 -39.20 42.62 36.59
C GLY M 40 -40.20 43.18 37.56
N TYR M 41 -39.80 44.12 38.41
CA TYR M 41 -40.69 44.73 39.38
C TYR M 41 -41.56 45.77 38.68
N VAL M 42 -42.88 45.63 38.79
CA VAL M 42 -43.80 46.66 38.30
C VAL M 42 -44.80 46.95 39.42
N THR M 43 -45.41 48.14 39.33
CA THR M 43 -46.27 48.62 40.40
C THR M 43 -47.53 49.25 39.80
N ALA M 44 -48.67 48.59 39.99
CA ALA M 44 -49.95 49.18 39.62
C ALA M 44 -50.35 50.20 40.68
N VAL M 45 -50.75 51.39 40.23
CA VAL M 45 -51.03 52.51 41.12
C VAL M 45 -52.47 52.95 40.88
N VAL M 46 -53.33 52.78 41.89
CA VAL M 46 -54.69 53.30 41.85
C VAL M 46 -54.79 54.45 42.83
N ARG M 47 -55.84 55.27 42.64
CA ARG M 47 -55.94 56.50 43.43
C ARG M 47 -57.39 56.93 43.49
N GLY M 48 -57.92 57.03 44.70
CA GLY M 48 -59.31 57.42 44.91
C GLY M 48 -59.58 57.65 46.37
N ASP M 49 -60.86 57.79 46.72
CA ASP M 49 -61.23 58.03 48.11
C ASP M 49 -60.95 56.80 48.97
N VAL M 50 -60.81 57.05 50.28
CA VAL M 50 -59.95 56.22 51.13
C VAL M 50 -60.60 54.86 51.44
N ALA M 51 -61.92 54.81 51.58
CA ALA M 51 -62.58 53.53 51.84
C ALA M 51 -62.59 52.65 50.59
N ALA M 52 -62.76 53.28 49.42
CA ALA M 52 -62.75 52.55 48.17
C ALA M 52 -61.37 51.97 47.86
N VAL M 53 -60.31 52.74 48.09
CA VAL M 53 -58.98 52.18 47.84
C VAL M 53 -58.58 51.20 48.94
N LYS M 54 -59.13 51.36 50.15
CA LYS M 54 -58.83 50.42 51.22
C LYS M 54 -59.49 49.07 50.96
N ALA M 55 -60.65 49.06 50.31
CA ALA M 55 -61.24 47.79 49.86
C ALA M 55 -60.56 47.28 48.60
N ALA M 56 -60.16 48.20 47.71
CA ALA M 56 -59.62 47.82 46.41
C ALA M 56 -58.26 47.16 46.55
N THR M 57 -57.37 47.72 47.38
CA THR M 57 -56.05 47.13 47.57
C THR M 57 -56.12 45.80 48.30
N GLU M 58 -57.04 45.64 49.24
CA GLU M 58 -57.13 44.34 49.91
C GLU M 58 -57.83 43.31 49.07
N ALA M 59 -58.57 43.72 48.03
CA ALA M 59 -59.03 42.74 47.05
C ALA M 59 -57.93 42.42 46.04
N GLY M 60 -57.13 43.42 45.65
CA GLY M 60 -56.06 43.19 44.70
C GLY M 60 -54.91 42.40 45.28
N GLN M 61 -54.63 42.57 46.57
CA GLN M 61 -53.64 41.74 47.24
C GLN M 61 -54.11 40.30 47.32
N ARG M 62 -55.39 40.09 47.59
CA ARG M 62 -55.93 38.74 47.67
C ARG M 62 -55.95 38.07 46.30
N ALA M 63 -56.17 38.83 45.24
CA ALA M 63 -56.22 38.27 43.91
C ALA M 63 -54.86 38.14 43.25
N ALA M 64 -53.86 38.92 43.69
CA ALA M 64 -52.55 38.89 43.06
C ALA M 64 -51.62 37.86 43.68
N GLU M 65 -51.89 37.40 44.90
CA GLU M 65 -51.09 36.34 45.49
C GLU M 65 -51.37 34.99 44.86
N ARG M 66 -52.49 34.84 44.16
CA ARG M 66 -52.81 33.57 43.51
C ARG M 66 -52.00 33.36 42.24
N VAL M 67 -51.61 34.44 41.57
CA VAL M 67 -51.01 34.33 40.24
C VAL M 67 -49.56 34.78 40.17
N GLY M 68 -49.06 35.56 41.13
CA GLY M 68 -47.73 36.10 41.00
C GLY M 68 -47.06 36.38 42.33
N GLU M 69 -45.85 36.92 42.26
CA GLU M 69 -45.06 37.25 43.43
C GLU M 69 -45.36 38.69 43.83
N VAL M 70 -46.04 38.86 44.95
CA VAL M 70 -46.42 40.17 45.44
C VAL M 70 -45.35 40.67 46.40
N VAL M 71 -44.76 41.82 46.09
CA VAL M 71 -43.66 42.36 46.87
C VAL M 71 -44.17 43.27 47.98
N ALA M 72 -45.05 44.21 47.66
CA ALA M 72 -45.46 45.22 48.63
C ALA M 72 -46.86 45.72 48.32
N VAL M 73 -47.68 45.84 49.37
CA VAL M 73 -49.03 46.37 49.30
C VAL M 73 -49.16 47.45 50.37
N HIS M 74 -49.59 48.65 49.98
CA HIS M 74 -49.69 49.73 50.96
C HIS M 74 -50.73 50.75 50.50
N VAL M 75 -51.39 51.37 51.48
CA VAL M 75 -52.39 52.41 51.25
C VAL M 75 -51.92 53.67 51.96
N ILE M 76 -51.94 54.80 51.26
CA ILE M 76 -51.65 56.09 51.84
C ILE M 76 -52.94 56.90 51.84
N PRO M 77 -53.55 57.17 53.00
CA PRO M 77 -54.84 57.88 53.00
C PRO M 77 -54.74 59.35 52.62
N ARG M 78 -53.69 60.04 53.03
CA ARG M 78 -53.48 61.44 52.68
C ARG M 78 -52.03 61.61 52.27
N PRO M 79 -51.72 61.47 50.99
CA PRO M 79 -50.37 61.78 50.54
C PRO M 79 -50.14 63.29 50.50
N HIS M 80 -48.94 63.69 50.89
CA HIS M 80 -48.58 65.10 50.93
C HIS M 80 -48.48 65.66 49.50
N VAL M 81 -48.60 66.99 49.39
CA VAL M 81 -48.63 67.62 48.07
C VAL M 81 -47.25 67.55 47.40
N ASN M 82 -46.17 67.43 48.18
CA ASN M 82 -44.85 67.20 47.61
C ASN M 82 -44.76 65.82 46.98
N VAL M 83 -45.43 64.83 47.56
CA VAL M 83 -45.43 63.48 47.02
C VAL M 83 -46.18 63.42 45.70
N ASP M 84 -47.27 64.19 45.59
CA ASP M 84 -47.99 64.25 44.32
C ASP M 84 -47.21 65.02 43.27
N ALA M 85 -46.62 66.15 43.66
CA ALA M 85 -45.92 67.00 42.69
C ALA M 85 -44.58 66.44 42.26
N ALA M 86 -43.99 65.53 43.05
CA ALA M 86 -42.67 65.00 42.73
C ALA M 86 -42.70 63.60 42.13
N LEU M 87 -43.66 62.78 42.51
CA LEU M 87 -43.71 61.41 42.03
C LEU M 87 -44.82 61.26 40.99
N PRO M 88 -44.66 60.36 40.01
CA PRO M 88 -45.72 60.18 38.98
C PRO M 88 -46.91 59.38 39.52
N LEU M 89 -47.79 60.08 40.23
CA LEU M 89 -48.90 59.43 40.91
C LEU M 89 -50.26 59.89 40.37
N GLY M 90 -50.30 60.36 39.13
CA GLY M 90 -51.55 60.64 38.46
C GLY M 90 -52.14 62.01 38.72
N ARG M 91 -51.83 62.64 39.86
CA ARG M 91 -52.38 63.93 40.21
C ARG M 91 -51.29 65.01 40.28
N THR M 92 -50.39 65.00 39.33
CA THR M 92 -49.40 66.06 39.22
C THR M 92 -50.07 67.32 38.67
N PRO M 93 -50.02 68.45 39.38
CA PRO M 93 -50.68 69.70 38.98
C PRO M 93 -50.14 70.30 37.69
N ALA N 2 -63.26 44.64 25.86
CA ALA N 2 -63.90 43.90 24.78
C ALA N 2 -63.74 42.40 24.97
N ASP N 3 -62.77 41.81 24.26
CA ASP N 3 -62.55 40.38 24.34
C ASP N 3 -61.77 40.03 25.60
N ALA N 4 -61.82 38.75 25.95
CA ALA N 4 -61.12 38.22 27.11
C ALA N 4 -59.61 38.25 26.90
N LEU N 5 -58.88 38.22 28.00
CA LEU N 5 -57.45 38.45 28.03
C LEU N 5 -56.72 37.15 28.35
N GLY N 6 -55.56 36.95 27.74
CA GLY N 6 -54.75 35.78 28.08
C GLY N 6 -53.29 36.14 28.11
N MET N 7 -52.56 35.68 29.12
CA MET N 7 -51.17 36.06 29.28
C MET N 7 -50.32 34.86 29.68
N ILE N 8 -49.14 34.76 29.06
CA ILE N 8 -48.10 33.86 29.51
C ILE N 8 -46.86 34.70 29.75
N GLU N 9 -46.40 34.75 30.99
CA GLU N 9 -45.14 35.43 31.30
C GLU N 9 -44.04 34.39 31.40
N VAL N 10 -42.97 34.59 30.65
CA VAL N 10 -41.84 33.68 30.60
C VAL N 10 -40.58 34.49 30.87
N ARG N 11 -39.71 33.98 31.74
CA ARG N 11 -38.38 34.52 31.90
C ARG N 11 -37.54 34.01 30.74
N GLY N 12 -37.60 34.72 29.62
CA GLY N 12 -36.95 34.27 28.41
C GLY N 12 -37.78 34.52 27.17
N PHE N 13 -37.13 35.04 26.12
CA PHE N 13 -37.84 35.36 24.89
C PHE N 13 -38.26 34.11 24.14
N VAL N 14 -37.50 33.03 24.28
CA VAL N 14 -37.75 31.81 23.50
C VAL N 14 -39.01 31.11 23.99
N GLY N 15 -39.14 30.97 25.31
CA GLY N 15 -40.35 30.38 25.88
C GLY N 15 -41.58 31.22 25.63
N MET N 16 -41.41 32.54 25.56
CA MET N 16 -42.53 33.43 25.25
C MET N 16 -42.98 33.26 23.81
N VAL N 17 -42.03 33.11 22.88
CA VAL N 17 -42.41 32.91 21.48
C VAL N 17 -43.06 31.55 21.28
N GLU N 18 -42.55 30.51 21.95
CA GLU N 18 -43.17 29.19 21.87
C GLU N 18 -44.56 29.18 22.48
N ALA N 19 -44.74 29.90 23.60
CA ALA N 19 -46.06 30.02 24.21
C ALA N 19 -47.03 30.78 23.31
N ALA N 20 -46.55 31.84 22.66
CA ALA N 20 -47.40 32.62 21.76
C ALA N 20 -47.79 31.80 20.53
N ASP N 21 -46.86 31.00 20.02
CA ASP N 21 -47.15 30.14 18.88
C ASP N 21 -48.17 29.06 19.24
N ALA N 22 -48.03 28.47 20.44
CA ALA N 22 -48.99 27.47 20.87
C ALA N 22 -50.37 28.07 21.14
N MET N 23 -50.40 29.31 21.65
CA MET N 23 -51.69 29.97 21.88
C MET N 23 -52.39 30.30 20.58
N VAL N 24 -51.65 30.81 19.58
CA VAL N 24 -52.32 31.14 18.32
C VAL N 24 -52.60 29.91 17.46
N LYS N 25 -51.94 28.78 17.71
CA LYS N 25 -52.31 27.56 17.02
C LYS N 25 -53.45 26.81 17.69
N ALA N 26 -53.59 26.93 19.01
CA ALA N 26 -54.57 26.13 19.72
C ALA N 26 -56.00 26.62 19.50
N ALA N 27 -56.21 27.93 19.43
CA ALA N 27 -57.56 28.47 19.31
C ALA N 27 -57.52 29.73 18.46
N LYS N 28 -58.67 30.38 18.33
CA LYS N 28 -58.79 31.63 17.59
C LYS N 28 -58.55 32.77 18.57
N VAL N 29 -57.28 33.12 18.76
CA VAL N 29 -56.90 34.25 19.61
C VAL N 29 -56.13 35.24 18.75
N GLU N 30 -55.99 36.45 19.28
CA GLU N 30 -55.25 37.52 18.61
C GLU N 30 -54.05 37.88 19.45
N LEU N 31 -52.87 37.46 19.01
CA LEU N 31 -51.62 37.86 19.65
C LEU N 31 -51.38 39.33 19.35
N ILE N 32 -51.62 40.19 20.35
CA ILE N 32 -51.54 41.62 20.11
C ILE N 32 -50.14 42.19 20.34
N GLY N 33 -49.25 41.44 20.98
CA GLY N 33 -47.91 41.92 21.21
C GLY N 33 -47.29 41.21 22.41
N TYR N 34 -46.41 41.94 23.10
CA TYR N 34 -45.68 41.39 24.23
C TYR N 34 -45.13 42.55 25.05
N GLU N 35 -45.05 42.33 26.37
CA GLU N 35 -44.62 43.36 27.30
C GLU N 35 -43.28 42.98 27.91
N LYS N 36 -42.36 43.93 27.94
CA LYS N 36 -40.99 43.73 28.42
C LYS N 36 -40.83 44.51 29.71
N THR N 37 -40.86 43.81 30.84
CA THR N 37 -40.75 44.43 32.15
C THR N 37 -39.32 44.41 32.69
N GLY N 38 -38.35 44.11 31.85
CA GLY N 38 -36.96 44.10 32.27
C GLY N 38 -36.60 42.86 33.07
N GLY N 39 -35.29 42.61 33.18
CA GLY N 39 -34.82 41.46 33.91
C GLY N 39 -35.03 40.14 33.23
N GLY N 40 -35.34 40.14 31.93
CA GLY N 40 -35.57 38.92 31.19
C GLY N 40 -37.01 38.46 31.16
N TYR N 41 -37.90 39.09 31.93
CA TYR N 41 -39.31 38.73 31.91
C TYR N 41 -39.97 39.32 30.67
N VAL N 42 -40.67 38.49 29.92
CA VAL N 42 -41.49 38.94 28.79
C VAL N 42 -42.85 38.27 28.87
N THR N 43 -43.90 39.05 28.59
CA THR N 43 -45.29 38.61 28.76
C THR N 43 -45.96 38.61 27.40
N ALA N 44 -46.33 37.43 26.90
CA ALA N 44 -47.12 37.30 25.69
C ALA N 44 -48.59 37.49 26.04
N VAL N 45 -49.27 38.34 25.28
CA VAL N 45 -50.66 38.71 25.53
C VAL N 45 -51.48 38.34 24.30
N VAL N 46 -52.36 37.36 24.43
CA VAL N 46 -53.34 37.05 23.42
C VAL N 46 -54.68 37.60 23.87
N ARG N 47 -55.61 37.71 22.93
CA ARG N 47 -56.88 38.32 23.26
C ARG N 47 -57.98 37.74 22.39
N GLY N 48 -59.04 37.25 23.03
CA GLY N 48 -60.15 36.62 22.34
C GLY N 48 -61.17 36.20 23.36
N ASP N 49 -62.25 35.60 22.88
CA ASP N 49 -63.35 35.20 23.76
C ASP N 49 -62.91 34.08 24.71
N VAL N 50 -63.70 33.92 25.78
CA VAL N 50 -63.19 33.40 27.05
C VAL N 50 -62.81 31.93 26.96
N ALA N 51 -63.56 31.13 26.20
CA ALA N 51 -63.23 29.72 26.09
C ALA N 51 -62.01 29.49 25.20
N ALA N 52 -61.87 30.30 24.14
CA ALA N 52 -60.72 30.18 23.26
C ALA N 52 -59.43 30.58 23.97
N VAL N 53 -59.46 31.65 24.76
CA VAL N 53 -58.24 32.03 25.48
C VAL N 53 -58.00 31.09 26.66
N LYS N 54 -59.05 30.50 27.22
CA LYS N 54 -58.86 29.53 28.31
C LYS N 54 -58.24 28.24 27.79
N ALA N 55 -58.56 27.85 26.55
CA ALA N 55 -57.86 26.72 25.95
C ALA N 55 -56.47 27.10 25.48
N ALA N 56 -56.31 28.34 25.00
CA ALA N 56 -55.04 28.76 24.41
C ALA N 56 -53.96 28.90 25.47
N THR N 57 -54.27 29.51 26.62
CA THR N 57 -53.25 29.67 27.65
C THR N 57 -52.87 28.34 28.29
N GLU N 58 -53.82 27.40 28.42
CA GLU N 58 -53.45 26.10 28.98
C GLU N 58 -52.75 25.22 27.96
N ALA N 59 -52.85 25.53 26.67
CA ALA N 59 -51.97 24.88 25.70
C ALA N 59 -50.58 25.52 25.71
N GLY N 60 -50.51 26.84 25.85
CA GLY N 60 -49.24 27.53 25.82
C GLY N 60 -48.41 27.33 27.07
N GLN N 61 -49.07 27.12 28.21
CA GLN N 61 -48.37 26.75 29.43
C GLN N 61 -47.76 25.36 29.31
N ARG N 62 -48.47 24.43 28.68
CA ARG N 62 -47.94 23.09 28.49
C ARG N 62 -46.81 23.08 27.47
N ALA N 63 -46.89 23.92 26.44
CA ALA N 63 -45.86 23.95 25.42
C ALA N 63 -44.68 24.85 25.78
N ALA N 64 -44.82 25.73 26.79
CA ALA N 64 -43.74 26.62 27.15
C ALA N 64 -42.89 26.11 28.31
N GLU N 65 -43.41 25.19 29.12
CA GLU N 65 -42.60 24.60 30.17
C GLU N 65 -41.60 23.59 29.63
N ARG N 66 -41.79 23.09 28.42
CA ARG N 66 -40.80 22.23 27.79
C ARG N 66 -39.58 23.01 27.34
N VAL N 67 -39.70 24.31 27.10
CA VAL N 67 -38.61 25.11 26.54
C VAL N 67 -38.13 26.19 27.49
N GLY N 68 -38.75 26.36 28.65
CA GLY N 68 -38.34 27.39 29.58
C GLY N 68 -39.01 27.28 30.92
N GLU N 69 -39.15 28.41 31.61
CA GLU N 69 -39.75 28.46 32.94
C GLU N 69 -40.85 29.51 32.92
N VAL N 70 -42.08 29.08 33.11
CA VAL N 70 -43.24 29.97 33.06
C VAL N 70 -43.46 30.57 34.44
N VAL N 71 -43.49 31.90 34.50
CA VAL N 71 -43.74 32.58 35.76
C VAL N 71 -45.21 32.56 36.11
N ALA N 72 -46.07 33.03 35.21
CA ALA N 72 -47.47 33.22 35.54
C ALA N 72 -48.35 32.98 34.31
N VAL N 73 -49.48 32.33 34.54
CA VAL N 73 -50.52 32.11 33.52
C VAL N 73 -51.83 32.62 34.10
N HIS N 74 -52.51 33.49 33.36
CA HIS N 74 -53.80 33.96 33.85
C HIS N 74 -54.70 34.38 32.70
N VAL N 75 -56.00 34.16 32.89
CA VAL N 75 -57.04 34.54 31.94
C VAL N 75 -58.00 35.47 32.65
N ILE N 76 -58.25 36.64 32.07
CA ILE N 76 -59.27 37.56 32.53
C ILE N 76 -60.43 37.51 31.53
N PRO N 77 -61.63 37.08 31.95
CA PRO N 77 -62.73 36.98 30.99
C PRO N 77 -63.26 38.32 30.52
N ARG N 78 -63.31 39.32 31.39
CA ARG N 78 -63.78 40.66 31.02
C ARG N 78 -62.83 41.66 31.66
N PRO N 79 -61.81 42.11 30.94
CA PRO N 79 -60.96 43.17 31.47
C PRO N 79 -61.70 44.49 31.49
N HIS N 80 -61.60 45.18 32.63
CA HIS N 80 -62.31 46.42 32.87
C HIS N 80 -61.79 47.52 31.94
N VAL N 81 -62.64 48.51 31.68
CA VAL N 81 -62.31 49.53 30.69
C VAL N 81 -61.17 50.44 31.17
N ASN N 82 -61.01 50.57 32.49
CA ASN N 82 -59.86 51.30 33.02
C ASN N 82 -58.57 50.51 32.83
N VAL N 83 -58.65 49.18 32.90
CA VAL N 83 -57.48 48.34 32.67
C VAL N 83 -57.02 48.42 31.23
N ASP N 84 -57.97 48.35 30.28
CA ASP N 84 -57.62 48.50 28.87
C ASP N 84 -57.23 49.93 28.52
N ALA N 85 -57.69 50.91 29.29
CA ALA N 85 -57.30 52.29 29.02
C ALA N 85 -55.92 52.64 29.58
N ALA N 86 -55.51 52.01 30.68
CA ALA N 86 -54.23 52.32 31.30
C ALA N 86 -53.13 51.34 30.92
N LEU N 87 -53.38 50.06 31.01
CA LEU N 87 -52.35 49.07 30.71
C LEU N 87 -52.28 48.83 29.20
N PRO N 88 -51.08 48.62 28.65
CA PRO N 88 -50.94 48.39 27.20
C PRO N 88 -51.35 46.98 26.77
N LEU N 89 -52.66 46.79 26.57
CA LEU N 89 -53.20 45.48 26.25
C LEU N 89 -53.76 45.41 24.85
N GLY N 90 -53.36 46.34 23.97
CA GLY N 90 -53.79 46.30 22.59
C GLY N 90 -55.20 46.75 22.33
N ARG N 91 -55.86 47.37 23.30
CA ARG N 91 -57.20 47.93 23.10
C ARG N 91 -57.29 49.35 23.63
N THR N 92 -56.19 50.09 23.61
CA THR N 92 -56.20 51.48 24.03
C THR N 92 -56.89 52.32 22.94
N PRO N 93 -57.98 53.04 23.25
CA PRO N 93 -58.73 53.83 22.28
C PRO N 93 -57.94 55.01 21.71
N ALA O 2 -44.15 31.07 7.43
CA ALA O 2 -43.67 30.37 6.25
C ALA O 2 -42.36 29.64 6.56
N ASP O 3 -41.28 30.40 6.67
CA ASP O 3 -39.98 29.82 6.97
C ASP O 3 -39.90 29.42 8.44
N ALA O 4 -39.08 28.42 8.72
CA ALA O 4 -38.93 27.91 10.07
C ALA O 4 -38.09 28.85 10.91
N LEU O 5 -38.32 28.79 12.22
CA LEU O 5 -37.77 29.72 13.20
C LEU O 5 -36.74 29.01 14.06
N GLY O 6 -35.65 29.71 14.40
CA GLY O 6 -34.67 29.15 15.30
C GLY O 6 -34.11 30.21 16.24
N MET O 7 -33.99 29.88 17.52
CA MET O 7 -33.60 30.86 18.52
C MET O 7 -32.57 30.28 19.49
N ILE O 8 -31.59 31.10 19.84
CA ILE O 8 -30.66 30.80 20.92
C ILE O 8 -30.71 31.96 21.91
N GLU O 9 -31.07 31.68 23.15
CA GLU O 9 -31.05 32.70 24.19
C GLU O 9 -29.85 32.47 25.09
N VAL O 10 -29.03 33.49 25.24
CA VAL O 10 -27.81 33.41 26.04
C VAL O 10 -27.84 34.52 27.06
N ARG O 11 -27.53 34.19 28.32
CA ARG O 11 -27.26 35.21 29.34
C ARG O 11 -25.86 35.74 29.09
N GLY O 12 -25.77 36.70 28.18
CA GLY O 12 -24.49 37.24 27.79
C GLY O 12 -24.41 37.55 26.31
N PHE O 13 -23.82 38.70 25.97
CA PHE O 13 -23.75 39.10 24.58
C PHE O 13 -22.71 38.31 23.81
N VAL O 14 -21.65 37.86 24.49
CA VAL O 14 -20.55 37.18 23.82
C VAL O 14 -20.97 35.80 23.34
N GLY O 15 -21.64 35.04 24.22
CA GLY O 15 -22.17 33.75 23.82
C GLY O 15 -23.25 33.84 22.77
N MET O 16 -24.03 34.92 22.78
CA MET O 16 -25.04 35.11 21.75
C MET O 16 -24.43 35.42 20.41
N VAL O 17 -23.34 36.21 20.39
CA VAL O 17 -22.68 36.51 19.11
C VAL O 17 -21.99 35.26 18.57
N GLU O 18 -21.38 34.45 19.45
CA GLU O 18 -20.79 33.20 19.00
C GLU O 18 -21.84 32.22 18.49
N ALA O 19 -23.01 32.18 19.14
CA ALA O 19 -24.10 31.33 18.68
C ALA O 19 -24.66 31.82 17.34
N ALA O 20 -24.83 33.13 17.20
CA ALA O 20 -25.36 33.69 15.97
C ALA O 20 -24.37 33.60 14.82
N ASP O 21 -23.07 33.47 15.12
CA ASP O 21 -22.10 33.21 14.08
C ASP O 21 -22.08 31.74 13.68
N ALA O 22 -22.16 30.84 14.67
CA ALA O 22 -22.15 29.42 14.37
C ALA O 22 -23.42 28.98 13.63
N MET O 23 -24.55 29.62 13.90
CA MET O 23 -25.78 29.28 13.19
C MET O 23 -25.69 29.67 11.72
N VAL O 24 -25.21 30.88 11.42
CA VAL O 24 -25.13 31.29 10.02
C VAL O 24 -23.95 30.67 9.29
N LYS O 25 -22.99 30.10 10.00
CA LYS O 25 -21.96 29.31 9.33
C LYS O 25 -22.32 27.84 9.19
N ALA O 26 -23.29 27.34 9.97
CA ALA O 26 -23.62 25.92 9.90
C ALA O 26 -24.48 25.59 8.70
N ALA O 27 -25.44 26.44 8.36
CA ALA O 27 -26.37 26.15 7.27
C ALA O 27 -26.86 27.45 6.67
N LYS O 28 -27.65 27.34 5.60
CA LYS O 28 -28.24 28.51 4.93
C LYS O 28 -29.41 29.03 5.77
N VAL O 29 -29.06 29.80 6.80
CA VAL O 29 -30.05 30.51 7.60
C VAL O 29 -29.74 32.00 7.49
N GLU O 30 -30.70 32.82 7.91
CA GLU O 30 -30.54 34.27 7.85
C GLU O 30 -30.76 34.83 9.26
N LEU O 31 -29.70 35.39 9.83
CA LEU O 31 -29.79 36.07 11.12
C LEU O 31 -30.55 37.38 10.91
N ILE O 32 -31.83 37.39 11.26
CA ILE O 32 -32.63 38.58 11.02
C ILE O 32 -32.33 39.67 12.05
N GLY O 33 -31.88 39.30 13.24
CA GLY O 33 -31.63 40.30 14.27
C GLY O 33 -31.35 39.66 15.61
N TYR O 34 -31.70 40.39 16.66
CA TYR O 34 -31.45 39.95 18.03
C TYR O 34 -32.37 40.74 18.94
N GLU O 35 -32.75 40.13 20.06
CA GLU O 35 -33.68 40.74 21.00
C GLU O 35 -33.02 40.88 22.36
N LYS O 36 -33.16 42.06 22.96
CA LYS O 36 -32.59 42.38 24.26
C LYS O 36 -33.73 42.51 25.25
N THR O 37 -34.01 41.44 25.99
CA THR O 37 -35.09 41.44 26.96
C THR O 37 -34.65 41.96 28.33
N GLY O 38 -33.44 42.47 28.45
CA GLY O 38 -32.96 43.01 29.70
C GLY O 38 -32.49 41.93 30.66
N GLY O 39 -31.69 42.35 31.64
CA GLY O 39 -31.17 41.42 32.62
C GLY O 39 -30.03 40.57 32.13
N GLY O 40 -29.39 40.96 31.03
CA GLY O 40 -28.31 40.18 30.47
C GLY O 40 -28.74 39.13 29.46
N TYR O 41 -30.02 38.80 29.40
CA TYR O 41 -30.53 37.84 28.43
C TYR O 41 -30.61 38.50 27.07
N VAL O 42 -29.97 37.90 26.06
CA VAL O 42 -30.10 38.33 24.68
C VAL O 42 -30.35 37.11 23.81
N THR O 43 -31.21 37.27 22.80
CA THR O 43 -31.71 36.16 22.01
C THR O 43 -31.41 36.39 20.53
N ALA O 44 -30.67 35.46 19.92
CA ALA O 44 -30.39 35.50 18.50
C ALA O 44 -31.40 34.64 17.74
N VAL O 45 -31.89 35.18 16.63
CA VAL O 45 -32.98 34.59 15.87
C VAL O 45 -32.51 34.37 14.44
N VAL O 46 -32.45 33.11 14.02
CA VAL O 46 -32.22 32.77 12.62
C VAL O 46 -33.52 32.23 12.05
N ARG O 47 -33.61 32.19 10.73
CA ARG O 47 -34.86 31.86 10.09
C ARG O 47 -34.61 31.27 8.71
N GLY O 48 -35.07 30.04 8.52
CA GLY O 48 -34.89 29.33 7.26
C GLY O 48 -35.63 28.01 7.33
N ASP O 49 -35.46 27.19 6.31
CA ASP O 49 -36.17 25.92 6.25
C ASP O 49 -35.71 24.96 7.35
N VAL O 50 -36.58 24.00 7.66
CA VAL O 50 -36.63 23.38 8.98
C VAL O 50 -35.41 22.49 9.24
N ALA O 51 -34.90 21.82 8.20
CA ALA O 51 -33.72 20.98 8.39
C ALA O 51 -32.48 21.83 8.59
N ALA O 52 -32.38 22.94 7.88
CA ALA O 52 -31.22 23.81 8.00
C ALA O 52 -31.18 24.52 9.34
N VAL O 53 -32.34 25.00 9.83
CA VAL O 53 -32.33 25.64 11.15
C VAL O 53 -32.21 24.59 12.25
N LYS O 54 -32.66 23.36 12.00
CA LYS O 54 -32.53 22.30 12.99
C LYS O 54 -31.08 21.85 13.11
N ALA O 55 -30.29 22.00 12.04
CA ALA O 55 -28.85 21.81 12.16
C ALA O 55 -28.14 23.05 12.69
N ALA O 56 -28.63 24.24 12.34
CA ALA O 56 -27.97 25.47 12.73
C ALA O 56 -28.08 25.73 14.22
N THR O 57 -29.26 25.49 14.80
CA THR O 57 -29.41 25.71 16.24
C THR O 57 -28.69 24.65 17.07
N GLU O 58 -28.61 23.42 16.56
CA GLU O 58 -27.85 22.42 17.30
C GLU O 58 -26.35 22.57 17.10
N ALA O 59 -25.91 23.35 16.11
CA ALA O 59 -24.52 23.77 16.08
C ALA O 59 -24.29 24.99 16.98
N GLY O 60 -25.24 25.91 17.03
CA GLY O 60 -25.08 27.11 17.83
C GLY O 60 -25.19 26.86 19.32
N GLN O 61 -25.97 25.86 19.72
CA GLN O 61 -25.98 25.45 21.12
C GLN O 61 -24.65 24.84 21.53
N ARG O 62 -24.07 24.01 20.65
CA ARG O 62 -22.80 23.36 20.95
C ARG O 62 -21.65 24.36 20.94
N ALA O 63 -21.76 25.42 20.14
CA ALA O 63 -20.75 26.47 20.16
C ALA O 63 -21.04 27.56 21.19
N ALA O 64 -22.23 27.58 21.79
CA ALA O 64 -22.58 28.60 22.76
C ALA O 64 -22.50 28.11 24.20
N GLU O 65 -22.49 26.80 24.43
CA GLU O 65 -22.24 26.28 25.77
C GLU O 65 -20.78 26.39 26.17
N ARG O 66 -19.88 26.59 25.20
CA ARG O 66 -18.46 26.70 25.52
C ARG O 66 -18.08 28.07 26.07
N VAL O 67 -18.73 29.12 25.59
CA VAL O 67 -18.39 30.47 26.02
C VAL O 67 -19.51 31.17 26.77
N GLY O 68 -20.74 30.69 26.71
CA GLY O 68 -21.83 31.41 27.36
C GLY O 68 -22.73 30.55 28.20
N GLU O 69 -23.82 31.13 28.70
CA GLU O 69 -24.82 30.43 29.50
C GLU O 69 -26.08 30.31 28.65
N VAL O 70 -26.34 29.11 28.14
CA VAL O 70 -27.47 28.89 27.26
C VAL O 70 -28.72 28.71 28.11
N VAL O 71 -29.72 29.55 27.88
CA VAL O 71 -30.98 29.46 28.62
C VAL O 71 -31.97 28.56 27.90
N ALA O 72 -32.17 28.77 26.59
CA ALA O 72 -33.18 28.02 25.87
C ALA O 72 -32.80 27.90 24.40
N VAL O 73 -32.98 26.69 23.86
CA VAL O 73 -32.80 26.39 22.44
C VAL O 73 -34.09 25.76 21.95
N HIS O 74 -34.70 26.34 20.93
CA HIS O 74 -35.94 25.79 20.40
C HIS O 74 -36.12 26.18 18.95
N VAL O 75 -36.70 25.25 18.18
CA VAL O 75 -36.98 25.42 16.76
C VAL O 75 -38.48 25.30 16.54
N ILE O 76 -39.06 26.28 15.87
CA ILE O 76 -40.46 26.24 15.47
C ILE O 76 -40.50 26.01 13.97
N PRO O 77 -41.00 24.85 13.50
CA PRO O 77 -40.92 24.56 12.06
C PRO O 77 -41.85 25.38 11.19
N ARG O 78 -43.05 25.70 11.67
CA ARG O 78 -43.92 26.67 11.00
C ARG O 78 -44.55 27.59 12.03
N PRO O 79 -43.97 28.77 12.27
CA PRO O 79 -44.68 29.77 13.07
C PRO O 79 -45.89 30.31 12.33
N HIS O 80 -46.96 30.55 13.09
CA HIS O 80 -48.20 31.05 12.53
C HIS O 80 -48.02 32.49 12.04
N VAL O 81 -48.92 32.93 11.17
CA VAL O 81 -48.82 34.27 10.59
C VAL O 81 -49.06 35.36 11.63
N ASN O 82 -49.78 35.06 12.71
CA ASN O 82 -49.97 36.05 13.77
C ASN O 82 -48.70 36.24 14.58
N VAL O 83 -47.87 35.19 14.68
CA VAL O 83 -46.59 35.31 15.38
C VAL O 83 -45.66 36.25 14.63
N ASP O 84 -45.56 36.09 13.30
CA ASP O 84 -44.74 36.97 12.50
C ASP O 84 -45.36 38.35 12.35
N ALA O 85 -46.67 38.48 12.51
CA ALA O 85 -47.32 39.78 12.44
C ALA O 85 -47.25 40.55 13.75
N ALA O 86 -47.04 39.88 14.87
CA ALA O 86 -46.95 40.53 16.17
C ALA O 86 -45.54 40.59 16.72
N LEU O 87 -44.84 39.46 16.74
CA LEU O 87 -43.50 39.41 17.32
C LEU O 87 -42.46 39.79 16.26
N PRO O 88 -41.40 40.51 16.64
CA PRO O 88 -40.41 41.00 15.64
C PRO O 88 -39.42 39.92 15.19
N LEU O 89 -39.83 39.12 14.20
CA LEU O 89 -39.04 37.96 13.80
C LEU O 89 -38.49 38.08 12.38
N GLY O 90 -38.43 39.30 11.83
CA GLY O 90 -37.74 39.53 10.59
C GLY O 90 -38.57 39.37 9.33
N ARG O 91 -39.77 38.79 9.42
CA ARG O 91 -40.64 38.62 8.27
C ARG O 91 -41.97 39.33 8.48
N THR O 92 -41.92 40.55 9.00
CA THR O 92 -43.13 41.32 9.20
C THR O 92 -43.63 41.86 7.87
N PRO O 93 -44.87 41.59 7.47
CA PRO O 93 -45.44 42.07 6.20
C PRO O 93 -45.62 43.59 6.16
N ALA P 2 -42.63 9.61 -5.24
CA ALA P 2 -42.79 11.05 -5.35
C ALA P 2 -42.51 11.73 -4.01
N ASP P 3 -43.55 12.30 -3.42
CA ASP P 3 -43.39 12.96 -2.12
C ASP P 3 -43.24 11.93 -1.01
N ALA P 4 -42.62 12.36 0.08
CA ALA P 4 -42.37 11.50 1.23
C ALA P 4 -43.67 11.21 1.97
N LEU P 5 -43.64 10.15 2.76
CA LEU P 5 -44.82 9.55 3.37
C LEU P 5 -44.68 9.55 4.88
N GLY P 6 -45.81 9.74 5.57
CA GLY P 6 -45.82 9.65 7.02
C GLY P 6 -47.12 9.05 7.52
N MET P 7 -47.07 8.21 8.54
CA MET P 7 -48.26 7.50 9.01
C MET P 7 -48.30 7.45 10.52
N ILE P 8 -49.50 7.64 11.07
CA ILE P 8 -49.77 7.43 12.49
C ILE P 8 -50.92 6.44 12.58
N GLU P 9 -50.67 5.26 13.12
CA GLU P 9 -51.73 4.29 13.36
C GLU P 9 -52.13 4.36 14.82
N VAL P 10 -53.42 4.58 15.08
CA VAL P 10 -53.94 4.72 16.42
C VAL P 10 -55.09 3.73 16.59
N ARG P 11 -55.10 3.01 17.71
CA ARG P 11 -56.26 2.20 18.08
C ARG P 11 -57.30 3.14 18.70
N GLY P 12 -58.03 3.81 17.83
CA GLY P 12 -58.98 4.83 18.27
C GLY P 12 -59.07 5.98 17.30
N PHE P 13 -60.29 6.42 17.00
CA PHE P 13 -60.48 7.48 16.02
C PHE P 13 -60.05 8.83 16.57
N VAL P 14 -60.18 9.03 17.88
CA VAL P 14 -59.93 10.33 18.49
C VAL P 14 -58.45 10.65 18.51
N GLY P 15 -57.61 9.68 18.89
CA GLY P 15 -56.17 9.86 18.84
C GLY P 15 -55.66 10.06 17.42
N MET P 16 -56.30 9.41 16.45
CA MET P 16 -55.93 9.60 15.06
C MET P 16 -56.30 10.99 14.58
N VAL P 17 -57.42 11.53 15.03
CA VAL P 17 -57.80 12.88 14.61
C VAL P 17 -56.89 13.92 15.25
N GLU P 18 -56.49 13.70 16.51
CA GLU P 18 -55.53 14.62 17.14
C GLU P 18 -54.16 14.53 16.48
N ALA P 19 -53.73 13.32 16.09
CA ALA P 19 -52.48 13.17 15.36
C ALA P 19 -52.55 13.84 14.00
N ALA P 20 -53.67 13.68 13.29
CA ALA P 20 -53.82 14.26 11.98
C ALA P 20 -53.97 15.77 12.03
N ASP P 21 -54.41 16.32 13.16
CA ASP P 21 -54.42 17.76 13.31
C ASP P 21 -53.03 18.29 13.63
N ALA P 22 -52.29 17.61 14.51
CA ALA P 22 -50.96 18.09 14.87
C ALA P 22 -49.96 17.94 13.74
N MET P 23 -50.14 16.94 12.87
CA MET P 23 -49.24 16.80 11.74
C MET P 23 -49.42 17.92 10.72
N VAL P 24 -50.66 18.28 10.42
CA VAL P 24 -50.89 19.37 9.46
C VAL P 24 -50.71 20.74 10.08
N LYS P 25 -50.68 20.86 11.41
CA LYS P 25 -50.33 22.14 12.00
C LYS P 25 -48.84 22.32 12.21
N ALA P 26 -48.11 21.26 12.52
CA ALA P 26 -46.70 21.40 12.88
C ALA P 26 -45.83 21.66 11.67
N ALA P 27 -46.20 21.17 10.50
CA ALA P 27 -45.40 21.37 9.31
C ALA P 27 -46.34 21.43 8.10
N LYS P 28 -45.76 21.65 6.93
CA LYS P 28 -46.53 21.73 5.69
C LYS P 28 -46.61 20.33 5.10
N VAL P 29 -47.61 19.58 5.53
CA VAL P 29 -47.89 18.26 4.96
C VAL P 29 -49.30 18.29 4.40
N GLU P 30 -49.72 17.19 3.78
CA GLU P 30 -51.05 17.08 3.19
C GLU P 30 -51.69 15.79 3.70
N LEU P 31 -52.72 15.93 4.53
CA LEU P 31 -53.49 14.79 5.01
C LEU P 31 -54.33 14.26 3.87
N ILE P 32 -53.87 13.20 3.21
CA ILE P 32 -54.57 12.72 2.02
C ILE P 32 -55.81 11.93 2.38
N GLY P 33 -55.90 11.42 3.59
CA GLY P 33 -57.05 10.63 4.01
C GLY P 33 -56.71 9.83 5.25
N TYR P 34 -57.38 8.69 5.38
CA TYR P 34 -57.18 7.80 6.52
C TYR P 34 -57.64 6.42 6.12
N GLU P 35 -57.01 5.40 6.71
CA GLU P 35 -57.30 4.01 6.36
C GLU P 35 -57.84 3.28 7.57
N LYS P 36 -58.99 2.65 7.40
CA LYS P 36 -59.64 1.85 8.43
C LYS P 36 -59.38 0.37 8.14
N THR P 37 -58.62 -0.28 9.02
CA THR P 37 -58.29 -1.68 8.84
C THR P 37 -59.11 -2.61 9.73
N GLY P 38 -60.10 -2.08 10.43
CA GLY P 38 -60.97 -2.89 11.26
C GLY P 38 -60.34 -3.26 12.58
N GLY P 39 -61.20 -3.58 13.55
CA GLY P 39 -60.73 -3.89 14.88
C GLY P 39 -60.38 -2.70 15.72
N GLY P 40 -60.69 -1.49 15.27
CA GLY P 40 -60.40 -0.29 16.01
C GLY P 40 -59.18 0.46 15.57
N TYR P 41 -58.46 -0.03 14.56
CA TYR P 41 -57.23 0.60 14.10
C TYR P 41 -57.56 1.57 12.97
N VAL P 42 -57.05 2.79 13.08
CA VAL P 42 -57.17 3.77 12.01
C VAL P 42 -55.82 4.43 11.79
N THR P 43 -55.46 4.62 10.53
CA THR P 43 -54.14 5.12 10.15
C THR P 43 -54.29 6.45 9.41
N ALA P 44 -53.79 7.51 10.00
CA ALA P 44 -53.72 8.81 9.34
C ALA P 44 -52.46 8.86 8.49
N VAL P 45 -52.62 9.28 7.23
CA VAL P 45 -51.57 9.25 6.24
C VAL P 45 -51.33 10.67 5.76
N VAL P 46 -50.17 11.23 6.09
CA VAL P 46 -49.76 12.54 5.57
C VAL P 46 -48.68 12.32 4.53
N ARG P 47 -48.50 13.33 3.68
CA ARG P 47 -47.64 13.15 2.52
C ARG P 47 -47.06 14.50 2.10
N GLY P 48 -45.75 14.62 2.18
CA GLY P 48 -45.05 15.84 1.84
C GLY P 48 -43.56 15.58 1.79
N ASP P 49 -42.79 16.65 1.59
CA ASP P 49 -41.34 16.51 1.52
C ASP P 49 -40.74 16.07 2.86
N VAL P 50 -39.52 15.56 2.80
CA VAL P 50 -38.99 14.66 3.83
C VAL P 50 -38.74 15.37 5.16
N ALA P 51 -38.35 16.64 5.13
CA ALA P 51 -38.12 17.37 6.37
C ALA P 51 -39.43 17.71 7.07
N ALA P 52 -40.44 18.10 6.29
CA ALA P 52 -41.74 18.44 6.88
C ALA P 52 -42.43 17.22 7.46
N VAL P 53 -42.38 16.08 6.76
CA VAL P 53 -43.02 14.89 7.33
C VAL P 53 -42.19 14.33 8.47
N LYS P 54 -40.86 14.51 8.46
CA LYS P 54 -40.02 14.00 9.52
C LYS P 54 -40.21 14.81 10.80
N ALA P 55 -40.59 16.09 10.67
CA ALA P 55 -40.99 16.85 11.85
C ALA P 55 -42.44 16.60 12.23
N ALA P 56 -43.31 16.41 11.24
CA ALA P 56 -44.73 16.31 11.49
C ALA P 56 -45.11 15.01 12.17
N THR P 57 -44.47 13.89 11.79
CA THR P 57 -44.80 12.62 12.42
C THR P 57 -44.30 12.56 13.85
N GLU P 58 -43.14 13.15 14.13
CA GLU P 58 -42.68 13.16 15.51
C GLU P 58 -43.38 14.21 16.35
N ALA P 59 -44.08 15.17 15.73
CA ALA P 59 -44.99 16.01 16.52
C ALA P 59 -46.33 15.32 16.74
N GLY P 60 -46.82 14.60 15.73
CA GLY P 60 -48.09 13.91 15.87
C GLY P 60 -48.04 12.70 16.78
N GLN P 61 -46.87 12.06 16.87
CA GLN P 61 -46.68 11.00 17.86
C GLN P 61 -46.70 11.57 19.27
N ARG P 62 -46.09 12.73 19.46
CA ARG P 62 -46.11 13.37 20.78
C ARG P 62 -47.49 13.86 21.16
N ALA P 63 -48.28 14.31 20.18
CA ALA P 63 -49.62 14.78 20.47
C ALA P 63 -50.66 13.68 20.50
N ALA P 64 -50.36 12.50 19.95
CA ALA P 64 -51.33 11.41 19.93
C ALA P 64 -51.18 10.44 21.09
N GLU P 65 -50.04 10.44 21.77
CA GLU P 65 -49.88 9.63 22.97
C GLU P 65 -50.62 10.20 24.17
N ARG P 66 -51.08 11.45 24.09
CA ARG P 66 -51.83 12.03 25.19
C ARG P 66 -53.24 11.47 25.25
N VAL P 67 -53.91 11.34 24.11
CA VAL P 67 -55.32 10.98 24.08
C VAL P 67 -55.57 9.57 23.58
N GLY P 68 -54.66 8.97 22.84
CA GLY P 68 -54.94 7.68 22.24
C GLY P 68 -53.90 6.62 22.51
N GLU P 69 -53.84 5.61 21.64
CA GLU P 69 -52.89 4.52 21.75
C GLU P 69 -52.15 4.43 20.42
N VAL P 70 -50.92 4.94 20.38
CA VAL P 70 -50.11 4.91 19.17
C VAL P 70 -49.58 3.50 18.98
N VAL P 71 -49.84 2.91 17.82
CA VAL P 71 -49.37 1.58 17.47
C VAL P 71 -48.08 1.62 16.69
N ALA P 72 -48.01 2.47 15.65
CA ALA P 72 -46.83 2.52 14.80
C ALA P 72 -46.68 3.91 14.21
N VAL P 73 -45.43 4.41 14.21
CA VAL P 73 -45.05 5.64 13.55
C VAL P 73 -43.90 5.33 12.62
N HIS P 74 -44.03 5.70 11.35
CA HIS P 74 -42.98 5.39 10.40
C HIS P 74 -43.01 6.39 9.24
N VAL P 75 -41.83 6.76 8.76
CA VAL P 75 -41.67 7.70 7.67
C VAL P 75 -40.93 6.98 6.54
N ILE P 76 -41.55 6.95 5.36
CA ILE P 76 -40.90 6.46 4.16
C ILE P 76 -40.55 7.67 3.30
N PRO P 77 -39.28 8.05 3.20
CA PRO P 77 -38.94 9.28 2.45
C PRO P 77 -39.11 9.15 0.95
N ARG P 78 -38.91 7.95 0.40
CA ARG P 78 -39.21 7.68 -1.01
C ARG P 78 -40.07 6.44 -1.08
N PRO P 79 -41.39 6.59 -1.09
CA PRO P 79 -42.24 5.45 -1.45
C PRO P 79 -42.07 5.09 -2.91
N HIS P 80 -41.94 3.81 -3.17
CA HIS P 80 -41.71 3.31 -4.52
C HIS P 80 -42.96 3.51 -5.37
N VAL P 81 -42.75 3.53 -6.70
CA VAL P 81 -43.84 3.85 -7.62
C VAL P 81 -44.89 2.74 -7.64
N ASN P 82 -44.51 1.50 -7.32
CA ASN P 82 -45.48 0.43 -7.23
C ASN P 82 -46.33 0.57 -5.97
N VAL P 83 -45.77 1.16 -4.92
CA VAL P 83 -46.52 1.37 -3.68
C VAL P 83 -47.57 2.46 -3.89
N ASP P 84 -47.22 3.52 -4.62
CA ASP P 84 -48.20 4.56 -4.92
C ASP P 84 -49.21 4.09 -5.96
N ALA P 85 -48.81 3.16 -6.83
CA ALA P 85 -49.74 2.64 -7.82
C ALA P 85 -50.62 1.51 -7.27
N ALA P 86 -50.28 0.96 -6.11
CA ALA P 86 -51.06 -0.13 -5.51
C ALA P 86 -51.76 0.27 -4.24
N LEU P 87 -51.03 0.82 -3.26
CA LEU P 87 -51.65 1.18 -2.00
C LEU P 87 -52.32 2.55 -2.11
N PRO P 88 -53.46 2.75 -1.44
CA PRO P 88 -54.16 4.04 -1.55
C PRO P 88 -53.51 5.15 -0.73
N LEU P 89 -52.51 5.81 -1.32
CA LEU P 89 -51.73 6.80 -0.58
C LEU P 89 -51.91 8.21 -1.13
N GLY P 90 -52.92 8.46 -1.95
CA GLY P 90 -53.26 9.80 -2.36
C GLY P 90 -52.52 10.33 -3.58
N ARG P 91 -51.58 9.57 -4.14
CA ARG P 91 -50.89 9.98 -5.36
C ARG P 91 -50.91 8.86 -6.38
N THR P 92 -52.02 8.15 -6.48
CA THR P 92 -52.16 7.12 -7.50
C THR P 92 -52.57 7.76 -8.82
N PRO P 93 -51.78 7.62 -9.89
CA PRO P 93 -52.05 8.24 -11.20
C PRO P 93 -53.31 7.69 -11.87
N ALA Q 2 -63.62 25.18 10.76
CA ALA Q 2 -64.68 26.12 11.11
C ALA Q 2 -64.90 26.14 12.62
N ASP Q 3 -66.00 25.52 13.06
CA ASP Q 3 -66.32 25.44 14.47
C ASP Q 3 -65.43 24.42 15.17
N ALA Q 4 -65.42 24.49 16.49
CA ALA Q 4 -64.63 23.58 17.31
C ALA Q 4 -65.21 22.17 17.28
N LEU Q 5 -64.39 21.21 17.66
CA LEU Q 5 -64.65 19.79 17.47
C LEU Q 5 -64.60 19.07 18.80
N GLY Q 6 -65.50 18.11 19.00
CA GLY Q 6 -65.49 17.32 20.20
C GLY Q 6 -65.84 15.87 19.93
N MET Q 7 -65.16 14.94 20.59
CA MET Q 7 -65.31 13.52 20.30
C MET Q 7 -65.35 12.71 21.57
N ILE Q 8 -66.26 11.74 21.63
CA ILE Q 8 -66.25 10.72 22.66
C ILE Q 8 -66.17 9.37 21.97
N GLU Q 9 -65.16 8.58 22.31
CA GLU Q 9 -65.03 7.23 21.78
C GLU Q 9 -65.38 6.23 22.88
N VAL Q 10 -66.32 5.34 22.59
CA VAL Q 10 -66.78 4.35 23.54
C VAL Q 10 -66.68 2.97 22.88
N ARG Q 11 -66.16 1.99 23.61
CA ARG Q 11 -66.23 0.59 23.19
C ARG Q 11 -67.63 0.09 23.52
N GLY Q 12 -68.57 0.39 22.63
CA GLY Q 12 -69.95 0.04 22.86
C GLY Q 12 -70.92 1.10 22.37
N PHE Q 13 -72.03 0.66 21.79
CA PHE Q 13 -72.98 1.59 21.21
C PHE Q 13 -73.80 2.30 22.27
N VAL Q 14 -74.03 1.65 23.41
CA VAL Q 14 -74.90 2.21 24.45
C VAL Q 14 -74.23 3.40 25.13
N GLY Q 15 -72.96 3.25 25.49
CA GLY Q 15 -72.22 4.36 26.07
C GLY Q 15 -72.01 5.50 25.10
N MET Q 16 -71.91 5.21 23.80
CA MET Q 16 -71.76 6.26 22.81
C MET Q 16 -73.07 7.02 22.62
N VAL Q 17 -74.21 6.33 22.69
CA VAL Q 17 -75.49 7.03 22.62
C VAL Q 17 -75.72 7.87 23.87
N GLU Q 18 -75.30 7.37 25.04
CA GLU Q 18 -75.40 8.16 26.26
C GLU Q 18 -74.50 9.40 26.22
N ALA Q 19 -73.29 9.25 25.70
CA ALA Q 19 -72.39 10.40 25.55
C ALA Q 19 -72.92 11.39 24.53
N ALA Q 20 -73.45 10.89 23.41
CA ALA Q 20 -73.98 11.77 22.38
C ALA Q 20 -75.27 12.46 22.81
N ASP Q 21 -75.98 11.89 23.77
CA ASP Q 21 -77.14 12.57 24.33
C ASP Q 21 -76.73 13.61 25.37
N ALA Q 22 -75.75 13.27 26.21
CA ALA Q 22 -75.30 14.22 27.22
C ALA Q 22 -74.58 15.42 26.62
N MET Q 23 -73.90 15.23 25.48
CA MET Q 23 -73.24 16.35 24.81
C MET Q 23 -74.26 17.33 24.24
N VAL Q 24 -75.31 16.84 23.58
CA VAL Q 24 -76.28 17.76 23.01
C VAL Q 24 -77.24 18.31 24.05
N LYS Q 25 -77.38 17.66 25.21
CA LYS Q 25 -78.18 18.24 26.29
C LYS Q 25 -77.36 19.16 27.19
N ALA Q 26 -76.04 19.12 27.12
CA ALA Q 26 -75.23 20.00 27.94
C ALA Q 26 -75.24 21.43 27.42
N ALA Q 27 -75.12 21.60 26.11
CA ALA Q 27 -75.08 22.93 25.51
C ALA Q 27 -75.63 22.83 24.08
N LYS Q 28 -75.52 23.93 23.34
CA LYS Q 28 -75.98 23.94 21.95
C LYS Q 28 -74.82 23.50 21.07
N VAL Q 29 -74.74 22.20 20.83
CA VAL Q 29 -73.79 21.63 19.88
C VAL Q 29 -74.58 20.89 18.82
N GLU Q 30 -73.92 20.59 17.71
CA GLU Q 30 -74.55 19.89 16.60
C GLU Q 30 -73.88 18.53 16.44
N LEU Q 31 -74.59 17.48 16.85
CA LEU Q 31 -74.13 16.10 16.68
C LEU Q 31 -74.18 15.76 15.20
N ILE Q 32 -73.02 15.77 14.54
CA ILE Q 32 -73.02 15.47 13.11
C ILE Q 32 -73.15 13.97 12.87
N GLY Q 33 -72.69 13.16 13.79
CA GLY Q 33 -72.86 11.72 13.63
C GLY Q 33 -71.85 10.95 14.46
N TYR Q 34 -71.45 9.80 13.92
CA TYR Q 34 -70.65 8.83 14.65
C TYR Q 34 -69.87 8.00 13.65
N GLU Q 35 -68.64 7.66 14.03
CA GLU Q 35 -67.73 6.90 13.18
C GLU Q 35 -67.50 5.53 13.80
N LYS Q 36 -67.59 4.48 12.98
CA LYS Q 36 -67.50 3.10 13.44
C LYS Q 36 -66.19 2.52 12.92
N THR Q 37 -65.17 2.51 13.77
CA THR Q 37 -63.86 2.02 13.36
C THR Q 37 -63.71 0.51 13.53
N GLY Q 38 -64.79 -0.20 13.81
CA GLY Q 38 -64.74 -1.63 13.97
C GLY Q 38 -64.23 -2.05 15.33
N GLY Q 39 -64.45 -3.32 15.65
CA GLY Q 39 -64.00 -3.85 16.93
C GLY Q 39 -64.80 -3.38 18.12
N GLY Q 40 -65.97 -2.80 17.90
CA GLY Q 40 -66.78 -2.28 18.99
C GLY Q 40 -66.54 -0.83 19.33
N TYR Q 41 -65.49 -0.22 18.79
CA TYR Q 41 -65.21 1.19 19.04
C TYR Q 41 -66.11 2.04 18.16
N VAL Q 42 -66.87 2.94 18.79
CA VAL Q 42 -67.69 3.90 18.06
C VAL Q 42 -67.44 5.29 18.65
N THR Q 43 -67.38 6.30 17.79
CA THR Q 43 -66.99 7.64 18.19
C THR Q 43 -68.10 8.62 17.82
N ALA Q 44 -68.73 9.20 18.84
CA ALA Q 44 -69.69 10.28 18.64
C ALA Q 44 -68.95 11.59 18.45
N VAL Q 45 -69.33 12.34 17.42
CA VAL Q 45 -68.62 13.56 17.02
C VAL Q 45 -69.60 14.71 17.07
N VAL Q 46 -69.38 15.64 17.99
CA VAL Q 46 -70.12 16.89 18.01
C VAL Q 46 -69.21 17.98 17.47
N ARG Q 47 -69.83 19.05 16.96
CA ARG Q 47 -69.06 20.11 16.34
C ARG Q 47 -69.82 21.41 16.48
N GLY Q 48 -69.28 22.33 17.27
CA GLY Q 48 -69.90 23.61 17.53
C GLY Q 48 -68.88 24.55 18.13
N ASP Q 49 -69.33 25.73 18.56
CA ASP Q 49 -68.43 26.71 19.11
C ASP Q 49 -67.83 26.24 20.44
N VAL Q 50 -66.67 26.81 20.78
CA VAL Q 50 -65.69 26.14 21.63
C VAL Q 50 -66.17 26.04 23.09
N ALA Q 51 -66.94 27.00 23.58
CA ALA Q 51 -67.48 26.91 24.93
C ALA Q 51 -68.53 25.81 25.02
N ALA Q 52 -69.38 25.71 24.01
CA ALA Q 52 -70.43 24.70 24.01
C ALA Q 52 -69.85 23.30 23.90
N VAL Q 53 -68.83 23.09 23.08
CA VAL Q 53 -68.27 21.75 22.98
C VAL Q 53 -67.38 21.43 24.17
N LYS Q 54 -66.79 22.43 24.81
CA LYS Q 54 -65.98 22.14 25.99
C LYS Q 54 -66.85 21.81 27.19
N ALA Q 55 -68.06 22.38 27.26
CA ALA Q 55 -69.02 21.93 28.26
C ALA Q 55 -69.66 20.60 27.87
N ALA Q 56 -69.89 20.40 26.57
CA ALA Q 56 -70.59 19.22 26.09
C ALA Q 56 -69.77 17.96 26.30
N THR Q 57 -68.50 17.98 25.92
CA THR Q 57 -67.68 16.78 26.07
C THR Q 57 -67.32 16.53 27.53
N GLU Q 58 -67.22 17.57 28.37
CA GLU Q 58 -66.97 17.30 29.77
C GLU Q 58 -68.22 16.82 30.50
N ALA Q 59 -69.41 17.04 29.94
CA ALA Q 59 -70.59 16.36 30.45
C ALA Q 59 -70.72 14.95 29.87
N GLY Q 60 -70.31 14.75 28.62
CA GLY Q 60 -70.41 13.44 28.00
C GLY Q 60 -69.42 12.44 28.55
N GLN Q 61 -68.23 12.91 28.92
CA GLN Q 61 -67.27 12.06 29.62
C GLN Q 61 -67.78 11.67 31.00
N ARG Q 62 -68.44 12.60 31.68
CA ARG Q 62 -68.96 12.33 33.02
C ARG Q 62 -70.17 11.40 32.96
N ALA Q 63 -70.94 11.45 31.88
CA ALA Q 63 -72.12 10.60 31.76
C ALA Q 63 -71.85 9.28 31.05
N ALA Q 64 -70.78 9.17 30.28
CA ALA Q 64 -70.47 7.94 29.57
C ALA Q 64 -69.64 6.97 30.39
N GLU Q 65 -68.89 7.46 31.38
CA GLU Q 65 -68.17 6.59 32.29
C GLU Q 65 -69.08 5.93 33.33
N ARG Q 66 -70.33 6.36 33.43
CA ARG Q 66 -71.28 5.74 34.33
C ARG Q 66 -71.89 4.47 33.72
N VAL Q 67 -71.89 4.34 32.40
CA VAL Q 67 -72.53 3.20 31.75
C VAL Q 67 -71.56 2.35 30.95
N GLY Q 68 -70.42 2.87 30.52
CA GLY Q 68 -69.58 2.11 29.60
C GLY Q 68 -68.09 2.36 29.69
N GLU Q 69 -67.36 1.86 28.70
CA GLU Q 69 -65.92 1.96 28.64
C GLU Q 69 -65.54 3.11 27.70
N VAL Q 70 -64.97 4.16 28.24
CA VAL Q 70 -64.61 5.35 27.48
C VAL Q 70 -63.14 5.26 27.11
N VAL Q 71 -62.85 5.28 25.81
CA VAL Q 71 -61.46 5.20 25.35
C VAL Q 71 -60.80 6.57 25.38
N ALA Q 72 -61.39 7.55 24.72
CA ALA Q 72 -60.72 8.83 24.55
C ALA Q 72 -61.73 9.96 24.49
N VAL Q 73 -61.38 11.07 25.14
CA VAL Q 73 -62.15 12.31 25.13
C VAL Q 73 -61.18 13.43 24.78
N HIS Q 74 -61.49 14.19 23.72
CA HIS Q 74 -60.60 15.26 23.32
C HIS Q 74 -61.36 16.34 22.56
N VAL Q 75 -60.97 17.59 22.77
CA VAL Q 75 -61.58 18.76 22.15
C VAL Q 75 -60.53 19.45 21.30
N ILE Q 76 -60.89 19.79 20.07
CA ILE Q 76 -60.02 20.55 19.18
C ILE Q 76 -60.69 21.90 18.94
N PRO Q 77 -60.17 23.00 19.47
CA PRO Q 77 -60.86 24.30 19.30
C PRO Q 77 -60.79 24.84 17.88
N ARG Q 78 -59.66 24.73 17.21
CA ARG Q 78 -59.53 25.13 15.81
C ARG Q 78 -58.91 23.98 15.01
N PRO Q 79 -59.73 23.09 14.46
CA PRO Q 79 -59.21 22.09 13.54
C PRO Q 79 -58.84 22.73 12.21
N HIS Q 80 -57.77 22.21 11.63
CA HIS Q 80 -57.24 22.74 10.38
C HIS Q 80 -58.18 22.41 9.23
N VAL Q 81 -58.06 23.17 8.14
CA VAL Q 81 -58.96 22.99 7.00
C VAL Q 81 -58.69 21.68 6.27
N ASN Q 82 -57.46 21.17 6.36
CA ASN Q 82 -57.16 19.87 5.77
C ASN Q 82 -57.81 18.74 6.57
N VAL Q 83 -57.97 18.93 7.88
CA VAL Q 83 -58.64 17.94 8.71
C VAL Q 83 -60.13 17.88 8.37
N ASP Q 84 -60.74 19.03 8.11
CA ASP Q 84 -62.14 19.04 7.69
C ASP Q 84 -62.31 18.51 6.27
N ALA Q 85 -61.33 18.76 5.40
CA ALA Q 85 -61.44 18.30 4.02
C ALA Q 85 -61.20 16.80 3.88
N ALA Q 86 -60.35 16.21 4.72
CA ALA Q 86 -60.01 14.81 4.59
C ALA Q 86 -60.89 13.92 5.47
N LEU Q 87 -60.99 14.24 6.74
CA LEU Q 87 -61.73 13.41 7.67
C LEU Q 87 -63.22 13.78 7.64
N PRO Q 88 -64.11 12.79 7.75
CA PRO Q 88 -65.57 13.07 7.71
C PRO Q 88 -66.11 13.62 9.03
N LEU Q 89 -65.97 14.93 9.21
CA LEU Q 89 -66.29 15.54 10.49
C LEU Q 89 -67.50 16.47 10.42
N GLY Q 90 -68.28 16.40 9.35
CA GLY Q 90 -69.55 17.10 9.27
C GLY Q 90 -69.50 18.43 8.55
N ARG Q 91 -68.33 19.06 8.46
CA ARG Q 91 -68.19 20.35 7.77
C ARG Q 91 -67.29 20.20 6.56
N THR Q 92 -67.48 19.14 5.78
CA THR Q 92 -66.70 18.94 4.58
C THR Q 92 -67.15 19.91 3.49
N PRO Q 93 -66.27 20.75 2.94
CA PRO Q 93 -66.61 21.76 1.92
C PRO Q 93 -67.07 21.14 0.60
N ALA R 2 -89.13 11.44 20.75
CA ALA R 2 -90.48 10.94 20.95
C ALA R 2 -90.56 10.06 22.19
N ASP R 3 -90.65 8.76 21.98
CA ASP R 3 -90.75 7.83 23.11
C ASP R 3 -89.39 7.67 23.78
N ALA R 4 -89.42 7.03 24.94
CA ALA R 4 -88.20 6.78 25.70
C ALA R 4 -87.37 5.69 25.05
N LEU R 5 -86.06 5.79 25.21
CA LEU R 5 -85.09 4.91 24.58
C LEU R 5 -84.59 3.88 25.57
N GLY R 6 -84.40 2.65 25.12
CA GLY R 6 -83.87 1.62 25.99
C GLY R 6 -82.98 0.67 25.22
N MET R 7 -81.84 0.29 25.79
CA MET R 7 -80.86 -0.50 25.06
C MET R 7 -80.29 -1.62 25.92
N ILE R 8 -80.02 -2.74 25.27
CA ILE R 8 -79.18 -3.80 25.82
C ILE R 8 -78.03 -3.98 24.83
N GLU R 9 -76.82 -4.14 25.34
CA GLU R 9 -75.70 -4.51 24.47
C GLU R 9 -75.12 -5.82 24.94
N VAL R 10 -75.03 -6.79 24.05
CA VAL R 10 -74.52 -8.11 24.36
C VAL R 10 -73.42 -8.43 23.36
N ARG R 11 -72.30 -8.99 23.86
CA ARG R 11 -71.28 -9.56 23.00
C ARG R 11 -71.77 -10.94 22.58
N GLY R 12 -72.64 -10.95 21.57
CA GLY R 12 -73.29 -12.18 21.14
C GLY R 12 -74.71 -11.97 20.67
N PHE R 13 -75.04 -12.57 19.53
CA PHE R 13 -76.37 -12.39 18.94
C PHE R 13 -77.43 -13.13 19.74
N VAL R 14 -77.07 -14.23 20.39
CA VAL R 14 -78.03 -15.08 21.07
C VAL R 14 -78.56 -14.40 22.33
N GLY R 15 -77.65 -13.85 23.14
CA GLY R 15 -78.06 -13.10 24.31
C GLY R 15 -78.83 -11.85 23.96
N MET R 16 -78.53 -11.24 22.81
CA MET R 16 -79.27 -10.07 22.37
C MET R 16 -80.68 -10.44 21.95
N VAL R 17 -80.87 -11.60 21.32
CA VAL R 17 -82.22 -12.02 20.94
C VAL R 17 -83.03 -12.40 22.17
N GLU R 18 -82.39 -13.07 23.15
CA GLU R 18 -83.07 -13.35 24.42
C GLU R 18 -83.44 -12.08 25.17
N ALA R 19 -82.55 -11.08 25.16
CA ALA R 19 -82.85 -9.80 25.80
C ALA R 19 -83.97 -9.06 25.07
N ALA R 20 -83.99 -9.13 23.74
CA ALA R 20 -85.06 -8.48 22.97
C ALA R 20 -86.40 -9.13 23.23
N ASP R 21 -86.41 -10.47 23.34
CA ASP R 21 -87.64 -11.19 23.66
C ASP R 21 -88.14 -10.84 25.05
N ALA R 22 -87.24 -10.77 26.04
CA ALA R 22 -87.66 -10.42 27.39
C ALA R 22 -88.14 -8.97 27.47
N MET R 23 -87.54 -8.06 26.70
CA MET R 23 -88.01 -6.67 26.69
C MET R 23 -89.38 -6.55 26.05
N VAL R 24 -89.61 -7.23 24.91
CA VAL R 24 -90.92 -7.10 24.27
C VAL R 24 -92.00 -7.91 24.97
N LYS R 25 -91.62 -8.84 25.85
CA LYS R 25 -92.64 -9.52 26.66
C LYS R 25 -92.89 -8.85 27.99
N ALA R 26 -91.94 -8.10 28.52
CA ALA R 26 -92.12 -7.53 29.86
C ALA R 26 -93.07 -6.35 29.88
N ALA R 27 -93.11 -5.55 28.81
CA ALA R 27 -93.97 -4.38 28.77
C ALA R 27 -94.28 -4.04 27.32
N LYS R 28 -95.10 -3.02 27.12
CA LYS R 28 -95.52 -2.61 25.78
C LYS R 28 -94.45 -1.69 25.20
N VAL R 29 -93.45 -2.29 24.56
CA VAL R 29 -92.40 -1.55 23.89
C VAL R 29 -92.44 -1.89 22.41
N GLU R 30 -91.58 -1.24 21.63
CA GLU R 30 -91.47 -1.52 20.19
C GLU R 30 -90.00 -1.75 19.86
N LEU R 31 -89.65 -3.00 19.56
CA LEU R 31 -88.30 -3.33 19.15
C LEU R 31 -88.06 -2.79 17.74
N ILE R 32 -87.28 -1.72 17.63
CA ILE R 32 -87.13 -1.08 16.33
C ILE R 32 -86.11 -1.82 15.47
N GLY R 33 -85.15 -2.49 16.09
CA GLY R 33 -84.11 -3.18 15.33
C GLY R 33 -82.93 -3.51 16.23
N TYR R 34 -81.74 -3.44 15.65
CA TYR R 34 -80.52 -3.72 16.39
C TYR R 34 -79.35 -3.07 15.66
N GLU R 35 -78.25 -2.90 16.39
CA GLU R 35 -77.08 -2.20 15.87
C GLU R 35 -75.85 -3.08 16.04
N LYS R 36 -75.05 -3.18 14.98
CA LYS R 36 -73.86 -4.01 14.93
C LYS R 36 -72.63 -3.12 14.85
N THR R 37 -71.86 -3.06 15.94
CA THR R 37 -70.67 -2.24 15.99
C THR R 37 -69.39 -3.03 15.78
N GLY R 38 -69.49 -4.27 15.33
CA GLY R 38 -68.32 -5.09 15.09
C GLY R 38 -67.77 -5.70 16.38
N GLY R 39 -66.95 -6.73 16.19
CA GLY R 39 -66.38 -7.42 17.33
C GLY R 39 -67.34 -8.32 18.07
N GLY R 40 -68.51 -8.59 17.50
CA GLY R 40 -69.52 -9.37 18.18
C GLY R 40 -70.47 -8.59 19.05
N TYR R 41 -70.27 -7.29 19.18
CA TYR R 41 -71.16 -6.45 19.97
C TYR R 41 -72.43 -6.15 19.17
N VAL R 42 -73.58 -6.45 19.76
CA VAL R 42 -74.86 -6.11 19.14
C VAL R 42 -75.75 -5.47 20.20
N THR R 43 -76.45 -4.42 19.79
CA THR R 43 -77.30 -3.63 20.67
C THR R 43 -78.75 -3.76 20.25
N ALA R 44 -79.58 -4.32 21.12
CA ALA R 44 -81.03 -4.33 20.94
C ALA R 44 -81.60 -3.04 21.50
N VAL R 45 -82.44 -2.39 20.70
CA VAL R 45 -82.97 -1.07 21.01
C VAL R 45 -84.49 -1.16 21.02
N VAL R 46 -85.09 -0.96 22.19
CA VAL R 46 -86.53 -0.80 22.31
C VAL R 46 -86.83 0.67 22.53
N ARG R 47 -88.08 1.05 22.28
CA ARG R 47 -88.44 2.45 22.33
C ARG R 47 -89.90 2.57 22.70
N GLY R 48 -90.16 3.01 23.94
CA GLY R 48 -91.49 3.19 24.47
C GLY R 48 -91.38 4.10 25.67
N ASP R 49 -92.53 4.37 26.30
CA ASP R 49 -92.56 5.30 27.41
C ASP R 49 -91.81 4.74 28.63
N VAL R 50 -91.41 5.65 29.52
CA VAL R 50 -90.23 5.47 30.36
C VAL R 50 -90.43 4.37 31.40
N ALA R 51 -91.65 4.16 31.89
CA ALA R 51 -91.88 3.09 32.85
C ALA R 51 -91.85 1.73 32.16
N ALA R 52 -92.38 1.66 30.94
CA ALA R 52 -92.40 0.41 30.19
C ALA R 52 -90.99 -0.03 29.81
N VAL R 53 -90.16 0.89 29.31
CA VAL R 53 -88.80 0.51 28.98
C VAL R 53 -87.94 0.35 30.23
N LYS R 54 -88.29 1.01 31.34
CA LYS R 54 -87.51 0.82 32.55
C LYS R 54 -87.79 -0.55 33.17
N ALA R 55 -89.00 -1.07 33.00
CA ALA R 55 -89.27 -2.46 33.39
C ALA R 55 -88.71 -3.44 32.35
N ALA R 56 -88.77 -3.08 31.06
CA ALA R 56 -88.37 -3.99 30.00
C ALA R 56 -86.87 -4.23 30.00
N THR R 57 -86.07 -3.18 30.18
CA THR R 57 -84.63 -3.35 30.16
C THR R 57 -84.12 -4.07 31.40
N GLU R 58 -84.75 -3.86 32.55
CA GLU R 58 -84.33 -4.61 33.73
C GLU R 58 -84.85 -6.04 33.72
N ALA R 59 -85.83 -6.35 32.88
CA ALA R 59 -86.14 -7.76 32.64
C ALA R 59 -85.21 -8.38 31.61
N GLY R 60 -84.84 -7.61 30.58
CA GLY R 60 -83.96 -8.14 29.55
C GLY R 60 -82.53 -8.32 30.01
N GLN R 61 -82.08 -7.49 30.94
CA GLN R 61 -80.76 -7.70 31.55
C GLN R 61 -80.78 -8.93 32.44
N ARG R 62 -81.90 -9.18 33.10
CA ARG R 62 -82.01 -10.36 33.97
C ARG R 62 -82.07 -11.64 33.15
N ALA R 63 -82.73 -11.58 31.99
CA ALA R 63 -82.80 -12.76 31.13
C ALA R 63 -81.57 -12.95 30.27
N ALA R 64 -80.80 -11.89 30.00
CA ALA R 64 -79.64 -11.98 29.14
C ALA R 64 -78.35 -12.30 29.87
N GLU R 65 -78.30 -12.10 31.19
CA GLU R 65 -77.14 -12.53 31.96
C GLU R 65 -77.13 -14.02 32.23
N ARG R 66 -78.22 -14.73 31.91
CA ARG R 66 -78.22 -16.18 32.03
C ARG R 66 -77.60 -16.87 30.83
N VAL R 67 -77.54 -16.20 29.68
CA VAL R 67 -77.01 -16.81 28.47
C VAL R 67 -75.83 -16.05 27.88
N GLY R 68 -75.58 -14.80 28.28
CA GLY R 68 -74.56 -14.03 27.61
C GLY R 68 -73.74 -13.11 28.48
N GLU R 69 -72.90 -12.30 27.85
CA GLU R 69 -72.01 -11.35 28.52
C GLU R 69 -72.55 -9.96 28.25
N VAL R 70 -73.38 -9.47 29.18
CA VAL R 70 -74.05 -8.18 29.01
C VAL R 70 -73.04 -7.06 29.23
N VAL R 71 -72.83 -6.23 28.22
CA VAL R 71 -71.89 -5.12 28.33
C VAL R 71 -72.54 -3.94 29.04
N ALA R 72 -73.63 -3.42 28.48
CA ALA R 72 -74.22 -2.19 29.00
C ALA R 72 -75.73 -2.21 28.87
N VAL R 73 -76.42 -1.66 29.86
CA VAL R 73 -77.87 -1.49 29.87
C VAL R 73 -78.17 -0.06 30.30
N HIS R 74 -78.94 0.67 29.49
CA HIS R 74 -79.23 2.05 29.84
C HIS R 74 -80.54 2.49 29.22
N VAL R 75 -81.25 3.36 29.93
CA VAL R 75 -82.53 3.92 29.52
C VAL R 75 -82.42 5.43 29.48
N ILE R 76 -82.78 6.03 28.36
CA ILE R 76 -82.86 7.48 28.21
C ILE R 76 -84.33 7.87 28.20
N PRO R 77 -84.80 8.67 29.16
CA PRO R 77 -86.25 8.94 29.24
C PRO R 77 -86.77 9.83 28.12
N ARG R 78 -86.04 10.88 27.77
CA ARG R 78 -86.42 11.73 26.64
C ARG R 78 -85.17 11.93 25.80
N PRO R 79 -84.99 11.17 24.73
CA PRO R 79 -83.83 11.37 23.87
C PRO R 79 -83.96 12.64 23.06
N HIS R 80 -82.84 13.32 22.88
CA HIS R 80 -82.81 14.62 22.22
C HIS R 80 -83.09 14.43 20.73
N VAL R 81 -83.59 15.51 20.10
CA VAL R 81 -84.05 15.42 18.72
C VAL R 81 -82.87 15.24 17.76
N ASN R 82 -81.68 15.74 18.13
CA ASN R 82 -80.50 15.52 17.31
C ASN R 82 -80.00 14.09 17.44
N VAL R 83 -80.21 13.47 18.60
CA VAL R 83 -79.83 12.08 18.81
C VAL R 83 -80.71 11.16 17.97
N ASP R 84 -82.01 11.45 17.90
CA ASP R 84 -82.90 10.68 17.05
C ASP R 84 -82.68 10.98 15.58
N ALA R 85 -82.19 12.19 15.27
CA ALA R 85 -81.95 12.53 13.88
C ALA R 85 -80.66 11.89 13.34
N ALA R 86 -79.63 11.77 14.17
CA ALA R 86 -78.33 11.29 13.71
C ALA R 86 -78.13 9.80 13.99
N LEU R 87 -78.24 9.40 15.25
CA LEU R 87 -78.02 8.00 15.61
C LEU R 87 -79.20 7.14 15.14
N PRO R 88 -78.93 5.92 14.67
CA PRO R 88 -80.02 5.06 14.12
C PRO R 88 -80.89 4.41 15.19
N LEU R 89 -81.91 5.14 15.64
CA LEU R 89 -82.69 4.73 16.79
C LEU R 89 -84.12 4.36 16.45
N GLY R 90 -84.52 4.43 15.19
CA GLY R 90 -85.82 3.95 14.77
C GLY R 90 -86.86 5.03 14.51
N ARG R 91 -86.59 6.28 14.87
CA ARG R 91 -87.52 7.37 14.62
C ARG R 91 -86.84 8.49 13.84
N THR R 92 -86.11 8.11 12.80
CA THR R 92 -85.46 9.10 11.94
C THR R 92 -86.49 9.76 11.04
N PRO R 93 -86.67 11.09 11.08
CA PRO R 93 -87.67 11.80 10.29
C PRO R 93 -87.41 11.76 8.79
N ALA S 2 -95.08 -18.09 17.63
CA ALA S 2 -95.00 -18.90 16.42
C ALA S 2 -94.08 -20.09 16.63
N ASP S 3 -93.24 -20.37 15.64
CA ASP S 3 -92.30 -21.47 15.74
C ASP S 3 -91.19 -21.15 16.72
N ALA S 4 -90.77 -22.15 17.49
CA ALA S 4 -89.73 -21.99 18.47
C ALA S 4 -88.37 -21.75 17.81
N LEU S 5 -87.49 -21.13 18.56
CA LEU S 5 -86.27 -20.51 18.03
C LEU S 5 -85.05 -21.12 18.72
N GLY S 6 -84.18 -21.75 17.95
CA GLY S 6 -82.95 -22.32 18.47
C GLY S 6 -81.75 -21.67 17.84
N MET S 7 -80.71 -21.42 18.63
CA MET S 7 -79.53 -20.71 18.16
C MET S 7 -78.27 -21.32 18.74
N ILE S 8 -77.24 -21.43 17.90
CA ILE S 8 -75.90 -21.80 18.34
C ILE S 8 -74.95 -20.72 17.84
N GLU S 9 -74.28 -20.04 18.76
CA GLU S 9 -73.28 -19.05 18.39
C GLU S 9 -71.89 -19.65 18.59
N VAL S 10 -71.07 -19.60 17.55
CA VAL S 10 -69.73 -20.17 17.59
C VAL S 10 -68.74 -19.08 17.16
N ARG S 11 -67.64 -18.96 17.90
CA ARG S 11 -66.49 -18.18 17.44
C ARG S 11 -65.75 -19.03 16.43
N GLY S 12 -66.22 -18.98 15.19
CA GLY S 12 -65.68 -19.81 14.15
C GLY S 12 -66.74 -20.30 13.18
N PHE S 13 -66.44 -20.22 11.88
CA PHE S 13 -67.41 -20.64 10.87
C PHE S 13 -67.55 -22.14 10.81
N VAL S 14 -66.46 -22.87 11.06
CA VAL S 14 -66.45 -24.33 10.93
C VAL S 14 -67.30 -24.98 12.01
N GLY S 15 -67.15 -24.51 13.25
CA GLY S 15 -67.98 -25.01 14.33
C GLY S 15 -69.45 -24.68 14.16
N MET S 16 -69.73 -23.52 13.55
CA MET S 16 -71.12 -23.15 13.25
C MET S 16 -71.72 -24.06 12.18
N VAL S 17 -70.93 -24.42 11.17
CA VAL S 17 -71.44 -25.31 10.13
C VAL S 17 -71.67 -26.71 10.67
N GLU S 18 -70.78 -27.18 11.56
CA GLU S 18 -70.99 -28.48 12.21
C GLU S 18 -72.22 -28.44 13.13
N ALA S 19 -72.42 -27.34 13.84
CA ALA S 19 -73.59 -27.19 14.69
C ALA S 19 -74.88 -27.17 13.87
N ALA S 20 -74.87 -26.46 12.75
CA ALA S 20 -76.06 -26.37 11.91
C ALA S 20 -76.39 -27.71 11.26
N ASP S 21 -75.35 -28.45 10.86
CA ASP S 21 -75.55 -29.79 10.29
C ASP S 21 -76.12 -30.75 11.33
N ALA S 22 -75.58 -30.71 12.55
CA ALA S 22 -76.09 -31.57 13.61
C ALA S 22 -77.52 -31.19 14.01
N MET S 23 -77.84 -29.89 13.97
CA MET S 23 -79.20 -29.47 14.30
C MET S 23 -80.20 -29.93 13.25
N VAL S 24 -79.87 -29.78 11.96
CA VAL S 24 -80.83 -30.20 10.95
C VAL S 24 -80.88 -31.71 10.76
N LYS S 25 -79.86 -32.44 11.24
CA LYS S 25 -79.96 -33.90 11.19
C LYS S 25 -80.60 -34.52 12.41
N ALA S 26 -80.49 -33.88 13.58
CA ALA S 26 -80.98 -34.50 14.80
C ALA S 26 -82.49 -34.42 14.95
N ALA S 27 -83.15 -33.46 14.31
CA ALA S 27 -84.60 -33.33 14.40
C ALA S 27 -85.10 -32.64 13.15
N LYS S 28 -86.43 -32.51 13.05
CA LYS S 28 -87.05 -31.85 11.89
C LYS S 28 -87.15 -30.36 12.20
N VAL S 29 -86.05 -29.65 11.96
CA VAL S 29 -85.97 -28.21 12.10
C VAL S 29 -85.56 -27.63 10.76
N GLU S 30 -85.67 -26.31 10.64
CA GLU S 30 -85.29 -25.60 9.42
C GLU S 30 -84.24 -24.56 9.74
N LEU S 31 -83.04 -24.75 9.20
CA LEU S 31 -81.98 -23.74 9.29
C LEU S 31 -82.36 -22.58 8.39
N ILE S 32 -82.70 -21.43 8.98
CA ILE S 32 -83.13 -20.30 8.16
C ILE S 32 -81.94 -19.54 7.61
N GLY S 33 -80.80 -19.58 8.29
CA GLY S 33 -79.65 -18.82 7.83
C GLY S 33 -78.57 -18.75 8.89
N TYR S 34 -77.84 -17.63 8.87
CA TYR S 34 -76.70 -17.45 9.75
C TYR S 34 -76.43 -15.96 9.87
N GLU S 35 -76.03 -15.53 11.06
CA GLU S 35 -75.80 -14.12 11.36
C GLU S 35 -74.31 -13.90 11.64
N LYS S 36 -73.73 -12.95 10.91
CA LYS S 36 -72.31 -12.61 11.04
C LYS S 36 -72.22 -11.31 11.83
N THR S 37 -72.04 -11.42 13.14
CA THR S 37 -71.95 -10.25 14.00
C THR S 37 -70.56 -9.62 13.99
N GLY S 38 -69.60 -10.20 13.29
CA GLY S 38 -68.26 -9.65 13.24
C GLY S 38 -67.42 -10.07 14.43
N GLY S 39 -66.10 -9.93 14.27
CA GLY S 39 -65.17 -10.36 15.29
C GLY S 39 -64.93 -11.84 15.34
N GLY S 40 -65.43 -12.58 14.34
CA GLY S 40 -65.29 -14.02 14.32
C GLY S 40 -66.47 -14.80 14.83
N TYR S 41 -67.50 -14.12 15.33
CA TYR S 41 -68.68 -14.78 15.87
C TYR S 41 -69.69 -14.97 14.75
N VAL S 42 -70.20 -16.18 14.61
CA VAL S 42 -71.29 -16.45 13.68
C VAL S 42 -72.34 -17.28 14.39
N THR S 43 -73.61 -16.99 14.11
CA THR S 43 -74.74 -17.59 14.81
C THR S 43 -75.60 -18.36 13.82
N ALA S 44 -75.71 -19.67 14.04
CA ALA S 44 -76.65 -20.51 13.30
C ALA S 44 -78.00 -20.48 13.99
N VAL S 45 -79.06 -20.33 13.20
CA VAL S 45 -80.41 -20.12 13.70
C VAL S 45 -81.32 -21.17 13.05
N VAL S 46 -81.86 -22.07 13.85
CA VAL S 46 -82.87 -23.01 13.38
C VAL S 46 -84.20 -22.63 14.01
N ARG S 47 -85.27 -23.12 13.41
CA ARG S 47 -86.60 -22.67 13.83
C ARG S 47 -87.62 -23.77 13.57
N GLY S 48 -88.19 -24.27 14.65
CA GLY S 48 -89.19 -25.32 14.58
C GLY S 48 -89.86 -25.45 15.94
N ASP S 49 -90.74 -26.45 16.06
CA ASP S 49 -91.48 -26.61 17.31
C ASP S 49 -90.55 -27.04 18.44
N VAL S 50 -91.04 -26.86 19.68
CA VAL S 50 -90.18 -26.69 20.85
C VAL S 50 -89.40 -27.95 21.21
N ALA S 51 -89.98 -29.13 21.02
CA ALA S 51 -89.25 -30.35 21.33
C ALA S 51 -88.17 -30.64 20.30
N ALA S 52 -88.46 -30.36 19.03
CA ALA S 52 -87.47 -30.61 17.98
C ALA S 52 -86.28 -29.67 18.09
N VAL S 53 -86.52 -28.38 18.38
CA VAL S 53 -85.38 -27.49 18.56
C VAL S 53 -84.68 -27.75 19.89
N LYS S 54 -85.40 -28.25 20.89
CA LYS S 54 -84.78 -28.56 22.17
C LYS S 54 -83.88 -29.77 22.07
N ALA S 55 -84.18 -30.70 21.14
CA ALA S 55 -83.26 -31.79 20.86
C ALA S 55 -82.15 -31.37 19.91
N ALA S 56 -82.48 -30.52 18.93
CA ALA S 56 -81.53 -30.13 17.89
C ALA S 56 -80.40 -29.28 18.44
N THR S 57 -80.72 -28.30 19.30
CA THR S 57 -79.68 -27.45 19.84
C THR S 57 -78.80 -28.18 20.85
N GLU S 58 -79.35 -29.12 21.60
CA GLU S 58 -78.50 -29.88 22.51
C GLU S 58 -77.71 -30.96 21.79
N ALA S 59 -78.09 -31.30 20.56
CA ALA S 59 -77.18 -32.10 19.73
C ALA S 59 -76.11 -31.23 19.08
N GLY S 60 -76.49 -30.01 18.66
CA GLY S 60 -75.54 -29.12 18.01
C GLY S 60 -74.49 -28.56 18.96
N GLN S 61 -74.86 -28.39 20.23
CA GLN S 61 -73.87 -28.01 21.23
C GLN S 61 -72.88 -29.14 21.49
N ARG S 62 -73.37 -30.38 21.55
CA ARG S 62 -72.49 -31.51 21.80
C ARG S 62 -71.61 -31.82 20.59
N ALA S 63 -72.08 -31.47 19.39
CA ALA S 63 -71.27 -31.67 18.19
C ALA S 63 -70.37 -30.49 17.86
N ALA S 64 -70.67 -29.29 18.38
CA ALA S 64 -69.89 -28.12 18.06
C ALA S 64 -68.78 -27.82 19.06
N GLU S 65 -68.85 -28.40 20.25
CA GLU S 65 -67.77 -28.26 21.21
C GLU S 65 -66.58 -29.16 20.88
N ARG S 66 -66.72 -30.06 19.92
CA ARG S 66 -65.61 -30.89 19.48
C ARG S 66 -64.69 -30.14 18.53
N VAL S 67 -65.21 -29.18 17.77
CA VAL S 67 -64.43 -28.54 16.71
C VAL S 67 -64.27 -27.05 16.94
N GLY S 68 -65.19 -26.42 17.67
CA GLY S 68 -65.24 -24.98 17.74
C GLY S 68 -65.50 -24.47 19.14
N GLU S 69 -65.51 -23.15 19.28
CA GLU S 69 -65.71 -22.47 20.55
C GLU S 69 -67.15 -21.99 20.63
N VAL S 70 -67.96 -22.68 21.42
CA VAL S 70 -69.38 -22.36 21.55
C VAL S 70 -69.54 -21.24 22.57
N VAL S 71 -70.10 -20.12 22.13
CA VAL S 71 -70.31 -18.97 23.00
C VAL S 71 -71.65 -19.06 23.74
N ALA S 72 -72.73 -19.32 23.01
CA ALA S 72 -74.05 -19.29 23.62
C ALA S 72 -74.98 -20.29 22.95
N VAL S 73 -75.78 -20.97 23.77
CA VAL S 73 -76.84 -21.87 23.33
C VAL S 73 -78.11 -21.47 24.05
N HIS S 74 -79.18 -21.20 23.29
CA HIS S 74 -80.44 -20.84 23.92
C HIS S 74 -81.59 -21.19 22.99
N VAL S 75 -82.70 -21.61 23.60
CA VAL S 75 -83.93 -21.97 22.90
C VAL S 75 -85.05 -21.09 23.40
N ILE S 76 -85.70 -20.36 22.49
CA ILE S 76 -86.89 -19.57 22.81
C ILE S 76 -88.10 -20.38 22.36
N PRO S 77 -88.93 -20.88 23.28
CA PRO S 77 -90.07 -21.71 22.85
C PRO S 77 -91.17 -20.93 22.15
N ARG S 78 -91.44 -19.70 22.59
CA ARG S 78 -92.49 -18.86 22.01
C ARG S 78 -91.95 -17.45 21.79
N PRO S 79 -91.28 -17.19 20.67
CA PRO S 79 -90.84 -15.83 20.39
C PRO S 79 -92.00 -14.93 20.01
N HIS S 80 -91.93 -13.67 20.46
CA HIS S 80 -92.99 -12.71 20.23
C HIS S 80 -92.98 -12.28 18.76
N VAL S 81 -94.11 -11.71 18.32
CA VAL S 81 -94.24 -11.31 16.91
C VAL S 81 -93.35 -10.12 16.59
N ASN S 82 -93.00 -9.31 17.59
CA ASN S 82 -92.12 -8.18 17.35
C ASN S 82 -90.68 -8.63 17.14
N VAL S 83 -90.29 -9.74 17.77
CA VAL S 83 -88.96 -10.30 17.55
C VAL S 83 -88.81 -10.81 16.13
N ASP S 84 -89.85 -11.47 15.61
CA ASP S 84 -89.81 -11.92 14.23
C ASP S 84 -89.91 -10.77 13.24
N ALA S 85 -90.66 -9.72 13.59
CA ALA S 85 -90.84 -8.60 12.68
C ALA S 85 -89.61 -7.69 12.64
N ALA S 86 -88.82 -7.64 13.71
CA ALA S 86 -87.67 -6.75 13.78
C ALA S 86 -86.35 -7.44 13.49
N LEU S 87 -86.16 -8.65 13.98
CA LEU S 87 -84.90 -9.37 13.80
C LEU S 87 -84.99 -10.33 12.63
N PRO S 88 -83.92 -10.49 11.84
CA PRO S 88 -83.97 -11.40 10.67
C PRO S 88 -83.83 -12.87 11.06
N LEU S 89 -84.95 -13.45 11.49
CA LEU S 89 -84.94 -14.80 12.05
C LEU S 89 -85.70 -15.81 11.20
N GLY S 90 -86.17 -15.40 10.02
CA GLY S 90 -86.72 -16.33 9.05
C GLY S 90 -88.21 -16.21 8.83
N ARG S 91 -88.95 -15.60 9.75
CA ARG S 91 -90.40 -15.53 9.65
C ARG S 91 -90.88 -14.09 9.66
N THR S 92 -90.23 -13.22 8.91
CA THR S 92 -90.64 -11.83 8.81
C THR S 92 -91.87 -11.74 7.90
N PRO S 93 -93.00 -11.19 8.39
CA PRO S 93 -94.24 -11.10 7.62
C PRO S 93 -94.15 -10.18 6.40
N ALA T 2 -74.84 -32.59 -1.23
CA ALA T 2 -74.34 -33.43 -2.32
C ALA T 2 -72.94 -33.94 -2.02
N ASP T 3 -71.94 -33.21 -2.49
CA ASP T 3 -70.56 -33.61 -2.27
C ASP T 3 -70.14 -33.37 -0.83
N ALA T 4 -69.15 -34.14 -0.39
CA ALA T 4 -68.58 -33.99 0.93
C ALA T 4 -67.85 -32.67 1.05
N LEU T 5 -67.74 -32.19 2.29
CA LEU T 5 -67.31 -30.84 2.62
C LEU T 5 -66.04 -30.88 3.44
N GLY T 6 -65.13 -29.95 3.18
CA GLY T 6 -63.94 -29.81 3.99
C GLY T 6 -63.65 -28.35 4.27
N MET T 7 -63.17 -28.04 5.47
CA MET T 7 -62.95 -26.65 5.87
C MET T 7 -61.67 -26.52 6.67
N ILE T 8 -60.92 -25.44 6.40
CA ILE T 8 -59.79 -25.04 7.22
C ILE T 8 -60.03 -23.59 7.62
N GLU T 9 -60.18 -23.35 8.92
CA GLU T 9 -60.30 -21.99 9.42
C GLU T 9 -58.97 -21.53 9.99
N VAL T 10 -58.47 -20.40 9.49
CA VAL T 10 -57.19 -19.85 9.89
C VAL T 10 -57.40 -18.41 10.32
N ARG T 11 -56.80 -18.02 11.45
CA ARG T 11 -56.71 -16.62 11.83
C ARG T 11 -55.54 -16.01 11.06
N GLY T 12 -55.82 -15.64 9.82
CA GLY T 12 -54.79 -15.12 8.94
C GLY T 12 -55.00 -15.51 7.50
N PHE T 13 -54.79 -14.58 6.58
CA PHE T 13 -55.02 -14.85 5.17
C PHE T 13 -53.93 -15.73 4.59
N VAL T 14 -52.71 -15.62 5.11
CA VAL T 14 -51.57 -16.33 4.55
C VAL T 14 -51.68 -17.83 4.82
N GLY T 15 -52.02 -18.19 6.06
CA GLY T 15 -52.22 -19.58 6.39
C GLY T 15 -53.41 -20.20 5.66
N MET T 16 -54.43 -19.39 5.39
CA MET T 16 -55.58 -19.88 4.63
C MET T 16 -55.21 -20.13 3.17
N VAL T 17 -54.36 -19.26 2.59
CA VAL T 17 -53.95 -19.48 1.21
C VAL T 17 -53.03 -20.68 1.10
N GLU T 18 -52.14 -20.88 2.08
CA GLU T 18 -51.30 -22.08 2.08
C GLU T 18 -52.11 -23.35 2.29
N ALA T 19 -53.11 -23.32 3.17
CA ALA T 19 -53.98 -24.47 3.36
C ALA T 19 -54.82 -24.75 2.12
N ALA T 20 -55.33 -23.69 1.48
CA ALA T 20 -56.15 -23.85 0.29
C ALA T 20 -55.32 -24.24 -0.92
N ASP T 21 -54.02 -24.02 -0.89
CA ASP T 21 -53.15 -24.55 -1.93
C ASP T 21 -52.83 -26.01 -1.68
N ALA T 22 -52.54 -26.37 -0.42
CA ALA T 22 -52.20 -27.75 -0.10
C ALA T 22 -53.40 -28.68 -0.25
N MET T 23 -54.63 -28.17 -0.04
CA MET T 23 -55.81 -29.01 -0.23
C MET T 23 -56.03 -29.36 -1.69
N VAL T 24 -55.92 -28.38 -2.58
CA VAL T 24 -56.15 -28.67 -4.00
C VAL T 24 -54.93 -29.27 -4.68
N LYS T 25 -53.76 -29.26 -4.03
CA LYS T 25 -52.65 -30.07 -4.53
C LYS T 25 -52.62 -31.45 -3.92
N ALA T 26 -53.33 -31.68 -2.82
CA ALA T 26 -53.26 -32.97 -2.14
C ALA T 26 -54.12 -34.02 -2.83
N ALA T 27 -55.38 -33.70 -3.12
CA ALA T 27 -56.30 -34.66 -3.73
C ALA T 27 -57.26 -33.91 -4.64
N LYS T 28 -58.14 -34.66 -5.30
CA LYS T 28 -59.06 -34.09 -6.27
C LYS T 28 -60.20 -33.42 -5.52
N VAL T 29 -59.99 -32.16 -5.14
CA VAL T 29 -61.03 -31.35 -4.51
C VAL T 29 -61.22 -30.10 -5.34
N GLU T 30 -62.12 -29.22 -4.89
CA GLU T 30 -62.35 -27.95 -5.57
C GLU T 30 -62.48 -26.85 -4.53
N LEU T 31 -61.54 -25.92 -4.52
CA LEU T 31 -61.63 -24.74 -3.67
C LEU T 31 -62.73 -23.84 -4.22
N ILE T 32 -63.90 -23.89 -3.60
CA ILE T 32 -65.03 -23.14 -4.16
C ILE T 32 -64.94 -21.66 -3.80
N GLY T 33 -64.36 -21.33 -2.64
CA GLY T 33 -64.31 -19.96 -2.22
C GLY T 33 -63.70 -19.84 -0.84
N TYR T 34 -64.05 -18.77 -0.15
CA TYR T 34 -63.48 -18.50 1.16
C TYR T 34 -64.43 -17.56 1.90
N GLU T 35 -64.58 -17.80 3.20
CA GLU T 35 -65.51 -17.06 4.03
C GLU T 35 -64.74 -16.16 4.98
N LYS T 36 -65.14 -14.89 5.04
CA LYS T 36 -64.54 -13.89 5.90
C LYS T 36 -65.54 -13.51 6.98
N THR T 37 -65.37 -14.08 8.17
CA THR T 37 -66.26 -13.81 9.29
C THR T 37 -65.84 -12.58 10.08
N GLY T 38 -64.82 -11.86 9.65
CA GLY T 38 -64.36 -10.69 10.34
C GLY T 38 -63.49 -11.03 11.53
N GLY T 39 -62.78 -10.01 12.03
CA GLY T 39 -61.92 -10.19 13.17
C GLY T 39 -60.63 -10.93 12.91
N GLY T 40 -60.28 -11.14 11.65
CA GLY T 40 -59.08 -11.84 11.28
C GLY T 40 -59.27 -13.30 10.91
N TYR T 41 -60.45 -13.85 11.16
CA TYR T 41 -60.73 -15.24 10.84
C TYR T 41 -61.16 -15.36 9.39
N VAL T 42 -60.54 -16.30 8.68
CA VAL T 42 -60.99 -16.67 7.34
C VAL T 42 -61.10 -18.18 7.28
N THR T 43 -61.87 -18.67 6.33
CA THR T 43 -62.17 -20.10 6.24
C THR T 43 -62.14 -20.53 4.79
N ALA T 44 -61.25 -21.46 4.47
CA ALA T 44 -61.18 -22.05 3.14
C ALA T 44 -62.06 -23.29 3.09
N VAL T 45 -62.84 -23.40 2.02
CA VAL T 45 -63.88 -24.41 1.87
C VAL T 45 -63.60 -25.19 0.59
N VAL T 46 -63.32 -26.48 0.74
CA VAL T 46 -63.20 -27.37 -0.41
C VAL T 46 -64.37 -28.33 -0.39
N ARG T 47 -64.64 -28.93 -1.55
CA ARG T 47 -65.86 -29.73 -1.66
C ARG T 47 -65.68 -30.79 -2.74
N GLY T 48 -65.69 -32.04 -2.33
CA GLY T 48 -65.53 -33.16 -3.24
C GLY T 48 -65.93 -34.45 -2.56
N ASP T 49 -65.58 -35.57 -3.20
CA ASP T 49 -65.89 -36.88 -2.61
C ASP T 49 -65.07 -37.12 -1.36
N VAL T 50 -65.55 -38.06 -0.54
CA VAL T 50 -65.22 -38.08 0.89
C VAL T 50 -63.76 -38.45 1.16
N ALA T 51 -63.18 -39.35 0.36
CA ALA T 51 -61.79 -39.73 0.59
C ALA T 51 -60.84 -38.62 0.16
N ALA T 52 -61.18 -37.91 -0.92
CA ALA T 52 -60.33 -36.82 -1.39
C ALA T 52 -60.34 -35.64 -0.43
N VAL T 53 -61.50 -35.27 0.12
CA VAL T 53 -61.52 -34.20 1.09
C VAL T 53 -60.93 -34.65 2.42
N LYS T 54 -61.05 -35.94 2.74
CA LYS T 54 -60.47 -36.46 3.98
C LYS T 54 -58.95 -36.47 3.91
N ALA T 55 -58.37 -36.65 2.72
CA ALA T 55 -56.93 -36.53 2.58
C ALA T 55 -56.49 -35.07 2.44
N ALA T 56 -57.30 -34.26 1.76
CA ALA T 56 -56.93 -32.88 1.49
C ALA T 56 -56.93 -32.04 2.75
N THR T 57 -57.89 -32.24 3.65
CA THR T 57 -57.92 -31.45 4.88
C THR T 57 -56.80 -31.85 5.82
N GLU T 58 -56.45 -33.13 5.89
CA GLU T 58 -55.35 -33.52 6.75
C GLU T 58 -53.99 -33.20 6.15
N ALA T 59 -53.93 -32.91 4.85
CA ALA T 59 -52.69 -32.34 4.31
C ALA T 59 -52.64 -30.82 4.50
N GLY T 60 -53.78 -30.14 4.33
CA GLY T 60 -53.81 -28.70 4.48
C GLY T 60 -53.68 -28.24 5.92
N GLN T 61 -54.12 -29.07 6.87
CA GLN T 61 -53.90 -28.77 8.27
C GLN T 61 -52.42 -28.86 8.63
N ARG T 62 -51.74 -29.89 8.10
CA ARG T 62 -50.32 -30.04 8.35
C ARG T 62 -49.51 -28.95 7.66
N ALA T 63 -49.99 -28.45 6.52
CA ALA T 63 -49.29 -27.37 5.84
C ALA T 63 -49.66 -25.99 6.37
N ALA T 64 -50.78 -25.85 7.09
CA ALA T 64 -51.19 -24.55 7.59
C ALA T 64 -50.71 -24.26 9.00
N GLU T 65 -50.40 -25.28 9.79
CA GLU T 65 -49.83 -25.05 11.11
C GLU T 65 -48.39 -24.59 11.04
N ARG T 66 -47.70 -24.85 9.92
CA ARG T 66 -46.32 -24.41 9.77
C ARG T 66 -46.20 -22.93 9.46
N VAL T 67 -47.28 -22.29 8.99
CA VAL T 67 -47.22 -20.89 8.63
C VAL T 67 -48.16 -20.01 9.44
N GLY T 68 -49.22 -20.55 10.04
CA GLY T 68 -50.16 -19.73 10.77
C GLY T 68 -50.83 -20.44 11.92
N GLU T 69 -51.98 -19.92 12.36
CA GLU T 69 -52.73 -20.51 13.46
C GLU T 69 -54.02 -21.12 12.92
N VAL T 70 -54.24 -22.39 13.21
CA VAL T 70 -55.40 -23.12 12.73
C VAL T 70 -56.42 -23.18 13.85
N VAL T 71 -57.62 -22.67 13.58
CA VAL T 71 -58.68 -22.66 14.58
C VAL T 71 -59.44 -23.99 14.58
N ALA T 72 -59.90 -24.43 13.41
CA ALA T 72 -60.77 -25.59 13.34
C ALA T 72 -60.64 -26.30 12.00
N VAL T 73 -60.61 -27.63 12.05
CA VAL T 73 -60.59 -28.50 10.87
C VAL T 73 -61.70 -29.53 11.04
N HIS T 74 -62.57 -29.65 10.04
CA HIS T 74 -63.64 -30.62 10.12
C HIS T 74 -64.08 -31.03 8.73
N VAL T 75 -64.44 -32.30 8.57
CA VAL T 75 -64.91 -32.87 7.31
C VAL T 75 -66.31 -33.42 7.53
N ILE T 76 -67.23 -33.07 6.64
CA ILE T 76 -68.60 -33.57 6.68
C ILE T 76 -68.80 -34.46 5.47
N PRO T 77 -69.05 -35.77 5.65
CA PRO T 77 -69.18 -36.65 4.47
C PRO T 77 -70.47 -36.44 3.71
N ARG T 78 -71.60 -36.26 4.39
CA ARG T 78 -72.88 -36.00 3.75
C ARG T 78 -73.49 -34.78 4.41
N PRO T 79 -73.24 -33.59 3.88
CA PRO T 79 -73.94 -32.40 4.37
C PRO T 79 -75.41 -32.43 3.96
N HIS T 80 -76.27 -32.04 4.89
CA HIS T 80 -77.70 -32.04 4.66
C HIS T 80 -78.07 -30.97 3.63
N VAL T 81 -79.20 -31.18 2.96
CA VAL T 81 -79.58 -30.31 1.85
C VAL T 81 -79.97 -28.92 2.35
N ASN T 82 -80.42 -28.80 3.60
CA ASN T 82 -80.74 -27.51 4.17
C ASN T 82 -79.48 -26.71 4.48
N VAL T 83 -78.38 -27.41 4.80
CA VAL T 83 -77.11 -26.72 5.06
C VAL T 83 -76.55 -26.15 3.77
N ASP T 84 -76.67 -26.88 2.66
CA ASP T 84 -76.25 -26.34 1.38
C ASP T 84 -77.19 -25.25 0.89
N ALA T 85 -78.48 -25.33 1.25
CA ALA T 85 -79.43 -24.31 0.83
C ALA T 85 -79.30 -23.03 1.62
N ALA T 86 -78.84 -23.11 2.87
CA ALA T 86 -78.75 -21.93 3.74
C ALA T 86 -77.35 -21.33 3.79
N LEU T 87 -76.33 -22.16 4.03
CA LEU T 87 -74.96 -21.69 4.19
C LEU T 87 -74.23 -21.70 2.84
N PRO T 88 -73.42 -20.67 2.55
CA PRO T 88 -72.76 -20.55 1.23
C PRO T 88 -71.56 -21.50 1.06
N LEU T 89 -71.85 -22.73 0.68
CA LEU T 89 -70.83 -23.77 0.67
C LEU T 89 -70.45 -24.25 -0.72
N GLY T 90 -71.06 -23.72 -1.77
CA GLY T 90 -70.65 -24.00 -3.13
C GLY T 90 -71.68 -24.70 -3.99
N ARG T 91 -72.69 -25.32 -3.39
CA ARG T 91 -73.73 -26.01 -4.15
C ARG T 91 -75.10 -25.41 -3.89
N THR T 92 -75.18 -24.09 -3.87
CA THR T 92 -76.46 -23.42 -3.69
C THR T 92 -77.26 -23.48 -5.00
N PRO T 93 -78.47 -24.04 -4.99
CA PRO T 93 -79.31 -24.16 -6.20
C PRO T 93 -79.77 -22.81 -6.74
N ALA U 2 -49.75 -19.35 -11.80
CA ALA U 2 -48.79 -18.96 -12.82
C ALA U 2 -47.51 -18.43 -12.19
N ASP U 3 -47.51 -17.14 -11.87
CA ASP U 3 -46.35 -16.54 -11.23
C ASP U 3 -46.30 -16.97 -9.76
N ALA U 4 -45.10 -16.91 -9.19
CA ALA U 4 -44.91 -17.25 -7.80
C ALA U 4 -45.52 -16.19 -6.89
N LEU U 5 -45.98 -16.65 -5.73
CA LEU U 5 -46.77 -15.84 -4.80
C LEU U 5 -45.94 -15.51 -3.57
N GLY U 6 -46.13 -14.30 -3.03
CA GLY U 6 -45.45 -13.93 -1.81
C GLY U 6 -46.34 -13.06 -0.95
N MET U 7 -46.33 -13.27 0.37
CA MET U 7 -47.26 -12.58 1.25
C MET U 7 -46.58 -12.13 2.53
N ILE U 8 -46.93 -10.93 2.98
CA ILE U 8 -46.57 -10.44 4.31
C ILE U 8 -47.86 -10.02 4.99
N GLU U 9 -48.24 -10.72 6.05
CA GLU U 9 -49.40 -10.33 6.84
C GLU U 9 -48.93 -9.60 8.10
N VAL U 10 -49.46 -8.41 8.31
CA VAL U 10 -49.10 -7.57 9.45
C VAL U 10 -50.40 -7.13 10.14
N ARG U 11 -50.42 -7.22 11.47
CA ARG U 11 -51.49 -6.60 12.24
C ARG U 11 -51.23 -5.11 12.30
N GLY U 12 -51.66 -4.41 11.25
CA GLY U 12 -51.43 -2.98 11.17
C GLY U 12 -51.13 -2.50 9.77
N PHE U 13 -51.65 -1.34 9.41
CA PHE U 13 -51.47 -0.81 8.06
C PHE U 13 -50.07 -0.28 7.84
N VAL U 14 -49.43 0.26 8.88
CA VAL U 14 -48.14 0.91 8.72
C VAL U 14 -47.04 -0.13 8.47
N GLY U 15 -47.07 -1.23 9.22
CA GLY U 15 -46.13 -2.31 8.98
C GLY U 15 -46.32 -2.96 7.63
N MET U 16 -47.57 -3.03 7.16
CA MET U 16 -47.84 -3.56 5.83
C MET U 16 -47.31 -2.63 4.75
N VAL U 17 -47.40 -1.30 4.97
CA VAL U 17 -46.88 -0.37 3.98
C VAL U 17 -45.35 -0.42 3.94
N GLU U 18 -44.71 -0.56 5.11
CA GLU U 18 -43.26 -0.72 5.15
C GLU U 18 -42.81 -2.01 4.48
N ALA U 19 -43.54 -3.11 4.70
CA ALA U 19 -43.20 -4.36 4.05
C ALA U 19 -43.44 -4.30 2.54
N ALA U 20 -44.51 -3.63 2.12
CA ALA U 20 -44.81 -3.52 0.70
C ALA U 20 -43.83 -2.61 -0.01
N ASP U 21 -43.25 -1.64 0.71
CA ASP U 21 -42.20 -0.84 0.13
C ASP U 21 -40.90 -1.62 0.02
N ALA U 22 -40.55 -2.37 1.08
CA ALA U 22 -39.31 -3.12 1.08
C ALA U 22 -39.33 -4.28 0.09
N MET U 23 -40.50 -4.85 -0.19
CA MET U 23 -40.58 -5.94 -1.16
C MET U 23 -40.34 -5.44 -2.58
N VAL U 24 -40.99 -4.34 -2.96
CA VAL U 24 -40.81 -3.84 -4.32
C VAL U 24 -39.53 -3.05 -4.50
N LYS U 25 -38.85 -2.67 -3.41
CA LYS U 25 -37.50 -2.14 -3.54
C LYS U 25 -36.43 -3.22 -3.47
N ALA U 26 -36.75 -4.36 -2.86
CA ALA U 26 -35.74 -5.40 -2.66
C ALA U 26 -35.51 -6.20 -3.93
N ALA U 27 -36.56 -6.49 -4.69
CA ALA U 27 -36.44 -7.31 -5.88
C ALA U 27 -37.52 -6.92 -6.87
N LYS U 28 -37.46 -7.49 -8.07
CA LYS U 28 -38.41 -7.14 -9.13
C LYS U 28 -39.63 -8.04 -8.96
N VAL U 29 -40.57 -7.57 -8.15
CA VAL U 29 -41.85 -8.24 -7.96
C VAL U 29 -42.95 -7.29 -8.37
N GLU U 30 -44.20 -7.74 -8.29
CA GLU U 30 -45.35 -6.91 -8.63
C GLU U 30 -46.31 -6.90 -7.45
N LEU U 31 -46.43 -5.74 -6.80
CA LEU U 31 -47.38 -5.56 -5.71
C LEU U 31 -48.77 -5.38 -6.31
N ILE U 32 -49.65 -6.36 -6.10
CA ILE U 32 -50.96 -6.30 -6.74
C ILE U 32 -52.01 -5.64 -5.85
N GLY U 33 -51.84 -5.68 -4.53
CA GLY U 33 -52.83 -5.08 -3.65
C GLY U 33 -52.59 -5.49 -2.21
N TYR U 34 -53.69 -5.58 -1.46
CA TYR U 34 -53.63 -5.92 -0.05
C TYR U 34 -55.01 -6.42 0.38
N GLU U 35 -55.02 -7.46 1.19
CA GLU U 35 -56.25 -8.10 1.63
C GLU U 35 -56.54 -7.72 3.08
N LYS U 36 -57.77 -7.28 3.32
CA LYS U 36 -58.23 -6.83 4.63
C LYS U 36 -59.16 -7.88 5.20
N THR U 37 -58.62 -8.77 6.03
CA THR U 37 -59.42 -9.80 6.68
C THR U 37 -60.03 -9.32 8.00
N GLY U 38 -59.95 -8.04 8.29
CA GLY U 38 -60.59 -7.48 9.47
C GLY U 38 -59.80 -7.72 10.74
N GLY U 39 -60.16 -6.98 11.79
CA GLY U 39 -59.53 -7.14 13.07
C GLY U 39 -58.12 -6.61 13.17
N GLY U 40 -57.72 -5.76 12.24
CA GLY U 40 -56.38 -5.20 12.23
C GLY U 40 -55.42 -5.88 11.28
N TYR U 41 -55.75 -7.07 10.80
CA TYR U 41 -54.86 -7.83 9.94
C TYR U 41 -54.98 -7.34 8.51
N VAL U 42 -53.86 -6.98 7.89
CA VAL U 42 -53.81 -6.70 6.47
C VAL U 42 -52.64 -7.45 5.87
N THR U 43 -52.84 -7.97 4.65
CA THR U 43 -51.88 -8.85 3.99
C THR U 43 -51.45 -8.22 2.68
N ALA U 44 -50.18 -7.86 2.58
CA ALA U 44 -49.61 -7.41 1.31
C ALA U 44 -49.21 -8.61 0.47
N VAL U 45 -49.57 -8.57 -0.81
CA VAL U 45 -49.41 -9.69 -1.73
C VAL U 45 -48.57 -9.23 -2.91
N VAL U 46 -47.38 -9.80 -3.07
CA VAL U 46 -46.55 -9.58 -4.24
C VAL U 46 -46.55 -10.86 -5.07
N ARG U 47 -46.14 -10.73 -6.33
CA ARG U 47 -46.29 -11.84 -7.25
C ARG U 47 -45.30 -11.71 -8.39
N GLY U 48 -44.37 -12.66 -8.47
CA GLY U 48 -43.35 -12.68 -9.51
C GLY U 48 -42.65 -14.02 -9.47
N ASP U 49 -41.55 -14.13 -10.22
CA ASP U 49 -40.81 -15.38 -10.25
C ASP U 49 -40.13 -15.65 -8.90
N VAL U 50 -39.75 -16.92 -8.71
CA VAL U 50 -39.60 -17.47 -7.36
C VAL U 50 -38.37 -16.91 -6.63
N ALA U 51 -37.31 -16.55 -7.37
CA ALA U 51 -36.15 -15.96 -6.71
C ALA U 51 -36.44 -14.54 -6.26
N ALA U 52 -37.18 -13.77 -7.08
CA ALA U 52 -37.48 -12.40 -6.73
C ALA U 52 -38.45 -12.32 -5.55
N VAL U 53 -39.46 -13.17 -5.52
CA VAL U 53 -40.36 -13.13 -4.36
C VAL U 53 -39.71 -13.76 -3.14
N LYS U 54 -38.79 -14.71 -3.33
CA LYS U 54 -38.12 -15.33 -2.20
C LYS U 54 -37.11 -14.38 -1.58
N ALA U 55 -36.58 -13.43 -2.36
CA ALA U 55 -35.76 -12.37 -1.79
C ALA U 55 -36.62 -11.23 -1.23
N ALA U 56 -37.73 -10.92 -1.91
CA ALA U 56 -38.55 -9.79 -1.51
C ALA U 56 -39.25 -10.03 -0.19
N THR U 57 -39.78 -11.24 0.03
CA THR U 57 -40.42 -11.52 1.31
C THR U 57 -39.41 -11.61 2.45
N GLU U 58 -38.22 -12.15 2.18
CA GLU U 58 -37.24 -12.25 3.26
C GLU U 58 -36.57 -10.90 3.55
N ALA U 59 -36.73 -9.91 2.68
CA ALA U 59 -36.36 -8.54 3.04
C ALA U 59 -37.52 -7.77 3.67
N GLY U 60 -38.74 -8.01 3.21
CA GLY U 60 -39.89 -7.31 3.77
C GLY U 60 -40.25 -7.77 5.16
N GLN U 61 -39.96 -9.03 5.49
CA GLN U 61 -40.11 -9.50 6.86
C GLN U 61 -39.09 -8.84 7.77
N ARG U 62 -37.86 -8.67 7.29
CA ARG U 62 -36.83 -8.01 8.08
C ARG U 62 -37.15 -6.53 8.28
N ALA U 63 -37.78 -5.90 7.29
CA ALA U 63 -38.14 -4.49 7.44
C ALA U 63 -39.44 -4.27 8.19
N ALA U 64 -40.33 -5.25 8.23
CA ALA U 64 -41.63 -5.07 8.88
C ALA U 64 -41.64 -5.48 10.34
N GLU U 65 -40.67 -6.27 10.78
CA GLU U 65 -40.57 -6.59 12.21
C GLU U 65 -40.06 -5.40 13.01
N ARG U 66 -39.41 -4.43 12.37
CA ARG U 66 -38.89 -3.26 13.05
C ARG U 66 -39.97 -2.23 13.36
N VAL U 67 -41.07 -2.23 12.62
CA VAL U 67 -42.07 -1.17 12.73
C VAL U 67 -43.41 -1.66 13.23
N GLY U 68 -43.69 -2.96 13.22
CA GLY U 68 -45.00 -3.48 13.58
C GLY U 68 -44.93 -4.89 14.09
N GLU U 69 -45.96 -5.68 13.77
CA GLU U 69 -46.11 -7.04 14.25
C GLU U 69 -46.43 -7.94 13.06
N VAL U 70 -45.50 -8.80 12.71
CA VAL U 70 -45.65 -9.69 11.55
C VAL U 70 -46.31 -10.98 12.01
N VAL U 71 -47.40 -11.36 11.33
CA VAL U 71 -48.15 -12.55 11.67
C VAL U 71 -47.61 -13.77 10.92
N ALA U 72 -47.59 -13.69 9.60
CA ALA U 72 -47.24 -14.85 8.79
C ALA U 72 -46.56 -14.42 7.50
N VAL U 73 -45.49 -15.13 7.14
CA VAL U 73 -44.74 -14.92 5.90
C VAL U 73 -44.63 -16.25 5.19
N HIS U 74 -45.04 -16.29 3.92
CA HIS U 74 -44.93 -17.54 3.17
C HIS U 74 -44.84 -17.25 1.67
N VAL U 75 -44.10 -18.10 0.98
CA VAL U 75 -43.90 -18.01 -0.47
C VAL U 75 -44.39 -19.29 -1.11
N ILE U 76 -45.26 -19.16 -2.11
CA ILE U 76 -45.76 -20.29 -2.88
C ILE U 76 -45.18 -20.18 -4.29
N PRO U 77 -44.34 -21.14 -4.72
CA PRO U 77 -43.71 -21.00 -6.05
C PRO U 77 -44.67 -21.27 -7.19
N ARG U 78 -45.51 -22.30 -7.10
CA ARG U 78 -46.65 -22.45 -8.01
C ARG U 78 -47.92 -22.49 -7.18
N PRO U 79 -48.74 -21.46 -7.20
CA PRO U 79 -50.13 -21.63 -6.74
C PRO U 79 -50.92 -22.36 -7.81
N HIS U 80 -51.82 -23.24 -7.35
CA HIS U 80 -52.66 -24.02 -8.23
C HIS U 80 -53.66 -23.11 -8.93
N VAL U 81 -54.16 -23.55 -10.09
CA VAL U 81 -55.06 -22.71 -10.89
C VAL U 81 -56.41 -22.53 -10.18
N ASN U 82 -56.81 -23.46 -9.31
CA ASN U 82 -58.01 -23.27 -8.51
C ASN U 82 -57.79 -22.18 -7.47
N VAL U 83 -56.57 -22.06 -6.94
CA VAL U 83 -56.26 -21.02 -5.97
C VAL U 83 -56.28 -19.65 -6.63
N ASP U 84 -55.75 -19.54 -7.85
CA ASP U 84 -55.77 -18.26 -8.55
C ASP U 84 -57.17 -17.92 -9.06
N ALA U 85 -57.99 -18.93 -9.32
CA ALA U 85 -59.35 -18.65 -9.78
C ALA U 85 -60.32 -18.39 -8.65
N ALA U 86 -60.02 -18.84 -7.43
CA ALA U 86 -60.94 -18.72 -6.30
C ALA U 86 -60.55 -17.62 -5.31
N LEU U 87 -59.28 -17.30 -5.22
CA LEU U 87 -58.81 -16.30 -4.26
C LEU U 87 -58.35 -15.05 -4.98
N PRO U 88 -58.57 -13.86 -4.40
CA PRO U 88 -58.14 -12.61 -5.05
C PRO U 88 -56.63 -12.34 -4.90
N LEU U 89 -55.84 -13.00 -5.74
CA LEU U 89 -54.39 -12.96 -5.59
C LEU U 89 -53.69 -12.28 -6.75
N GLY U 90 -54.42 -11.67 -7.67
CA GLY U 90 -53.80 -10.87 -8.71
C GLY U 90 -53.99 -11.37 -10.11
N ARG U 91 -53.92 -12.67 -10.33
CA ARG U 91 -54.02 -13.26 -11.66
C ARG U 91 -55.33 -14.01 -11.85
N THR U 92 -56.42 -13.48 -11.33
CA THR U 92 -57.74 -14.07 -11.56
C THR U 92 -58.19 -13.78 -12.98
N PRO U 93 -58.44 -14.80 -13.81
CA PRO U 93 -58.83 -14.61 -15.22
C PRO U 93 -60.20 -13.97 -15.38
N ALA V 2 -32.87 -24.24 -23.43
CA ALA V 2 -32.70 -22.83 -23.10
C ALA V 2 -32.55 -22.63 -21.59
N ASP V 3 -33.58 -23.04 -20.84
CA ASP V 3 -33.58 -22.84 -19.41
C ASP V 3 -32.74 -23.89 -18.70
N ALA V 4 -32.68 -23.79 -17.38
CA ALA V 4 -31.83 -24.64 -16.57
C ALA V 4 -32.36 -26.06 -16.48
N LEU V 5 -31.45 -26.98 -16.18
CA LEU V 5 -31.70 -28.41 -16.21
C LEU V 5 -31.86 -28.95 -14.80
N GLY V 6 -32.76 -29.91 -14.62
CA GLY V 6 -32.90 -30.57 -13.34
C GLY V 6 -33.20 -32.05 -13.52
N MET V 7 -32.55 -32.91 -12.73
CA MET V 7 -32.67 -34.35 -12.93
C MET V 7 -32.85 -35.07 -11.62
N ILE V 8 -33.71 -36.08 -11.64
CA ILE V 8 -33.79 -37.07 -10.56
C ILE V 8 -33.67 -38.45 -11.20
N GLU V 9 -32.61 -39.18 -10.88
CA GLU V 9 -32.48 -40.54 -11.35
C GLU V 9 -32.86 -41.50 -10.24
N VAL V 10 -33.79 -42.40 -10.53
CA VAL V 10 -34.31 -43.35 -9.55
C VAL V 10 -34.16 -44.75 -10.13
N ARG V 11 -33.66 -45.67 -9.31
CA ARG V 11 -33.74 -47.09 -9.65
C ARG V 11 -35.16 -47.55 -9.34
N GLY V 12 -36.05 -47.38 -10.31
CA GLY V 12 -37.44 -47.68 -10.09
C GLY V 12 -38.35 -46.67 -10.75
N PHE V 13 -39.40 -47.14 -11.41
CA PHE V 13 -40.31 -46.25 -12.11
C PHE V 13 -41.20 -45.48 -11.14
N VAL V 14 -41.54 -46.09 -10.01
CA VAL V 14 -42.48 -45.49 -9.07
C VAL V 14 -41.86 -44.27 -8.37
N GLY V 15 -40.62 -44.42 -7.92
CA GLY V 15 -39.91 -43.30 -7.33
C GLY V 15 -39.65 -42.18 -8.32
N MET V 16 -39.46 -42.53 -9.60
CA MET V 16 -39.27 -41.50 -10.61
C MET V 16 -40.56 -40.74 -10.87
N VAL V 17 -41.71 -41.43 -10.85
CA VAL V 17 -42.97 -40.73 -11.07
C VAL V 17 -43.33 -39.85 -9.88
N GLU V 18 -43.03 -40.32 -8.66
CA GLU V 18 -43.23 -39.47 -7.48
C GLU V 18 -42.30 -38.26 -7.48
N ALA V 19 -41.05 -38.45 -7.91
CA ALA V 19 -40.13 -37.32 -8.05
C ALA V 19 -40.59 -36.35 -9.13
N ALA V 20 -41.05 -36.86 -10.26
CA ALA V 20 -41.51 -36.00 -11.35
C ALA V 20 -42.82 -35.31 -11.02
N ASP V 21 -43.59 -35.84 -10.07
CA ASP V 21 -44.78 -35.13 -9.61
C ASP V 21 -44.42 -34.05 -8.61
N ALA V 22 -43.50 -34.35 -7.68
CA ALA V 22 -43.13 -33.38 -6.66
C ALA V 22 -42.33 -32.22 -7.25
N MET V 23 -41.58 -32.46 -8.33
CA MET V 23 -40.86 -31.37 -8.97
C MET V 23 -41.81 -30.40 -9.66
N VAL V 24 -42.79 -30.92 -10.40
CA VAL V 24 -43.70 -30.04 -11.11
C VAL V 24 -44.75 -29.43 -10.20
N LYS V 25 -44.95 -29.97 -9.00
CA LYS V 25 -45.79 -29.29 -8.02
C LYS V 25 -45.01 -28.37 -7.11
N ALA V 26 -43.68 -28.50 -7.06
CA ALA V 26 -42.89 -27.65 -6.18
C ALA V 26 -42.73 -26.24 -6.74
N ALA V 27 -42.25 -26.12 -7.97
CA ALA V 27 -42.02 -24.81 -8.56
C ALA V 27 -42.25 -24.90 -10.06
N LYS V 28 -42.20 -23.73 -10.72
CA LYS V 28 -42.56 -23.62 -12.12
C LYS V 28 -41.49 -24.22 -13.02
N VAL V 29 -41.64 -25.51 -13.33
CA VAL V 29 -40.72 -26.22 -14.20
C VAL V 29 -41.53 -26.81 -15.35
N GLU V 30 -40.86 -27.52 -16.24
CA GLU V 30 -41.53 -28.26 -17.32
C GLU V 30 -40.91 -29.65 -17.40
N LEU V 31 -41.71 -30.67 -17.10
CA LEU V 31 -41.26 -32.05 -17.22
C LEU V 31 -41.24 -32.41 -18.71
N ILE V 32 -40.04 -32.38 -19.31
CA ILE V 32 -39.95 -32.63 -20.74
C ILE V 32 -40.07 -34.12 -21.06
N GLY V 33 -39.83 -35.00 -20.09
CA GLY V 33 -39.96 -36.41 -20.35
C GLY V 33 -39.26 -37.27 -19.32
N TYR V 34 -38.66 -38.37 -19.79
CA TYR V 34 -37.99 -39.34 -18.92
C TYR V 34 -37.06 -40.17 -19.80
N GLU V 35 -35.96 -40.60 -19.22
CA GLU V 35 -34.95 -41.36 -19.94
C GLU V 35 -34.78 -42.73 -19.30
N LYS V 36 -34.81 -43.77 -20.13
CA LYS V 36 -34.68 -45.16 -19.69
C LYS V 36 -33.32 -45.67 -20.13
N THR V 37 -32.37 -45.72 -19.22
CA THR V 37 -31.03 -46.22 -19.53
C THR V 37 -30.90 -47.72 -19.37
N GLY V 38 -31.98 -48.43 -19.08
CA GLY V 38 -31.92 -49.86 -18.91
C GLY V 38 -31.38 -50.26 -17.55
N GLY V 39 -31.68 -51.50 -17.17
CA GLY V 39 -31.26 -52.00 -15.87
C GLY V 39 -32.08 -51.50 -14.71
N GLY V 40 -33.22 -50.86 -14.97
CA GLY V 40 -34.07 -50.37 -13.91
C GLY V 40 -33.87 -48.92 -13.53
N TYR V 41 -32.96 -48.22 -14.21
CA TYR V 41 -32.70 -46.82 -13.93
C TYR V 41 -33.56 -45.95 -14.84
N VAL V 42 -34.29 -45.01 -14.27
CA VAL V 42 -35.06 -44.05 -15.05
C VAL V 42 -34.80 -42.65 -14.49
N THR V 43 -34.62 -41.69 -15.40
CA THR V 43 -34.27 -40.32 -15.04
C THR V 43 -35.39 -39.38 -15.45
N ALA V 44 -35.93 -38.65 -14.48
CA ALA V 44 -36.89 -37.60 -14.73
C ALA V 44 -36.16 -36.28 -14.93
N VAL V 45 -36.51 -35.58 -16.00
CA VAL V 45 -35.81 -34.38 -16.44
C VAL V 45 -36.81 -33.23 -16.46
N VAL V 46 -36.63 -32.27 -15.55
CA VAL V 46 -37.39 -31.03 -15.58
C VAL V 46 -36.49 -29.93 -16.12
N ARG V 47 -37.09 -28.84 -16.59
CA ARG V 47 -36.31 -27.82 -17.25
C ARG V 47 -36.99 -26.47 -17.08
N GLY V 48 -36.37 -25.60 -16.29
CA GLY V 48 -36.87 -24.26 -16.02
C GLY V 48 -35.73 -23.45 -15.43
N ASP V 49 -36.03 -22.19 -15.09
CA ASP V 49 -35.01 -21.30 -14.55
C ASP V 49 -34.52 -21.79 -13.19
N VAL V 50 -33.28 -21.41 -12.85
CA VAL V 50 -32.47 -22.20 -11.94
C VAL V 50 -32.95 -22.14 -10.49
N ALA V 51 -33.65 -21.08 -10.09
CA ALA V 51 -34.24 -21.07 -8.75
C ALA V 51 -35.41 -22.04 -8.66
N ALA V 52 -36.22 -22.12 -9.71
CA ALA V 52 -37.37 -23.02 -9.71
C ALA V 52 -36.95 -24.48 -9.75
N VAL V 53 -35.96 -24.82 -10.59
CA VAL V 53 -35.50 -26.21 -10.61
C VAL V 53 -34.66 -26.50 -9.37
N LYS V 54 -34.03 -25.49 -8.78
CA LYS V 54 -33.23 -25.72 -7.58
C LYS V 54 -34.12 -25.97 -6.37
N ALA V 55 -35.34 -25.42 -6.37
CA ALA V 55 -36.31 -25.81 -5.36
C ALA V 55 -37.04 -27.11 -5.72
N ALA V 56 -37.29 -27.33 -7.01
CA ALA V 56 -38.08 -28.47 -7.45
C ALA V 56 -37.33 -29.78 -7.27
N THR V 57 -36.04 -29.81 -7.63
CA THR V 57 -35.28 -31.04 -7.48
C THR V 57 -34.98 -31.37 -6.03
N GLU V 58 -34.84 -30.35 -5.17
CA GLU V 58 -34.64 -30.66 -3.77
C GLU V 58 -35.95 -31.00 -3.06
N ALA V 59 -37.09 -30.68 -3.67
CA ALA V 59 -38.35 -31.26 -3.19
C ALA V 59 -38.55 -32.67 -3.71
N GLY V 60 -38.13 -32.92 -4.95
CA GLY V 60 -38.30 -34.25 -5.54
C GLY V 60 -37.35 -35.28 -4.96
N GLN V 61 -36.17 -34.85 -4.53
CA GLN V 61 -35.26 -35.75 -3.82
C GLN V 61 -35.82 -36.10 -2.44
N ARG V 62 -36.45 -35.13 -1.78
CA ARG V 62 -37.05 -35.38 -0.48
C ARG V 62 -38.28 -36.27 -0.60
N ALA V 63 -39.02 -36.15 -1.70
CA ALA V 63 -40.21 -36.98 -1.89
C ALA V 63 -39.91 -38.35 -2.50
N ALA V 64 -38.77 -38.51 -3.18
CA ALA V 64 -38.46 -39.77 -3.83
C ALA V 64 -37.61 -40.70 -2.97
N GLU V 65 -36.93 -40.18 -1.96
CA GLU V 65 -36.23 -41.04 -1.02
C GLU V 65 -37.15 -41.71 -0.01
N ARG V 66 -38.42 -41.30 0.04
CA ARG V 66 -39.39 -41.96 0.90
C ARG V 66 -39.96 -43.22 0.27
N VAL V 67 -39.88 -43.37 -1.05
CA VAL V 67 -40.51 -44.48 -1.75
C VAL V 67 -39.53 -45.36 -2.49
N GLY V 68 -38.32 -44.91 -2.80
CA GLY V 68 -37.43 -45.70 -3.61
C GLY V 68 -35.96 -45.43 -3.44
N GLU V 69 -35.16 -45.81 -4.43
CA GLU V 69 -33.71 -45.66 -4.41
C GLU V 69 -33.34 -44.53 -5.37
N VAL V 70 -32.81 -43.44 -4.82
CA VAL V 70 -32.38 -42.30 -5.61
C VAL V 70 -30.89 -42.44 -5.89
N VAL V 71 -30.52 -42.45 -7.17
CA VAL V 71 -29.13 -42.62 -7.55
C VAL V 71 -28.38 -41.29 -7.51
N ALA V 72 -28.89 -40.29 -8.25
CA ALA V 72 -28.18 -39.03 -8.39
C ALA V 72 -29.16 -37.89 -8.60
N VAL V 73 -28.84 -36.73 -8.00
CA VAL V 73 -29.62 -35.51 -8.13
C VAL V 73 -28.65 -34.38 -8.47
N HIS V 74 -28.91 -33.68 -9.57
CA HIS V 74 -28.04 -32.57 -9.95
C HIS V 74 -28.81 -31.57 -10.79
N VAL V 75 -28.40 -30.31 -10.68
CA VAL V 75 -28.98 -29.18 -11.40
C VAL V 75 -27.88 -28.43 -12.12
N ILE V 76 -28.03 -28.27 -13.43
CA ILE V 76 -27.14 -27.46 -14.23
C ILE V 76 -27.81 -26.10 -14.44
N PRO V 77 -27.19 -24.98 -14.06
CA PRO V 77 -27.85 -23.68 -14.22
C PRO V 77 -27.95 -23.23 -15.67
N ARG V 78 -27.04 -23.65 -16.52
CA ARG V 78 -27.04 -23.29 -17.93
C ARG V 78 -26.24 -24.34 -18.68
N PRO V 79 -26.89 -25.35 -19.26
CA PRO V 79 -26.14 -26.33 -20.04
C PRO V 79 -25.70 -25.73 -21.37
N HIS V 80 -24.52 -26.18 -21.82
CA HIS V 80 -23.93 -25.69 -23.06
C HIS V 80 -24.79 -26.11 -24.25
N VAL V 81 -24.65 -25.36 -25.35
CA VAL V 81 -25.49 -25.58 -26.52
C VAL V 81 -25.19 -26.93 -27.19
N ASN V 82 -23.99 -27.47 -27.00
CA ASN V 82 -23.69 -28.81 -27.52
C ASN V 82 -24.39 -29.88 -26.70
N VAL V 83 -24.63 -29.62 -25.41
CA VAL V 83 -25.34 -30.59 -24.58
C VAL V 83 -26.82 -30.65 -24.96
N ASP V 84 -27.43 -29.49 -25.24
CA ASP V 84 -28.81 -29.50 -25.70
C ASP V 84 -28.92 -29.98 -27.14
N ALA V 85 -27.86 -29.84 -27.94
CA ALA V 85 -27.91 -30.29 -29.32
C ALA V 85 -27.62 -31.78 -29.46
N ALA V 86 -26.93 -32.39 -28.49
CA ALA V 86 -26.55 -33.79 -28.60
C ALA V 86 -27.34 -34.71 -27.68
N LEU V 87 -27.71 -34.27 -26.49
CA LEU V 87 -28.42 -35.11 -25.55
C LEU V 87 -29.92 -34.80 -25.56
N PRO V 88 -30.79 -35.80 -25.43
CA PRO V 88 -32.25 -35.56 -25.46
C PRO V 88 -32.80 -34.94 -24.17
N LEU V 89 -32.67 -33.62 -24.07
CA LEU V 89 -33.06 -32.92 -22.85
C LEU V 89 -34.18 -31.92 -23.07
N GLY V 90 -34.96 -32.07 -24.15
CA GLY V 90 -36.16 -31.30 -24.34
C GLY V 90 -36.04 -30.11 -25.26
N ARG V 91 -34.83 -29.64 -25.52
CA ARG V 91 -34.63 -28.43 -26.32
C ARG V 91 -33.78 -28.72 -27.55
N THR V 92 -34.07 -29.81 -28.25
CA THR V 92 -33.38 -30.10 -29.49
C THR V 92 -33.99 -29.28 -30.63
N PRO V 93 -33.24 -28.40 -31.29
CA PRO V 93 -33.79 -27.56 -32.36
C PRO V 93 -34.13 -28.34 -33.62
N ALA W 2 -55.91 -35.82 -13.33
CA ALA W 2 -57.36 -35.90 -13.22
C ALA W 2 -57.77 -37.04 -12.32
N ASP W 3 -57.43 -38.27 -12.72
CA ASP W 3 -57.72 -39.44 -11.92
C ASP W 3 -56.53 -39.79 -11.03
N ALA W 4 -56.83 -40.35 -9.87
CA ALA W 4 -55.79 -40.78 -8.95
C ALA W 4 -55.01 -41.95 -9.51
N LEU W 5 -53.75 -42.06 -9.07
CA LEU W 5 -52.77 -42.96 -9.65
C LEU W 5 -52.31 -43.96 -8.59
N GLY W 6 -52.09 -45.21 -9.00
CA GLY W 6 -51.56 -46.21 -8.09
C GLY W 6 -50.58 -47.11 -8.80
N MET W 7 -49.53 -47.53 -8.11
CA MET W 7 -48.45 -48.29 -8.75
C MET W 7 -47.98 -49.43 -7.87
N ILE W 8 -47.64 -50.55 -8.50
CA ILE W 8 -46.91 -51.63 -7.85
C ILE W 8 -45.72 -51.98 -8.71
N GLU W 9 -44.51 -51.79 -8.19
CA GLU W 9 -43.31 -52.20 -8.89
C GLU W 9 -42.79 -53.49 -8.29
N VAL W 10 -42.62 -54.51 -9.12
CA VAL W 10 -42.12 -55.81 -8.69
C VAL W 10 -40.91 -56.15 -9.55
N ARG W 11 -39.84 -56.62 -8.91
CA ARG W 11 -38.73 -57.22 -9.64
C ARG W 11 -39.17 -58.64 -10.03
N GLY W 12 -39.90 -58.73 -11.12
CA GLY W 12 -40.45 -59.99 -11.55
C GLY W 12 -41.84 -59.86 -12.14
N PHE W 13 -42.11 -60.64 -13.20
CA PHE W 13 -43.38 -60.54 -13.89
C PHE W 13 -44.50 -61.24 -13.14
N VAL W 14 -44.18 -62.31 -12.41
CA VAL W 14 -45.22 -63.11 -11.74
C VAL W 14 -45.82 -62.35 -10.58
N GLY W 15 -44.98 -61.72 -9.76
CA GLY W 15 -45.48 -60.90 -8.67
C GLY W 15 -46.26 -59.69 -9.14
N MET W 16 -45.87 -59.13 -10.29
CA MET W 16 -46.61 -58.00 -10.86
C MET W 16 -47.97 -58.45 -11.37
N VAL W 17 -48.07 -59.64 -11.95
CA VAL W 17 -49.36 -60.13 -12.43
C VAL W 17 -50.27 -60.46 -11.26
N GLU W 18 -49.72 -61.03 -10.18
CA GLU W 18 -50.52 -61.28 -8.99
C GLU W 18 -50.98 -59.98 -8.32
N ALA W 19 -50.11 -58.97 -8.31
CA ALA W 19 -50.50 -57.67 -7.79
C ALA W 19 -51.56 -57.01 -8.66
N ALA W 20 -51.43 -57.13 -9.98
CA ALA W 20 -52.41 -56.55 -10.88
C ALA W 20 -53.74 -57.28 -10.83
N ASP W 21 -53.72 -58.55 -10.42
CA ASP W 21 -54.98 -59.25 -10.18
C ASP W 21 -55.63 -58.78 -8.88
N ALA W 22 -54.82 -58.64 -7.83
CA ALA W 22 -55.38 -58.25 -6.53
C ALA W 22 -55.87 -56.80 -6.53
N MET W 23 -55.26 -55.94 -7.36
CA MET W 23 -55.71 -54.55 -7.43
C MET W 23 -57.09 -54.44 -8.09
N VAL W 24 -57.28 -55.12 -9.22
CA VAL W 24 -58.58 -55.05 -9.88
C VAL W 24 -59.63 -55.91 -9.19
N LYS W 25 -59.24 -56.85 -8.33
CA LYS W 25 -60.23 -57.54 -7.51
C LYS W 25 -60.55 -56.83 -6.22
N ALA W 26 -59.67 -55.93 -5.75
CA ALA W 26 -59.93 -55.26 -4.49
C ALA W 26 -60.97 -54.15 -4.63
N ALA W 27 -60.93 -53.40 -5.72
CA ALA W 27 -61.81 -52.25 -5.89
C ALA W 27 -62.04 -52.01 -7.38
N LYS W 28 -62.74 -50.92 -7.69
CA LYS W 28 -63.08 -50.58 -9.07
C LYS W 28 -62.00 -49.64 -9.61
N VAL W 29 -60.88 -50.23 -9.99
CA VAL W 29 -59.78 -49.50 -10.59
C VAL W 29 -59.63 -49.96 -12.04
N GLU W 30 -58.86 -49.19 -12.81
CA GLU W 30 -58.58 -49.52 -14.21
C GLU W 30 -57.10 -49.79 -14.35
N LEU W 31 -56.75 -51.06 -14.56
CA LEU W 31 -55.37 -51.45 -14.87
C LEU W 31 -55.07 -51.02 -16.29
N ILE W 32 -54.38 -49.88 -16.44
CA ILE W 32 -54.10 -49.39 -17.78
C ILE W 32 -52.94 -50.13 -18.42
N GLY W 33 -52.02 -50.67 -17.61
CA GLY W 33 -50.95 -51.46 -18.19
C GLY W 33 -49.77 -51.57 -17.24
N TYR W 34 -48.60 -51.75 -17.84
CA TYR W 34 -47.39 -52.05 -17.11
C TYR W 34 -46.20 -51.47 -17.86
N GLU W 35 -45.28 -50.89 -17.11
CA GLU W 35 -44.08 -50.28 -17.65
C GLU W 35 -42.88 -51.17 -17.38
N LYS W 36 -42.07 -51.41 -18.42
CA LYS W 36 -40.90 -52.27 -18.36
C LYS W 36 -39.67 -51.40 -18.41
N THR W 37 -39.07 -51.12 -17.25
CA THR W 37 -37.86 -50.33 -17.18
C THR W 37 -36.60 -51.17 -17.30
N GLY W 38 -36.74 -52.44 -17.68
CA GLY W 38 -35.59 -53.31 -17.86
C GLY W 38 -34.97 -53.76 -16.55
N GLY W 39 -34.05 -54.71 -16.67
CA GLY W 39 -33.33 -55.20 -15.52
C GLY W 39 -34.13 -56.05 -14.56
N GLY W 40 -35.32 -56.48 -14.95
CA GLY W 40 -36.17 -57.30 -14.11
C GLY W 40 -37.34 -56.57 -13.48
N TYR W 41 -37.34 -55.24 -13.52
CA TYR W 41 -38.38 -54.45 -12.88
C TYR W 41 -39.56 -54.27 -13.83
N VAL W 42 -40.77 -54.49 -13.33
CA VAL W 42 -41.99 -54.15 -14.05
C VAL W 42 -42.95 -53.46 -13.10
N THR W 43 -43.66 -52.44 -13.59
CA THR W 43 -44.52 -51.59 -12.78
C THR W 43 -45.94 -51.65 -13.31
N ALA W 44 -46.84 -52.25 -12.55
CA ALA W 44 -48.26 -52.24 -12.88
C ALA W 44 -48.87 -50.91 -12.43
N VAL W 45 -49.64 -50.28 -13.32
CA VAL W 45 -50.18 -48.96 -13.09
C VAL W 45 -51.70 -49.05 -13.12
N VAL W 46 -52.35 -48.73 -12.00
CA VAL W 46 -53.80 -48.65 -11.95
C VAL W 46 -54.20 -47.19 -11.76
N ARG W 47 -55.45 -46.89 -12.08
CA ARG W 47 -55.87 -45.49 -12.14
C ARG W 47 -57.36 -45.39 -11.88
N GLY W 48 -57.72 -44.56 -10.89
CA GLY W 48 -59.09 -44.38 -10.52
C GLY W 48 -59.17 -43.38 -9.39
N ASP W 49 -60.34 -43.25 -8.77
CA ASP W 49 -60.47 -42.34 -7.64
C ASP W 49 -59.70 -42.86 -6.44
N VAL W 50 -59.45 -41.95 -5.48
CA VAL W 50 -58.40 -42.14 -4.49
C VAL W 50 -58.72 -43.27 -3.50
N ALA W 51 -60.01 -43.49 -3.21
CA ALA W 51 -60.37 -44.56 -2.29
C ALA W 51 -60.16 -45.94 -2.92
N ALA W 52 -60.53 -46.07 -4.21
CA ALA W 52 -60.40 -47.36 -4.88
C ALA W 52 -58.94 -47.72 -5.11
N VAL W 53 -58.12 -46.76 -5.55
CA VAL W 53 -56.71 -47.08 -5.76
C VAL W 53 -55.99 -47.23 -4.43
N LYS W 54 -56.46 -46.53 -3.39
CA LYS W 54 -55.82 -46.62 -2.08
C LYS W 54 -56.13 -47.94 -1.40
N ALA W 55 -57.27 -48.55 -1.74
CA ALA W 55 -57.54 -49.91 -1.28
C ALA W 55 -56.87 -50.95 -2.16
N ALA W 56 -56.84 -50.70 -3.48
CA ALA W 56 -56.33 -51.68 -4.43
C ALA W 56 -54.83 -51.87 -4.29
N THR W 57 -54.08 -50.78 -4.14
CA THR W 57 -52.63 -50.90 -4.01
C THR W 57 -52.24 -51.53 -2.68
N GLU W 58 -52.98 -51.25 -1.61
CA GLU W 58 -52.63 -51.87 -0.34
C GLU W 58 -53.10 -53.32 -0.26
N ALA W 59 -54.02 -53.74 -1.13
CA ALA W 59 -54.30 -55.17 -1.25
C ALA W 59 -53.28 -55.85 -2.14
N GLY W 60 -52.83 -55.17 -3.20
CA GLY W 60 -51.86 -55.76 -4.11
C GLY W 60 -50.47 -55.86 -3.51
N GLN W 61 -50.13 -54.95 -2.59
CA GLN W 61 -48.88 -55.07 -1.86
C GLN W 61 -48.93 -56.26 -0.91
N ARG W 62 -50.08 -56.49 -0.29
CA ARG W 62 -50.25 -57.63 0.61
C ARG W 62 -50.21 -58.95 -0.17
N ALA W 63 -50.79 -58.96 -1.37
CA ALA W 63 -50.82 -60.17 -2.17
C ALA W 63 -49.60 -60.38 -3.04
N ALA W 64 -48.71 -59.38 -3.14
CA ALA W 64 -47.53 -59.51 -3.97
C ALA W 64 -46.23 -59.69 -3.20
N GLU W 65 -46.20 -59.38 -1.91
CA GLU W 65 -45.03 -59.71 -1.10
C GLU W 65 -44.94 -61.20 -0.84
N ARG W 66 -46.05 -61.92 -0.91
CA ARG W 66 -46.04 -63.36 -0.69
C ARG W 66 -45.46 -64.12 -1.87
N VAL W 67 -45.54 -63.57 -3.07
CA VAL W 67 -45.14 -64.26 -4.29
C VAL W 67 -43.98 -63.60 -5.00
N GLY W 68 -43.49 -62.47 -4.51
CA GLY W 68 -42.44 -61.77 -5.20
C GLY W 68 -41.62 -60.90 -4.28
N GLU W 69 -40.95 -59.92 -4.88
CA GLU W 69 -40.09 -58.97 -4.16
C GLU W 69 -40.55 -57.58 -4.57
N VAL W 70 -41.43 -57.00 -3.76
CA VAL W 70 -42.05 -55.72 -4.09
C VAL W 70 -41.06 -54.60 -3.82
N VAL W 71 -40.75 -53.83 -4.85
CA VAL W 71 -39.77 -52.75 -4.73
C VAL W 71 -40.41 -51.51 -4.12
N ALA W 72 -41.45 -50.97 -4.76
CA ALA W 72 -41.99 -49.68 -4.35
C ALA W 72 -43.50 -49.65 -4.60
N VAL W 73 -44.22 -49.11 -3.62
CA VAL W 73 -45.67 -48.90 -3.70
C VAL W 73 -45.95 -47.44 -3.35
N HIS W 74 -46.67 -46.74 -4.21
CA HIS W 74 -47.00 -45.36 -3.92
C HIS W 74 -48.30 -44.98 -4.64
N VAL W 75 -49.06 -44.09 -3.99
CA VAL W 75 -50.37 -43.65 -4.49
C VAL W 75 -50.34 -42.14 -4.61
N ILE W 76 -50.70 -41.62 -5.78
CA ILE W 76 -50.80 -40.19 -6.02
C ILE W 76 -52.29 -39.86 -6.17
N PRO W 77 -52.87 -39.06 -5.27
CA PRO W 77 -54.31 -38.77 -5.38
C PRO W 77 -54.65 -37.81 -6.50
N ARG W 78 -53.82 -36.82 -6.76
CA ARG W 78 -54.00 -35.92 -7.90
C ARG W 78 -52.63 -35.72 -8.55
N PRO W 79 -52.36 -36.40 -9.65
CA PRO W 79 -51.14 -36.08 -10.41
C PRO W 79 -51.32 -34.82 -11.21
N HIS W 80 -50.23 -34.06 -11.33
CA HIS W 80 -50.23 -32.82 -12.08
C HIS W 80 -50.40 -33.13 -13.58
N VAL W 81 -50.91 -32.14 -14.31
CA VAL W 81 -51.28 -32.37 -15.71
C VAL W 81 -50.04 -32.55 -16.59
N ASN W 82 -48.89 -32.00 -16.16
CA ASN W 82 -47.64 -32.22 -16.88
C ASN W 82 -47.17 -33.66 -16.73
N VAL W 83 -47.45 -34.28 -15.58
CA VAL W 83 -47.09 -35.68 -15.38
C VAL W 83 -47.91 -36.59 -16.28
N ASP W 84 -49.21 -36.29 -16.41
CA ASP W 84 -50.05 -37.07 -17.31
C ASP W 84 -49.77 -36.80 -18.77
N ALA W 85 -49.22 -35.62 -19.10
CA ALA W 85 -48.89 -35.34 -20.48
C ALA W 85 -47.54 -35.92 -20.88
N ALA W 86 -46.58 -36.00 -19.94
CA ALA W 86 -45.24 -36.46 -20.26
C ALA W 86 -45.02 -37.93 -20.01
N LEU W 87 -45.64 -38.50 -18.99
CA LEU W 87 -45.38 -39.89 -18.66
C LEU W 87 -46.53 -40.79 -19.13
N PRO W 88 -46.22 -41.99 -19.63
CA PRO W 88 -47.28 -42.93 -20.09
C PRO W 88 -48.03 -43.60 -18.94
N LEU W 89 -49.01 -42.88 -18.40
CA LEU W 89 -49.72 -43.35 -17.20
C LEU W 89 -51.19 -43.65 -17.49
N GLY W 90 -51.57 -43.81 -18.75
CA GLY W 90 -52.89 -44.24 -19.12
C GLY W 90 -53.78 -43.17 -19.68
N ARG W 91 -53.54 -41.90 -19.33
CA ARG W 91 -54.41 -40.80 -19.74
C ARG W 91 -53.59 -39.71 -20.43
N THR W 92 -52.75 -40.11 -21.38
CA THR W 92 -52.02 -39.14 -22.17
C THR W 92 -52.95 -38.56 -23.24
N PRO W 93 -53.17 -37.24 -23.26
CA PRO W 93 -54.09 -36.61 -24.22
C PRO W 93 -53.62 -36.69 -25.67
N ALA X 2 -60.74 -66.12 -17.76
CA ALA X 2 -61.50 -67.32 -18.05
C ALA X 2 -60.81 -68.56 -17.45
N ASP X 3 -59.86 -69.12 -18.21
CA ASP X 3 -59.13 -70.28 -17.74
C ASP X 3 -58.11 -69.87 -16.68
N ALA X 4 -57.62 -70.88 -15.96
CA ALA X 4 -56.66 -70.66 -14.90
C ALA X 4 -55.27 -70.37 -15.45
N LEU X 5 -54.47 -69.67 -14.65
CA LEU X 5 -53.18 -69.13 -15.07
C LEU X 5 -52.06 -69.79 -14.29
N GLY X 6 -50.96 -70.09 -14.97
CA GLY X 6 -49.78 -70.64 -14.31
C GLY X 6 -48.52 -70.03 -14.86
N MET X 7 -47.53 -69.78 -14.03
CA MET X 7 -46.32 -69.07 -14.44
C MET X 7 -45.09 -69.63 -13.79
N ILE X 8 -44.01 -69.73 -14.57
CA ILE X 8 -42.68 -70.07 -14.06
C ILE X 8 -41.74 -68.96 -14.51
N GLU X 9 -41.20 -68.20 -13.56
CA GLU X 9 -40.20 -67.20 -13.87
C GLU X 9 -38.82 -67.75 -13.56
N VAL X 10 -37.93 -67.74 -14.55
CA VAL X 10 -36.59 -68.26 -14.42
C VAL X 10 -35.61 -67.17 -14.84
N ARG X 11 -34.58 -66.94 -14.04
CA ARG X 11 -33.43 -66.14 -14.46
C ARG X 11 -32.60 -67.02 -15.40
N GLY X 12 -33.02 -67.07 -16.66
CA GLY X 12 -32.38 -67.93 -17.62
C GLY X 12 -33.35 -68.50 -18.64
N PHE X 13 -32.94 -68.49 -19.91
CA PHE X 13 -33.81 -68.97 -20.96
C PHE X 13 -33.91 -70.48 -20.98
N VAL X 14 -32.83 -71.17 -20.60
CA VAL X 14 -32.78 -72.63 -20.69
C VAL X 14 -33.69 -73.27 -19.64
N GLY X 15 -33.66 -72.74 -18.41
CA GLY X 15 -34.57 -73.22 -17.38
C GLY X 15 -36.02 -72.91 -17.70
N MET X 16 -36.27 -71.80 -18.40
CA MET X 16 -37.62 -71.47 -18.82
C MET X 16 -38.11 -72.44 -19.89
N VAL X 17 -37.23 -72.85 -20.80
CA VAL X 17 -37.65 -73.78 -21.84
C VAL X 17 -37.87 -75.18 -21.27
N GLU X 18 -37.04 -75.59 -20.31
CA GLU X 18 -37.27 -76.88 -19.66
C GLU X 18 -38.54 -76.87 -18.81
N ALA X 19 -38.82 -75.74 -18.13
CA ALA X 19 -40.05 -75.60 -17.39
C ALA X 19 -41.27 -75.61 -18.30
N ALA X 20 -41.19 -74.91 -19.44
CA ALA X 20 -42.29 -74.85 -20.39
C ALA X 20 -42.49 -76.17 -21.10
N ASP X 21 -41.46 -77.00 -21.20
CA ASP X 21 -41.65 -78.35 -21.72
C ASP X 21 -42.30 -79.26 -20.69
N ALA X 22 -41.84 -79.20 -19.44
CA ALA X 22 -42.39 -80.07 -18.41
C ALA X 22 -43.83 -79.70 -18.04
N MET X 23 -44.21 -78.42 -18.19
CA MET X 23 -45.58 -78.03 -17.93
C MET X 23 -46.53 -78.61 -18.97
N VAL X 24 -46.18 -78.49 -20.26
CA VAL X 24 -47.06 -79.02 -21.30
C VAL X 24 -46.96 -80.54 -21.44
N LYS X 25 -45.95 -81.17 -20.85
CA LYS X 25 -45.93 -82.62 -20.80
C LYS X 25 -46.59 -83.20 -19.56
N ALA X 26 -46.70 -82.43 -18.47
CA ALA X 26 -47.26 -82.97 -17.25
C ALA X 26 -48.78 -83.07 -17.31
N ALA X 27 -49.44 -82.09 -17.92
CA ALA X 27 -50.89 -82.06 -17.99
C ALA X 27 -51.31 -81.38 -19.28
N LYS X 28 -52.61 -81.19 -19.44
CA LYS X 28 -53.16 -80.53 -20.63
C LYS X 28 -53.25 -79.04 -20.34
N VAL X 29 -52.14 -78.34 -20.57
CA VAL X 29 -52.09 -76.89 -20.49
C VAL X 29 -51.68 -76.35 -21.85
N GLU X 30 -51.84 -75.04 -22.02
CA GLU X 30 -51.52 -74.38 -23.27
C GLU X 30 -50.44 -73.34 -23.00
N LEU X 31 -49.23 -73.60 -23.51
CA LEU X 31 -48.15 -72.63 -23.44
C LEU X 31 -48.43 -71.51 -24.42
N ILE X 32 -48.85 -70.35 -23.91
CA ILE X 32 -49.25 -69.25 -24.78
C ILE X 32 -48.07 -68.40 -25.23
N GLY X 33 -46.97 -68.39 -24.48
CA GLY X 33 -45.85 -67.53 -24.83
C GLY X 33 -44.88 -67.38 -23.69
N TYR X 34 -44.24 -66.23 -23.64
CA TYR X 34 -43.19 -65.96 -22.66
C TYR X 34 -42.96 -64.46 -22.60
N GLU X 35 -42.54 -63.99 -21.43
CA GLU X 35 -42.32 -62.57 -21.19
C GLU X 35 -40.85 -62.35 -20.87
N LYS X 36 -40.24 -61.38 -21.54
CA LYS X 36 -38.84 -61.02 -21.34
C LYS X 36 -38.80 -59.68 -20.61
N THR X 37 -38.68 -59.73 -19.29
CA THR X 37 -38.66 -58.53 -18.46
C THR X 37 -37.27 -57.94 -18.31
N GLY X 38 -36.29 -58.45 -19.03
CA GLY X 38 -34.95 -57.88 -19.02
C GLY X 38 -34.16 -58.27 -17.79
N GLY X 39 -32.85 -58.12 -17.90
CA GLY X 39 -31.97 -58.50 -16.81
C GLY X 39 -31.81 -59.98 -16.63
N GLY X 40 -32.13 -60.77 -17.66
CA GLY X 40 -31.99 -62.21 -17.61
C GLY X 40 -33.23 -62.96 -17.17
N TYR X 41 -34.30 -62.26 -16.78
CA TYR X 41 -35.51 -62.92 -16.32
C TYR X 41 -36.42 -63.18 -17.51
N VAL X 42 -36.89 -64.42 -17.64
CA VAL X 42 -37.93 -64.76 -18.62
C VAL X 42 -38.99 -65.60 -17.92
N THR X 43 -40.23 -65.41 -18.32
CA THR X 43 -41.38 -66.01 -17.64
C THR X 43 -42.20 -66.81 -18.64
N ALA X 44 -42.35 -68.10 -18.37
CA ALA X 44 -43.22 -68.97 -19.16
C ALA X 44 -44.62 -68.95 -18.57
N VAL X 45 -45.62 -68.78 -19.43
CA VAL X 45 -47.00 -68.61 -19.02
C VAL X 45 -47.83 -69.71 -19.67
N VAL X 46 -48.44 -70.56 -18.84
CA VAL X 46 -49.35 -71.59 -19.33
C VAL X 46 -50.75 -71.28 -18.83
N ARG X 47 -51.74 -71.87 -19.49
CA ARG X 47 -53.12 -71.51 -19.22
C ARG X 47 -54.00 -72.73 -19.41
N GLY X 48 -54.74 -73.09 -18.35
CA GLY X 48 -55.65 -74.21 -18.38
C GLY X 48 -56.42 -74.22 -17.07
N ASP X 49 -57.31 -75.21 -16.93
CA ASP X 49 -58.11 -75.30 -15.73
C ASP X 49 -57.25 -75.67 -14.52
N VAL X 50 -57.79 -75.40 -13.33
CA VAL X 50 -57.00 -75.22 -12.11
C VAL X 50 -56.29 -76.50 -11.69
N ALA X 51 -56.86 -77.67 -11.99
CA ALA X 51 -56.19 -78.92 -11.66
C ALA X 51 -55.01 -79.17 -12.57
N ALA X 52 -55.16 -78.88 -13.87
CA ALA X 52 -54.08 -79.11 -14.82
C ALA X 52 -52.91 -78.15 -14.60
N VAL X 53 -53.19 -76.87 -14.35
CA VAL X 53 -52.08 -75.96 -14.09
C VAL X 53 -51.53 -76.19 -12.68
N LYS X 54 -52.35 -76.68 -11.75
CA LYS X 54 -51.86 -76.97 -10.41
C LYS X 54 -50.91 -78.16 -10.41
N ALA X 55 -51.11 -79.10 -11.33
CA ALA X 55 -50.13 -80.16 -11.51
C ALA X 55 -48.95 -79.71 -12.36
N ALA X 56 -49.22 -78.92 -13.40
CA ALA X 56 -48.20 -78.59 -14.39
C ALA X 56 -47.15 -77.63 -13.83
N THR X 57 -47.56 -76.63 -13.05
CA THR X 57 -46.59 -75.69 -12.50
C THR X 57 -45.73 -76.34 -11.44
N GLU X 58 -46.29 -77.25 -10.64
CA GLU X 58 -45.47 -77.91 -9.64
C GLU X 58 -44.62 -79.03 -10.23
N ALA X 59 -44.93 -79.47 -11.46
CA ALA X 59 -43.98 -80.35 -12.14
C ALA X 59 -42.88 -79.54 -12.84
N GLY X 60 -43.25 -78.40 -13.41
CA GLY X 60 -42.26 -77.57 -14.08
C GLY X 60 -41.32 -76.87 -13.13
N GLN X 61 -41.76 -76.61 -11.90
CA GLN X 61 -40.87 -76.10 -10.88
C GLN X 61 -39.86 -77.16 -10.47
N ARG X 62 -40.30 -78.41 -10.36
CA ARG X 62 -39.39 -79.50 -10.01
C ARG X 62 -38.42 -79.79 -11.13
N ALA X 63 -38.83 -79.62 -12.38
CA ALA X 63 -37.94 -79.85 -13.51
C ALA X 63 -37.14 -78.63 -13.92
N ALA X 64 -37.45 -77.44 -13.38
CA ALA X 64 -36.71 -76.23 -13.71
C ALA X 64 -35.61 -75.90 -12.71
N GLU X 65 -35.70 -76.42 -11.49
CA GLU X 65 -34.65 -76.22 -10.51
C GLU X 65 -33.42 -77.07 -10.79
N ARG X 66 -33.52 -78.06 -11.67
CA ARG X 66 -32.36 -78.86 -12.03
C ARG X 66 -31.38 -78.05 -12.87
N VAL X 67 -31.88 -77.20 -13.76
CA VAL X 67 -31.03 -76.49 -14.71
C VAL X 67 -31.04 -74.98 -14.53
N GLY X 68 -32.05 -74.40 -13.90
CA GLY X 68 -32.14 -72.96 -13.85
C GLY X 68 -32.23 -72.37 -12.47
N GLU X 69 -32.57 -71.09 -12.39
CA GLU X 69 -32.76 -70.37 -11.13
C GLU X 69 -34.20 -69.90 -11.09
N VAL X 70 -35.04 -70.62 -10.35
CA VAL X 70 -36.47 -70.33 -10.29
C VAL X 70 -36.69 -69.15 -9.35
N VAL X 71 -37.33 -68.10 -9.85
CA VAL X 71 -37.57 -66.90 -9.06
C VAL X 71 -38.91 -66.96 -8.36
N ALA X 72 -39.99 -67.22 -9.09
CA ALA X 72 -41.32 -67.22 -8.51
C ALA X 72 -42.24 -68.16 -9.27
N VAL X 73 -43.04 -68.91 -8.53
CA VAL X 73 -44.05 -69.82 -9.09
C VAL X 73 -45.38 -69.48 -8.44
N HIS X 74 -46.40 -69.24 -9.26
CA HIS X 74 -47.70 -68.89 -8.71
C HIS X 74 -48.80 -69.30 -9.69
N VAL X 75 -49.92 -69.73 -9.13
CA VAL X 75 -51.09 -70.16 -9.89
C VAL X 75 -52.26 -69.26 -9.53
N ILE X 76 -52.88 -68.64 -10.52
CA ILE X 76 -54.07 -67.82 -10.34
C ILE X 76 -55.26 -68.61 -10.89
N PRO X 77 -56.16 -69.11 -10.05
CA PRO X 77 -57.25 -69.93 -10.57
C PRO X 77 -58.29 -69.16 -11.38
N ARG X 78 -58.67 -67.96 -10.93
CA ARG X 78 -59.61 -67.11 -11.65
C ARG X 78 -58.97 -65.75 -11.87
N PRO X 79 -58.24 -65.55 -12.96
CA PRO X 79 -57.74 -64.21 -13.27
C PRO X 79 -58.87 -63.31 -13.75
N HIS X 80 -58.80 -62.05 -13.35
CA HIS X 80 -59.85 -61.10 -13.67
C HIS X 80 -59.79 -60.73 -15.16
N VAL X 81 -60.93 -60.28 -15.68
CA VAL X 81 -61.02 -60.01 -17.12
C VAL X 81 -60.23 -58.75 -17.50
N ASN X 82 -60.03 -57.83 -16.55
CA ASN X 82 -59.17 -56.68 -16.79
C ASN X 82 -57.71 -57.10 -16.87
N VAL X 83 -57.33 -58.15 -16.15
CA VAL X 83 -55.97 -58.68 -16.23
C VAL X 83 -55.75 -59.36 -17.57
N ASP X 84 -56.74 -60.09 -18.06
CA ASP X 84 -56.64 -60.71 -19.38
C ASP X 84 -56.72 -59.69 -20.51
N ALA X 85 -57.31 -58.51 -20.24
CA ALA X 85 -57.38 -57.46 -21.24
C ALA X 85 -56.13 -56.59 -21.28
N ALA X 86 -55.48 -56.36 -20.13
CA ALA X 86 -54.33 -55.46 -20.07
C ALA X 86 -53.00 -56.17 -20.18
N LEU X 87 -52.83 -57.33 -19.54
CA LEU X 87 -51.57 -58.03 -19.51
C LEU X 87 -51.52 -59.09 -20.62
N PRO X 88 -50.35 -59.33 -21.23
CA PRO X 88 -50.26 -60.30 -22.35
C PRO X 88 -50.29 -61.76 -21.87
N LEU X 89 -51.50 -62.27 -21.65
CA LEU X 89 -51.66 -63.59 -21.05
C LEU X 89 -52.37 -64.56 -22.00
N GLY X 90 -52.33 -64.31 -23.29
CA GLY X 90 -52.83 -65.24 -24.27
C GLY X 90 -54.29 -65.11 -24.64
N ARG X 91 -55.08 -64.39 -23.83
CA ARG X 91 -56.50 -64.24 -24.09
C ARG X 91 -56.88 -62.78 -24.29
N THR X 92 -56.06 -62.04 -25.03
CA THR X 92 -56.39 -60.66 -25.36
C THR X 92 -57.43 -60.64 -26.46
N PRO X 93 -58.62 -60.06 -26.24
CA PRO X 93 -59.71 -60.06 -27.22
C PRO X 93 -59.41 -59.25 -28.48
N ALA Y 2 -40.25 -82.31 -32.54
CA ALA Y 2 -39.64 -83.01 -33.66
C ALA Y 2 -38.18 -83.31 -33.38
N ASP Y 3 -37.29 -82.47 -33.91
CA ASP Y 3 -35.87 -82.64 -33.68
C ASP Y 3 -35.52 -82.27 -32.23
N ALA Y 4 -34.47 -82.91 -31.73
CA ALA Y 4 -34.02 -82.67 -30.37
C ALA Y 4 -33.38 -81.29 -30.25
N LEU Y 5 -33.36 -80.78 -29.03
CA LEU Y 5 -33.01 -79.41 -28.72
C LEU Y 5 -31.78 -79.37 -27.81
N GLY Y 6 -30.87 -78.44 -28.08
CA GLY Y 6 -29.72 -78.25 -27.23
C GLY Y 6 -29.43 -76.79 -27.00
N MET Y 7 -29.01 -76.43 -25.79
CA MET Y 7 -28.84 -75.03 -25.43
C MET Y 7 -27.62 -74.83 -24.54
N ILE Y 8 -26.86 -73.78 -24.82
CA ILE Y 8 -25.83 -73.29 -23.91
C ILE Y 8 -26.15 -71.83 -23.60
N GLU Y 9 -26.39 -71.54 -22.33
CA GLU Y 9 -26.59 -70.16 -21.91
C GLU Y 9 -25.31 -69.65 -21.27
N VAL Y 10 -24.82 -68.51 -21.75
CA VAL Y 10 -23.59 -67.90 -21.25
C VAL Y 10 -23.89 -66.45 -20.89
N ARG Y 11 -23.42 -66.02 -19.72
CA ARG Y 11 -23.36 -64.60 -19.43
C ARG Y 11 -22.20 -64.00 -20.21
N GLY Y 12 -22.45 -63.62 -21.46
CA GLY Y 12 -21.38 -63.14 -22.31
C GLY Y 12 -21.49 -63.63 -23.73
N PHE Y 13 -21.22 -62.75 -24.69
CA PHE Y 13 -21.36 -63.10 -26.10
C PHE Y 13 -20.22 -63.99 -26.57
N VAL Y 14 -19.03 -63.83 -25.99
CA VAL Y 14 -17.85 -64.56 -26.47
C VAL Y 14 -17.96 -66.04 -26.12
N GLY Y 15 -18.36 -66.33 -24.88
CA GLY Y 15 -18.57 -67.71 -24.47
C GLY Y 15 -19.70 -68.37 -25.23
N MET Y 16 -20.73 -67.61 -25.60
CA MET Y 16 -21.82 -68.16 -26.39
C MET Y 16 -21.39 -68.46 -27.81
N VAL Y 17 -20.52 -67.62 -28.39
CA VAL Y 17 -20.05 -67.89 -29.75
C VAL Y 17 -19.11 -69.09 -29.76
N GLU Y 18 -18.24 -69.20 -28.75
CA GLU Y 18 -17.37 -70.38 -28.64
C GLU Y 18 -18.17 -71.65 -28.39
N ALA Y 19 -19.24 -71.56 -27.59
CA ALA Y 19 -20.12 -72.70 -27.36
C ALA Y 19 -20.84 -73.11 -28.63
N ALA Y 20 -21.37 -72.14 -29.39
CA ALA Y 20 -22.06 -72.46 -30.63
C ALA Y 20 -21.12 -73.03 -31.67
N ASP Y 21 -19.88 -72.54 -31.69
CA ASP Y 21 -18.88 -73.06 -32.62
C ASP Y 21 -18.50 -74.49 -32.28
N ALA Y 22 -18.32 -74.79 -30.99
CA ALA Y 22 -18.02 -76.16 -30.59
C ALA Y 22 -19.21 -77.10 -30.82
N MET Y 23 -20.44 -76.59 -30.67
CA MET Y 23 -21.60 -77.42 -30.94
C MET Y 23 -21.74 -77.75 -32.41
N VAL Y 24 -21.49 -76.78 -33.30
CA VAL Y 24 -21.63 -77.09 -34.72
C VAL Y 24 -20.39 -77.79 -35.28
N LYS Y 25 -19.26 -77.76 -34.57
CA LYS Y 25 -18.10 -78.52 -35.00
C LYS Y 25 -18.03 -79.91 -34.37
N ALA Y 26 -18.83 -80.19 -33.36
CA ALA Y 26 -18.81 -81.52 -32.74
C ALA Y 26 -19.57 -82.54 -33.57
N ALA Y 27 -20.76 -82.18 -34.05
CA ALA Y 27 -21.60 -83.11 -34.80
C ALA Y 27 -22.40 -82.32 -35.82
N LYS Y 28 -23.34 -83.00 -36.48
CA LYS Y 28 -24.18 -82.37 -37.50
C LYS Y 28 -25.45 -81.89 -36.81
N VAL Y 29 -25.42 -80.64 -36.36
CA VAL Y 29 -26.60 -79.99 -35.80
C VAL Y 29 -26.85 -78.73 -36.62
N GLU Y 30 -27.87 -77.97 -36.25
CA GLU Y 30 -28.20 -76.73 -36.93
C GLU Y 30 -28.32 -75.63 -35.90
N LEU Y 31 -27.38 -74.69 -35.93
CA LEU Y 31 -27.46 -73.50 -35.09
C LEU Y 31 -28.53 -72.58 -35.66
N ILE Y 32 -29.74 -72.63 -35.08
CA ILE Y 32 -30.84 -71.85 -35.63
C ILE Y 32 -30.67 -70.37 -35.30
N GLY Y 33 -29.97 -70.05 -34.21
CA GLY Y 33 -29.77 -68.67 -33.83
C GLY Y 33 -29.32 -68.52 -32.40
N TYR Y 34 -29.78 -67.45 -31.75
CA TYR Y 34 -29.37 -67.12 -30.40
C TYR Y 34 -30.40 -66.19 -29.80
N GLU Y 35 -30.63 -66.34 -28.50
CA GLU Y 35 -31.64 -65.57 -27.79
C GLU Y 35 -30.96 -64.63 -26.81
N LYS Y 36 -31.34 -63.35 -26.86
CA LYS Y 36 -30.80 -62.31 -26.00
C LYS Y 36 -31.87 -61.95 -24.97
N THR Y 37 -31.81 -62.55 -23.80
CA THR Y 37 -32.76 -62.30 -22.74
C THR Y 37 -32.35 -61.13 -21.85
N GLY Y 38 -31.39 -60.33 -22.28
CA GLY Y 38 -31.02 -59.11 -21.58
C GLY Y 38 -30.16 -59.37 -20.35
N GLY Y 39 -29.49 -58.32 -19.92
CA GLY Y 39 -28.68 -58.40 -18.72
C GLY Y 39 -27.38 -59.14 -18.88
N GLY Y 40 -26.93 -59.34 -20.11
CA GLY Y 40 -25.71 -60.07 -20.38
C GLY Y 40 -25.91 -61.54 -20.68
N TYR Y 41 -27.09 -62.08 -20.43
CA TYR Y 41 -27.34 -63.48 -20.67
C TYR Y 41 -27.73 -63.69 -22.13
N VAL Y 42 -27.03 -64.60 -22.81
CA VAL Y 42 -27.40 -65.00 -24.16
C VAL Y 42 -27.41 -66.52 -24.20
N THR Y 43 -28.18 -67.06 -25.14
CA THR Y 43 -28.41 -68.50 -25.21
C THR Y 43 -28.27 -68.97 -26.65
N ALA Y 44 -27.30 -69.85 -26.88
CA ALA Y 44 -27.13 -70.48 -28.18
C ALA Y 44 -27.98 -71.73 -28.22
N VAL Y 45 -28.72 -71.90 -29.32
CA VAL Y 45 -29.73 -72.94 -29.47
C VAL Y 45 -29.39 -73.74 -30.73
N VAL Y 46 -28.97 -74.97 -30.55
CA VAL Y 46 -28.78 -75.89 -31.67
C VAL Y 46 -29.95 -76.87 -31.67
N ARG Y 47 -30.21 -77.46 -32.83
CA ARG Y 47 -31.38 -78.31 -32.96
C ARG Y 47 -31.13 -79.37 -34.02
N GLY Y 48 -31.14 -80.63 -33.59
CA GLY Y 48 -30.91 -81.74 -34.48
C GLY Y 48 -31.26 -83.04 -33.79
N ASP Y 49 -30.93 -84.15 -34.46
CA ASP Y 49 -31.22 -85.47 -33.89
C ASP Y 49 -30.37 -85.73 -32.65
N VAL Y 50 -30.83 -86.71 -31.84
CA VAL Y 50 -30.59 -86.69 -30.40
C VAL Y 50 -29.13 -87.05 -30.07
N ALA Y 51 -28.52 -87.94 -30.85
CA ALA Y 51 -27.12 -88.27 -30.60
C ALA Y 51 -26.20 -87.12 -30.98
N ALA Y 52 -26.55 -86.39 -32.04
CA ALA Y 52 -25.73 -85.28 -32.49
C ALA Y 52 -25.79 -84.12 -31.52
N VAL Y 53 -26.97 -83.79 -30.99
CA VAL Y 53 -27.04 -82.72 -30.00
C VAL Y 53 -26.46 -83.18 -28.67
N LYS Y 54 -26.51 -84.48 -28.37
CA LYS Y 54 -25.94 -84.98 -27.13
C LYS Y 54 -24.41 -84.92 -27.16
N ALA Y 55 -23.81 -85.11 -28.34
CA ALA Y 55 -22.38 -84.87 -28.47
C ALA Y 55 -22.05 -83.39 -28.54
N ALA Y 56 -22.93 -82.62 -29.21
CA ALA Y 56 -22.66 -81.21 -29.48
C ALA Y 56 -22.67 -80.38 -28.21
N THR Y 57 -23.68 -80.59 -27.36
CA THR Y 57 -23.76 -79.80 -26.13
C THR Y 57 -22.67 -80.18 -25.13
N GLU Y 58 -22.29 -81.46 -25.07
CA GLU Y 58 -21.23 -81.83 -24.14
C GLU Y 58 -19.85 -81.42 -24.66
N ALA Y 59 -19.72 -81.14 -25.95
CA ALA Y 59 -18.50 -80.50 -26.42
C ALA Y 59 -18.56 -78.98 -26.24
N GLY Y 60 -19.74 -78.38 -26.40
CA GLY Y 60 -19.86 -76.94 -26.25
C GLY Y 60 -19.74 -76.47 -24.82
N GLN Y 61 -20.22 -77.27 -23.87
CA GLN Y 61 -19.98 -76.99 -22.46
C GLN Y 61 -18.50 -77.14 -22.12
N ARG Y 62 -17.85 -78.15 -22.71
CA ARG Y 62 -16.44 -78.39 -22.42
C ARG Y 62 -15.56 -77.29 -23.03
N ALA Y 63 -15.99 -76.68 -24.12
CA ALA Y 63 -15.22 -75.60 -24.73
C ALA Y 63 -15.66 -74.21 -24.29
N ALA Y 64 -16.82 -74.09 -23.65
CA ALA Y 64 -17.31 -72.77 -23.23
C ALA Y 64 -16.97 -72.43 -21.79
N GLU Y 65 -16.72 -73.43 -20.94
CA GLU Y 65 -16.30 -73.16 -19.58
C GLU Y 65 -14.87 -72.65 -19.50
N ARG Y 66 -14.08 -72.87 -20.55
CA ARG Y 66 -12.69 -72.41 -20.55
C ARG Y 66 -12.60 -70.90 -20.72
N VAL Y 67 -13.48 -70.32 -21.53
CA VAL Y 67 -13.38 -68.91 -21.89
C VAL Y 67 -14.55 -68.09 -21.40
N GLY Y 68 -15.39 -68.66 -20.53
CA GLY Y 68 -16.52 -67.90 -20.05
C GLY Y 68 -17.19 -68.58 -18.88
N GLU Y 69 -18.30 -67.99 -18.44
CA GLU Y 69 -19.12 -68.51 -17.36
C GLU Y 69 -20.40 -69.07 -17.96
N VAL Y 70 -20.60 -70.37 -17.83
CA VAL Y 70 -21.78 -71.03 -18.40
C VAL Y 70 -22.83 -71.16 -17.32
N VAL Y 71 -24.04 -70.69 -17.62
CA VAL Y 71 -25.13 -70.69 -16.65
C VAL Y 71 -25.89 -72.00 -16.66
N ALA Y 72 -26.28 -72.48 -17.85
CA ALA Y 72 -27.12 -73.67 -17.92
C ALA Y 72 -26.86 -74.43 -19.20
N VAL Y 73 -26.71 -75.75 -19.08
CA VAL Y 73 -26.60 -76.67 -20.21
C VAL Y 73 -27.70 -77.71 -20.06
N HIS Y 74 -28.51 -77.88 -21.10
CA HIS Y 74 -29.58 -78.86 -21.02
C HIS Y 74 -29.98 -79.31 -22.42
N VAL Y 75 -30.31 -80.60 -22.54
CA VAL Y 75 -30.73 -81.21 -23.79
C VAL Y 75 -32.13 -81.75 -23.61
N ILE Y 76 -33.01 -81.43 -24.54
CA ILE Y 76 -34.36 -81.99 -24.58
C ILE Y 76 -34.43 -82.92 -25.79
N PRO Y 77 -34.53 -84.23 -25.60
CA PRO Y 77 -34.53 -85.15 -26.75
C PRO Y 77 -35.79 -85.09 -27.58
N ARG Y 78 -36.95 -84.89 -26.96
CA ARG Y 78 -38.22 -84.75 -27.69
C ARG Y 78 -38.97 -83.57 -27.12
N PRO Y 79 -38.80 -82.38 -27.68
CA PRO Y 79 -39.61 -81.25 -27.25
C PRO Y 79 -41.03 -81.35 -27.76
N HIS Y 80 -41.96 -80.83 -26.98
CA HIS Y 80 -43.37 -80.90 -27.33
C HIS Y 80 -43.65 -79.93 -28.48
N VAL Y 81 -44.74 -80.18 -29.20
CA VAL Y 81 -45.10 -79.34 -30.34
C VAL Y 81 -45.56 -77.95 -29.88
N ASN Y 82 -46.06 -77.83 -28.66
CA ASN Y 82 -46.43 -76.52 -28.13
C ASN Y 82 -45.19 -75.68 -27.85
N VAL Y 83 -44.09 -76.33 -27.46
CA VAL Y 83 -42.84 -75.62 -27.21
C VAL Y 83 -42.27 -75.07 -28.50
N ASP Y 84 -42.40 -75.81 -29.59
CA ASP Y 84 -41.98 -75.32 -30.89
C ASP Y 84 -42.90 -74.21 -31.39
N ALA Y 85 -44.21 -74.36 -31.17
CA ALA Y 85 -45.16 -73.40 -31.68
C ALA Y 85 -45.20 -72.11 -30.88
N ALA Y 86 -44.72 -72.11 -29.64
CA ALA Y 86 -44.77 -70.93 -28.79
C ALA Y 86 -43.44 -70.22 -28.62
N LEU Y 87 -42.35 -70.95 -28.46
CA LEU Y 87 -41.03 -70.41 -28.22
C LEU Y 87 -40.22 -70.32 -29.51
N PRO Y 88 -39.34 -69.32 -29.64
CA PRO Y 88 -38.55 -69.16 -30.89
C PRO Y 88 -37.37 -70.14 -30.97
N LEU Y 89 -37.67 -71.36 -31.41
CA LEU Y 89 -36.68 -72.43 -31.41
C LEU Y 89 -36.41 -72.96 -32.82
N GLY Y 90 -36.57 -72.12 -33.84
CA GLY Y 90 -36.15 -72.48 -35.17
C GLY Y 90 -37.14 -73.26 -36.00
N ARG Y 91 -37.96 -74.09 -35.37
CA ARG Y 91 -38.92 -74.94 -36.07
C ARG Y 91 -40.36 -74.55 -35.77
N THR Y 92 -40.63 -73.26 -35.77
CA THR Y 92 -42.00 -72.77 -35.61
C THR Y 92 -42.74 -72.93 -36.93
N PRO Y 93 -43.86 -73.66 -36.97
CA PRO Y 93 -44.63 -73.92 -38.20
C PRO Y 93 -45.27 -72.67 -38.79
N ALA Z 2 -14.81 -67.64 -43.33
CA ALA Z 2 -13.65 -67.24 -44.12
C ALA Z 2 -12.45 -66.96 -43.20
N ASP Z 3 -12.25 -65.69 -42.87
CA ASP Z 3 -11.12 -65.32 -42.04
C ASP Z 3 -11.38 -65.69 -40.58
N ALA Z 4 -10.30 -65.67 -39.80
CA ALA Z 4 -10.37 -65.99 -38.39
C ALA Z 4 -11.07 -64.88 -37.61
N LEU Z 5 -11.58 -65.27 -36.45
CA LEU Z 5 -12.42 -64.42 -35.62
C LEU Z 5 -11.65 -63.99 -34.37
N GLY Z 6 -11.86 -62.76 -33.93
CA GLY Z 6 -11.25 -62.31 -32.70
C GLY Z 6 -12.22 -61.50 -31.88
N MET Z 7 -12.29 -61.74 -30.58
CA MET Z 7 -13.29 -61.09 -29.74
C MET Z 7 -12.68 -60.58 -28.44
N ILE Z 8 -13.05 -59.36 -28.07
CA ILE Z 8 -12.86 -58.85 -26.72
C ILE Z 8 -14.24 -58.54 -26.17
N GLU Z 9 -14.49 -58.91 -24.92
CA GLU Z 9 -15.73 -58.53 -24.25
C GLU Z 9 -15.39 -57.67 -23.05
N VAL Z 10 -15.94 -56.47 -23.00
CA VAL Z 10 -15.68 -55.52 -21.91
C VAL Z 10 -17.01 -55.12 -21.32
N ARG Z 11 -17.10 -55.13 -19.99
CA ARG Z 11 -18.23 -54.52 -19.29
C ARG Z 11 -18.00 -53.02 -19.30
N GLY Z 12 -18.42 -52.38 -20.40
CA GLY Z 12 -18.18 -50.98 -20.57
C GLY Z 12 -17.74 -50.62 -21.98
N PHE Z 13 -18.27 -49.51 -22.50
CA PHE Z 13 -18.00 -49.13 -23.88
C PHE Z 13 -16.58 -48.60 -24.04
N VAL Z 14 -16.02 -48.00 -22.99
CA VAL Z 14 -14.74 -47.32 -23.10
C VAL Z 14 -13.60 -48.32 -23.26
N GLY Z 15 -13.59 -49.36 -22.44
CA GLY Z 15 -12.61 -50.42 -22.58
C GLY Z 15 -12.73 -51.17 -23.88
N MET Z 16 -13.96 -51.28 -24.41
CA MET Z 16 -14.15 -51.91 -25.70
C MET Z 16 -13.57 -51.08 -26.83
N VAL Z 17 -13.70 -49.75 -26.75
CA VAL Z 17 -13.14 -48.91 -27.81
C VAL Z 17 -11.62 -48.88 -27.73
N GLU Z 18 -11.06 -48.87 -26.51
CA GLU Z 18 -9.61 -48.98 -26.37
C GLU Z 18 -9.08 -50.32 -26.87
N ALA Z 19 -9.81 -51.40 -26.59
CA ALA Z 19 -9.41 -52.71 -27.09
C ALA Z 19 -9.50 -52.78 -28.62
N ALA Z 20 -10.54 -52.17 -29.20
CA ALA Z 20 -10.69 -52.16 -30.65
C ALA Z 20 -9.60 -51.34 -31.32
N ASP Z 21 -9.23 -50.21 -30.72
CA ASP Z 21 -8.13 -49.40 -31.26
C ASP Z 21 -6.81 -50.14 -31.18
N ALA Z 22 -6.56 -50.84 -30.07
CA ALA Z 22 -5.33 -51.61 -29.95
C ALA Z 22 -5.29 -52.79 -30.92
N MET Z 23 -6.44 -53.42 -31.17
CA MET Z 23 -6.50 -54.53 -32.13
C MET Z 23 -6.25 -54.05 -33.55
N VAL Z 24 -6.82 -52.92 -33.93
CA VAL Z 24 -6.60 -52.46 -35.31
C VAL Z 24 -5.24 -51.79 -35.47
N LYS Z 25 -4.60 -51.33 -34.38
CA LYS Z 25 -3.23 -50.85 -34.51
C LYS Z 25 -2.20 -51.96 -34.45
N ALA Z 26 -2.53 -53.11 -33.84
CA ALA Z 26 -1.52 -54.15 -33.64
C ALA Z 26 -1.21 -54.88 -34.94
N ALA Z 27 -2.22 -55.23 -35.72
CA ALA Z 27 -2.01 -55.96 -36.96
C ALA Z 27 -3.10 -55.57 -37.95
N LYS Z 28 -3.20 -56.35 -39.04
CA LYS Z 28 -4.20 -56.11 -40.08
C LYS Z 28 -5.45 -56.91 -39.72
N VAL Z 29 -6.35 -56.29 -38.98
CA VAL Z 29 -7.65 -56.88 -38.70
C VAL Z 29 -8.72 -55.95 -39.24
N GLU Z 30 -9.91 -56.49 -39.41
CA GLU Z 30 -11.08 -55.73 -39.85
C GLU Z 30 -12.05 -55.65 -38.69
N LEU Z 31 -12.18 -54.47 -38.09
CA LEU Z 31 -13.16 -54.24 -37.03
C LEU Z 31 -14.53 -54.14 -37.70
N ILE Z 32 -15.28 -55.25 -37.68
CA ILE Z 32 -16.55 -55.28 -38.41
C ILE Z 32 -17.72 -54.71 -37.64
N GLY Z 33 -17.54 -54.41 -36.37
CA GLY Z 33 -18.61 -53.85 -35.57
C GLY Z 33 -18.46 -54.26 -34.12
N TYR Z 34 -19.59 -54.34 -33.44
CA TYR Z 34 -19.62 -54.64 -32.01
C TYR Z 34 -21.01 -55.12 -31.63
N GLU Z 35 -21.06 -55.99 -30.64
CA GLU Z 35 -22.31 -56.61 -30.20
C GLU Z 35 -22.67 -56.12 -28.81
N LYS Z 36 -23.95 -55.76 -28.63
CA LYS Z 36 -24.47 -55.22 -27.38
C LYS Z 36 -25.46 -56.22 -26.81
N THR Z 37 -25.01 -57.00 -25.82
CA THR Z 37 -25.84 -58.04 -25.23
C THR Z 37 -26.52 -57.61 -23.95
N GLY Z 38 -26.65 -56.30 -23.73
CA GLY Z 38 -27.33 -55.79 -22.56
C GLY Z 38 -26.55 -55.92 -21.27
N GLY Z 39 -26.96 -55.17 -20.25
CA GLY Z 39 -26.30 -55.25 -18.96
C GLY Z 39 -24.94 -54.61 -18.90
N GLY Z 40 -24.58 -53.79 -19.89
CA GLY Z 40 -23.30 -53.13 -19.91
C GLY Z 40 -22.20 -53.89 -20.61
N TYR Z 41 -22.47 -55.09 -21.11
CA TYR Z 41 -21.48 -55.89 -21.81
C TYR Z 41 -21.48 -55.50 -23.28
N VAL Z 42 -20.31 -55.18 -23.82
CA VAL Z 42 -20.14 -54.94 -25.24
C VAL Z 42 -18.95 -55.74 -25.74
N THR Z 43 -19.07 -56.28 -26.95
CA THR Z 43 -18.10 -57.20 -27.51
C THR Z 43 -17.57 -56.63 -28.82
N ALA Z 44 -16.28 -56.31 -28.83
CA ALA Z 44 -15.59 -55.92 -30.05
C ALA Z 44 -15.20 -57.16 -30.83
N VAL Z 45 -15.52 -57.18 -32.12
CA VAL Z 45 -15.31 -58.32 -32.99
C VAL Z 45 -14.42 -57.87 -34.14
N VAL Z 46 -13.17 -58.34 -34.16
CA VAL Z 46 -12.28 -58.14 -35.30
C VAL Z 46 -12.25 -59.42 -36.10
N ARG Z 47 -11.78 -59.30 -37.34
CA ARG Z 47 -11.78 -60.45 -38.22
C ARG Z 47 -10.62 -60.35 -39.22
N GLY Z 48 -9.83 -61.42 -39.27
CA GLY Z 48 -8.68 -61.46 -40.15
C GLY Z 48 -7.98 -62.78 -39.95
N ASP Z 49 -6.87 -62.97 -40.67
CA ASP Z 49 -6.13 -64.22 -40.62
C ASP Z 49 -5.55 -64.48 -39.22
N VAL Z 50 -5.25 -65.75 -38.96
CA VAL Z 50 -5.24 -66.29 -37.60
C VAL Z 50 -4.10 -65.73 -36.76
N ALA Z 51 -2.94 -65.51 -37.37
CA ALA Z 51 -1.81 -64.98 -36.58
C ALA Z 51 -1.99 -63.50 -36.29
N ALA Z 52 -2.57 -62.76 -37.23
CA ALA Z 52 -2.80 -61.34 -37.01
C ALA Z 52 -3.86 -61.10 -35.94
N VAL Z 53 -4.93 -61.90 -35.94
CA VAL Z 53 -5.93 -61.72 -34.91
C VAL Z 53 -5.46 -62.29 -33.57
N LYS Z 54 -4.57 -63.29 -33.59
CA LYS Z 54 -4.03 -63.79 -32.34
C LYS Z 54 -3.06 -62.79 -31.71
N ALA Z 55 -2.34 -62.03 -32.54
CA ALA Z 55 -1.55 -60.92 -32.01
C ALA Z 55 -2.42 -59.76 -31.58
N ALA Z 56 -3.50 -59.50 -32.33
CA ALA Z 56 -4.33 -58.33 -32.08
C ALA Z 56 -5.14 -58.48 -30.79
N THR Z 57 -5.72 -59.64 -30.54
CA THR Z 57 -6.49 -59.81 -29.31
C THR Z 57 -5.61 -59.84 -28.07
N GLU Z 58 -4.37 -60.35 -28.19
CA GLU Z 58 -3.49 -60.31 -27.04
C GLU Z 58 -2.86 -58.94 -26.84
N ALA Z 59 -2.90 -58.08 -27.86
CA ALA Z 59 -2.57 -56.67 -27.62
C ALA Z 59 -3.76 -55.92 -27.04
N GLY Z 60 -4.97 -56.24 -27.47
CA GLY Z 60 -6.16 -55.57 -26.97
C GLY Z 60 -6.52 -55.95 -25.56
N GLN Z 61 -6.23 -57.20 -25.16
CA GLN Z 61 -6.39 -57.59 -23.77
C GLN Z 61 -5.39 -56.89 -22.88
N ARG Z 62 -4.18 -56.62 -23.40
CA ARG Z 62 -3.18 -55.89 -22.64
C ARG Z 62 -3.56 -54.42 -22.49
N ALA Z 63 -4.14 -53.84 -23.55
CA ALA Z 63 -4.49 -52.43 -23.50
C ALA Z 63 -5.84 -52.16 -22.87
N ALA Z 64 -6.70 -53.17 -22.76
CA ALA Z 64 -8.05 -52.96 -22.23
C ALA Z 64 -8.14 -53.18 -20.73
N GLU Z 65 -7.22 -53.92 -20.13
CA GLU Z 65 -7.23 -54.11 -18.68
C GLU Z 65 -6.69 -52.91 -17.93
N ARG Z 66 -6.09 -51.93 -18.62
CA ARG Z 66 -5.65 -50.71 -17.97
C ARG Z 66 -6.79 -49.74 -17.69
N VAL Z 67 -7.89 -49.82 -18.45
CA VAL Z 67 -9.00 -48.90 -18.27
C VAL Z 67 -10.30 -49.60 -17.91
N GLY Z 68 -10.45 -50.90 -18.15
CA GLY Z 68 -11.70 -51.55 -17.86
C GLY Z 68 -11.55 -52.96 -17.31
N GLU Z 69 -12.66 -53.69 -17.28
CA GLU Z 69 -12.68 -55.07 -16.83
C GLU Z 69 -12.98 -55.97 -18.02
N VAL Z 70 -12.05 -56.87 -18.34
CA VAL Z 70 -12.17 -57.73 -19.50
C VAL Z 70 -12.81 -59.05 -19.08
N VAL Z 71 -13.94 -59.38 -19.69
CA VAL Z 71 -14.66 -60.60 -19.34
C VAL Z 71 -14.09 -61.80 -20.08
N ALA Z 72 -13.94 -61.70 -21.39
CA ALA Z 72 -13.54 -62.86 -22.18
C ALA Z 72 -12.78 -62.43 -23.42
N VAL Z 73 -11.69 -63.13 -23.71
CA VAL Z 73 -10.90 -62.96 -24.93
C VAL Z 73 -10.81 -64.32 -25.59
N HIS Z 74 -11.14 -64.39 -26.88
CA HIS Z 74 -11.05 -65.66 -27.57
C HIS Z 74 -10.83 -65.44 -29.06
N VAL Z 75 -10.07 -66.36 -29.67
CA VAL Z 75 -9.80 -66.38 -31.10
C VAL Z 75 -10.32 -67.70 -31.65
N ILE Z 76 -11.08 -67.63 -32.73
CA ILE Z 76 -11.52 -68.81 -33.47
C ILE Z 76 -10.80 -68.79 -34.82
N PRO Z 77 -9.96 -69.78 -35.11
CA PRO Z 77 -9.17 -69.72 -36.35
C PRO Z 77 -9.98 -69.96 -37.61
N ARG Z 78 -10.92 -70.90 -37.59
CA ARG Z 78 -11.76 -71.19 -38.75
C ARG Z 78 -13.19 -71.28 -38.25
N PRO Z 79 -13.93 -70.17 -38.22
CA PRO Z 79 -15.33 -70.23 -37.78
C PRO Z 79 -16.19 -70.95 -38.80
N HIS Z 80 -17.09 -71.78 -38.28
CA HIS Z 80 -17.92 -72.64 -39.10
C HIS Z 80 -18.93 -71.80 -39.88
N VAL Z 81 -19.42 -72.36 -40.99
CA VAL Z 81 -20.28 -71.60 -41.89
C VAL Z 81 -21.65 -71.35 -41.25
N ASN Z 82 -22.08 -72.23 -40.33
CA ASN Z 82 -23.33 -71.99 -39.63
C ASN Z 82 -23.15 -70.90 -38.57
N VAL Z 83 -21.94 -70.75 -38.03
CA VAL Z 83 -21.66 -69.69 -37.08
C VAL Z 83 -21.74 -68.33 -37.75
N ASP Z 84 -21.11 -68.20 -38.92
CA ASP Z 84 -21.18 -66.93 -39.65
C ASP Z 84 -22.57 -66.71 -40.25
N ALA Z 85 -23.31 -67.79 -40.52
CA ALA Z 85 -24.64 -67.63 -41.10
C ALA Z 85 -25.68 -67.26 -40.05
N ALA Z 86 -25.47 -67.66 -38.80
CA ALA Z 86 -26.47 -67.42 -37.74
C ALA Z 86 -26.13 -66.23 -36.85
N LEU Z 87 -24.85 -66.02 -36.55
CA LEU Z 87 -24.42 -64.98 -35.63
C LEU Z 87 -23.96 -63.75 -36.38
N PRO Z 88 -24.20 -62.54 -35.87
CA PRO Z 88 -23.77 -61.31 -36.56
C PRO Z 88 -22.27 -61.04 -36.44
N LEU Z 89 -21.49 -61.72 -37.29
CA LEU Z 89 -20.04 -61.66 -37.21
C LEU Z 89 -19.40 -61.07 -38.46
N GLY Z 90 -20.15 -60.29 -39.23
CA GLY Z 90 -19.58 -59.54 -40.33
C GLY Z 90 -19.45 -60.27 -41.64
N ARG Z 91 -19.83 -61.55 -41.71
CA ARG Z 91 -19.76 -62.30 -42.95
C ARG Z 91 -21.07 -63.02 -43.22
N THR Z 92 -22.19 -62.35 -42.98
CA THR Z 92 -23.49 -62.95 -43.29
C THR Z 92 -23.76 -62.80 -44.78
N PRO Z 93 -23.99 -63.89 -45.52
CA PRO Z 93 -24.24 -63.85 -46.96
C PRO Z 93 -25.55 -63.17 -47.34
N ALA AA 2 -8.50 -39.03 -37.03
CA ALA AA 2 -7.94 -37.68 -37.12
C ALA AA 2 -7.97 -36.99 -35.76
N ASP AA 3 -9.15 -36.53 -35.35
CA ASP AA 3 -9.29 -35.87 -34.07
C ASP AA 3 -9.17 -36.88 -32.93
N ALA AA 4 -8.79 -36.37 -31.77
CA ALA AA 4 -8.59 -37.22 -30.61
C ALA AA 4 -9.91 -37.49 -29.91
N LEU AA 5 -9.97 -38.63 -29.23
CA LEU AA 5 -11.18 -39.19 -28.66
C LEU AA 5 -11.13 -39.08 -27.14
N GLY AA 6 -12.27 -38.79 -26.52
CA GLY AA 6 -12.34 -38.74 -25.08
C GLY AA 6 -13.67 -39.29 -24.58
N MET AA 7 -13.64 -40.11 -23.54
CA MET AA 7 -14.83 -40.83 -23.10
C MET AA 7 -14.98 -40.81 -21.60
N ILE AA 8 -16.21 -40.59 -21.15
CA ILE AA 8 -16.56 -40.75 -19.74
C ILE AA 8 -17.74 -41.71 -19.69
N GLU AA 9 -17.55 -42.85 -19.05
CA GLU AA 9 -18.64 -43.80 -18.82
C GLU AA 9 -19.14 -43.65 -17.40
N VAL AA 10 -20.43 -43.42 -17.24
CA VAL AA 10 -21.06 -43.24 -15.94
C VAL AA 10 -22.19 -44.25 -15.82
N ARG AA 11 -22.28 -44.93 -14.67
CA ARG AA 11 -23.45 -45.72 -14.33
C ARG AA 11 -24.52 -44.75 -13.85
N GLY AA 12 -25.23 -44.17 -14.80
CA GLY AA 12 -26.20 -43.15 -14.49
C GLY AA 12 -26.24 -42.03 -15.50
N PHE AA 13 -27.44 -41.61 -15.87
CA PHE AA 13 -27.59 -40.57 -16.89
C PHE AA 13 -27.25 -39.20 -16.35
N VAL AA 14 -27.42 -38.98 -15.04
CA VAL AA 14 -27.21 -37.66 -14.45
C VAL AA 14 -25.73 -37.32 -14.41
N GLY AA 15 -24.90 -38.26 -13.93
CA GLY AA 15 -23.47 -38.06 -13.94
C GLY AA 15 -22.88 -37.98 -15.32
N MET AA 16 -23.49 -38.66 -16.29
CA MET AA 16 -23.01 -38.58 -17.67
C MET AA 16 -23.35 -37.23 -18.27
N VAL AA 17 -24.51 -36.66 -17.96
CA VAL AA 17 -24.84 -35.34 -18.49
C VAL AA 17 -23.98 -34.27 -17.82
N GLU AA 18 -23.68 -34.43 -16.54
CA GLU AA 18 -22.76 -33.49 -15.87
C GLU AA 18 -21.35 -33.61 -16.42
N ALA AA 19 -20.90 -34.83 -16.72
CA ALA AA 19 -19.59 -35.01 -17.35
C ALA AA 19 -19.57 -34.44 -18.75
N ALA AA 20 -20.62 -34.67 -19.54
CA ALA AA 20 -20.70 -34.16 -20.90
C ALA AA 20 -20.87 -32.66 -20.95
N ASP AA 21 -21.32 -32.04 -19.86
CA ASP AA 21 -21.37 -30.59 -19.79
C ASP AA 21 -20.02 -30.01 -19.37
N ALA AA 22 -19.36 -30.64 -18.38
CA ALA AA 22 -18.06 -30.15 -17.94
C ALA AA 22 -16.99 -30.32 -19.01
N MET AA 23 -17.10 -31.36 -19.85
CA MET AA 23 -16.14 -31.55 -20.92
C MET AA 23 -16.27 -30.46 -21.99
N VAL AA 24 -17.50 -30.13 -22.39
CA VAL AA 24 -17.65 -29.10 -23.41
C VAL AA 24 -17.49 -27.70 -22.86
N LYS AA 25 -17.59 -27.51 -21.54
CA LYS AA 25 -17.27 -26.21 -20.96
C LYS AA 25 -15.80 -26.05 -20.62
N ALA AA 26 -15.05 -27.13 -20.49
CA ALA AA 26 -13.65 -27.01 -20.09
C ALA AA 26 -12.73 -26.65 -21.25
N ALA AA 27 -13.00 -27.19 -22.44
CA ALA AA 27 -12.13 -26.96 -23.59
C ALA AA 27 -12.96 -27.00 -24.86
N LYS AA 28 -12.30 -26.75 -26.00
CA LYS AA 28 -12.95 -26.76 -27.30
C LYS AA 28 -13.03 -28.19 -27.80
N VAL AA 29 -14.01 -28.92 -27.27
CA VAL AA 29 -14.33 -30.26 -27.73
C VAL AA 29 -15.74 -30.23 -28.30
N GLU AA 30 -16.14 -31.34 -28.89
CA GLU AA 30 -17.48 -31.46 -29.46
C GLU AA 30 -18.13 -32.73 -28.94
N LEU AA 31 -19.22 -32.59 -28.19
CA LEU AA 31 -20.01 -33.73 -27.74
C LEU AA 31 -20.75 -34.29 -28.94
N ILE AA 32 -20.20 -35.36 -29.53
CA ILE AA 32 -20.80 -35.89 -30.74
C ILE AA 32 -22.05 -36.70 -30.44
N GLY AA 33 -22.14 -37.28 -29.26
CA GLY AA 33 -23.30 -38.10 -28.94
C GLY AA 33 -23.12 -38.80 -27.60
N TYR AA 34 -23.81 -39.93 -27.47
CA TYR AA 34 -23.79 -40.70 -26.23
C TYR AA 34 -24.22 -42.11 -26.58
N GLU AA 35 -23.65 -43.08 -25.85
CA GLU AA 35 -23.91 -44.49 -26.12
C GLU AA 35 -24.54 -45.13 -24.90
N LYS AA 36 -25.64 -45.86 -25.12
CA LYS AA 36 -26.38 -46.55 -24.08
C LYS AA 36 -26.16 -48.05 -24.25
N THR AA 37 -25.21 -48.60 -23.48
CA THR AA 37 -24.86 -50.00 -23.59
C THR AA 37 -25.69 -50.89 -22.66
N GLY AA 38 -26.78 -50.37 -22.11
CA GLY AA 38 -27.66 -51.16 -21.27
C GLY AA 38 -27.12 -51.35 -19.87
N GLY AA 39 -28.00 -51.79 -18.99
CA GLY AA 39 -27.63 -52.05 -17.61
C GLY AA 39 -27.46 -50.82 -16.75
N GLY AA 40 -27.76 -49.64 -17.27
CA GLY AA 40 -27.54 -48.40 -16.57
C GLY AA 40 -26.30 -47.65 -16.99
N TYR AA 41 -25.37 -48.32 -17.66
CA TYR AA 41 -24.15 -47.68 -18.13
C TYR AA 41 -24.47 -46.80 -19.33
N VAL AA 42 -24.00 -45.55 -19.29
CA VAL AA 42 -24.05 -44.67 -20.44
C VAL AA 42 -22.67 -44.05 -20.62
N THR AA 43 -22.38 -43.61 -21.83
CA THR AA 43 -21.03 -43.16 -22.18
C THR AA 43 -21.10 -41.89 -23.00
N ALA AA 44 -20.49 -40.82 -22.48
CA ALA AA 44 -20.37 -39.56 -23.19
C ALA AA 44 -19.06 -39.53 -23.96
N VAL AA 45 -19.12 -39.08 -25.20
CA VAL AA 45 -18.01 -39.14 -26.15
C VAL AA 45 -17.76 -37.74 -26.68
N VAL AA 46 -16.62 -37.16 -26.31
CA VAL AA 46 -16.18 -35.89 -26.88
C VAL AA 46 -15.03 -36.18 -27.85
N ARG AA 47 -14.79 -35.23 -28.73
CA ARG AA 47 -13.82 -35.47 -29.79
C ARG AA 47 -13.24 -34.14 -30.27
N GLY AA 48 -11.94 -33.99 -30.05
CA GLY AA 48 -11.21 -32.80 -30.44
C GLY AA 48 -9.72 -33.06 -30.31
N ASP AA 49 -8.93 -32.02 -30.54
CA ASP AA 49 -7.47 -32.16 -30.49
C ASP AA 49 -6.99 -32.49 -29.08
N VAL AA 50 -5.81 -33.15 -29.02
CA VAL AA 50 -5.47 -34.05 -27.92
C VAL AA 50 -5.26 -33.32 -26.60
N ALA AA 51 -4.72 -32.10 -26.62
CA ALA AA 51 -4.56 -31.35 -25.38
C ALA AA 51 -5.91 -30.89 -24.84
N ALA AA 52 -6.84 -30.54 -25.74
CA ALA AA 52 -8.15 -30.08 -25.31
C ALA AA 52 -8.97 -31.22 -24.72
N VAL AA 53 -8.94 -32.40 -25.33
CA VAL AA 53 -9.67 -33.51 -24.74
C VAL AA 53 -8.96 -34.04 -23.50
N LYS AA 54 -7.65 -33.88 -23.42
CA LYS AA 54 -6.91 -34.30 -22.24
C LYS AA 54 -7.23 -33.39 -21.05
N ALA AA 55 -7.53 -32.12 -21.30
CA ALA AA 55 -8.01 -31.27 -20.22
C ALA AA 55 -9.51 -31.47 -19.95
N ALA AA 56 -10.29 -31.70 -21.00
CA ALA AA 56 -11.74 -31.77 -20.87
C ALA AA 56 -12.17 -33.03 -20.13
N THR AA 57 -11.56 -34.18 -20.42
CA THR AA 57 -11.95 -35.40 -19.73
C THR AA 57 -11.49 -35.43 -18.29
N GLU AA 58 -10.34 -34.83 -17.99
CA GLU AA 58 -9.92 -34.77 -16.59
C GLU AA 58 -10.68 -33.71 -15.82
N ALA AA 59 -11.33 -32.77 -16.49
CA ALA AA 59 -12.31 -31.92 -15.82
C ALA AA 59 -13.63 -32.64 -15.62
N GLY AA 60 -14.05 -33.43 -16.62
CA GLY AA 60 -15.31 -34.12 -16.53
C GLY AA 60 -15.30 -35.27 -15.54
N GLN AA 61 -14.13 -35.89 -15.33
CA GLN AA 61 -14.00 -36.89 -14.29
C GLN AA 61 -14.12 -36.24 -12.91
N ARG AA 62 -13.50 -35.08 -12.73
CA ARG AA 62 -13.55 -34.38 -11.46
C ARG AA 62 -14.95 -33.83 -11.18
N ALA AA 63 -15.70 -33.49 -12.22
CA ALA AA 63 -17.06 -33.03 -12.04
C ALA AA 63 -18.09 -34.15 -12.05
N ALA AA 64 -17.71 -35.37 -12.45
CA ALA AA 64 -18.66 -36.48 -12.49
C ALA AA 64 -18.50 -37.45 -11.32
N GLU AA 65 -17.37 -37.40 -10.60
CA GLU AA 65 -17.27 -38.17 -9.37
C GLU AA 65 -18.06 -37.55 -8.22
N ARG AA 66 -18.51 -36.31 -8.37
CA ARG AA 66 -19.29 -35.66 -7.33
C ARG AA 66 -20.75 -36.11 -7.33
N VAL AA 67 -21.26 -36.53 -8.49
CA VAL AA 67 -22.67 -36.88 -8.61
C VAL AA 67 -22.89 -38.33 -9.01
N GLY AA 68 -21.94 -39.00 -9.65
CA GLY AA 68 -22.21 -40.33 -10.16
C GLY AA 68 -21.11 -41.34 -9.94
N GLU AA 69 -21.24 -42.50 -10.58
CA GLU AA 69 -20.27 -43.58 -10.49
C GLU AA 69 -19.47 -43.60 -11.79
N VAL AA 70 -18.25 -43.07 -11.75
CA VAL AA 70 -17.41 -43.00 -12.94
C VAL AA 70 -16.75 -44.37 -13.13
N VAL AA 71 -17.10 -45.05 -14.21
CA VAL AA 71 -16.60 -46.39 -14.46
C VAL AA 71 -15.25 -46.34 -15.15
N ALA AA 72 -15.13 -45.56 -16.22
CA ALA AA 72 -13.90 -45.55 -17.01
C ALA AA 72 -13.68 -44.19 -17.63
N VAL AA 73 -12.43 -43.74 -17.61
CA VAL AA 73 -11.99 -42.52 -18.28
C VAL AA 73 -10.80 -42.89 -19.15
N HIS AA 74 -10.87 -42.55 -20.44
CA HIS AA 74 -9.75 -42.81 -21.31
C HIS AA 74 -9.73 -41.83 -22.48
N VAL AA 75 -8.53 -41.45 -22.90
CA VAL AA 75 -8.31 -40.54 -24.01
C VAL AA 75 -7.46 -41.24 -25.06
N ILE AA 76 -7.96 -41.28 -26.28
CA ILE AA 76 -7.21 -41.83 -27.41
C ILE AA 76 -6.72 -40.66 -28.25
N PRO AA 77 -5.40 -40.47 -28.38
CA PRO AA 77 -4.92 -39.31 -29.15
C PRO AA 77 -5.16 -39.43 -30.65
N ARG AA 78 -4.98 -40.61 -31.24
CA ARG AA 78 -5.34 -40.85 -32.63
C ARG AA 78 -6.03 -42.20 -32.76
N PRO AA 79 -7.35 -42.24 -32.82
CA PRO AA 79 -8.02 -43.48 -33.18
C PRO AA 79 -7.81 -43.78 -34.65
N HIS AA 80 -7.61 -45.07 -34.95
CA HIS AA 80 -7.40 -45.53 -36.31
C HIS AA 80 -8.68 -45.36 -37.12
N VAL AA 81 -8.52 -45.33 -38.46
CA VAL AA 81 -9.64 -45.02 -39.33
C VAL AA 81 -10.69 -46.14 -39.35
N ASN AA 82 -10.30 -47.37 -39.00
CA ASN AA 82 -11.27 -48.46 -38.93
C ASN AA 82 -12.15 -48.32 -37.69
N VAL AA 83 -11.64 -47.69 -36.63
CA VAL AA 83 -12.44 -47.44 -35.43
C VAL AA 83 -13.54 -46.44 -35.73
N ASP AA 84 -13.19 -45.35 -36.42
CA ASP AA 84 -14.20 -44.36 -36.80
C ASP AA 84 -15.11 -44.89 -37.91
N ALA AA 85 -14.65 -45.85 -38.70
CA ALA AA 85 -15.52 -46.45 -39.71
C ALA AA 85 -16.52 -47.44 -39.11
N ALA AA 86 -16.14 -48.12 -38.02
CA ALA AA 86 -17.01 -49.12 -37.40
C ALA AA 86 -17.79 -48.57 -36.22
N LEU AA 87 -17.10 -48.03 -35.24
CA LEU AA 87 -17.74 -47.57 -34.01
C LEU AA 87 -18.38 -46.20 -34.23
N PRO AA 88 -19.54 -45.93 -33.60
CA PRO AA 88 -20.24 -44.64 -33.80
C PRO AA 88 -19.63 -43.48 -33.01
N LEU AA 89 -18.60 -42.87 -33.58
CA LEU AA 89 -17.82 -41.86 -32.86
C LEU AA 89 -17.88 -40.48 -33.52
N GLY AA 90 -18.92 -40.21 -34.30
CA GLY AA 90 -19.20 -38.87 -34.78
C GLY AA 90 -18.53 -38.49 -36.08
N ARG AA 91 -17.44 -39.16 -36.46
CA ARG AA 91 -16.72 -38.84 -37.69
C ARG AA 91 -16.83 -39.96 -38.71
N THR AA 92 -18.00 -40.57 -38.81
CA THR AA 92 -18.22 -41.62 -39.79
C THR AA 92 -18.36 -41.02 -41.18
N PRO AA 93 -17.55 -41.45 -42.16
CA PRO AA 93 -17.61 -40.93 -43.53
C PRO AA 93 -18.90 -41.30 -44.26
N ALA BA 2 12.01 -25.14 -34.85
CA ALA BA 2 10.73 -25.21 -35.54
C ALA BA 2 9.73 -26.05 -34.74
N ASP BA 3 9.54 -27.30 -35.15
CA ASP BA 3 8.64 -28.19 -34.44
C ASP BA 3 9.27 -28.67 -33.14
N ALA BA 4 8.43 -29.14 -32.23
CA ALA BA 4 8.90 -29.69 -30.97
C ALA BA 4 9.59 -31.03 -31.20
N LEU BA 5 10.38 -31.43 -30.22
CA LEU BA 5 11.32 -32.53 -30.33
C LEU BA 5 11.03 -33.59 -29.28
N GLY BA 6 11.20 -34.85 -29.64
CA GLY BA 6 11.08 -35.94 -28.69
C GLY BA 6 12.09 -37.03 -28.95
N MET BA 7 12.63 -37.63 -27.89
CA MET BA 7 13.71 -38.60 -28.04
C MET BA 7 13.51 -39.78 -27.10
N ILE BA 8 13.84 -40.97 -27.59
CA ILE BA 8 13.91 -42.17 -26.75
C ILE BA 8 15.29 -42.76 -26.95
N GLU BA 9 16.09 -42.82 -25.89
CA GLU BA 9 17.39 -43.47 -25.94
C GLU BA 9 17.28 -44.85 -25.32
N VAL BA 10 17.64 -45.88 -26.08
CA VAL BA 10 17.55 -47.26 -25.67
C VAL BA 10 18.92 -47.89 -25.82
N ARG BA 11 19.35 -48.65 -24.81
CA ARG BA 11 20.52 -49.51 -24.94
C ARG BA 11 20.09 -50.78 -25.66
N GLY BA 12 20.00 -50.68 -26.98
CA GLY BA 12 19.49 -51.77 -27.78
C GLY BA 12 18.67 -51.32 -28.96
N PHE BA 13 18.84 -52.00 -30.10
CA PHE BA 13 18.13 -51.59 -31.31
C PHE BA 13 16.66 -51.96 -31.27
N VAL BA 14 16.33 -53.08 -30.62
CA VAL BA 14 14.97 -53.62 -30.64
C VAL BA 14 14.03 -52.73 -29.82
N GLY BA 15 14.48 -52.30 -28.65
CA GLY BA 15 13.68 -51.39 -27.85
C GLY BA 15 13.49 -50.05 -28.51
N MET BA 16 14.50 -49.60 -29.26
CA MET BA 16 14.37 -48.35 -30.02
C MET BA 16 13.38 -48.50 -31.17
N VAL BA 17 13.33 -49.68 -31.79
CA VAL BA 17 12.39 -49.87 -32.90
C VAL BA 17 10.95 -49.96 -32.37
N GLU BA 18 10.75 -50.63 -31.23
CA GLU BA 18 9.42 -50.65 -30.65
C GLU BA 18 9.00 -49.27 -30.13
N ALA BA 19 9.96 -48.50 -29.59
CA ALA BA 19 9.68 -47.13 -29.19
C ALA BA 19 9.31 -46.27 -30.38
N ALA BA 20 10.05 -46.40 -31.48
CA ALA BA 20 9.78 -45.60 -32.67
C ALA BA 20 8.55 -46.07 -33.42
N ASP BA 21 8.07 -47.27 -33.14
CA ASP BA 21 6.78 -47.69 -33.68
C ASP BA 21 5.63 -47.12 -32.85
N ALA BA 22 5.73 -47.21 -31.52
CA ALA BA 22 4.67 -46.72 -30.65
C ALA BA 22 4.56 -45.20 -30.69
N MET BA 23 5.67 -44.49 -30.93
CA MET BA 23 5.60 -43.03 -31.03
C MET BA 23 4.84 -42.59 -32.27
N VAL BA 24 5.13 -43.21 -33.42
CA VAL BA 24 4.45 -42.79 -34.64
C VAL BA 24 3.04 -43.38 -34.73
N LYS BA 25 2.72 -44.40 -33.94
CA LYS BA 25 1.34 -44.87 -33.91
C LYS BA 25 0.48 -44.16 -32.88
N ALA BA 26 1.07 -43.64 -31.81
CA ALA BA 26 0.26 -43.04 -30.75
C ALA BA 26 -0.17 -41.61 -31.09
N ALA BA 27 0.62 -40.89 -31.88
CA ALA BA 27 0.27 -39.53 -32.25
C ALA BA 27 0.85 -39.24 -33.63
N LYS BA 28 0.52 -38.06 -34.15
CA LYS BA 28 1.00 -37.64 -35.47
C LYS BA 28 2.35 -36.97 -35.27
N VAL BA 29 3.41 -37.78 -35.27
CA VAL BA 29 4.77 -37.30 -35.18
C VAL BA 29 5.55 -37.82 -36.39
N GLU BA 30 6.76 -37.32 -36.55
CA GLU BA 30 7.60 -37.65 -37.69
C GLU BA 30 8.92 -38.19 -37.20
N LEU BA 31 9.13 -39.49 -37.33
CA LEU BA 31 10.42 -40.10 -37.02
C LEU BA 31 11.42 -39.72 -38.10
N ILE BA 32 12.34 -38.81 -37.79
CA ILE BA 32 13.27 -38.33 -38.79
C ILE BA 32 14.46 -39.27 -38.98
N GLY BA 33 14.73 -40.13 -38.02
CA GLY BA 33 15.89 -41.01 -38.10
C GLY BA 33 16.24 -41.53 -36.72
N TYR BA 34 17.53 -41.83 -36.55
CA TYR BA 34 18.01 -42.41 -35.30
C TYR BA 34 19.50 -42.16 -35.22
N GLU BA 35 20.01 -42.09 -33.99
CA GLU BA 35 21.40 -41.74 -33.75
C GLU BA 35 22.09 -42.87 -33.00
N LYS BA 36 23.24 -43.31 -33.51
CA LYS BA 36 24.04 -44.38 -32.94
C LYS BA 36 25.27 -43.77 -32.30
N THR BA 37 25.29 -43.68 -30.98
CA THR BA 37 26.42 -43.10 -30.27
C THR BA 37 27.42 -44.15 -29.81
N GLY BA 38 27.34 -45.37 -30.34
CA GLY BA 38 28.24 -46.43 -29.96
C GLY BA 38 27.93 -47.01 -28.59
N GLY BA 39 28.57 -48.14 -28.31
CA GLY BA 39 28.38 -48.81 -27.04
C GLY BA 39 27.04 -49.46 -26.84
N GLY BA 40 26.25 -49.62 -27.89
CA GLY BA 40 24.92 -50.18 -27.79
C GLY BA 40 23.82 -49.18 -27.56
N TYR BA 41 24.16 -47.90 -27.42
CA TYR BA 41 23.16 -46.85 -27.21
C TYR BA 41 22.68 -46.34 -28.57
N VAL BA 42 21.36 -46.31 -28.75
CA VAL BA 42 20.76 -45.68 -29.91
C VAL BA 42 19.66 -44.76 -29.42
N THR BA 43 19.25 -43.82 -30.28
CA THR BA 43 18.27 -42.82 -29.90
C THR BA 43 17.34 -42.55 -31.08
N ALA BA 44 16.05 -42.82 -30.89
CA ALA BA 44 15.02 -42.49 -31.85
C ALA BA 44 14.56 -41.06 -31.61
N VAL BA 45 14.38 -40.32 -32.71
CA VAL BA 45 14.10 -38.90 -32.68
C VAL BA 45 12.82 -38.64 -33.46
N VAL BA 46 11.76 -38.24 -32.78
CA VAL BA 46 10.52 -37.83 -33.42
C VAL BA 46 10.41 -36.32 -33.32
N ARG BA 47 9.61 -35.74 -34.21
CA ARG BA 47 9.56 -34.30 -34.31
C ARG BA 47 8.20 -33.84 -34.82
N GLY BA 48 7.51 -33.08 -34.00
CA GLY BA 48 6.19 -32.58 -34.31
C GLY BA 48 5.77 -31.61 -33.23
N ASP BA 49 4.51 -31.16 -33.32
CA ASP BA 49 4.02 -30.18 -32.35
C ASP BA 49 3.92 -30.78 -30.94
N VAL BA 50 3.87 -29.88 -29.96
CA VAL BA 50 4.24 -30.22 -28.58
C VAL BA 50 3.26 -31.19 -27.93
N ALA BA 51 1.98 -31.15 -28.31
CA ALA BA 51 1.02 -32.08 -27.75
C ALA BA 51 1.21 -33.49 -28.30
N ALA BA 52 1.49 -33.59 -29.61
CA ALA BA 52 1.67 -34.89 -30.23
C ALA BA 52 2.96 -35.56 -29.76
N VAL BA 53 4.05 -34.80 -29.64
CA VAL BA 53 5.28 -35.42 -29.14
C VAL BA 53 5.19 -35.67 -27.64
N LYS BA 54 4.40 -34.88 -26.92
CA LYS BA 54 4.26 -35.09 -25.48
C LYS BA 54 3.42 -36.31 -25.18
N ALA BA 55 2.51 -36.68 -26.09
CA ALA BA 55 1.82 -37.96 -25.95
C ALA BA 55 2.66 -39.11 -26.51
N ALA BA 56 3.40 -38.85 -27.60
CA ALA BA 56 4.11 -39.92 -28.29
C ALA BA 56 5.29 -40.42 -27.47
N THR BA 57 6.04 -39.53 -26.82
CA THR BA 57 7.19 -39.98 -26.03
C THR BA 57 6.74 -40.71 -24.76
N GLU BA 58 5.63 -40.28 -24.16
CA GLU BA 58 5.16 -41.00 -22.98
C GLU BA 58 4.45 -42.30 -23.33
N ALA BA 59 4.06 -42.48 -24.60
CA ALA BA 59 3.64 -43.81 -25.02
C ALA BA 59 4.83 -44.69 -25.41
N GLY BA 60 5.87 -44.09 -26.01
CA GLY BA 60 7.03 -44.85 -26.43
C GLY BA 60 7.91 -45.29 -25.27
N GLN BA 61 7.92 -44.52 -24.19
CA GLN BA 61 8.59 -44.97 -22.98
C GLN BA 61 7.86 -46.15 -22.35
N ARG BA 62 6.53 -46.14 -22.40
CA ARG BA 62 5.76 -47.23 -21.84
C ARG BA 62 5.88 -48.49 -22.69
N ALA BA 63 6.01 -48.34 -24.00
CA ALA BA 63 6.17 -49.50 -24.86
C ALA BA 63 7.62 -49.93 -25.07
N ALA BA 64 8.58 -49.11 -24.65
CA ALA BA 64 9.99 -49.46 -24.82
C ALA BA 64 10.60 -50.09 -23.58
N GLU BA 65 10.01 -49.89 -22.41
CA GLU BA 65 10.45 -50.57 -21.21
C GLU BA 65 10.04 -52.03 -21.17
N ARG BA 66 9.14 -52.45 -22.06
CA ARG BA 66 8.73 -53.85 -22.11
C ARG BA 66 9.83 -54.74 -22.68
N VAL BA 67 10.53 -54.27 -23.71
CA VAL BA 67 11.52 -55.09 -24.40
C VAL BA 67 12.95 -54.60 -24.21
N GLY BA 68 13.16 -53.33 -23.89
CA GLY BA 68 14.51 -52.81 -23.86
C GLY BA 68 14.88 -52.09 -22.58
N GLU BA 69 16.04 -51.45 -22.58
CA GLU BA 69 16.54 -50.68 -21.46
C GLU BA 69 16.51 -49.21 -21.85
N VAL BA 70 15.59 -48.46 -21.25
CA VAL BA 70 15.43 -47.04 -21.56
C VAL BA 70 16.40 -46.24 -20.71
N VAL BA 71 17.25 -45.45 -21.35
CA VAL BA 71 18.22 -44.61 -20.66
C VAL BA 71 17.60 -43.27 -20.31
N ALA BA 72 17.10 -42.55 -21.31
CA ALA BA 72 16.60 -41.20 -21.08
C ALA BA 72 15.46 -40.90 -22.05
N VAL BA 73 14.42 -40.26 -21.53
CA VAL BA 73 13.30 -39.76 -22.31
C VAL BA 73 13.16 -38.27 -22.03
N HIS BA 74 13.13 -37.46 -23.08
CA HIS BA 74 13.02 -36.03 -22.87
C HIS BA 74 12.34 -35.37 -24.06
N VAL BA 75 11.56 -34.34 -23.77
CA VAL BA 75 10.84 -33.56 -24.77
C VAL BA 75 11.37 -32.14 -24.74
N ILE BA 76 11.77 -31.63 -25.90
CA ILE BA 76 12.16 -30.23 -26.03
C ILE BA 76 11.07 -29.53 -26.81
N PRO BA 77 10.19 -28.77 -26.16
CA PRO BA 77 9.01 -28.24 -26.84
C PRO BA 77 9.31 -27.12 -27.82
N ARG BA 78 10.46 -26.49 -27.73
CA ARG BA 78 10.85 -25.42 -28.65
C ARG BA 78 12.36 -25.39 -28.74
N PRO BA 79 12.94 -26.22 -29.60
CA PRO BA 79 14.40 -26.25 -29.72
C PRO BA 79 14.93 -25.02 -30.44
N HIS BA 80 16.12 -24.60 -30.03
CA HIS BA 80 16.74 -23.40 -30.55
C HIS BA 80 17.18 -23.63 -32.00
N VAL BA 81 17.35 -22.53 -32.74
CA VAL BA 81 17.68 -22.62 -34.16
C VAL BA 81 19.12 -23.11 -34.35
N ASN BA 82 19.99 -22.86 -33.37
CA ASN BA 82 21.35 -23.37 -33.45
C ASN BA 82 21.39 -24.88 -33.22
N VAL BA 83 20.43 -25.40 -32.45
CA VAL BA 83 20.34 -26.84 -32.22
C VAL BA 83 19.96 -27.57 -33.51
N ASP BA 84 18.96 -27.04 -34.23
CA ASP BA 84 18.60 -27.63 -35.52
C ASP BA 84 19.62 -27.33 -36.60
N ALA BA 85 20.44 -26.29 -36.42
CA ALA BA 85 21.48 -26.01 -37.40
C ALA BA 85 22.75 -26.82 -37.17
N ALA BA 86 22.97 -27.34 -35.95
CA ALA BA 86 24.19 -28.07 -35.64
C ALA BA 86 23.96 -29.55 -35.32
N LEU BA 87 22.79 -29.93 -34.87
CA LEU BA 87 22.58 -31.33 -34.56
C LEU BA 87 21.72 -31.99 -35.64
N PRO BA 88 21.97 -33.26 -35.98
CA PRO BA 88 21.16 -33.92 -37.02
C PRO BA 88 19.78 -34.32 -36.54
N LEU BA 89 18.87 -33.35 -36.52
CA LEU BA 89 17.54 -33.55 -35.95
C LEU BA 89 16.43 -33.41 -36.97
N GLY BA 90 16.75 -33.53 -38.27
CA GLY BA 90 15.74 -33.63 -39.29
C GLY BA 90 15.25 -32.32 -39.87
N ARG BA 91 15.66 -31.18 -39.32
CA ARG BA 91 15.27 -29.88 -39.86
C ARG BA 91 16.48 -28.98 -40.06
N THR BA 92 17.58 -29.55 -40.56
CA THR BA 92 18.77 -28.77 -40.84
C THR BA 92 18.70 -28.24 -42.27
N PRO BA 93 18.66 -26.91 -42.47
CA PRO BA 93 18.53 -26.31 -43.80
C PRO BA 93 19.77 -26.50 -44.67
N ALA CA 2 4.87 -52.55 -44.22
CA ALA CA 2 4.47 -53.61 -45.12
C ALA CA 2 4.38 -54.95 -44.37
N ASP CA 3 5.40 -55.78 -44.53
CA ASP CA 3 5.43 -57.08 -43.88
C ASP CA 3 5.76 -56.94 -42.40
N ALA CA 4 5.58 -58.03 -41.67
CA ALA CA 4 5.83 -58.08 -40.25
C ALA CA 4 7.32 -58.20 -39.96
N LEU CA 5 7.72 -57.70 -38.79
CA LEU CA 5 9.10 -57.50 -38.42
C LEU CA 5 9.47 -58.41 -37.25
N GLY CA 6 10.69 -58.93 -37.26
CA GLY CA 6 11.16 -59.76 -36.17
C GLY CA 6 12.63 -59.54 -35.88
N MET CA 7 13.01 -59.49 -34.61
CA MET CA 7 14.36 -59.09 -34.23
C MET CA 7 14.87 -59.93 -33.08
N ILE CA 8 16.12 -60.37 -33.18
CA ILE CA 8 16.85 -60.96 -32.08
C ILE CA 8 18.11 -60.14 -31.86
N GLU CA 9 18.22 -59.49 -30.72
CA GLU CA 9 19.44 -58.77 -30.38
C GLU CA 9 20.29 -59.61 -29.43
N VAL CA 10 21.55 -59.80 -29.79
CA VAL CA 10 22.48 -60.62 -29.01
C VAL CA 10 23.74 -59.79 -28.76
N ARG CA 11 24.23 -59.80 -27.52
CA ARG CA 11 25.56 -59.28 -27.23
C ARG CA 11 26.57 -60.36 -27.64
N GLY CA 12 26.89 -60.37 -28.92
CA GLY CA 12 27.75 -61.40 -29.46
C GLY CA 12 27.35 -61.80 -30.87
N PHE CA 13 28.35 -62.03 -31.72
CA PHE CA 13 28.07 -62.32 -33.12
C PHE CA 13 27.62 -63.76 -33.32
N VAL CA 14 28.12 -64.69 -32.51
CA VAL CA 14 27.86 -66.12 -32.71
C VAL CA 14 26.42 -66.44 -32.37
N GLY CA 15 25.92 -65.90 -31.26
CA GLY CA 15 24.51 -66.08 -30.92
C GLY CA 15 23.58 -65.42 -31.91
N MET CA 16 24.01 -64.31 -32.51
CA MET CA 16 23.18 -63.66 -33.52
C MET CA 16 23.14 -64.47 -34.81
N VAL CA 17 24.25 -65.11 -35.18
CA VAL CA 17 24.24 -65.95 -36.38
C VAL CA 17 23.42 -67.21 -36.13
N GLU CA 18 23.49 -67.76 -34.91
CA GLU CA 18 22.65 -68.90 -34.56
C GLU CA 18 21.16 -68.53 -34.55
N ALA CA 19 20.83 -67.34 -34.07
CA ALA CA 19 19.44 -66.87 -34.10
C ALA CA 19 18.98 -66.62 -35.53
N ALA CA 20 19.83 -66.02 -36.36
CA ALA CA 20 19.47 -65.74 -37.74
C ALA CA 20 19.36 -67.02 -38.56
N ASP CA 21 20.06 -68.07 -38.16
CA ASP CA 21 19.92 -69.36 -38.81
C ASP CA 21 18.65 -70.08 -38.35
N ALA CA 22 18.35 -70.02 -37.05
CA ALA CA 22 17.15 -70.67 -36.53
C ALA CA 22 15.87 -70.00 -37.03
N MET CA 23 15.90 -68.69 -37.25
CA MET CA 23 14.70 -68.00 -37.74
C MET CA 23 14.41 -68.37 -39.19
N VAL CA 24 15.44 -68.46 -40.05
CA VAL CA 24 15.17 -68.83 -41.42
C VAL CA 24 14.97 -70.32 -41.60
N LYS CA 25 15.45 -71.15 -40.66
CA LYS CA 25 15.14 -72.57 -40.72
C LYS CA 25 13.79 -72.91 -40.11
N ALA CA 26 13.23 -72.01 -39.27
CA ALA CA 26 11.94 -72.29 -38.65
C ALA CA 26 10.81 -72.17 -39.66
N ALA CA 27 10.63 -70.98 -40.24
CA ALA CA 27 9.57 -70.75 -41.22
C ALA CA 27 10.12 -69.89 -42.35
N LYS CA 28 9.27 -69.60 -43.33
CA LYS CA 28 9.70 -68.84 -44.50
C LYS CA 28 9.73 -67.37 -44.14
N VAL CA 29 10.90 -66.91 -43.69
CA VAL CA 29 11.16 -65.49 -43.45
C VAL CA 29 12.33 -65.08 -44.32
N GLU CA 30 12.49 -63.78 -44.47
CA GLU CA 30 13.56 -63.20 -45.28
C GLU CA 30 14.51 -62.46 -44.35
N LEU CA 31 15.68 -63.03 -44.11
CA LEU CA 31 16.73 -62.35 -43.34
C LEU CA 31 17.29 -61.22 -44.18
N ILE CA 32 16.89 -59.98 -43.88
CA ILE CA 32 17.30 -58.87 -44.71
C ILE CA 32 18.71 -58.39 -44.36
N GLY CA 33 19.13 -58.56 -43.11
CA GLY CA 33 20.47 -58.12 -42.73
C GLY CA 33 20.69 -58.22 -41.24
N TYR CA 34 21.55 -57.34 -40.74
CA TYR CA 34 21.89 -57.31 -39.33
C TYR CA 34 22.41 -55.92 -39.00
N GLU CA 35 22.04 -55.42 -37.83
CA GLU CA 35 22.38 -54.06 -37.40
C GLU CA 35 23.41 -54.14 -36.28
N LYS CA 36 24.48 -53.36 -36.41
CA LYS CA 36 25.58 -53.34 -35.45
C LYS CA 36 25.53 -52.02 -34.70
N THR CA 37 24.89 -52.01 -33.55
CA THR CA 37 24.78 -50.79 -32.76
C THR CA 37 25.98 -50.53 -31.87
N GLY CA 38 27.07 -51.27 -32.03
CA GLY CA 38 28.28 -51.03 -31.29
C GLY CA 38 28.23 -51.63 -29.90
N GLY CA 39 29.42 -51.74 -29.29
CA GLY CA 39 29.52 -52.28 -27.95
C GLY CA 39 29.28 -53.76 -27.84
N GLY CA 40 29.36 -54.48 -28.96
CA GLY CA 40 29.12 -55.90 -28.97
C GLY CA 40 27.71 -56.32 -29.28
N TYR CA 41 26.78 -55.37 -29.36
CA TYR CA 41 25.38 -55.69 -29.64
C TYR CA 41 25.19 -55.80 -31.15
N VAL CA 42 24.61 -56.91 -31.59
CA VAL CA 42 24.22 -57.07 -32.98
C VAL CA 42 22.80 -57.62 -33.02
N THR CA 43 22.01 -57.12 -33.96
CA THR CA 43 20.59 -57.45 -34.06
C THR CA 43 20.30 -58.09 -35.40
N ALA CA 44 19.84 -59.33 -35.37
CA ALA CA 44 19.36 -60.01 -36.57
C ALA CA 44 17.91 -59.65 -36.82
N VAL CA 45 17.62 -59.24 -38.05
CA VAL CA 45 16.33 -58.66 -38.43
C VAL CA 45 15.75 -59.50 -39.56
N VAL CA 46 14.72 -60.29 -39.25
CA VAL CA 46 13.98 -61.01 -40.27
C VAL CA 46 12.69 -60.26 -40.54
N ARG CA 47 12.11 -60.51 -41.71
CA ARG CA 47 10.93 -59.74 -42.10
C ARG CA 47 10.11 -60.55 -43.09
N GLY CA 48 8.85 -60.77 -42.74
CA GLY CA 48 7.95 -61.58 -43.54
C GLY CA 48 6.58 -61.56 -42.92
N ASP CA 49 5.69 -62.41 -43.40
CA ASP CA 49 4.34 -62.45 -42.86
C ASP CA 49 4.32 -62.97 -41.43
N VAL CA 50 3.23 -62.66 -40.73
CA VAL CA 50 3.23 -62.56 -39.27
C VAL CA 50 3.35 -63.93 -38.60
N ALA CA 51 2.72 -64.96 -39.19
CA ALA CA 51 2.83 -66.31 -38.64
C ALA CA 51 4.25 -66.84 -38.76
N ALA CA 52 4.88 -66.59 -39.91
CA ALA CA 52 6.23 -67.06 -40.14
C ALA CA 52 7.23 -66.35 -39.26
N VAL CA 53 7.07 -65.03 -39.06
CA VAL CA 53 8.04 -64.33 -38.21
C VAL CA 53 7.81 -64.64 -36.75
N LYS CA 54 6.56 -64.97 -36.35
CA LYS CA 54 6.36 -65.31 -34.94
C LYS CA 54 6.91 -66.69 -34.64
N ALA CA 55 6.71 -67.65 -35.55
CA ALA CA 55 7.34 -68.97 -35.39
C ALA CA 55 8.86 -68.87 -35.49
N ALA CA 56 9.36 -67.99 -36.35
CA ALA CA 56 10.80 -67.81 -36.53
C ALA CA 56 11.45 -67.25 -35.28
N THR CA 57 10.87 -66.19 -34.71
CA THR CA 57 11.46 -65.61 -33.51
C THR CA 57 11.27 -66.49 -32.29
N GLU CA 58 10.17 -67.24 -32.19
CA GLU CA 58 10.04 -68.13 -31.03
C GLU CA 58 10.94 -69.36 -31.16
N ALA CA 59 11.42 -69.67 -32.36
CA ALA CA 59 12.47 -70.68 -32.47
C ALA CA 59 13.86 -70.07 -32.23
N GLY CA 60 14.07 -68.85 -32.71
CA GLY CA 60 15.39 -68.23 -32.61
C GLY CA 60 15.73 -67.75 -31.22
N GLN CA 61 14.72 -67.35 -30.44
CA GLN CA 61 14.95 -67.03 -29.04
C GLN CA 61 15.32 -68.28 -28.25
N ARG CA 62 14.66 -69.40 -28.54
CA ARG CA 62 14.97 -70.66 -27.87
C ARG CA 62 16.33 -71.19 -28.29
N ALA CA 63 16.75 -70.93 -29.52
CA ALA CA 63 18.02 -71.43 -30.02
C ALA CA 63 19.20 -70.50 -29.74
N ALA CA 64 18.96 -69.23 -29.46
CA ALA CA 64 20.05 -68.29 -29.22
C ALA CA 64 20.40 -68.15 -27.75
N GLU CA 65 19.47 -68.46 -26.84
CA GLU CA 65 19.78 -68.46 -25.42
C GLU CA 65 20.64 -69.65 -25.02
N ARG CA 66 20.71 -70.69 -25.86
CA ARG CA 66 21.55 -71.84 -25.58
C ARG CA 66 23.03 -71.57 -25.86
N VAL CA 67 23.36 -70.51 -26.59
CA VAL CA 67 24.74 -70.26 -26.99
C VAL CA 67 25.23 -68.92 -26.45
N GLY CA 68 24.33 -67.98 -26.19
CA GLY CA 68 24.77 -66.64 -25.85
C GLY CA 68 23.85 -65.80 -25.00
N GLU CA 69 24.10 -64.49 -25.00
CA GLU CA 69 23.38 -63.54 -24.17
C GLU CA 69 22.38 -62.80 -25.05
N VAL CA 70 21.09 -63.10 -24.87
CA VAL CA 70 20.04 -62.50 -25.67
C VAL CA 70 19.47 -61.30 -24.91
N VAL CA 71 19.51 -60.13 -25.54
CA VAL CA 71 19.07 -58.89 -24.91
C VAL CA 71 17.56 -58.73 -25.07
N ALA CA 72 17.08 -58.69 -26.31
CA ALA CA 72 15.69 -58.35 -26.58
C ALA CA 72 15.16 -59.16 -27.75
N VAL CA 73 13.94 -59.64 -27.61
CA VAL CA 73 13.21 -60.35 -28.67
C VAL CA 73 11.84 -59.70 -28.78
N HIS CA 74 11.48 -59.23 -29.97
CA HIS CA 74 10.20 -58.58 -30.14
C HIS CA 74 9.74 -58.69 -31.59
N VAL CA 75 8.44 -58.83 -31.79
CA VAL CA 75 7.82 -58.96 -33.10
C VAL CA 75 6.81 -57.84 -33.26
N ILE CA 76 6.87 -57.15 -34.40
CA ILE CA 76 5.92 -56.12 -34.76
C ILE CA 76 5.13 -56.62 -35.96
N PRO CA 77 3.84 -56.97 -35.79
CA PRO CA 77 3.10 -57.54 -36.93
C PRO CA 77 2.78 -56.55 -38.02
N ARG CA 78 2.46 -55.30 -37.68
CA ARG CA 78 2.23 -54.24 -38.66
C ARG CA 78 3.04 -53.03 -38.25
N PRO CA 79 4.26 -52.90 -38.77
CA PRO CA 79 5.03 -51.68 -38.52
C PRO CA 79 4.56 -50.53 -39.40
N HIS CA 80 4.62 -49.34 -38.82
CA HIS CA 80 4.15 -48.14 -39.50
C HIS CA 80 5.10 -47.79 -40.64
N VAL CA 81 4.56 -47.06 -41.62
CA VAL CA 81 5.32 -46.75 -42.83
C VAL CA 81 6.46 -45.76 -42.56
N ASN CA 82 6.35 -44.95 -41.50
CA ASN CA 82 7.45 -44.07 -41.12
C ASN CA 82 8.63 -44.86 -40.57
N VAL CA 83 8.35 -45.98 -39.90
CA VAL CA 83 9.41 -46.84 -39.39
C VAL CA 83 10.17 -47.50 -40.54
N ASP CA 84 9.45 -47.89 -41.60
CA ASP CA 84 10.12 -48.45 -42.77
C ASP CA 84 10.87 -47.39 -43.55
N ALA CA 85 10.32 -46.18 -43.64
CA ALA CA 85 10.96 -45.13 -44.40
C ALA CA 85 12.14 -44.51 -43.67
N ALA CA 86 12.22 -44.65 -42.35
CA ALA CA 86 13.30 -44.05 -41.57
C ALA CA 86 14.37 -45.05 -41.15
N LEU CA 87 13.96 -46.17 -40.55
CA LEU CA 87 14.88 -47.16 -40.03
C LEU CA 87 15.28 -48.17 -41.11
N PRO CA 88 16.53 -48.62 -41.15
CA PRO CA 88 16.98 -49.58 -42.18
C PRO CA 88 16.51 -51.01 -41.92
N LEU CA 89 15.29 -51.31 -42.35
CA LEU CA 89 14.68 -52.60 -42.07
C LEU CA 89 14.43 -53.44 -43.31
N GLY CA 90 15.05 -53.10 -44.44
CA GLY CA 90 14.99 -53.93 -45.61
C GLY CA 90 13.88 -53.59 -46.60
N ARG CA 91 12.84 -52.89 -46.16
CA ARG CA 91 11.75 -52.51 -47.04
C ARG CA 91 11.66 -50.99 -47.17
N THR CA 92 12.81 -50.34 -47.32
CA THR CA 92 12.84 -48.90 -47.56
C THR CA 92 12.40 -48.62 -48.99
N PRO CA 93 11.36 -47.80 -49.19
CA PRO CA 93 10.82 -47.48 -50.53
C PRO CA 93 11.82 -46.70 -51.40
N ALA DA 2 27.02 -73.90 -48.14
CA ALA DA 2 28.00 -74.88 -48.58
C ALA DA 2 28.46 -75.75 -47.40
N ASP DA 3 29.70 -75.55 -46.98
CA ASP DA 3 30.26 -76.32 -45.87
C ASP DA 3 29.73 -75.81 -44.55
N ALA DA 4 30.06 -76.54 -43.47
CA ALA DA 4 29.60 -76.19 -42.14
C ALA DA 4 30.33 -74.96 -41.63
N LEU DA 5 29.78 -74.38 -40.57
CA LEU DA 5 30.24 -73.11 -40.02
C LEU DA 5 30.81 -73.33 -38.64
N GLY DA 6 31.88 -72.62 -38.30
CA GLY DA 6 32.43 -72.72 -36.97
C GLY DA 6 32.92 -71.38 -36.46
N MET DA 7 32.65 -71.05 -35.21
CA MET DA 7 32.92 -69.72 -34.70
C MET DA 7 33.47 -69.77 -33.28
N ILE DA 8 34.47 -68.93 -33.03
CA ILE DA 8 34.99 -68.69 -31.69
C ILE DA 8 34.92 -67.19 -31.47
N GLU DA 9 34.08 -66.74 -30.55
CA GLU DA 9 34.05 -65.33 -30.19
C GLU DA 9 34.85 -65.14 -28.91
N VAL DA 10 35.83 -64.23 -28.96
CA VAL DA 10 36.70 -63.93 -27.84
C VAL DA 10 36.67 -62.42 -27.62
N ARG DA 11 36.54 -62.01 -26.35
CA ARG DA 11 36.72 -60.61 -25.99
C ARG DA 11 38.22 -60.35 -25.92
N GLY DA 12 38.80 -60.13 -27.10
CA GLY DA 12 40.23 -59.99 -27.22
C GLY DA 12 40.79 -60.53 -28.52
N PHE DA 13 41.68 -59.76 -29.15
CA PHE DA 13 42.23 -60.17 -30.44
C PHE DA 13 43.22 -61.31 -30.28
N VAL DA 14 43.91 -61.39 -29.14
CA VAL DA 14 44.97 -62.37 -28.96
C VAL DA 14 44.39 -63.77 -28.81
N GLY DA 15 43.34 -63.91 -28.00
CA GLY DA 15 42.66 -65.19 -27.88
C GLY DA 15 41.99 -65.61 -29.16
N MET DA 16 41.53 -64.65 -29.97
CA MET DA 16 40.93 -64.97 -31.25
C MET DA 16 41.98 -65.47 -32.24
N VAL DA 17 43.19 -64.91 -32.19
CA VAL DA 17 44.25 -65.38 -33.08
C VAL DA 17 44.74 -66.77 -32.64
N GLU DA 18 44.81 -67.00 -31.33
CA GLU DA 18 45.17 -68.34 -30.84
C GLU DA 18 44.11 -69.38 -31.20
N ALA DA 19 42.83 -69.01 -31.12
CA ALA DA 19 41.77 -69.92 -31.53
C ALA DA 19 41.78 -70.16 -33.04
N ALA DA 20 42.06 -69.13 -33.82
CA ALA DA 20 42.13 -69.28 -35.27
C ALA DA 20 43.34 -70.11 -35.68
N ASP DA 21 44.39 -70.11 -34.89
CA ASP DA 21 45.52 -70.98 -35.15
C ASP DA 21 45.19 -72.43 -34.78
N ALA DA 22 44.55 -72.63 -33.63
CA ALA DA 22 44.25 -73.99 -33.18
C ALA DA 22 43.20 -74.66 -34.06
N MET DA 23 42.27 -73.89 -34.61
CA MET DA 23 41.26 -74.48 -35.50
C MET DA 23 41.87 -74.95 -36.81
N VAL DA 24 42.76 -74.15 -37.40
CA VAL DA 24 43.35 -74.57 -38.67
C VAL DA 24 44.47 -75.58 -38.47
N LYS DA 25 45.01 -75.71 -37.27
CA LYS DA 25 45.93 -76.81 -37.01
C LYS DA 25 45.23 -78.09 -36.59
N ALA DA 26 44.00 -78.00 -36.10
CA ALA DA 26 43.31 -79.19 -35.62
C ALA DA 26 42.82 -80.06 -36.78
N ALA DA 27 42.14 -79.47 -37.75
CA ALA DA 27 41.62 -80.21 -38.88
C ALA DA 27 41.66 -79.32 -40.11
N LYS DA 28 41.22 -79.87 -41.24
CA LYS DA 28 41.23 -79.15 -42.52
C LYS DA 28 40.02 -78.23 -42.56
N VAL DA 29 40.19 -77.03 -42.02
CA VAL DA 29 39.17 -75.99 -42.08
C VAL DA 29 39.77 -74.79 -42.83
N GLU DA 30 38.90 -73.91 -43.28
CA GLU DA 30 39.31 -72.71 -44.00
C GLU DA 30 38.91 -71.49 -43.19
N LEU DA 31 39.90 -70.79 -42.65
CA LEU DA 31 39.65 -69.55 -41.90
C LEU DA 31 39.29 -68.45 -42.89
N ILE DA 32 37.99 -68.13 -42.97
CA ILE DA 32 37.57 -67.18 -44.00
C ILE DA 32 37.82 -65.74 -43.58
N GLY DA 33 37.87 -65.46 -42.28
CA GLY DA 33 38.08 -64.10 -41.83
C GLY DA 33 37.81 -63.96 -40.34
N TYR DA 34 37.31 -62.78 -39.97
CA TYR DA 34 36.98 -62.48 -38.59
C TYR DA 34 36.02 -61.31 -38.57
N GLU DA 35 35.17 -61.27 -37.55
CA GLU DA 35 34.10 -60.28 -37.44
C GLU DA 35 34.33 -59.43 -36.19
N LYS DA 36 34.24 -58.11 -36.37
CA LYS DA 36 34.47 -57.14 -35.30
C LYS DA 36 33.14 -56.46 -34.98
N THR DA 37 32.54 -56.82 -33.84
CA THR DA 37 31.26 -56.26 -33.45
C THR DA 37 31.41 -55.13 -32.44
N GLY DA 38 32.61 -54.63 -32.23
CA GLY DA 38 32.83 -53.53 -31.32
C GLY DA 38 32.87 -53.97 -29.86
N GLY DA 39 33.46 -53.12 -29.03
CA GLY DA 39 33.56 -53.42 -27.63
C GLY DA 39 34.61 -54.46 -27.27
N GLY DA 40 35.52 -54.77 -28.18
CA GLY DA 40 36.54 -55.76 -27.95
C GLY DA 40 36.18 -57.16 -28.39
N TYR DA 41 34.92 -57.42 -28.73
CA TYR DA 41 34.51 -58.73 -29.20
C TYR DA 41 35.00 -58.95 -30.62
N VAL DA 42 35.73 -60.04 -30.85
CA VAL DA 42 36.10 -60.45 -32.20
C VAL DA 42 35.81 -61.93 -32.37
N THR DA 43 35.31 -62.30 -33.54
CA THR DA 43 34.84 -63.66 -33.81
C THR DA 43 35.63 -64.26 -34.96
N ALA DA 44 36.32 -65.36 -34.70
CA ALA DA 44 37.01 -66.12 -35.74
C ALA DA 44 36.04 -67.12 -36.34
N VAL DA 45 35.99 -67.16 -37.66
CA VAL DA 45 35.04 -67.98 -38.41
C VAL DA 45 35.81 -68.91 -39.33
N VAL DA 46 35.70 -70.22 -39.09
CA VAL DA 46 36.23 -71.23 -39.99
C VAL DA 46 35.06 -71.89 -40.70
N ARG DA 47 35.35 -72.53 -41.83
CA ARG DA 47 34.28 -73.06 -42.67
C ARG DA 47 34.80 -74.25 -43.46
N GLY DA 48 34.54 -75.45 -42.93
CA GLY DA 48 34.83 -76.71 -43.60
C GLY DA 48 33.70 -77.68 -43.33
N ASP DA 49 33.86 -78.97 -43.61
CA ASP DA 49 32.78 -79.91 -43.34
C ASP DA 49 32.64 -80.15 -41.84
N VAL DA 50 31.55 -80.83 -41.47
CA VAL DA 50 31.01 -80.75 -40.12
C VAL DA 50 31.91 -81.47 -39.09
N ALA DA 51 32.57 -82.56 -39.49
CA ALA DA 51 33.46 -83.25 -38.56
C ALA DA 51 34.74 -82.45 -38.31
N ALA DA 52 35.27 -81.83 -39.37
CA ALA DA 52 36.48 -81.04 -39.24
C ALA DA 52 36.25 -79.80 -38.40
N VAL DA 53 35.13 -79.10 -38.59
CA VAL DA 53 34.87 -77.92 -37.76
C VAL DA 53 34.44 -78.33 -36.36
N LYS DA 54 33.84 -79.51 -36.19
CA LYS DA 54 33.46 -79.94 -34.84
C LYS DA 54 34.67 -80.34 -34.03
N ALA DA 55 35.73 -80.84 -34.68
CA ALA DA 55 36.99 -81.06 -33.98
C ALA DA 55 37.77 -79.76 -33.80
N ALA DA 56 37.71 -78.88 -34.82
CA ALA DA 56 38.51 -77.67 -34.80
C ALA DA 56 38.03 -76.67 -33.76
N THR DA 57 36.71 -76.49 -33.63
CA THR DA 57 36.22 -75.54 -32.63
C THR DA 57 36.39 -76.04 -31.22
N GLU DA 58 36.31 -77.35 -30.99
CA GLU DA 58 36.57 -77.84 -29.64
C GLU DA 58 38.06 -77.91 -29.32
N ALA DA 59 38.92 -77.83 -30.34
CA ALA DA 59 40.34 -77.60 -30.05
C ALA DA 59 40.62 -76.12 -29.81
N GLY DA 60 39.95 -75.24 -30.55
CA GLY DA 60 40.16 -73.81 -30.40
C GLY DA 60 39.58 -73.25 -29.12
N GLN DA 61 38.50 -73.85 -28.63
CA GLN DA 61 37.98 -73.48 -27.31
C GLN DA 61 38.93 -73.93 -26.21
N ARG DA 62 39.58 -75.08 -26.41
CA ARG DA 62 40.54 -75.57 -25.41
C ARG DA 62 41.81 -74.72 -25.41
N ALA DA 63 42.21 -74.23 -26.58
CA ALA DA 63 43.42 -73.41 -26.66
C ALA DA 63 43.18 -71.94 -26.35
N ALA DA 64 41.96 -71.44 -26.54
CA ALA DA 64 41.67 -70.03 -26.33
C ALA DA 64 41.16 -69.72 -24.94
N GLU DA 65 40.84 -70.73 -24.12
CA GLU DA 65 40.54 -70.48 -22.72
C GLU DA 65 41.80 -70.40 -21.86
N ARG DA 66 42.97 -70.68 -22.44
CA ARG DA 66 44.22 -70.53 -21.72
C ARG DA 66 44.78 -69.11 -21.78
N VAL DA 67 44.33 -68.31 -22.74
CA VAL DA 67 44.85 -66.96 -22.91
C VAL DA 67 43.77 -65.88 -22.80
N GLY DA 68 42.50 -66.20 -22.95
CA GLY DA 68 41.48 -65.17 -22.96
C GLY DA 68 40.11 -65.61 -22.51
N GLU DA 69 39.13 -64.71 -22.64
CA GLU DA 69 37.76 -64.94 -22.20
C GLU DA 69 36.94 -65.35 -23.42
N VAL DA 70 36.64 -66.64 -23.53
CA VAL DA 70 35.86 -67.15 -24.66
C VAL DA 70 34.38 -66.95 -24.36
N VAL DA 71 33.69 -66.22 -25.22
CA VAL DA 71 32.29 -65.91 -24.99
C VAL DA 71 31.41 -67.08 -25.43
N ALA DA 72 31.51 -67.48 -26.70
CA ALA DA 72 30.61 -68.49 -27.24
C ALA DA 72 31.29 -69.30 -28.31
N VAL DA 73 31.02 -70.60 -28.33
CA VAL DA 73 31.51 -71.54 -29.33
C VAL DA 73 30.31 -72.28 -29.89
N HIS DA 74 30.15 -72.26 -31.21
CA HIS DA 74 29.01 -72.92 -31.82
C HIS DA 74 29.33 -73.35 -33.24
N VAL DA 75 28.75 -74.49 -33.63
CA VAL DA 75 28.93 -75.08 -34.95
C VAL DA 75 27.56 -75.24 -35.60
N ILE DA 76 27.42 -74.70 -36.80
CA ILE DA 76 26.22 -74.90 -37.61
C ILE DA 76 26.58 -75.89 -38.71
N PRO DA 77 25.92 -77.06 -38.77
CA PRO DA 77 26.34 -78.08 -39.74
C PRO DA 77 25.99 -77.76 -41.18
N ARG DA 78 24.83 -77.15 -41.42
CA ARG DA 78 24.44 -76.71 -42.77
C ARG DA 78 23.80 -75.35 -42.64
N PRO DA 79 24.58 -74.28 -42.78
CA PRO DA 79 23.99 -72.94 -42.69
C PRO DA 79 23.14 -72.62 -43.90
N HIS DA 80 21.99 -71.99 -43.63
CA HIS DA 80 20.97 -71.73 -44.64
C HIS DA 80 21.49 -70.73 -45.66
N VAL DA 81 20.89 -70.78 -46.86
CA VAL DA 81 21.41 -70.00 -47.99
C VAL DA 81 21.17 -68.50 -47.79
N ASN DA 82 20.13 -68.13 -47.03
CA ASN DA 82 19.90 -66.72 -46.74
C ASN DA 82 20.90 -66.21 -45.70
N VAL DA 83 21.36 -67.09 -44.82
CA VAL DA 83 22.37 -66.73 -43.83
C VAL DA 83 23.70 -66.46 -44.52
N ASP DA 84 24.07 -67.31 -45.49
CA ASP DA 84 25.29 -67.06 -46.25
C ASP DA 84 25.13 -65.88 -47.20
N ALA DA 85 23.89 -65.58 -47.61
CA ALA DA 85 23.68 -64.44 -48.49
C ALA DA 85 23.74 -63.11 -47.74
N ALA DA 86 23.28 -63.07 -46.49
CA ALA DA 86 23.21 -61.82 -45.73
C ALA DA 86 24.41 -61.61 -44.81
N LEU DA 87 24.72 -62.58 -43.96
CA LEU DA 87 25.77 -62.45 -42.98
C LEU DA 87 27.14 -62.68 -43.62
N PRO DA 88 28.17 -61.91 -43.21
CA PRO DA 88 29.51 -62.04 -43.83
C PRO DA 88 30.26 -63.29 -43.41
N LEU DA 89 29.97 -64.40 -44.07
CA LEU DA 89 30.52 -65.69 -43.68
C LEU DA 89 31.46 -66.28 -44.71
N GLY DA 90 32.01 -65.45 -45.60
CA GLY DA 90 33.05 -65.89 -46.51
C GLY DA 90 32.56 -66.59 -47.77
N ARG DA 91 31.28 -66.90 -47.88
CA ARG DA 91 30.75 -67.55 -49.07
C ARG DA 91 29.58 -66.75 -49.62
N THR DA 92 29.75 -65.44 -49.72
CA THR DA 92 28.74 -64.60 -50.34
C THR DA 92 28.79 -64.79 -51.85
N PRO DA 93 27.69 -65.21 -52.50
CA PRO DA 93 27.65 -65.49 -53.94
C PRO DA 93 27.84 -64.24 -54.81
N ALA EA 2 55.75 -69.77 -40.92
CA ALA EA 2 56.76 -68.76 -41.22
C ALA EA 2 57.37 -68.21 -39.93
N ASP EA 3 57.44 -66.89 -39.81
CA ASP EA 3 58.00 -66.26 -38.63
C ASP EA 3 57.04 -66.39 -37.45
N ALA EA 4 57.61 -66.52 -36.26
CA ALA EA 4 56.83 -66.62 -35.04
C ALA EA 4 56.14 -65.30 -34.73
N LEU EA 5 55.03 -65.41 -33.99
CA LEU EA 5 54.11 -64.31 -33.76
C LEU EA 5 54.10 -63.96 -32.28
N GLY EA 6 54.01 -62.67 -31.98
CA GLY EA 6 53.92 -62.24 -30.59
C GLY EA 6 52.95 -61.09 -30.44
N MET EA 7 52.12 -61.12 -29.39
CA MET EA 7 51.05 -60.15 -29.25
C MET EA 7 50.91 -59.68 -27.82
N ILE EA 8 50.69 -58.38 -27.66
CA ILE EA 8 50.29 -57.78 -26.40
C ILE EA 8 48.95 -57.10 -26.65
N GLU EA 9 47.98 -57.33 -25.76
CA GLU EA 9 46.72 -56.62 -25.85
C GLU EA 9 46.55 -55.77 -24.61
N VAL EA 10 46.32 -54.47 -24.81
CA VAL EA 10 46.22 -53.52 -23.71
C VAL EA 10 44.89 -52.78 -23.87
N ARG EA 11 44.16 -52.64 -22.76
CA ARG EA 11 43.01 -51.72 -22.71
C ARG EA 11 43.59 -50.32 -22.55
N GLY EA 12 43.99 -49.74 -23.67
CA GLY EA 12 44.64 -48.45 -23.64
C GLY EA 12 45.75 -48.29 -24.67
N PHE EA 13 45.77 -47.16 -25.36
CA PHE EA 13 46.76 -46.93 -26.41
C PHE EA 13 48.15 -46.71 -25.83
N VAL EA 14 48.23 -46.12 -24.63
CA VAL EA 14 49.52 -45.77 -24.05
C VAL EA 14 50.29 -47.02 -23.63
N GLY EA 15 49.60 -47.94 -22.97
CA GLY EA 15 50.22 -49.20 -22.60
C GLY EA 15 50.60 -50.05 -23.80
N MET EA 16 49.84 -49.95 -24.89
CA MET EA 16 50.19 -50.65 -26.12
C MET EA 16 51.44 -50.06 -26.75
N VAL EA 17 51.59 -48.73 -26.72
CA VAL EA 17 52.78 -48.11 -27.30
C VAL EA 17 54.02 -48.43 -26.45
N GLU EA 18 53.86 -48.44 -25.12
CA GLU EA 18 54.97 -48.84 -24.26
C GLU EA 18 55.36 -50.30 -24.45
N ALA EA 19 54.36 -51.18 -24.59
CA ALA EA 19 54.63 -52.59 -24.86
C ALA EA 19 55.33 -52.76 -26.21
N ALA EA 20 54.89 -52.03 -27.23
CA ALA EA 20 55.49 -52.15 -28.55
C ALA EA 20 56.92 -51.64 -28.56
N ASP EA 21 57.18 -50.55 -27.84
CA ASP EA 21 58.53 -50.01 -27.76
C ASP EA 21 59.46 -50.95 -27.01
N ALA EA 22 58.99 -51.55 -25.92
CA ALA EA 22 59.83 -52.49 -25.18
C ALA EA 22 60.07 -53.77 -25.98
N MET EA 23 59.08 -54.21 -26.77
CA MET EA 23 59.28 -55.38 -27.62
C MET EA 23 60.30 -55.11 -28.72
N VAL EA 24 60.21 -53.96 -29.38
CA VAL EA 24 61.16 -53.70 -30.46
C VAL EA 24 62.53 -53.29 -29.95
N LYS EA 25 62.67 -52.89 -28.67
CA LYS EA 25 64.00 -52.62 -28.14
C LYS EA 25 64.64 -53.82 -27.48
N ALA EA 26 63.87 -54.72 -26.90
CA ALA EA 26 64.46 -55.84 -26.16
C ALA EA 26 65.02 -56.94 -27.05
N ALA EA 27 64.54 -57.05 -28.29
CA ALA EA 27 65.05 -58.06 -29.20
C ALA EA 27 64.85 -57.59 -30.63
N LYS EA 28 65.44 -58.33 -31.58
CA LYS EA 28 65.35 -57.98 -32.99
C LYS EA 28 64.06 -58.56 -33.55
N VAL EA 29 62.97 -57.84 -33.31
CA VAL EA 29 61.65 -58.20 -33.84
C VAL EA 29 61.19 -57.06 -34.74
N GLU EA 30 60.02 -57.23 -35.35
CA GLU EA 30 59.46 -56.21 -36.23
C GLU EA 30 58.00 -55.96 -35.85
N LEU EA 31 57.72 -54.75 -35.38
CA LEU EA 31 56.35 -54.34 -35.11
C LEU EA 31 55.64 -54.12 -36.44
N ILE EA 32 54.78 -55.06 -36.82
CA ILE EA 32 54.12 -54.95 -38.12
C ILE EA 32 53.01 -53.91 -38.08
N GLY EA 33 52.41 -53.68 -36.93
CA GLY EA 33 51.31 -52.71 -36.85
C GLY EA 33 50.59 -52.81 -35.52
N TYR EA 34 49.29 -52.56 -35.58
CA TYR EA 34 48.46 -52.52 -34.38
C TYR EA 34 47.02 -52.74 -34.81
N GLU EA 35 46.27 -53.43 -33.96
CA GLU EA 35 44.89 -53.80 -34.26
C GLU EA 35 43.97 -53.13 -33.26
N LYS EA 36 43.03 -52.33 -33.76
CA LYS EA 36 42.06 -51.63 -32.93
C LYS EA 36 40.74 -52.39 -33.00
N THR EA 37 40.47 -53.20 -31.98
CA THR EA 37 39.26 -54.00 -31.94
C THR EA 37 38.06 -53.26 -31.38
N GLY EA 38 38.21 -52.00 -31.00
CA GLY EA 38 37.12 -51.22 -30.48
C GLY EA 38 36.86 -51.49 -29.00
N GLY EA 39 36.22 -50.52 -28.35
CA GLY EA 39 35.94 -50.62 -26.94
C GLY EA 39 37.11 -50.31 -26.04
N GLY EA 40 38.20 -49.81 -26.59
CA GLY EA 40 39.37 -49.47 -25.80
C GLY EA 40 40.50 -50.47 -25.87
N TYR EA 41 40.27 -51.64 -26.46
CA TYR EA 41 41.28 -52.67 -26.57
C TYR EA 41 42.10 -52.44 -27.83
N VAL EA 42 43.42 -52.41 -27.69
CA VAL EA 42 44.32 -52.31 -28.84
C VAL EA 42 45.42 -53.35 -28.68
N THR EA 43 45.85 -53.94 -29.79
CA THR EA 43 46.77 -55.06 -29.79
C THR EA 43 48.01 -54.72 -30.60
N ALA EA 44 49.17 -54.73 -29.94
CA ALA EA 44 50.46 -54.64 -30.61
C ALA EA 44 50.91 -56.02 -31.03
N VAL EA 45 51.41 -56.11 -32.25
CA VAL EA 45 51.76 -57.39 -32.88
C VAL EA 45 53.19 -57.28 -33.40
N VAL EA 46 54.10 -58.05 -32.81
CA VAL EA 46 55.45 -58.18 -33.34
C VAL EA 46 55.58 -59.55 -34.00
N ARG EA 47 56.60 -59.69 -34.84
CA ARG EA 47 56.75 -60.91 -35.61
C ARG EA 47 58.21 -61.12 -35.95
N GLY EA 48 58.73 -62.29 -35.58
CA GLY EA 48 60.12 -62.62 -35.80
C GLY EA 48 60.37 -64.04 -35.34
N ASP EA 49 61.64 -64.44 -35.34
CA ASP EA 49 61.97 -65.79 -34.92
C ASP EA 49 61.70 -66.00 -33.43
N VAL EA 50 61.62 -67.28 -33.04
CA VAL EA 50 60.84 -67.68 -31.87
C VAL EA 50 61.51 -67.24 -30.56
N ALA EA 51 62.85 -67.24 -30.52
CA ALA EA 51 63.54 -66.83 -29.29
C ALA EA 51 63.45 -65.32 -29.10
N ALA EA 52 63.54 -64.56 -30.20
CA ALA EA 52 63.48 -63.11 -30.12
C ALA EA 52 62.10 -62.63 -29.70
N VAL EA 53 61.03 -63.21 -30.27
CA VAL EA 53 59.70 -62.80 -29.85
C VAL EA 53 59.38 -63.35 -28.47
N LYS EA 54 59.97 -64.49 -28.09
CA LYS EA 54 59.72 -65.06 -26.77
C LYS EA 54 60.38 -64.23 -25.68
N ALA EA 55 61.49 -63.56 -25.98
CA ALA EA 55 62.06 -62.61 -25.03
C ALA EA 55 61.37 -61.25 -25.12
N ALA EA 56 60.96 -60.85 -26.33
CA ALA EA 56 60.43 -59.51 -26.53
C ALA EA 56 59.06 -59.34 -25.90
N THR EA 57 58.18 -60.34 -26.05
CA THR EA 57 56.85 -60.20 -25.46
C THR EA 57 56.88 -60.31 -23.94
N GLU EA 58 57.80 -61.09 -23.39
CA GLU EA 58 57.88 -61.14 -21.92
C GLU EA 58 58.61 -59.93 -21.36
N ALA EA 59 59.34 -59.19 -22.19
CA ALA EA 59 59.80 -57.87 -21.75
C ALA EA 59 58.69 -56.83 -21.88
N GLY EA 60 57.89 -56.92 -22.95
CA GLY EA 60 56.82 -55.97 -23.16
C GLY EA 60 55.67 -56.11 -22.18
N GLN EA 61 55.43 -57.33 -21.70
CA GLN EA 61 54.46 -57.53 -20.63
C GLN EA 61 54.92 -56.89 -19.34
N ARG EA 62 56.20 -57.06 -18.99
CA ARG EA 62 56.73 -56.49 -17.76
C ARG EA 62 56.82 -54.98 -17.85
N ALA EA 63 57.02 -54.42 -19.04
CA ALA EA 63 57.03 -52.98 -19.21
C ALA EA 63 55.64 -52.38 -19.39
N ALA EA 64 54.64 -53.16 -19.79
CA ALA EA 64 53.30 -52.63 -20.01
C ALA EA 64 52.41 -52.74 -18.79
N GLU EA 65 52.74 -53.61 -17.83
CA GLU EA 65 51.98 -53.67 -16.59
C GLU EA 65 52.27 -52.49 -15.68
N ARG EA 66 53.36 -51.75 -15.93
CA ARG EA 66 53.65 -50.57 -15.12
C ARG EA 66 52.74 -49.42 -15.47
N VAL EA 67 52.33 -49.31 -16.72
CA VAL EA 67 51.59 -48.14 -17.19
C VAL EA 67 50.17 -48.45 -17.62
N GLY EA 68 49.82 -49.70 -17.91
CA GLY EA 68 48.50 -49.99 -18.44
C GLY EA 68 47.89 -51.28 -17.95
N GLU EA 69 46.78 -51.68 -18.57
CA GLU EA 69 46.04 -52.88 -18.20
C GLU EA 69 46.25 -53.92 -19.30
N VAL EA 70 47.03 -54.95 -19.00
CA VAL EA 70 47.36 -55.99 -19.96
C VAL EA 70 46.31 -57.08 -19.89
N VAL EA 71 45.65 -57.34 -21.02
CA VAL EA 71 44.60 -58.35 -21.08
C VAL EA 71 45.16 -59.71 -21.43
N ALA EA 72 45.98 -59.79 -22.48
CA ALA EA 72 46.43 -61.09 -22.96
C ALA EA 72 47.82 -60.97 -23.61
N VAL EA 73 48.68 -61.94 -23.29
CA VAL EA 73 50.01 -62.06 -23.87
C VAL EA 73 50.16 -63.49 -24.37
N HIS EA 74 50.53 -63.66 -25.63
CA HIS EA 74 50.70 -65.00 -26.17
C HIS EA 74 51.67 -64.99 -27.33
N VAL EA 75 52.44 -66.07 -27.44
CA VAL EA 75 53.42 -66.27 -28.51
C VAL EA 75 53.03 -67.52 -29.28
N ILE EA 76 52.95 -67.39 -30.61
CA ILE EA 76 52.74 -68.55 -31.48
C ILE EA 76 54.05 -68.81 -32.22
N PRO EA 77 54.73 -69.94 -31.94
CA PRO EA 77 56.04 -70.17 -32.58
C PRO EA 77 55.96 -70.48 -34.06
N ARG EA 78 54.93 -71.19 -34.51
CA ARG EA 78 54.77 -71.56 -35.92
C ARG EA 78 53.32 -71.32 -36.32
N PRO EA 79 52.96 -70.09 -36.68
CA PRO EA 79 51.60 -69.84 -37.14
C PRO EA 79 51.37 -70.43 -38.53
N HIS EA 80 50.16 -70.93 -38.74
CA HIS EA 80 49.81 -71.61 -39.98
C HIS EA 80 49.68 -70.59 -41.11
N VAL EA 81 49.77 -71.09 -42.36
CA VAL EA 81 49.72 -70.21 -43.51
C VAL EA 81 48.31 -69.63 -43.72
N ASN EA 82 47.27 -70.31 -43.22
CA ASN EA 82 45.92 -69.77 -43.32
C ASN EA 82 45.72 -68.60 -42.36
N VAL EA 83 46.39 -68.64 -41.21
CA VAL EA 83 46.32 -67.54 -40.25
C VAL EA 83 46.98 -66.29 -40.81
N ASP EA 84 48.12 -66.46 -41.48
CA ASP EA 84 48.78 -65.32 -42.10
C ASP EA 84 48.02 -64.82 -43.33
N ALA EA 85 47.38 -65.72 -44.08
CA ALA EA 85 46.67 -65.31 -45.28
C ALA EA 85 45.29 -64.73 -45.00
N ALA EA 86 44.73 -64.98 -43.81
CA ALA EA 86 43.40 -64.51 -43.48
C ALA EA 86 43.39 -63.35 -42.50
N LEU EA 87 44.24 -63.38 -41.49
CA LEU EA 87 44.31 -62.33 -40.46
C LEU EA 87 45.38 -61.32 -40.81
N PRO EA 88 45.16 -60.03 -40.55
CA PRO EA 88 46.16 -58.98 -40.89
C PRO EA 88 47.35 -58.96 -39.94
N LEU EA 89 48.33 -59.81 -40.22
CA LEU EA 89 49.48 -59.98 -39.34
C LEU EA 89 50.78 -59.51 -39.95
N GLY EA 90 50.74 -58.91 -41.13
CA GLY EA 90 51.91 -58.30 -41.73
C GLY EA 90 52.63 -59.17 -42.75
N ARG EA 91 52.27 -60.44 -42.87
CA ARG EA 91 52.91 -61.34 -43.82
C ARG EA 91 51.88 -61.96 -44.77
N THR EA 92 50.94 -61.15 -45.24
CA THR EA 92 49.94 -61.63 -46.19
C THR EA 92 50.58 -61.78 -47.57
N PRO EA 93 50.54 -62.96 -48.19
CA PRO EA 93 51.16 -63.23 -49.49
C PRO EA 93 50.54 -62.45 -50.65
N ALA FA 2 62.08 -40.25 -33.57
CA ALA FA 2 62.95 -39.08 -33.51
C ALA FA 2 62.85 -38.39 -32.16
N ASP FA 3 61.96 -37.41 -32.05
CA ASP FA 3 61.80 -36.66 -30.83
C ASP FA 3 61.12 -37.50 -29.76
N ALA FA 4 61.21 -37.02 -28.52
CA ALA FA 4 60.61 -37.70 -27.38
C ALA FA 4 59.09 -37.62 -27.46
N LEU FA 5 58.45 -38.57 -26.77
CA LEU FA 5 57.03 -38.82 -26.90
C LEU FA 5 56.34 -38.61 -25.57
N GLY FA 6 55.12 -38.06 -25.60
CA GLY FA 6 54.33 -37.90 -24.39
C GLY FA 6 52.87 -38.17 -24.66
N MET FA 7 52.21 -38.89 -23.75
CA MET FA 7 50.83 -39.32 -23.99
C MET FA 7 50.00 -39.16 -22.73
N ILE FA 8 48.79 -38.63 -22.90
CA ILE FA 8 47.78 -38.61 -21.86
C ILE FA 8 46.56 -39.32 -22.40
N GLU FA 9 46.18 -40.43 -21.78
CA GLU FA 9 44.96 -41.13 -22.17
C GLU FA 9 43.86 -40.82 -21.15
N VAL FA 10 42.72 -40.36 -21.65
CA VAL FA 10 41.59 -39.95 -20.82
C VAL FA 10 40.34 -40.65 -21.34
N ARG FA 11 39.56 -41.23 -20.42
CA ARG FA 11 38.22 -41.71 -20.76
C ARG FA 11 37.29 -40.49 -20.79
N GLY FA 12 37.31 -39.79 -21.91
CA GLY FA 12 36.55 -38.57 -22.04
C GLY FA 12 37.24 -37.55 -22.94
N PHE FA 13 36.46 -36.91 -23.80
CA PHE FA 13 37.03 -35.95 -24.73
C PHE FA 13 37.41 -34.65 -24.02
N VAL FA 14 36.68 -34.30 -22.96
CA VAL FA 14 36.89 -33.01 -22.30
C VAL FA 14 38.20 -33.01 -21.52
N GLY FA 15 38.45 -34.09 -20.77
CA GLY FA 15 39.72 -34.22 -20.07
C GLY FA 15 40.90 -34.32 -21.02
N MET FA 16 40.69 -34.90 -22.19
CA MET FA 16 41.76 -34.98 -23.19
C MET FA 16 42.05 -33.60 -23.77
N VAL FA 17 41.02 -32.78 -23.98
CA VAL FA 17 41.25 -31.42 -24.48
C VAL FA 17 41.94 -30.57 -23.41
N GLU FA 18 41.58 -30.74 -22.14
CA GLU FA 18 42.25 -30.02 -21.07
C GLU FA 18 43.71 -30.43 -20.93
N ALA FA 19 44.00 -31.74 -21.02
CA ALA FA 19 45.37 -32.22 -20.98
C ALA FA 19 46.16 -31.74 -22.20
N ALA FA 20 45.54 -31.77 -23.38
CA ALA FA 20 46.21 -31.35 -24.60
C ALA FA 20 46.40 -29.83 -24.66
N ASP FA 21 45.65 -29.09 -23.86
CA ASP FA 21 45.89 -27.66 -23.74
C ASP FA 21 46.99 -27.36 -22.73
N ALA FA 22 46.97 -28.05 -21.58
CA ALA FA 22 47.99 -27.81 -20.56
C ALA FA 22 49.36 -28.31 -20.99
N MET FA 23 49.42 -29.33 -21.86
CA MET FA 23 50.72 -29.79 -22.35
C MET FA 23 51.36 -28.77 -23.27
N VAL FA 24 50.59 -28.19 -24.21
CA VAL FA 24 51.17 -27.21 -25.11
C VAL FA 24 51.29 -25.83 -24.50
N LYS FA 25 50.66 -25.59 -23.35
CA LYS FA 25 50.96 -24.39 -22.59
C LYS FA 25 52.10 -24.58 -21.60
N ALA FA 26 52.42 -25.83 -21.23
CA ALA FA 26 53.44 -26.06 -20.21
C ALA FA 26 54.85 -25.87 -20.75
N ALA FA 27 55.15 -26.41 -21.92
CA ALA FA 27 56.50 -26.30 -22.47
C ALA FA 27 56.40 -26.30 -23.99
N LYS FA 28 57.55 -26.43 -24.66
CA LYS FA 28 57.60 -26.40 -26.12
C LYS FA 28 57.42 -27.83 -26.64
N VAL FA 29 56.16 -28.22 -26.81
CA VAL FA 29 55.83 -29.51 -27.40
C VAL FA 29 54.96 -29.25 -28.62
N GLU FA 30 54.57 -30.31 -29.31
CA GLU FA 30 53.69 -30.19 -30.47
C GLU FA 30 52.59 -31.23 -30.35
N LEU FA 31 51.36 -30.78 -30.17
CA LEU FA 31 50.20 -31.68 -30.18
C LEU FA 31 49.98 -32.14 -31.61
N ILE FA 32 50.44 -33.35 -31.91
CA ILE FA 32 50.37 -33.81 -33.29
C ILE FA 32 48.98 -34.29 -33.66
N GLY FA 33 48.22 -34.78 -32.68
CA GLY FA 33 46.89 -35.29 -32.97
C GLY FA 33 46.27 -35.95 -31.76
N TYR FA 34 45.38 -36.90 -32.03
CA TYR FA 34 44.65 -37.58 -30.97
C TYR FA 34 44.16 -38.90 -31.53
N GLU FA 35 44.19 -39.94 -30.68
CA GLU FA 35 43.86 -41.29 -31.09
C GLU FA 35 42.57 -41.74 -30.41
N LYS FA 36 41.64 -42.27 -31.19
CA LYS FA 36 40.33 -42.69 -30.70
C LYS FA 36 40.25 -44.21 -30.78
N THR FA 37 40.53 -44.87 -29.65
CA THR FA 37 40.51 -46.33 -29.58
C THR FA 37 39.13 -46.89 -29.29
N GLY FA 38 38.10 -46.06 -29.23
CA GLY FA 38 36.76 -46.52 -28.99
C GLY FA 38 36.48 -46.76 -27.51
N GLY FA 39 35.19 -46.81 -27.19
CA GLY FA 39 34.78 -47.01 -25.80
C GLY FA 39 34.93 -45.80 -24.92
N GLY FA 40 35.20 -44.63 -25.50
CA GLY FA 40 35.38 -43.41 -24.74
C GLY FA 40 36.81 -43.07 -24.42
N TYR FA 41 37.74 -44.00 -24.65
CA TYR FA 41 39.16 -43.73 -24.45
C TYR FA 41 39.69 -42.90 -25.60
N VAL FA 42 40.27 -41.74 -25.30
CA VAL FA 42 40.95 -40.93 -26.29
C VAL FA 42 42.32 -40.54 -25.74
N THR FA 43 43.32 -40.52 -26.61
CA THR FA 43 44.70 -40.34 -26.21
C THR FA 43 45.30 -39.13 -26.92
N ALA FA 44 45.76 -38.16 -26.15
CA ALA FA 44 46.45 -36.99 -26.69
C ALA FA 44 47.95 -37.25 -26.69
N VAL FA 45 48.59 -36.91 -27.81
CA VAL FA 45 49.98 -37.27 -28.09
C VAL FA 45 50.74 -35.98 -28.40
N VAL FA 46 51.68 -35.63 -27.53
CA VAL FA 46 52.62 -34.54 -27.80
C VAL FA 46 53.98 -35.14 -28.11
N ARG FA 47 54.81 -34.36 -28.78
CA ARG FA 47 56.08 -34.90 -29.25
C ARG FA 47 57.11 -33.78 -29.33
N GLY FA 48 58.12 -33.88 -28.48
CA GLY FA 48 59.19 -32.91 -28.42
C GLY FA 48 60.35 -33.45 -27.60
N ASP FA 49 61.33 -32.59 -27.35
CA ASP FA 49 62.51 -33.01 -26.59
C ASP FA 49 62.15 -33.33 -25.14
N VAL FA 50 63.04 -34.08 -24.48
CA VAL FA 50 62.64 -34.95 -23.37
C VAL FA 50 62.31 -34.15 -22.11
N ALA FA 51 62.99 -33.02 -21.86
CA ALA FA 51 62.66 -32.24 -20.68
C ALA FA 51 61.35 -31.48 -20.87
N ALA FA 52 61.08 -31.03 -22.10
CA ALA FA 52 59.84 -30.32 -22.37
C ALA FA 52 58.63 -31.25 -22.28
N VAL FA 53 58.73 -32.46 -22.82
CA VAL FA 53 57.62 -33.39 -22.69
C VAL FA 53 57.52 -33.94 -21.28
N LYS FA 54 58.65 -34.01 -20.55
CA LYS FA 54 58.63 -34.49 -19.18
C LYS FA 54 57.99 -33.47 -18.25
N ALA FA 55 58.09 -32.18 -18.57
CA ALA FA 55 57.34 -31.17 -17.84
C ALA FA 55 55.89 -31.07 -18.32
N ALA FA 56 55.68 -31.27 -19.63
CA ALA FA 56 54.37 -31.08 -20.22
C ALA FA 56 53.40 -32.17 -19.76
N THR FA 57 53.84 -33.42 -19.68
CA THR FA 57 52.95 -34.48 -19.26
C THR FA 57 52.62 -34.38 -17.77
N GLU FA 58 53.58 -33.99 -16.94
CA GLU FA 58 53.30 -33.86 -15.52
C GLU FA 58 52.50 -32.59 -15.20
N ALA FA 59 52.46 -31.63 -16.12
CA ALA FA 59 51.50 -30.53 -15.96
C ALA FA 59 50.12 -30.89 -16.53
N GLY FA 60 50.08 -31.62 -17.64
CA GLY FA 60 48.82 -31.97 -18.25
C GLY FA 60 48.05 -33.03 -17.50
N GLN FA 61 48.73 -33.97 -16.87
CA GLN FA 61 48.09 -34.92 -15.97
C GLN FA 61 47.50 -34.21 -14.75
N ARG FA 62 48.26 -33.25 -14.20
CA ARG FA 62 47.78 -32.51 -13.04
C ARG FA 62 46.58 -31.63 -13.39
N ALA FA 63 46.54 -31.10 -14.62
CA ALA FA 63 45.38 -30.34 -15.03
C ALA FA 63 44.23 -31.21 -15.50
N ALA FA 64 44.48 -32.47 -15.86
CA ALA FA 64 43.44 -33.35 -16.38
C ALA FA 64 42.79 -34.24 -15.33
N GLU FA 65 43.43 -34.41 -14.17
CA GLU FA 65 42.79 -35.17 -13.10
C GLU FA 65 41.66 -34.40 -12.44
N ARG FA 66 41.66 -33.07 -12.57
CA ARG FA 66 40.62 -32.26 -11.96
C ARG FA 66 39.33 -32.23 -12.80
N VAL FA 67 39.39 -32.63 -14.06
CA VAL FA 67 38.26 -32.49 -14.97
C VAL FA 67 37.71 -33.81 -15.47
N GLY FA 68 38.46 -34.90 -15.40
CA GLY FA 68 38.00 -36.18 -15.94
C GLY FA 68 38.66 -37.35 -15.25
N GLU FA 69 38.90 -38.40 -16.02
CA GLU FA 69 39.53 -39.62 -15.52
C GLU FA 69 40.73 -39.96 -16.39
N VAL FA 70 41.91 -39.96 -15.78
CA VAL FA 70 43.15 -40.22 -16.50
C VAL FA 70 43.48 -41.70 -16.36
N VAL FA 71 43.71 -42.37 -17.48
CA VAL FA 71 43.98 -43.80 -17.50
C VAL FA 71 45.47 -44.09 -17.44
N ALA FA 72 46.26 -43.48 -18.32
CA ALA FA 72 47.68 -43.78 -18.41
C ALA FA 72 48.46 -42.55 -18.85
N VAL FA 73 49.62 -42.35 -18.21
CA VAL FA 73 50.55 -41.26 -18.53
C VAL FA 73 51.93 -41.89 -18.66
N HIS FA 74 52.59 -41.66 -19.80
CA HIS FA 74 53.92 -42.21 -19.99
C HIS FA 74 54.71 -41.36 -20.96
N VAL FA 75 56.02 -41.25 -20.72
CA VAL FA 75 56.93 -40.47 -21.55
C VAL FA 75 58.01 -41.42 -22.07
N ILE FA 76 58.23 -41.40 -23.37
CA ILE FA 76 59.27 -42.20 -24.01
C ILE FA 76 60.36 -41.24 -24.49
N PRO FA 77 61.58 -41.31 -23.92
CA PRO FA 77 62.61 -40.32 -24.30
C PRO FA 77 63.14 -40.49 -25.70
N ARG FA 78 63.43 -41.72 -26.12
CA ARG FA 78 63.87 -41.99 -27.50
C ARG FA 78 63.11 -43.22 -27.98
N PRO FA 79 62.00 -43.02 -28.68
CA PRO FA 79 61.28 -44.17 -29.23
C PRO FA 79 62.02 -44.77 -30.41
N HIS FA 80 61.89 -46.09 -30.55
CA HIS FA 80 62.54 -46.80 -31.63
C HIS FA 80 61.88 -46.44 -32.95
N VAL FA 81 62.66 -46.56 -34.04
CA VAL FA 81 62.21 -46.08 -35.35
C VAL FA 81 61.06 -46.94 -35.89
N ASN FA 82 60.94 -48.19 -35.46
CA ASN FA 82 59.82 -49.01 -35.89
C ASN FA 82 58.53 -48.58 -35.22
N VAL FA 83 58.61 -48.01 -34.02
CA VAL FA 83 57.43 -47.48 -33.34
C VAL FA 83 56.91 -46.25 -34.07
N ASP FA 84 57.81 -45.40 -34.56
CA ASP FA 84 57.39 -44.28 -35.39
C ASP FA 84 56.89 -44.75 -36.75
N ALA FA 85 57.43 -45.85 -37.26
CA ALA FA 85 57.02 -46.32 -38.58
C ALA FA 85 55.66 -47.01 -38.56
N ALA FA 86 55.31 -47.69 -37.48
CA ALA FA 86 54.08 -48.47 -37.42
C ALA FA 86 52.92 -47.74 -36.76
N LEU FA 87 53.17 -46.99 -35.70
CA LEU FA 87 52.14 -46.33 -34.92
C LEU FA 87 51.98 -44.88 -35.34
N PRO FA 88 50.76 -44.33 -35.37
CA PRO FA 88 50.54 -42.94 -35.82
C PRO FA 88 50.93 -41.89 -34.77
N LEU FA 89 52.22 -41.56 -34.74
CA LEU FA 89 52.75 -40.74 -33.65
C LEU FA 89 53.29 -39.39 -34.09
N GLY FA 90 53.30 -39.08 -35.38
CA GLY FA 90 53.64 -37.76 -35.86
C GLY FA 90 54.87 -37.67 -36.73
N ARG FA 91 55.75 -38.67 -36.70
CA ARG FA 91 56.97 -38.66 -37.50
C ARG FA 91 57.00 -39.83 -38.47
N THR FA 92 55.88 -40.10 -39.12
CA THR FA 92 55.80 -41.17 -40.09
C THR FA 92 56.54 -40.77 -41.36
N PRO FA 93 57.54 -41.53 -41.82
CA PRO FA 93 58.32 -41.22 -43.03
C PRO FA 93 57.50 -41.30 -44.31
N ALA GA 2 41.36 -19.10 -30.27
CA ALA GA 2 40.69 -17.84 -30.57
C ALA GA 2 39.63 -17.53 -29.54
N ASP GA 3 38.39 -17.94 -29.82
CA ASP GA 3 37.31 -17.74 -28.87
C ASP GA 3 37.43 -18.72 -27.72
N ALA GA 4 36.72 -18.42 -26.63
CA ALA GA 4 36.71 -19.30 -25.47
C ALA GA 4 35.91 -20.56 -25.76
N LEU GA 5 36.26 -21.63 -25.06
CA LEU GA 5 35.79 -22.98 -25.33
C LEU GA 5 34.90 -23.47 -24.19
N GLY GA 6 33.86 -24.21 -24.54
CA GLY GA 6 33.01 -24.81 -23.52
C GLY GA 6 32.52 -26.17 -23.95
N MET GA 7 32.50 -27.14 -23.04
CA MET GA 7 32.20 -28.51 -23.39
C MET GA 7 31.31 -29.16 -22.36
N ILE GA 8 30.32 -29.92 -22.83
CA ILE GA 8 29.53 -30.80 -21.99
C ILE GA 8 29.64 -32.19 -22.56
N GLU GA 9 30.15 -33.14 -21.76
CA GLU GA 9 30.23 -34.52 -22.18
C GLU GA 9 29.17 -35.30 -21.43
N VAL GA 10 28.31 -36.01 -22.17
CA VAL GA 10 27.23 -36.78 -21.61
C VAL GA 10 27.34 -38.19 -22.17
N ARG GA 11 27.16 -39.20 -21.30
CA ARG GA 11 26.98 -40.57 -21.77
C ARG GA 11 25.53 -40.70 -22.23
N GLY GA 12 25.28 -40.28 -23.45
CA GLY GA 12 23.93 -40.28 -23.97
C GLY GA 12 23.65 -39.14 -24.93
N PHE GA 13 22.94 -39.44 -26.01
CA PHE GA 13 22.63 -38.41 -27.00
C PHE GA 13 21.55 -37.46 -26.49
N VAL GA 14 20.64 -37.95 -25.65
CA VAL GA 14 19.52 -37.13 -25.19
C VAL GA 14 20.01 -36.06 -24.22
N GLY GA 15 20.88 -36.44 -23.29
CA GLY GA 15 21.48 -35.46 -22.39
C GLY GA 15 22.36 -34.46 -23.12
N MET GA 16 23.01 -34.89 -24.21
CA MET GA 16 23.82 -33.97 -24.99
C MET GA 16 22.95 -32.98 -25.75
N VAL GA 17 21.80 -33.42 -26.25
CA VAL GA 17 20.92 -32.48 -26.96
C VAL GA 17 20.27 -31.52 -25.97
N GLU GA 18 19.93 -31.99 -24.77
CA GLU GA 18 19.40 -31.08 -23.76
C GLU GA 18 20.46 -30.09 -23.28
N ALA GA 19 21.71 -30.52 -23.16
CA ALA GA 19 22.80 -29.60 -22.83
C ALA GA 19 23.03 -28.59 -23.94
N ALA GA 20 23.04 -29.04 -25.19
CA ALA GA 20 23.26 -28.15 -26.32
C ALA GA 20 22.07 -27.23 -26.57
N ASP GA 21 20.90 -27.59 -26.06
CA ASP GA 21 19.74 -26.70 -26.11
C ASP GA 21 19.70 -25.73 -24.95
N ALA GA 22 20.29 -26.10 -23.82
CA ALA GA 22 20.35 -25.19 -22.69
C ALA GA 22 21.54 -24.23 -22.75
N MET GA 23 22.58 -24.56 -23.53
CA MET GA 23 23.72 -23.67 -23.62
C MET GA 23 23.44 -22.48 -24.53
N VAL GA 24 23.02 -22.74 -25.77
CA VAL GA 24 22.83 -21.66 -26.75
C VAL GA 24 21.59 -20.84 -26.48
N LYS GA 25 20.74 -21.26 -25.56
CA LYS GA 25 19.54 -20.52 -25.21
C LYS GA 25 19.75 -19.65 -23.98
N ALA GA 26 20.78 -19.93 -23.19
CA ALA GA 26 21.07 -19.17 -21.98
C ALA GA 26 22.29 -18.27 -22.14
N ALA GA 27 22.88 -18.20 -23.33
CA ALA GA 27 24.02 -17.33 -23.61
C ALA GA 27 24.17 -17.21 -25.13
N LYS GA 28 25.05 -16.31 -25.55
CA LYS GA 28 25.25 -16.02 -26.98
C LYS GA 28 26.44 -16.82 -27.52
N VAL GA 29 26.58 -18.05 -27.06
CA VAL GA 29 27.62 -18.95 -27.55
C VAL GA 29 27.20 -19.53 -28.88
N GLU GA 30 28.13 -20.18 -29.58
CA GLU GA 30 27.86 -20.81 -30.85
C GLU GA 30 28.14 -22.30 -30.72
N LEU GA 31 27.11 -23.13 -30.94
CA LEU GA 31 27.26 -24.57 -30.91
C LEU GA 31 27.89 -25.02 -32.23
N ILE GA 32 29.15 -25.44 -32.19
CA ILE GA 32 29.82 -25.86 -33.42
C ILE GA 32 29.57 -27.32 -33.74
N GLY GA 33 29.22 -28.13 -32.75
CA GLY GA 33 28.87 -29.51 -33.02
C GLY GA 33 29.14 -30.38 -31.80
N TYR GA 34 29.37 -31.66 -32.08
CA TYR GA 34 29.54 -32.67 -31.04
C TYR GA 34 30.53 -33.71 -31.53
N GLU GA 35 31.31 -34.24 -30.59
CA GLU GA 35 32.32 -35.26 -30.87
C GLU GA 35 31.88 -36.59 -30.28
N LYS GA 36 31.96 -37.63 -31.09
CA LYS GA 36 31.54 -38.99 -30.73
C LYS GA 36 32.79 -39.83 -30.47
N THR GA 37 33.15 -39.97 -29.19
CA THR GA 37 34.30 -40.78 -28.82
C THR GA 37 33.97 -42.25 -28.61
N GLY GA 38 32.78 -42.68 -29.03
CA GLY GA 38 32.39 -44.07 -28.93
C GLY GA 38 32.02 -44.49 -27.52
N GLY GA 39 31.31 -45.61 -27.44
CA GLY GA 39 30.95 -46.16 -26.15
C GLY GA 39 29.84 -45.43 -25.42
N GLY GA 40 29.12 -44.54 -26.10
CA GLY GA 40 28.03 -43.80 -25.51
C GLY GA 40 28.36 -42.37 -25.16
N TYR GA 41 29.64 -42.02 -25.11
CA TYR GA 41 30.06 -40.68 -24.74
C TYR GA 41 29.96 -39.76 -25.94
N VAL GA 42 29.27 -38.63 -25.78
CA VAL GA 42 29.23 -37.59 -26.79
C VAL GA 42 29.46 -36.25 -26.11
N THR GA 43 30.23 -35.38 -26.78
CA THR GA 43 30.64 -34.10 -26.20
C THR GA 43 30.14 -32.97 -27.08
N ALA GA 44 29.20 -32.17 -26.56
CA ALA GA 44 28.76 -30.97 -27.24
C ALA GA 44 29.72 -29.84 -26.94
N VAL GA 45 30.09 -29.09 -27.99
CA VAL GA 45 31.12 -28.07 -27.91
C VAL GA 45 30.52 -26.73 -28.32
N VAL GA 46 30.49 -25.79 -27.39
CA VAL GA 46 30.11 -24.41 -27.67
C VAL GA 46 31.36 -23.56 -27.64
N ARG GA 47 31.27 -22.38 -28.26
CA ARG GA 47 32.48 -21.57 -28.44
C ARG GA 47 32.10 -20.11 -28.57
N GLY GA 48 32.53 -19.31 -27.61
CA GLY GA 48 32.27 -17.89 -27.59
C GLY GA 48 33.15 -17.25 -26.53
N ASP GA 49 32.92 -15.95 -26.29
CA ASP GA 49 33.72 -15.24 -25.31
C ASP GA 49 33.42 -15.75 -23.89
N VAL GA 50 34.36 -15.46 -22.98
CA VAL GA 50 34.55 -16.28 -21.78
C VAL GA 50 33.39 -16.16 -20.79
N ALA GA 51 32.74 -14.99 -20.70
CA ALA GA 51 31.59 -14.86 -19.82
C ALA GA 51 30.39 -15.63 -20.35
N ALA GA 52 30.23 -15.64 -21.68
CA ALA GA 52 29.12 -16.35 -22.29
C ALA GA 52 29.26 -17.85 -22.14
N VAL GA 53 30.46 -18.39 -22.37
CA VAL GA 53 30.63 -19.83 -22.19
C VAL GA 53 30.63 -20.20 -20.72
N LYS GA 54 31.07 -19.30 -19.84
CA LYS GA 54 31.07 -19.59 -18.41
C LYS GA 54 29.65 -19.59 -17.86
N ALA GA 55 28.75 -18.82 -18.47
CA ALA GA 55 27.33 -18.93 -18.10
C ALA GA 55 26.66 -20.11 -18.78
N ALA GA 56 27.03 -20.39 -20.04
CA ALA GA 56 26.34 -21.41 -20.82
C ALA GA 56 26.64 -22.81 -20.32
N THR GA 57 27.89 -23.08 -19.92
CA THR GA 57 28.21 -24.42 -19.42
C THR GA 57 27.57 -24.67 -18.06
N GLU GA 58 27.52 -23.67 -17.20
CA GLU GA 58 26.87 -23.88 -15.90
C GLU GA 58 25.36 -23.83 -16.00
N ALA GA 59 24.81 -23.37 -17.12
CA ALA GA 59 23.38 -23.58 -17.37
C ALA GA 59 23.12 -24.97 -17.95
N GLY GA 60 23.95 -25.40 -18.90
CA GLY GA 60 23.73 -26.67 -19.55
C GLY GA 60 24.05 -27.87 -18.67
N GLN GA 61 24.96 -27.71 -17.71
CA GLN GA 61 25.20 -28.77 -16.76
C GLN GA 61 24.03 -28.91 -15.79
N ARG GA 62 23.50 -27.78 -15.33
CA ARG GA 62 22.36 -27.81 -14.41
C ARG GA 62 21.10 -28.32 -15.09
N ALA GA 63 20.97 -28.11 -16.40
CA ALA GA 63 19.84 -28.64 -17.13
C ALA GA 63 20.09 -30.01 -17.76
N ALA GA 64 21.33 -30.49 -17.75
CA ALA GA 64 21.66 -31.78 -18.35
C ALA GA 64 21.91 -32.88 -17.33
N GLU GA 65 22.04 -32.55 -16.04
CA GLU GA 65 22.04 -33.56 -15.00
C GLU GA 65 20.64 -34.08 -14.71
N ARG GA 66 19.60 -33.36 -15.14
CA ARG GA 66 18.23 -33.78 -14.90
C ARG GA 66 17.80 -34.92 -15.83
N VAL GA 67 18.47 -35.11 -16.96
CA VAL GA 67 18.05 -36.11 -17.93
C VAL GA 67 19.09 -37.20 -18.16
N GLY GA 68 20.37 -36.97 -17.88
CA GLY GA 68 21.36 -37.96 -18.20
C GLY GA 68 22.47 -38.11 -17.18
N GLU GA 69 23.65 -38.50 -17.63
CA GLU GA 69 24.81 -38.72 -16.78
C GLU GA 69 25.92 -37.82 -17.29
N VAL GA 70 26.10 -36.66 -16.66
CA VAL GA 70 27.08 -35.68 -17.11
C VAL GA 70 28.46 -36.10 -16.61
N VAL GA 71 29.37 -36.36 -17.55
CA VAL GA 71 30.69 -36.88 -17.21
C VAL GA 71 31.68 -35.76 -16.89
N ALA GA 72 31.83 -34.78 -17.78
CA ALA GA 72 32.85 -33.77 -17.60
C ALA GA 72 32.38 -32.44 -18.16
N VAL GA 73 32.60 -31.36 -17.39
CA VAL GA 73 32.29 -30.00 -17.78
C VAL GA 73 33.53 -29.15 -17.56
N HIS GA 74 33.96 -28.42 -18.59
CA HIS GA 74 35.15 -27.59 -18.43
C HIS GA 74 35.11 -26.44 -19.43
N VAL GA 75 35.68 -25.30 -19.03
CA VAL GA 75 35.72 -24.08 -19.81
C VAL GA 75 37.17 -23.67 -20.02
N ILE GA 76 37.55 -23.44 -21.27
CA ILE GA 76 38.91 -22.98 -21.58
C ILE GA 76 38.81 -21.57 -22.17
N PRO GA 77 39.31 -20.54 -21.48
CA PRO GA 77 39.18 -19.16 -22.00
C PRO GA 77 40.06 -18.87 -23.21
N ARG GA 78 41.32 -19.29 -23.18
CA ARG GA 78 42.16 -19.32 -24.37
C ARG GA 78 42.64 -20.74 -24.61
N PRO GA 79 42.06 -21.46 -25.55
CA PRO GA 79 42.75 -22.64 -26.08
C PRO GA 79 43.95 -22.19 -26.91
N HIS GA 80 45.05 -22.91 -26.77
CA HIS GA 80 46.25 -22.61 -27.53
C HIS GA 80 46.01 -22.90 -29.01
N VAL GA 81 46.80 -22.25 -29.87
CA VAL GA 81 46.58 -22.34 -31.31
C VAL GA 81 46.89 -23.75 -31.84
N ASN GA 82 47.73 -24.51 -31.15
CA ASN GA 82 47.97 -25.90 -31.54
C ASN GA 82 46.76 -26.76 -31.20
N VAL GA 83 45.98 -26.39 -30.18
CA VAL GA 83 44.79 -27.15 -29.84
C VAL GA 83 43.70 -26.95 -30.89
N ASP GA 84 43.50 -25.71 -31.34
CA ASP GA 84 42.55 -25.47 -32.41
C ASP GA 84 43.07 -25.95 -33.77
N ALA GA 85 44.38 -26.10 -33.91
CA ALA GA 85 44.92 -26.63 -35.16
C ALA GA 85 44.83 -28.14 -35.23
N ALA GA 86 44.97 -28.83 -34.10
CA ALA GA 86 44.97 -30.30 -34.07
C ALA GA 86 43.60 -30.89 -33.78
N LEU GA 87 42.94 -30.41 -32.73
CA LEU GA 87 41.66 -30.96 -32.32
C LEU GA 87 40.51 -30.30 -33.09
N PRO GA 88 39.49 -31.06 -33.49
CA PRO GA 88 38.36 -30.48 -34.24
C PRO GA 88 37.38 -29.71 -33.33
N LEU GA 89 37.75 -28.47 -33.05
CA LEU GA 89 36.98 -27.66 -32.11
C LEU GA 89 36.26 -26.50 -32.77
N GLY GA 90 36.15 -26.50 -34.09
CA GLY GA 90 35.36 -25.53 -34.81
C GLY GA 90 36.14 -24.41 -35.45
N ARG GA 91 37.37 -24.16 -35.02
CA ARG GA 91 38.13 -23.06 -35.58
C ARG GA 91 39.44 -23.52 -36.21
N THR GA 92 39.38 -24.60 -36.99
CA THR GA 92 40.56 -25.09 -37.68
C THR GA 92 40.88 -24.17 -38.85
N PRO GA 93 42.07 -23.56 -38.90
CA PRO GA 93 42.47 -22.62 -39.96
C PRO GA 93 42.58 -23.27 -41.34
N ALA HA 2 38.74 1.84 -24.24
CA ALA HA 2 38.26 0.82 -25.16
C ALA HA 2 37.82 -0.43 -24.39
N ASP HA 3 38.78 -1.13 -23.82
CA ASP HA 3 38.51 -2.35 -23.07
C ASP HA 3 38.86 -2.15 -21.60
N ALA HA 4 38.55 -3.17 -20.79
CA ALA HA 4 38.80 -3.09 -19.36
C ALA HA 4 40.29 -3.21 -19.07
N LEU HA 5 40.66 -2.83 -17.85
CA LEU HA 5 42.04 -2.66 -17.46
C LEU HA 5 42.42 -3.71 -16.42
N GLY HA 6 43.63 -4.24 -16.53
CA GLY HA 6 44.10 -5.18 -15.53
C GLY HA 6 45.54 -4.92 -15.18
N MET HA 7 45.88 -4.93 -13.89
CA MET HA 7 47.20 -4.56 -13.45
C MET HA 7 47.70 -5.50 -12.37
N ILE HA 8 48.96 -5.90 -12.48
CA ILE HA 8 49.66 -6.58 -11.40
C ILE HA 8 50.92 -5.78 -11.13
N GLU HA 9 51.00 -5.18 -9.94
CA GLU HA 9 52.21 -4.51 -9.52
C GLU HA 9 53.02 -5.42 -8.62
N VAL HA 10 54.29 -5.62 -8.96
CA VAL HA 10 55.18 -6.50 -8.21
C VAL HA 10 56.42 -5.71 -7.86
N ARG HA 11 56.84 -5.79 -6.60
CA ARG HA 11 58.19 -5.38 -6.23
C ARG HA 11 59.16 -6.42 -6.73
N GLY HA 12 59.62 -6.28 -7.97
CA GLY HA 12 60.44 -7.29 -8.58
C GLY HA 12 60.05 -7.54 -10.02
N PHE HA 13 61.06 -7.65 -10.89
CA PHE HA 13 60.79 -7.85 -12.31
C PHE HA 13 60.34 -9.26 -12.61
N VAL HA 14 60.84 -10.24 -11.86
CA VAL HA 14 60.59 -11.65 -12.16
C VAL HA 14 59.15 -12.03 -11.83
N GLY HA 15 58.64 -11.56 -10.68
CA GLY HA 15 57.25 -11.78 -10.35
C GLY HA 15 56.30 -11.10 -11.32
N MET HA 16 56.70 -9.94 -11.85
CA MET HA 16 55.88 -9.27 -12.85
C MET HA 16 55.89 -10.01 -14.17
N VAL HA 17 57.01 -10.64 -14.53
CA VAL HA 17 57.04 -11.41 -15.78
C VAL HA 17 56.22 -12.68 -15.65
N GLU HA 18 56.28 -13.34 -14.49
CA GLU HA 18 55.42 -14.51 -14.27
C GLU HA 18 53.95 -14.12 -14.25
N ALA HA 19 53.62 -12.96 -13.67
CA ALA HA 19 52.24 -12.47 -13.70
C ALA HA 19 51.80 -12.14 -15.11
N ALA HA 20 52.66 -11.49 -15.90
CA ALA HA 20 52.31 -11.13 -17.26
C ALA HA 20 52.21 -12.34 -18.17
N ASP HA 21 52.91 -13.42 -17.83
CA ASP HA 21 52.75 -14.67 -18.58
C ASP HA 21 51.45 -15.38 -18.21
N ALA HA 22 51.14 -15.45 -16.91
CA ALA HA 22 49.94 -16.15 -16.47
C ALA HA 22 48.67 -15.42 -16.87
N MET HA 23 48.72 -14.08 -16.99
CA MET HA 23 47.55 -13.34 -17.43
C MET HA 23 47.23 -13.61 -18.89
N VAL HA 24 48.24 -13.60 -19.76
CA VAL HA 24 47.97 -13.83 -21.18
C VAL HA 24 47.77 -15.31 -21.48
N LYS HA 25 48.19 -16.21 -20.61
CA LYS HA 25 47.81 -17.61 -20.78
C LYS HA 25 46.44 -17.91 -20.19
N ALA HA 26 45.96 -17.09 -19.25
CA ALA HA 26 44.70 -17.40 -18.59
C ALA HA 26 43.50 -17.13 -19.48
N ALA HA 27 43.39 -15.91 -20.01
CA ALA HA 27 42.22 -15.55 -20.81
C ALA HA 27 42.65 -14.53 -21.87
N LYS HA 28 41.71 -14.21 -22.76
CA LYS HA 28 42.00 -13.43 -23.96
C LYS HA 28 42.17 -11.96 -23.57
N VAL HA 29 43.40 -11.61 -23.24
CA VAL HA 29 43.77 -10.25 -22.88
C VAL HA 29 44.85 -9.78 -23.84
N GLU HA 30 45.34 -8.56 -23.66
CA GLU HA 30 46.44 -8.04 -24.46
C GLU HA 30 47.40 -7.33 -23.52
N LEU HA 31 48.58 -7.91 -23.32
CA LEU HA 31 49.63 -7.32 -22.50
C LEU HA 31 50.21 -6.12 -23.23
N ILE HA 32 49.77 -4.91 -22.87
CA ILE HA 32 50.26 -3.73 -23.55
C ILE HA 32 51.64 -3.33 -23.06
N GLY HA 33 52.05 -3.80 -21.90
CA GLY HA 33 53.40 -3.56 -21.45
C GLY HA 33 53.46 -3.45 -19.94
N TYR HA 34 54.40 -2.62 -19.49
CA TYR HA 34 54.76 -2.55 -18.08
C TYR HA 34 55.24 -1.13 -17.78
N GLU HA 35 54.95 -0.68 -16.58
CA GLU HA 35 55.31 0.65 -16.11
C GLU HA 35 56.31 0.52 -14.97
N LYS HA 36 57.38 1.31 -15.04
CA LYS HA 36 58.46 1.28 -14.06
C LYS HA 36 58.38 2.56 -13.23
N THR HA 37 57.79 2.46 -12.04
CA THR HA 37 57.67 3.61 -11.16
C THR HA 37 58.89 3.80 -10.26
N GLY HA 38 59.96 3.05 -10.50
CA GLY HA 38 61.18 3.20 -9.74
C GLY HA 38 61.10 2.60 -8.36
N GLY HA 39 62.27 2.40 -7.75
CA GLY HA 39 62.33 1.81 -6.44
C GLY HA 39 62.08 0.32 -6.39
N GLY HA 40 62.11 -0.35 -7.53
CA GLY HA 40 61.91 -1.78 -7.58
C GLY HA 40 60.51 -2.22 -7.96
N TYR HA 41 59.60 -1.28 -8.19
CA TYR HA 41 58.20 -1.61 -8.47
C TYR HA 41 57.98 -1.59 -9.97
N VAL HA 42 57.39 -2.66 -10.50
CA VAL HA 42 57.01 -2.71 -11.91
C VAL HA 42 55.58 -3.23 -12.01
N THR HA 43 54.82 -2.66 -12.94
CA THR HA 43 53.40 -2.96 -13.09
C THR HA 43 53.13 -3.50 -14.48
N ALA HA 44 52.64 -4.74 -14.56
CA ALA HA 44 52.20 -5.32 -15.82
C ALA HA 44 50.76 -4.95 -16.07
N VAL HA 45 50.45 -4.52 -17.30
CA VAL HA 45 49.13 -4.03 -17.65
C VAL HA 45 48.58 -4.84 -18.81
N VAL HA 46 47.44 -5.50 -18.60
CA VAL HA 46 46.73 -6.21 -19.65
C VAL HA 46 45.43 -5.48 -19.93
N ARG HA 47 44.84 -5.76 -21.09
CA ARG HA 47 43.69 -4.98 -21.52
C ARG HA 47 42.83 -5.79 -22.48
N GLY HA 48 41.72 -6.32 -21.95
CA GLY HA 48 40.69 -7.01 -22.73
C GLY HA 48 39.35 -6.70 -22.07
N ASP HA 49 38.29 -7.45 -22.38
CA ASP HA 49 37.02 -7.19 -21.71
C ASP HA 49 37.07 -7.70 -20.26
N VAL HA 50 36.07 -7.31 -19.48
CA VAL HA 50 36.19 -7.37 -18.03
C VAL HA 50 36.13 -8.80 -17.49
N ALA HA 51 35.51 -9.72 -18.23
CA ALA HA 51 35.52 -11.11 -17.79
C ALA HA 51 36.87 -11.76 -18.01
N ALA HA 52 37.49 -11.49 -19.17
CA ALA HA 52 38.80 -12.06 -19.46
C ALA HA 52 39.88 -11.49 -18.55
N VAL HA 53 39.87 -10.17 -18.31
CA VAL HA 53 40.86 -9.62 -17.39
C VAL HA 53 40.52 -9.97 -15.95
N LYS HA 54 39.25 -10.22 -15.64
CA LYS HA 54 38.89 -10.59 -14.28
C LYS HA 54 39.33 -12.01 -13.96
N ALA HA 55 39.36 -12.90 -14.96
CA ALA HA 55 39.98 -14.21 -14.76
C ALA HA 55 41.50 -14.12 -14.82
N ALA HA 56 42.02 -13.24 -15.69
CA ALA HA 56 43.46 -13.18 -15.93
C ALA HA 56 44.21 -12.60 -14.73
N THR HA 57 43.67 -11.55 -14.11
CA THR HA 57 44.37 -10.95 -12.97
C THR HA 57 44.30 -11.85 -11.74
N GLU HA 58 43.21 -12.59 -11.55
CA GLU HA 58 43.18 -13.52 -10.43
C GLU HA 58 43.95 -14.79 -10.72
N ALA HA 59 44.33 -15.06 -11.97
CA ALA HA 59 45.34 -16.09 -12.21
C ALA HA 59 46.75 -15.54 -12.03
N GLY HA 60 46.98 -14.29 -12.43
CA GLY HA 60 48.30 -13.71 -12.31
C GLY HA 60 48.70 -13.39 -10.88
N GLN HA 61 47.73 -13.02 -10.05
CA GLN HA 61 47.99 -12.85 -8.63
C GLN HA 61 48.30 -14.19 -7.96
N ARG HA 62 47.63 -15.25 -8.40
CA ARG HA 62 47.89 -16.57 -7.85
C ARG HA 62 49.25 -17.10 -8.29
N ALA HA 63 49.68 -16.75 -9.50
CA ALA HA 63 50.98 -17.22 -9.98
C ALA HA 63 52.14 -16.34 -9.54
N ALA HA 64 51.90 -15.08 -9.21
CA ALA HA 64 52.97 -14.16 -8.88
C ALA HA 64 53.30 -14.11 -7.39
N GLU HA 65 52.37 -14.55 -6.53
CA GLU HA 65 52.68 -14.63 -5.10
C GLU HA 65 53.60 -15.82 -4.79
N ARG HA 66 53.68 -16.81 -5.67
CA ARG HA 66 54.57 -17.93 -5.48
C ARG HA 66 56.02 -17.61 -5.80
N VAL HA 67 56.30 -16.47 -6.42
CA VAL HA 67 57.65 -16.15 -6.87
C VAL HA 67 58.16 -14.84 -6.29
N GLY HA 68 57.27 -13.94 -5.92
CA GLY HA 68 57.67 -12.60 -5.52
C GLY HA 68 56.71 -11.96 -4.54
N GLU HA 69 56.68 -10.63 -4.55
CA GLU HA 69 55.88 -9.82 -3.64
C GLU HA 69 54.90 -9.01 -4.46
N VAL HA 70 53.61 -9.30 -4.31
CA VAL HA 70 52.56 -8.60 -5.05
C VAL HA 70 52.09 -7.42 -4.21
N VAL HA 71 52.16 -6.21 -4.79
CA VAL HA 71 51.79 -5.00 -4.09
C VAL HA 71 50.28 -4.77 -4.20
N ALA HA 72 49.78 -4.72 -5.43
CA ALA HA 72 48.38 -4.34 -5.64
C ALA HA 72 47.83 -4.99 -6.90
N VAL HA 73 46.60 -5.46 -6.82
CA VAL HA 73 45.87 -6.06 -7.94
C VAL HA 73 44.53 -5.36 -8.04
N HIS HA 74 44.18 -4.87 -9.23
CA HIS HA 74 42.89 -4.23 -9.41
C HIS HA 74 42.46 -4.32 -10.88
N VAL HA 75 41.16 -4.42 -11.08
CA VAL HA 75 40.55 -4.44 -12.41
C VAL HA 75 39.55 -3.30 -12.49
N ILE HA 76 39.75 -2.41 -13.47
CA ILE HA 76 38.77 -1.38 -13.79
C ILE HA 76 37.92 -1.89 -14.95
N PRO HA 77 36.60 -2.01 -14.80
CA PRO HA 77 35.77 -2.56 -15.88
C PRO HA 77 35.67 -1.64 -17.08
N ARG HA 78 35.79 -0.35 -16.88
CA ARG HA 78 35.72 0.64 -17.95
C ARG HA 78 36.46 1.88 -17.49
N PRO HA 79 37.71 2.08 -17.92
CA PRO HA 79 38.40 3.31 -17.57
C PRO HA 79 37.81 4.49 -18.34
N HIS HA 80 37.79 5.63 -17.68
CA HIS HA 80 37.28 6.86 -18.27
C HIS HA 80 38.23 7.32 -19.37
N VAL HA 81 37.68 8.13 -20.30
CA VAL HA 81 38.44 8.55 -21.47
C VAL HA 81 39.58 9.49 -21.09
N ASN HA 82 39.49 10.18 -19.95
CA ASN HA 82 40.60 11.00 -19.48
C ASN HA 82 41.73 10.13 -18.95
N VAL HA 83 41.40 8.95 -18.41
CA VAL HA 83 42.43 8.03 -17.94
C VAL HA 83 43.19 7.42 -19.12
N ASP HA 84 42.48 7.05 -20.18
CA ASP HA 84 43.16 6.55 -21.37
C ASP HA 84 43.89 7.66 -22.11
N ALA HA 85 43.44 8.90 -21.98
CA ALA HA 85 44.10 10.01 -22.67
C ALA HA 85 45.26 10.59 -21.90
N ALA HA 86 45.35 10.35 -20.59
CA ALA HA 86 46.41 10.91 -19.77
C ALA HA 86 47.43 9.89 -19.29
N LEU HA 87 47.01 8.67 -18.99
CA LEU HA 87 47.89 7.64 -18.47
C LEU HA 87 48.26 6.66 -19.58
N PRO HA 88 49.52 6.20 -19.65
CA PRO HA 88 49.95 5.28 -20.72
C PRO HA 88 49.47 3.85 -20.50
N LEU HA 89 48.23 3.58 -20.92
CA LEU HA 89 47.59 2.31 -20.64
C LEU HA 89 47.26 1.50 -21.88
N GLY HA 90 47.64 1.95 -23.08
CA GLY HA 90 47.52 1.16 -24.29
C GLY HA 90 46.64 1.79 -25.36
N ARG HA 91 45.66 2.61 -24.95
CA ARG HA 91 44.71 3.19 -25.89
C ARG HA 91 44.87 4.71 -25.97
N THR HA 92 46.11 5.19 -25.98
CA THR HA 92 46.36 6.61 -26.16
C THR HA 92 46.17 6.97 -27.63
N PRO HA 93 45.23 7.88 -27.97
CA PRO HA 93 44.96 8.23 -29.37
C PRO HA 93 46.09 9.04 -30.01
N ALA IA 2 59.97 -18.32 -28.58
CA ALA IA 2 59.86 -19.76 -28.75
C ALA IA 2 60.95 -20.48 -27.97
N ASP IA 3 61.66 -19.74 -27.13
CA ASP IA 3 62.72 -20.28 -26.29
C ASP IA 3 62.31 -20.19 -24.83
N ALA IA 4 62.79 -21.14 -24.04
CA ALA IA 4 62.53 -21.12 -22.60
C ALA IA 4 63.28 -19.98 -21.94
N LEU IA 5 62.74 -19.53 -20.80
CA LEU IA 5 63.17 -18.32 -20.13
C LEU IA 5 63.64 -18.64 -18.72
N GLY IA 6 64.69 -17.97 -18.28
CA GLY IA 6 65.15 -18.12 -16.91
C GLY IA 6 65.63 -16.81 -16.34
N MET IA 7 65.35 -16.54 -15.07
CA MET IA 7 65.66 -15.25 -14.47
C MET IA 7 66.24 -15.41 -13.08
N ILE IA 8 67.19 -14.55 -12.75
CA ILE IA 8 67.70 -14.39 -11.39
C ILE IA 8 67.62 -12.92 -11.05
N GLU IA 9 66.85 -12.57 -10.02
CA GLU IA 9 66.79 -11.19 -9.55
C GLU IA 9 67.60 -11.07 -8.27
N VAL IA 10 68.56 -10.13 -8.26
CA VAL IA 10 69.41 -9.90 -7.10
C VAL IA 10 69.30 -8.42 -6.75
N ARG IA 11 69.16 -8.13 -5.45
CA ARG IA 11 69.33 -6.78 -4.94
C ARG IA 11 70.83 -6.50 -4.87
N GLY IA 12 71.39 -6.10 -6.00
CA GLY IA 12 72.82 -5.86 -6.07
C GLY IA 12 73.44 -6.34 -7.37
N PHE IA 13 74.40 -5.58 -7.87
CA PHE IA 13 75.02 -5.90 -9.16
C PHE IA 13 76.00 -7.04 -9.05
N VAL IA 14 76.66 -7.18 -7.89
CA VAL IA 14 77.70 -8.20 -7.73
C VAL IA 14 77.09 -9.60 -7.71
N GLY IA 15 75.99 -9.76 -6.98
CA GLY IA 15 75.29 -11.03 -6.96
C GLY IA 15 74.70 -11.39 -8.31
N MET IA 16 74.27 -10.40 -9.08
CA MET IA 16 73.75 -10.65 -10.42
C MET IA 16 74.86 -11.07 -11.37
N VAL IA 17 76.06 -10.49 -11.23
CA VAL IA 17 77.17 -10.89 -12.09
C VAL IA 17 77.64 -12.30 -11.76
N GLU IA 18 77.70 -12.64 -10.47
CA GLU IA 18 78.04 -14.02 -10.08
C GLU IA 18 76.97 -15.02 -10.53
N ALA IA 19 75.69 -14.63 -10.45
CA ALA IA 19 74.61 -15.49 -10.91
C ALA IA 19 74.67 -15.70 -12.42
N ALA IA 20 74.94 -14.62 -13.18
CA ALA IA 20 75.03 -14.72 -14.63
C ALA IA 20 76.22 -15.56 -15.05
N ASP IA 21 77.33 -15.44 -14.32
CA ASP IA 21 78.50 -16.28 -14.60
C ASP IA 21 78.21 -17.75 -14.33
N ALA IA 22 77.52 -18.06 -13.24
CA ALA IA 22 77.17 -19.44 -12.95
C ALA IA 22 76.18 -20.00 -13.96
N MET IA 23 75.26 -19.16 -14.44
CA MET IA 23 74.28 -19.62 -15.42
C MET IA 23 74.94 -19.91 -16.77
N VAL IA 24 75.82 -19.00 -17.24
CA VAL IA 24 76.44 -19.25 -18.54
C VAL IA 24 77.58 -20.24 -18.47
N LYS IA 25 78.07 -20.58 -17.27
CA LYS IA 25 79.04 -21.67 -17.20
C LYS IA 25 78.38 -23.04 -17.06
N ALA IA 26 77.33 -23.15 -16.25
CA ALA IA 26 76.79 -24.45 -15.91
C ALA IA 26 75.89 -25.05 -16.98
N ALA IA 27 75.60 -24.33 -18.06
CA ALA IA 27 74.73 -24.84 -19.12
C ALA IA 27 75.00 -24.07 -20.41
N LYS IA 28 74.29 -24.45 -21.46
CA LYS IA 28 74.38 -23.78 -22.75
C LYS IA 28 73.18 -22.84 -22.88
N VAL IA 29 73.28 -21.70 -22.19
CA VAL IA 29 72.23 -20.69 -22.21
C VAL IA 29 72.80 -19.44 -22.87
N GLU IA 30 71.89 -18.55 -23.26
CA GLU IA 30 72.27 -17.28 -23.87
C GLU IA 30 71.84 -16.15 -22.94
N LEU IA 31 72.80 -15.51 -22.30
CA LEU IA 31 72.53 -14.35 -21.46
C LEU IA 31 72.26 -13.16 -22.36
N ILE IA 32 71.01 -12.71 -22.43
CA ILE IA 32 70.65 -11.66 -23.36
C ILE IA 32 70.87 -10.26 -22.79
N GLY IA 33 70.89 -10.10 -21.47
CA GLY IA 33 71.11 -8.79 -20.90
C GLY IA 33 70.81 -8.75 -19.43
N TYR IA 34 70.31 -7.60 -18.97
CA TYR IA 34 69.99 -7.39 -17.57
C TYR IA 34 69.02 -6.22 -17.47
N GLU IA 35 68.08 -6.33 -16.55
CA GLU IA 35 67.02 -5.34 -16.38
C GLU IA 35 67.20 -4.62 -15.05
N LYS IA 36 67.13 -3.29 -15.09
CA LYS IA 36 67.34 -2.43 -13.94
C LYS IA 36 66.03 -1.75 -13.60
N THR IA 37 65.38 -2.19 -12.53
CA THR IA 37 64.09 -1.63 -12.13
C THR IA 37 64.20 -0.64 -10.98
N GLY IA 38 65.40 -0.15 -10.71
CA GLY IA 38 65.61 0.82 -9.64
C GLY IA 38 65.60 0.17 -8.27
N GLY IA 39 65.97 0.98 -7.27
CA GLY IA 39 65.97 0.53 -5.90
C GLY IA 39 67.05 -0.47 -5.54
N GLY IA 40 68.03 -0.68 -6.41
CA GLY IA 40 69.05 -1.68 -6.20
C GLY IA 40 68.75 -3.04 -6.78
N TYR IA 41 67.55 -3.23 -7.33
CA TYR IA 41 67.18 -4.51 -7.92
C TYR IA 41 67.68 -4.59 -9.34
N VAL IA 42 68.33 -5.71 -9.69
CA VAL IA 42 68.68 -6.01 -11.07
C VAL IA 42 68.28 -7.45 -11.35
N THR IA 43 68.09 -7.75 -12.64
CA THR IA 43 67.60 -9.06 -13.06
C THR IA 43 68.41 -9.55 -14.24
N ALA IA 44 69.01 -10.72 -14.09
CA ALA IA 44 69.72 -11.39 -15.18
C ALA IA 44 68.78 -12.36 -15.88
N VAL IA 45 68.76 -12.32 -17.20
CA VAL IA 45 67.81 -13.03 -18.03
C VAL IA 45 68.59 -13.95 -18.96
N VAL IA 46 68.47 -15.26 -18.76
CA VAL IA 46 69.03 -16.24 -19.68
C VAL IA 46 67.90 -16.86 -20.47
N ARG IA 47 68.24 -17.38 -21.64
CA ARG IA 47 67.19 -17.83 -22.55
C ARG IA 47 67.68 -18.98 -23.40
N GLY IA 48 67.05 -20.13 -23.25
CA GLY IA 48 67.40 -21.33 -23.98
C GLY IA 48 66.37 -22.40 -23.74
N ASP IA 49 66.68 -23.63 -24.17
CA ASP IA 49 65.76 -24.73 -23.96
C ASP IA 49 65.63 -25.08 -22.47
N VAL IA 50 64.57 -25.81 -22.14
CA VAL IA 50 64.07 -25.88 -20.77
C VAL IA 50 65.03 -26.64 -19.84
N ALA IA 51 65.76 -27.63 -20.35
CA ALA IA 51 66.70 -28.36 -19.51
C ALA IA 51 67.90 -27.50 -19.16
N ALA IA 52 68.43 -26.74 -20.12
CA ALA IA 52 69.60 -25.93 -19.88
C ALA IA 52 69.29 -24.76 -18.95
N VAL IA 53 68.16 -24.08 -19.15
CA VAL IA 53 67.84 -22.98 -18.24
C VAL IA 53 67.41 -23.51 -16.89
N LYS IA 54 66.81 -24.70 -16.84
CA LYS IA 54 66.39 -25.27 -15.56
C LYS IA 54 67.59 -25.73 -14.74
N ALA IA 55 68.69 -26.10 -15.39
CA ALA IA 55 69.92 -26.38 -14.66
C ALA IA 55 70.69 -25.10 -14.34
N ALA IA 56 70.68 -24.13 -15.27
CA ALA IA 56 71.50 -22.94 -15.12
C ALA IA 56 70.96 -22.04 -14.01
N THR IA 57 69.63 -21.88 -13.92
CA THR IA 57 69.09 -21.00 -12.88
C THR IA 57 69.23 -21.61 -11.50
N GLU IA 58 69.13 -22.93 -11.37
CA GLU IA 58 69.34 -23.54 -10.06
C GLU IA 58 70.82 -23.65 -9.72
N ALA IA 59 71.71 -23.50 -10.71
CA ALA IA 59 73.12 -23.30 -10.38
C ALA IA 59 73.40 -21.86 -9.95
N GLY IA 60 72.77 -20.90 -10.63
CA GLY IA 60 73.01 -19.50 -10.32
C GLY IA 60 72.38 -19.06 -9.02
N GLN IA 61 71.28 -19.70 -8.62
CA GLN IA 61 70.70 -19.43 -7.30
C GLN IA 61 71.62 -19.95 -6.19
N ARG IA 62 72.22 -21.11 -6.40
CA ARG IA 62 73.15 -21.66 -5.42
C ARG IA 62 74.42 -20.83 -5.34
N ALA IA 63 74.90 -20.33 -6.48
CA ALA IA 63 76.13 -19.55 -6.48
C ALA IA 63 75.90 -18.08 -6.12
N ALA IA 64 74.66 -17.61 -6.15
CA ALA IA 64 74.39 -16.19 -5.90
C ALA IA 64 73.87 -15.90 -4.51
N GLU IA 65 73.35 -16.89 -3.79
CA GLU IA 65 72.96 -16.67 -2.41
C GLU IA 65 74.16 -16.54 -1.48
N ARG IA 66 75.34 -16.98 -1.92
CA ARG IA 66 76.55 -16.83 -1.13
C ARG IA 66 77.14 -15.43 -1.24
N VAL IA 67 76.77 -14.66 -2.26
CA VAL IA 67 77.37 -13.36 -2.51
C VAL IA 67 76.36 -12.23 -2.48
N GLY IA 68 75.07 -12.50 -2.46
CA GLY IA 68 74.10 -11.43 -2.49
C GLY IA 68 72.77 -11.76 -1.85
N GLU IA 69 71.72 -11.04 -2.25
CA GLU IA 69 70.38 -11.20 -1.70
C GLU IA 69 69.47 -11.54 -2.86
N VAL IA 70 69.23 -12.83 -3.08
CA VAL IA 70 68.45 -13.28 -4.23
C VAL IA 70 66.96 -13.14 -3.91
N VAL IA 71 66.27 -12.34 -4.71
CA VAL IA 71 64.85 -12.08 -4.48
C VAL IA 71 64.00 -13.18 -5.10
N ALA IA 72 64.08 -13.36 -6.42
CA ALA IA 72 63.17 -14.25 -7.11
C ALA IA 72 63.92 -15.06 -8.16
N VAL IA 73 63.60 -16.35 -8.23
CA VAL IA 73 64.13 -17.27 -9.24
C VAL IA 73 62.93 -17.96 -9.89
N HIS IA 74 62.82 -17.87 -11.21
CA HIS IA 74 61.72 -18.52 -11.89
C HIS IA 74 62.12 -18.89 -13.30
N VAL IA 75 61.58 -20.02 -13.77
CA VAL IA 75 61.85 -20.56 -15.11
C VAL IA 75 60.52 -20.67 -15.84
N ILE IA 76 60.47 -20.14 -17.06
CA ILE IA 76 59.29 -20.26 -17.91
C ILE IA 76 59.67 -21.12 -19.10
N PRO IA 77 59.10 -22.32 -19.26
CA PRO IA 77 59.51 -23.19 -20.37
C PRO IA 77 58.99 -22.75 -21.72
N ARG IA 78 57.76 -22.26 -21.78
CA ARG IA 78 57.21 -21.68 -23.00
C ARG IA 78 56.53 -20.37 -22.65
N PRO IA 79 57.16 -19.23 -22.88
CA PRO IA 79 56.45 -17.96 -22.72
C PRO IA 79 55.57 -17.68 -23.92
N HIS IA 80 54.46 -17.01 -23.65
CA HIS IA 80 53.51 -16.64 -24.69
C HIS IA 80 54.12 -15.58 -25.60
N VAL IA 81 53.60 -15.51 -26.83
CA VAL IA 81 54.17 -14.61 -27.83
C VAL IA 81 53.91 -13.14 -27.48
N ASN IA 82 52.87 -12.86 -26.68
CA ASN IA 82 52.62 -11.50 -26.22
C ASN IA 82 53.68 -11.06 -25.22
N VAL IA 83 54.20 -12.00 -24.42
CA VAL IA 83 55.24 -11.69 -23.45
C VAL IA 83 56.54 -11.34 -24.15
N ASP IA 84 56.90 -12.09 -25.19
CA ASP IA 84 58.12 -11.79 -25.93
C ASP IA 84 57.94 -10.56 -26.81
N ALA IA 85 56.72 -10.24 -27.20
CA ALA IA 85 56.49 -9.05 -28.02
C ALA IA 85 56.46 -7.78 -27.19
N ALA IA 86 56.04 -7.87 -25.93
CA ALA IA 86 55.90 -6.70 -25.07
C ALA IA 86 57.11 -6.50 -24.16
N LEU IA 87 57.43 -7.50 -23.35
CA LEU IA 87 58.53 -7.39 -22.40
C LEU IA 87 59.87 -7.54 -23.13
N PRO IA 88 60.90 -6.78 -22.72
CA PRO IA 88 62.22 -6.87 -23.39
C PRO IA 88 63.08 -8.02 -22.89
N LEU IA 89 62.78 -9.22 -23.38
CA LEU IA 89 63.41 -10.43 -22.86
C LEU IA 89 64.26 -11.13 -23.91
N GLY IA 90 64.88 -10.37 -24.80
CA GLY IA 90 65.89 -10.88 -25.70
C GLY IA 90 65.40 -11.25 -27.08
N ARG IA 91 64.12 -11.60 -27.22
CA ARG IA 91 63.59 -12.09 -28.49
C ARG IA 91 62.37 -11.27 -28.90
N THR IA 92 62.49 -9.95 -28.87
CA THR IA 92 61.45 -9.07 -29.37
C THR IA 92 61.56 -8.97 -30.89
N PRO IA 93 60.54 -9.36 -31.66
CA PRO IA 93 60.57 -9.31 -33.12
C PRO IA 93 60.59 -7.88 -33.66
N ALA JA 2 88.28 -13.01 -19.83
CA ALA JA 2 89.73 -12.96 -19.97
C ALA JA 2 90.41 -12.73 -18.62
N ASP JA 3 90.65 -11.47 -18.28
CA ASP JA 3 91.26 -11.14 -17.00
C ASP JA 3 90.28 -11.35 -15.86
N ALA JA 4 90.83 -11.48 -14.66
CA ALA JA 4 90.02 -11.70 -13.47
C ALA JA 4 89.22 -10.45 -13.09
N LEU JA 5 88.13 -10.68 -12.39
CA LEU JA 5 87.14 -9.65 -12.09
C LEU JA 5 87.06 -9.43 -10.58
N GLY JA 6 86.91 -8.16 -10.19
CA GLY JA 6 86.69 -7.84 -8.78
C GLY JA 6 85.69 -6.72 -8.65
N MET JA 7 84.82 -6.79 -7.66
CA MET JA 7 83.74 -5.82 -7.52
C MET JA 7 83.52 -5.46 -6.06
N ILE JA 8 83.34 -4.17 -5.80
CA ILE JA 8 82.97 -3.66 -4.48
C ILE JA 8 81.67 -2.91 -4.65
N GLU JA 9 80.59 -3.42 -4.08
CA GLU JA 9 79.31 -2.72 -4.10
C GLU JA 9 79.16 -1.97 -2.78
N VAL JA 10 78.95 -0.66 -2.87
CA VAL JA 10 78.82 0.21 -1.70
C VAL JA 10 77.50 0.95 -1.82
N ARG JA 11 76.73 0.97 -0.72
CA ARG JA 11 75.58 1.86 -0.60
C ARG JA 11 76.13 3.26 -0.32
N GLY JA 12 76.50 3.95 -1.39
CA GLY JA 12 77.09 5.26 -1.27
C GLY JA 12 78.22 5.51 -2.25
N PHE JA 13 78.24 6.71 -2.84
CA PHE JA 13 79.26 7.04 -3.83
C PHE JA 13 80.63 7.24 -3.20
N VAL JA 14 80.67 7.74 -1.96
CA VAL JA 14 81.93 8.11 -1.33
C VAL JA 14 82.72 6.85 -0.95
N GLY JA 15 82.04 5.86 -0.38
CA GLY JA 15 82.68 4.59 -0.09
C GLY JA 15 83.13 3.85 -1.34
N MET JA 16 82.40 4.03 -2.44
CA MET JA 16 82.79 3.42 -3.71
C MET JA 16 84.04 4.07 -4.28
N VAL JA 17 84.16 5.40 -4.15
CA VAL JA 17 85.35 6.07 -4.65
C VAL JA 17 86.56 5.75 -3.79
N GLU JA 18 86.37 5.64 -2.47
CA GLU JA 18 87.47 5.24 -1.60
C GLU JA 18 87.88 3.79 -1.83
N ALA JA 19 86.90 2.92 -2.09
CA ALA JA 19 87.22 1.53 -2.44
C ALA JA 19 87.95 1.45 -3.77
N ALA JA 20 87.54 2.25 -4.76
CA ALA JA 20 88.19 2.23 -6.06
C ALA JA 20 89.61 2.76 -5.99
N ASP JA 21 89.83 3.79 -5.18
CA ASP JA 21 91.16 4.33 -4.99
C ASP JA 21 92.07 3.34 -4.28
N ALA JA 22 91.55 2.66 -3.24
CA ALA JA 22 92.36 1.67 -2.55
C ALA JA 22 92.65 0.45 -3.41
N MET JA 23 91.72 0.08 -4.30
CA MET JA 23 91.97 -1.03 -5.21
C MET JA 23 93.02 -0.68 -6.24
N VAL JA 24 92.96 0.52 -6.84
CA VAL JA 24 93.96 0.86 -7.85
C VAL JA 24 95.29 1.25 -7.23
N LYS JA 25 95.34 1.54 -5.93
CA LYS JA 25 96.64 1.77 -5.28
C LYS JA 25 97.25 0.49 -4.73
N ALA JA 26 96.44 -0.49 -4.31
CA ALA JA 26 96.97 -1.65 -3.62
C ALA JA 26 97.69 -2.61 -4.57
N ALA JA 27 97.20 -2.75 -5.79
CA ALA JA 27 97.83 -3.64 -6.77
C ALA JA 27 97.65 -3.05 -8.16
N LYS JA 28 98.23 -3.72 -9.16
CA LYS JA 28 98.14 -3.27 -10.53
C LYS JA 28 96.86 -3.85 -11.14
N VAL JA 29 95.76 -3.15 -10.90
CA VAL JA 29 94.47 -3.49 -11.48
C VAL JA 29 94.03 -2.33 -12.35
N GLU JA 30 92.87 -2.47 -12.99
CA GLU JA 30 92.35 -1.43 -13.88
C GLU JA 30 90.91 -1.15 -13.52
N LEU JA 31 90.64 0.08 -13.07
CA LEU JA 31 89.27 0.50 -12.78
C LEU JA 31 88.59 0.85 -14.09
N ILE JA 32 87.69 -0.03 -14.55
CA ILE JA 32 87.06 0.18 -15.85
C ILE JA 32 85.87 1.12 -15.78
N GLY JA 33 85.24 1.25 -14.62
CA GLY JA 33 84.07 2.10 -14.49
C GLY JA 33 83.33 1.79 -13.19
N TYR JA 34 82.02 1.98 -13.24
CA TYR JA 34 81.16 1.76 -12.08
C TYR JA 34 79.72 1.64 -12.56
N GLU JA 35 78.92 0.88 -11.82
CA GLU JA 35 77.53 0.63 -12.17
C GLU JA 35 76.60 1.24 -11.13
N LYS JA 36 75.60 1.97 -11.61
CA LYS JA 36 74.61 2.64 -10.77
C LYS JA 36 73.28 1.88 -10.89
N THR JA 37 73.06 0.95 -9.98
CA THR JA 37 71.85 0.14 -9.99
C THR JA 37 70.68 0.81 -9.28
N GLY JA 38 70.79 2.10 -8.96
CA GLY JA 38 69.70 2.83 -8.36
C GLY JA 38 69.52 2.51 -6.88
N GLY JA 39 68.73 3.35 -6.23
CA GLY JA 39 68.44 3.14 -4.83
C GLY JA 39 69.58 3.45 -3.87
N GLY JA 40 70.66 4.05 -4.36
CA GLY JA 40 71.79 4.39 -3.54
C GLY JA 40 72.96 3.43 -3.63
N TYR JA 41 72.88 2.41 -4.48
CA TYR JA 41 73.92 1.41 -4.62
C TYR JA 41 74.79 1.75 -5.83
N VAL JA 42 76.11 1.72 -5.65
CA VAL JA 42 77.04 1.84 -6.75
C VAL JA 42 78.12 0.78 -6.62
N THR JA 43 78.53 0.22 -7.75
CA THR JA 43 79.45 -0.91 -7.77
C THR JA 43 80.71 -0.54 -8.55
N ALA JA 44 81.85 -0.54 -7.87
CA ALA JA 44 83.15 -0.33 -8.51
C ALA JA 44 83.67 -1.66 -9.03
N VAL JA 45 84.13 -1.64 -10.28
CA VAL JA 45 84.51 -2.86 -11.00
C VAL JA 45 85.97 -2.71 -11.43
N VAL JA 46 86.82 -3.59 -10.93
CA VAL JA 46 88.23 -3.63 -11.35
C VAL JA 46 88.50 -4.96 -12.05
N ARG JA 47 89.58 -4.97 -12.82
CA ARG JA 47 89.85 -6.11 -13.69
C ARG JA 47 91.34 -6.28 -13.84
N GLY JA 48 91.83 -7.44 -13.43
CA GLY JA 48 93.24 -7.79 -13.55
C GLY JA 48 93.41 -9.24 -13.16
N ASP JA 49 94.66 -9.70 -13.19
CA ASP JA 49 94.95 -11.09 -12.86
C ASP JA 49 94.65 -11.38 -11.38
N VAL JA 50 94.51 -12.67 -11.07
CA VAL JA 50 93.76 -13.11 -9.89
C VAL JA 50 94.47 -12.76 -8.59
N ALA JA 51 95.81 -12.68 -8.60
CA ALA JA 51 96.52 -12.29 -7.38
C ALA JA 51 96.37 -10.81 -7.12
N ALA JA 52 96.44 -9.98 -8.17
CA ALA JA 52 96.33 -8.54 -8.01
C ALA JA 52 94.91 -8.14 -7.58
N VAL JA 53 93.89 -8.74 -8.18
CA VAL JA 53 92.53 -8.40 -7.74
C VAL JA 53 92.22 -9.03 -6.39
N LYS JA 54 92.85 -10.16 -6.07
CA LYS JA 54 92.62 -10.80 -4.78
C LYS JA 54 93.23 -9.99 -3.65
N ALA JA 55 94.31 -9.26 -3.92
CA ALA JA 55 94.84 -8.32 -2.94
C ALA JA 55 94.08 -7.00 -2.96
N ALA JA 56 93.70 -6.53 -4.16
CA ALA JA 56 93.13 -5.20 -4.32
C ALA JA 56 91.73 -5.12 -3.75
N THR JA 57 90.89 -6.11 -4.00
CA THR JA 57 89.52 -6.06 -3.49
C THR JA 57 89.48 -6.24 -1.98
N GLU JA 58 90.39 -7.03 -1.40
CA GLU JA 58 90.40 -7.15 0.05
C GLU JA 58 91.07 -5.95 0.72
N ALA JA 59 91.85 -5.16 -0.03
CA ALA JA 59 92.28 -3.88 0.53
C ALA JA 59 91.20 -2.82 0.41
N GLY JA 60 90.45 -2.85 -0.70
CA GLY JA 60 89.38 -1.89 -0.89
C GLY JA 60 88.18 -2.13 0.00
N GLN JA 61 87.94 -3.39 0.38
CA GLN JA 61 86.92 -3.68 1.38
C GLN JA 61 87.33 -3.15 2.74
N ARG JA 62 88.61 -3.30 3.09
CA ARG JA 62 89.09 -2.85 4.39
C ARG JA 62 89.12 -1.32 4.46
N ALA JA 63 89.41 -0.66 3.35
CA ALA JA 63 89.40 0.79 3.31
C ALA JA 63 88.04 1.39 3.00
N ALA JA 64 87.06 0.58 2.60
CA ALA JA 64 85.73 1.07 2.29
C ALA JA 64 84.76 0.98 3.45
N GLU JA 65 85.03 0.09 4.42
CA GLU JA 65 84.19 -0.01 5.60
C GLU JA 65 84.41 1.14 6.57
N ARG JA 66 85.47 1.93 6.39
CA ARG JA 66 85.69 3.10 7.23
C ARG JA 66 84.66 4.19 6.94
N VAL JA 67 84.27 4.36 5.69
CA VAL JA 67 83.40 5.46 5.30
C VAL JA 67 82.06 5.01 4.74
N GLY JA 68 81.94 3.79 4.24
CA GLY JA 68 80.72 3.41 3.54
C GLY JA 68 80.01 2.21 4.13
N GLU JA 69 79.03 1.69 3.39
CA GLU JA 69 78.26 0.52 3.78
C GLU JA 69 78.45 -0.52 2.68
N VAL JA 70 79.36 -1.45 2.90
CA VAL JA 70 79.74 -2.43 1.87
C VAL JA 70 78.70 -3.54 1.84
N VAL JA 71 78.12 -3.76 0.66
CA VAL JA 71 77.07 -4.76 0.51
C VAL JA 71 77.63 -6.10 0.07
N ALA JA 72 78.48 -6.12 -0.96
CA ALA JA 72 78.96 -7.38 -1.51
C ALA JA 72 80.38 -7.21 -2.05
N VAL JA 73 81.24 -8.17 -1.73
CA VAL JA 73 82.60 -8.24 -2.24
C VAL JA 73 82.78 -9.63 -2.85
N HIS JA 74 83.18 -9.70 -4.12
CA HIS JA 74 83.37 -11.00 -4.73
C HIS JA 74 84.39 -10.87 -5.86
N VAL JA 75 85.19 -11.94 -6.03
CA VAL JA 75 86.23 -12.01 -7.05
C VAL JA 75 85.93 -13.21 -7.94
N ILE JA 76 85.88 -12.98 -9.24
CA ILE JA 76 85.70 -14.03 -10.23
C ILE JA 76 87.02 -14.20 -10.98
N PRO JA 77 87.71 -15.33 -10.83
CA PRO JA 77 89.04 -15.46 -11.46
C PRO JA 77 88.98 -15.61 -12.97
N ARG JA 78 88.04 -16.39 -13.50
CA ARG JA 78 87.88 -16.55 -14.95
C ARG JA 78 86.42 -16.30 -15.29
N PRO JA 79 86.03 -15.06 -15.57
CA PRO JA 79 84.67 -14.81 -16.03
C PRO JA 79 84.49 -15.28 -17.46
N HIS JA 80 83.30 -15.82 -17.73
CA HIS JA 80 82.99 -16.38 -19.04
C HIS JA 80 82.86 -15.26 -20.06
N VAL JA 81 83.05 -15.60 -21.33
CA VAL JA 81 83.08 -14.58 -22.38
C VAL JA 81 81.69 -14.02 -22.66
N ASN JA 82 80.63 -14.76 -22.34
CA ASN JA 82 79.28 -14.22 -22.48
C ASN JA 82 79.00 -13.15 -21.42
N VAL JA 83 79.61 -13.29 -20.25
CA VAL JA 83 79.51 -12.25 -19.23
C VAL JA 83 80.26 -11.00 -19.66
N ASP JA 84 81.42 -11.16 -20.27
CA ASP JA 84 82.17 -10.01 -20.78
C ASP JA 84 81.50 -9.39 -22.01
N ALA JA 85 80.67 -10.13 -22.72
CA ALA JA 85 79.97 -9.57 -23.87
C ALA JA 85 78.64 -8.94 -23.53
N ALA JA 86 77.92 -9.47 -22.52
CA ALA JA 86 76.58 -8.99 -22.21
C ALA JA 86 76.53 -7.96 -21.10
N LEU JA 87 77.44 -8.03 -20.15
CA LEU JA 87 77.44 -7.14 -19.01
C LEU JA 87 78.49 -6.05 -19.17
N PRO JA 88 78.27 -4.83 -18.64
CA PRO JA 88 79.24 -3.73 -18.84
C PRO JA 88 80.50 -3.86 -17.99
N LEU JA 89 81.46 -4.64 -18.48
CA LEU JA 89 82.68 -4.92 -17.73
C LEU JA 89 83.94 -4.40 -18.40
N GLY JA 90 83.82 -3.51 -19.38
CA GLY JA 90 84.96 -2.87 -19.98
C GLY JA 90 85.63 -3.64 -21.09
N ARG JA 91 85.37 -4.93 -21.24
CA ARG JA 91 85.97 -5.75 -22.28
C ARG JA 91 84.94 -6.17 -23.33
N THR JA 92 83.99 -5.29 -23.63
CA THR JA 92 83.01 -5.58 -24.66
C THR JA 92 83.64 -5.41 -26.03
N PRO JA 93 83.67 -6.46 -26.88
CA PRO JA 93 84.32 -6.41 -28.19
C PRO JA 93 83.63 -5.46 -29.17
N ALA KA 2 95.65 14.02 -9.28
CA ALA KA 2 96.07 15.40 -9.37
C ALA KA 2 95.75 16.16 -8.08
N ASP KA 3 94.72 17.01 -8.14
CA ASP KA 3 94.31 17.75 -6.96
C ASP KA 3 93.58 16.84 -5.98
N ALA KA 4 93.58 17.25 -4.71
CA ALA KA 4 92.93 16.49 -3.67
C ALA KA 4 91.41 16.57 -3.81
N LEU KA 5 90.75 15.56 -3.27
CA LEU KA 5 89.33 15.30 -3.49
C LEU KA 5 88.56 15.39 -2.17
N GLY KA 6 87.36 15.95 -2.22
CA GLY KA 6 86.53 16.02 -1.03
C GLY KA 6 85.07 15.76 -1.35
N MET KA 7 84.38 15.02 -0.49
CA MET KA 7 83.01 14.60 -0.77
C MET KA 7 82.14 14.71 0.46
N ILE KA 8 80.91 15.18 0.26
CA ILE KA 8 79.86 15.11 1.27
C ILE KA 8 78.67 14.41 0.65
N GLU KA 9 78.28 13.27 1.20
CA GLU KA 9 77.11 12.56 0.73
C GLU KA 9 75.97 12.73 1.72
N VAL KA 10 74.81 13.15 1.23
CA VAL KA 10 73.63 13.41 2.05
C VAL KA 10 72.44 12.69 1.43
N ARG KA 11 71.66 12.01 2.27
CA ARG KA 11 70.32 11.56 1.87
C ARG KA 11 69.42 12.78 1.89
N GLY KA 12 69.41 13.52 0.79
CA GLY KA 12 68.67 14.77 0.73
C GLY KA 12 69.39 15.84 -0.05
N PHE KA 13 68.64 16.61 -0.83
CA PHE KA 13 69.24 17.64 -1.67
C PHE KA 13 69.59 18.89 -0.89
N VAL KA 14 68.79 19.23 0.12
CA VAL KA 14 68.97 20.49 0.84
C VAL KA 14 70.23 20.47 1.70
N GLY KA 15 70.47 19.36 2.40
CA GLY KA 15 71.70 19.22 3.16
C GLY KA 15 72.93 19.17 2.28
N MET KA 16 72.79 18.63 1.07
CA MET KA 16 73.91 18.62 0.13
C MET KA 16 74.20 20.02 -0.40
N VAL KA 17 73.17 20.83 -0.62
CA VAL KA 17 73.40 22.19 -1.08
C VAL KA 17 74.01 23.04 0.03
N GLU KA 18 73.56 22.84 1.27
CA GLU KA 18 74.19 23.54 2.40
C GLU KA 18 75.64 23.11 2.60
N ALA KA 19 75.92 21.82 2.42
CA ALA KA 19 77.29 21.35 2.53
C ALA KA 19 78.18 21.89 1.41
N ALA KA 20 77.68 21.88 0.17
CA ALA KA 20 78.43 22.41 -0.96
C ALA KA 20 78.59 23.91 -0.89
N ASP KA 21 77.71 24.61 -0.18
CA ASP KA 21 77.89 26.03 0.05
C ASP KA 21 78.93 26.28 1.11
N ALA KA 22 78.90 25.52 2.21
CA ALA KA 22 79.85 25.70 3.29
C ALA KA 22 81.27 25.30 2.88
N MET KA 23 81.40 24.34 1.96
CA MET KA 23 82.74 23.94 1.50
C MET KA 23 83.39 25.05 0.67
N VAL KA 24 82.64 25.68 -0.22
CA VAL KA 24 83.24 26.74 -1.02
C VAL KA 24 83.29 28.06 -0.28
N LYS KA 25 82.53 28.23 0.80
CA LYS KA 25 82.69 29.40 1.65
C LYS KA 25 83.74 29.22 2.73
N ALA KA 26 84.21 27.99 2.96
CA ALA KA 26 85.27 27.78 3.94
C ALA KA 26 86.63 28.11 3.37
N ALA KA 27 87.00 27.50 2.25
CA ALA KA 27 88.31 27.69 1.64
C ALA KA 27 88.13 27.86 0.14
N LYS KA 28 89.25 27.94 -0.58
CA LYS KA 28 89.22 28.08 -2.03
C LYS KA 28 89.30 26.69 -2.64
N VAL KA 29 88.13 26.09 -2.87
CA VAL KA 29 88.03 24.81 -3.56
C VAL KA 29 87.21 25.05 -4.83
N GLU KA 30 87.01 24.00 -5.62
CA GLU KA 30 86.22 24.08 -6.83
C GLU KA 30 85.13 23.03 -6.76
N LEU KA 31 83.88 23.47 -6.61
CA LEU KA 31 82.74 22.56 -6.70
C LEU KA 31 82.54 22.18 -8.15
N ILE KA 32 82.90 20.94 -8.50
CA ILE KA 32 82.82 20.53 -9.89
C ILE KA 32 81.41 20.08 -10.28
N GLY KA 33 80.59 19.68 -9.32
CA GLY KA 33 79.24 19.24 -9.61
C GLY KA 33 78.67 18.45 -8.45
N TYR KA 34 77.88 17.44 -8.80
CA TYR KA 34 77.21 16.62 -7.81
C TYR KA 34 76.77 15.32 -8.48
N GLU KA 35 76.83 14.23 -7.73
CA GLU KA 35 76.49 12.91 -8.25
C GLU KA 35 75.20 12.41 -7.61
N LYS KA 36 74.27 11.98 -8.44
CA LYS KA 36 72.97 11.47 -8.00
C LYS KA 36 72.97 9.97 -8.18
N THR KA 37 73.23 9.23 -7.10
CA THR KA 37 73.21 7.78 -7.14
C THR KA 37 71.82 7.20 -6.91
N GLY KA 38 70.78 8.04 -6.88
CA GLY KA 38 69.42 7.58 -6.77
C GLY KA 38 69.05 7.16 -5.36
N GLY KA 39 67.74 6.99 -5.17
CA GLY KA 39 67.23 6.58 -3.87
C GLY KA 39 67.26 7.64 -2.81
N GLY KA 40 67.49 8.90 -3.18
CA GLY KA 40 67.57 9.98 -2.24
C GLY KA 40 68.99 10.42 -1.91
N TYR KA 41 69.99 9.64 -2.32
CA TYR KA 41 71.37 9.95 -2.00
C TYR KA 41 71.96 10.86 -3.06
N VAL KA 42 72.57 11.95 -2.64
CA VAL KA 42 73.33 12.83 -3.53
C VAL KA 42 74.67 13.12 -2.89
N THR KA 43 75.64 13.48 -3.72
CA THR KA 43 77.01 13.66 -3.28
C THR KA 43 77.59 14.93 -3.87
N ALA KA 44 77.96 15.87 -3.02
CA ALA KA 44 78.68 17.08 -3.45
C ALA KA 44 80.16 16.79 -3.45
N VAL KA 45 80.82 17.13 -4.56
CA VAL KA 45 82.22 16.78 -4.81
C VAL KA 45 82.98 18.07 -5.07
N VAL KA 46 83.88 18.42 -4.15
CA VAL KA 46 84.79 19.55 -4.34
C VAL KA 46 86.18 19.01 -4.57
N ARG KA 47 87.05 19.85 -5.12
CA ARG KA 47 88.34 19.36 -5.56
C ARG KA 47 89.36 20.49 -5.59
N GLY KA 48 90.41 20.37 -4.79
CA GLY KA 48 91.45 21.37 -4.74
C GLY KA 48 92.61 20.86 -3.92
N ASP KA 49 93.55 21.76 -3.62
CA ASP KA 49 94.72 21.41 -2.83
C ASP KA 49 94.31 21.04 -1.40
N VAL KA 50 95.20 20.25 -0.75
CA VAL KA 50 94.77 19.35 0.31
C VAL KA 50 94.41 20.08 1.61
N ALA KA 51 95.06 21.22 1.89
CA ALA KA 51 94.69 22.00 3.07
C ALA KA 51 93.31 22.64 2.89
N ALA KA 52 93.01 23.09 1.68
CA ALA KA 52 91.73 23.73 1.41
C ALA KA 52 90.58 22.75 1.48
N VAL KA 53 90.75 21.54 0.93
CA VAL KA 53 89.67 20.56 1.04
C VAL KA 53 89.59 19.98 2.45
N LYS KA 54 90.72 19.95 3.17
CA LYS KA 54 90.68 19.46 4.56
C LYS KA 54 89.96 20.43 5.46
N ALA KA 55 90.04 21.73 5.18
CA ALA KA 55 89.23 22.71 5.91
C ALA KA 55 87.78 22.71 5.40
N ALA KA 56 87.60 22.54 4.09
CA ALA KA 56 86.28 22.69 3.49
C ALA KA 56 85.35 21.55 3.88
N THR KA 57 85.85 20.31 3.86
CA THR KA 57 85.01 19.17 4.22
C THR KA 57 84.66 19.17 5.70
N GLU KA 58 85.59 19.57 6.56
CA GLU KA 58 85.27 19.61 7.98
C GLU KA 58 84.39 20.80 8.33
N ALA KA 59 84.32 21.82 7.47
CA ALA KA 59 83.29 22.83 7.67
C ALA KA 59 81.94 22.40 7.11
N GLY KA 60 81.94 21.72 5.96
CA GLY KA 60 80.69 21.32 5.33
C GLY KA 60 80.00 20.17 6.05
N GLN KA 61 80.78 19.27 6.65
CA GLN KA 61 80.20 18.24 7.52
C GLN KA 61 79.57 18.86 8.75
N ARG KA 62 80.24 19.85 9.34
CA ARG KA 62 79.73 20.51 10.53
C ARG KA 62 78.49 21.35 10.21
N ALA KA 63 78.40 21.89 9.00
CA ALA KA 63 77.24 22.67 8.59
C ALA KA 63 76.13 21.83 7.97
N ALA KA 64 76.41 20.57 7.63
CA ALA KA 64 75.41 19.71 7.02
C ALA KA 64 74.74 18.77 8.00
N GLU KA 65 75.34 18.54 9.17
CA GLU KA 65 74.68 17.76 10.20
C GLU KA 65 73.57 18.54 10.88
N ARG KA 66 73.57 19.87 10.74
CA ARG KA 66 72.52 20.68 11.34
C ARG KA 66 71.20 20.54 10.58
N VAL KA 67 71.26 20.33 9.27
CA VAL KA 67 70.08 20.40 8.42
C VAL KA 67 69.71 19.09 7.77
N GLY KA 68 70.58 18.08 7.79
CA GLY KA 68 70.28 16.87 7.06
C GLY KA 68 70.87 15.58 7.59
N GLU KA 69 70.76 14.53 6.79
CA GLU KA 69 71.28 13.20 7.12
C GLU KA 69 72.57 13.00 6.36
N VAL KA 70 73.70 13.15 7.04
CA VAL KA 70 75.01 13.02 6.41
C VAL KA 70 75.42 11.56 6.48
N VAL KA 71 75.70 10.97 5.32
CA VAL KA 71 76.01 9.55 5.23
C VAL KA 71 77.52 9.31 5.30
N ALA KA 72 78.30 10.03 4.49
CA ALA KA 72 79.73 9.76 4.41
C ALA KA 72 80.49 11.03 4.07
N VAL KA 73 81.57 11.27 4.81
CA VAL KA 73 82.48 12.39 4.58
C VAL KA 73 83.89 11.82 4.49
N HIS KA 74 84.60 12.11 3.40
CA HIS KA 74 85.94 11.57 3.25
C HIS KA 74 86.74 12.46 2.32
N VAL KA 75 88.05 12.55 2.58
CA VAL KA 75 88.98 13.33 1.79
C VAL KA 75 90.04 12.39 1.23
N ILE KA 76 90.27 12.47 -0.07
CA ILE KA 76 91.34 11.73 -0.74
C ILE KA 76 92.41 12.73 -1.14
N PRO KA 77 93.57 12.74 -0.48
CA PRO KA 77 94.58 13.77 -0.81
C PRO KA 77 95.26 13.58 -2.16
N ARG KA 78 95.53 12.33 -2.55
CA ARG KA 78 96.14 12.04 -3.85
C ARG KA 78 95.34 10.92 -4.50
N PRO KA 79 94.33 11.25 -5.30
CA PRO KA 79 93.64 10.22 -6.07
C PRO KA 79 94.52 9.75 -7.22
N HIS KA 80 94.46 8.46 -7.49
CA HIS KA 80 95.25 7.87 -8.57
C HIS KA 80 94.67 8.33 -9.92
N VAL KA 81 95.50 8.25 -10.96
CA VAL KA 81 95.10 8.73 -12.28
C VAL KA 81 94.00 7.84 -12.89
N ASN KA 82 93.91 6.58 -12.48
CA ASN KA 82 92.82 5.72 -12.92
C ASN KA 82 91.50 6.16 -12.31
N VAL KA 83 91.53 6.72 -11.10
CA VAL KA 83 90.32 7.19 -10.44
C VAL KA 83 89.77 8.42 -11.16
N ASP KA 84 90.65 9.34 -11.54
CA ASP KA 84 90.20 10.52 -12.28
C ASP KA 84 89.81 10.17 -13.70
N ALA KA 85 90.44 9.17 -14.29
CA ALA KA 85 90.12 8.81 -15.66
C ALA KA 85 88.82 8.01 -15.77
N ALA KA 86 88.50 7.21 -14.75
CA ALA KA 86 87.32 6.35 -14.79
C ALA KA 86 86.10 6.96 -14.14
N LEU KA 87 86.27 7.61 -12.99
CA LEU KA 87 85.14 8.16 -12.25
C LEU KA 87 84.95 9.63 -12.63
N PRO KA 88 83.70 10.13 -12.70
CA PRO KA 88 83.46 11.54 -13.06
C PRO KA 88 83.70 12.49 -11.89
N LEU KA 89 84.97 12.78 -11.64
CA LEU KA 89 85.37 13.57 -10.48
C LEU KA 89 86.02 14.88 -10.89
N GLY KA 90 85.47 15.52 -11.93
CA GLY KA 90 85.89 16.87 -12.26
C GLY KA 90 87.07 16.98 -13.19
N ARG KA 91 88.12 16.20 -12.95
CA ARG KA 91 89.36 16.29 -13.71
C ARG KA 91 89.55 15.09 -14.63
N THR KA 92 88.46 14.63 -15.23
CA THR KA 92 88.55 13.57 -16.23
C THR KA 92 89.17 14.11 -17.51
N PRO KA 93 90.28 13.54 -18.00
CA PRO KA 93 90.97 14.03 -19.20
C PRO KA 93 90.16 13.86 -20.49
N ALA LA 2 73.15 35.63 -6.65
CA ALA LA 2 72.36 36.84 -6.64
C ALA LA 2 71.43 36.88 -5.42
N ASP LA 3 70.18 36.48 -5.61
CA ASP LA 3 69.21 36.51 -4.55
C ASP LA 3 69.42 35.35 -3.58
N ALA LA 4 68.78 35.46 -2.41
CA ALA LA 4 68.86 34.43 -1.39
C ALA LA 4 68.09 33.19 -1.81
N LEU LA 5 68.57 32.05 -1.31
CA LEU LA 5 68.05 30.74 -1.67
C LEU LA 5 67.14 30.24 -0.55
N GLY LA 6 66.05 29.57 -0.93
CA GLY LA 6 65.18 28.95 0.05
C GLY LA 6 64.71 27.59 -0.41
N MET LA 7 64.70 26.61 0.49
CA MET LA 7 64.41 25.24 0.09
C MET LA 7 63.51 24.53 1.08
N ILE LA 8 62.58 23.75 0.56
CA ILE LA 8 61.84 22.75 1.32
C ILE LA 8 62.12 21.41 0.64
N GLU LA 9 62.33 20.37 1.43
CA GLU LA 9 62.43 19.03 0.87
C GLU LA 9 61.35 18.17 1.49
N VAL LA 10 60.55 17.52 0.65
CA VAL LA 10 59.42 16.72 1.10
C VAL LA 10 59.55 15.34 0.46
N ARG LA 11 59.38 14.30 1.27
CA ARG LA 11 59.21 12.94 0.72
C ARG LA 11 57.78 12.86 0.20
N GLY LA 12 57.60 13.28 -1.04
CA GLY LA 12 56.28 13.37 -1.61
C GLY LA 12 56.09 14.60 -2.47
N PHE LA 13 55.41 14.43 -3.61
CA PHE LA 13 55.18 15.55 -4.51
C PHE LA 13 54.13 16.51 -3.95
N VAL LA 14 53.17 15.97 -3.19
CA VAL LA 14 52.02 16.76 -2.73
C VAL LA 14 52.45 17.77 -1.68
N GLY LA 15 53.25 17.33 -0.71
CA GLY LA 15 53.78 18.25 0.27
C GLY LA 15 54.72 19.27 -0.30
N MET LA 16 55.44 18.90 -1.37
CA MET LA 16 56.28 19.85 -2.09
C MET LA 16 55.43 20.94 -2.73
N VAL LA 17 54.30 20.57 -3.34
CA VAL LA 17 53.47 21.55 -4.01
C VAL LA 17 52.77 22.45 -2.99
N GLU LA 18 52.35 21.89 -1.85
CA GLU LA 18 51.76 22.72 -0.80
C GLU LA 18 52.77 23.69 -0.20
N ALA LA 19 54.01 23.23 0.02
CA ALA LA 19 55.06 24.10 0.51
C ALA LA 19 55.41 25.19 -0.51
N ALA LA 20 55.42 24.84 -1.80
CA ALA LA 20 55.73 25.82 -2.84
C ALA LA 20 54.64 26.88 -2.95
N ASP LA 21 53.37 26.46 -2.86
CA ASP LA 21 52.27 27.41 -2.88
C ASP LA 21 52.28 28.33 -1.67
N ALA LA 22 52.60 27.79 -0.50
CA ALA LA 22 52.68 28.63 0.70
C ALA LA 22 53.87 29.59 0.63
N MET LA 23 54.98 29.16 0.03
CA MET LA 23 56.13 30.05 -0.12
C MET LA 23 55.83 31.19 -1.08
N VAL LA 24 55.21 30.89 -2.22
CA VAL LA 24 54.94 31.98 -3.16
C VAL LA 24 53.74 32.83 -2.74
N LYS LA 25 52.89 32.35 -1.83
CA LYS LA 25 51.84 33.20 -1.29
C LYS LA 25 52.30 34.03 -0.11
N ALA LA 26 53.30 33.58 0.65
CA ALA LA 26 53.67 34.26 1.88
C ALA LA 26 54.43 35.57 1.61
N ALA LA 27 55.35 35.55 0.65
CA ALA LA 27 56.20 36.71 0.39
C ALA LA 27 56.42 36.83 -1.11
N LYS LA 28 57.37 37.66 -1.49
CA LYS LA 28 57.73 37.88 -2.90
C LYS LA 28 58.96 37.03 -3.19
N VAL LA 29 58.72 35.77 -3.56
CA VAL LA 29 59.78 34.85 -3.94
C VAL LA 29 59.53 34.41 -5.37
N GLU LA 30 60.49 33.66 -5.91
CA GLU LA 30 60.40 33.13 -7.27
C GLU LA 30 60.62 31.62 -7.21
N LEU LA 31 59.55 30.87 -7.42
CA LEU LA 31 59.64 29.41 -7.48
C LEU LA 31 60.31 29.03 -8.80
N ILE LA 32 61.61 28.72 -8.73
CA ILE LA 32 62.35 28.46 -9.95
C ILE LA 32 62.13 27.04 -10.48
N GLY LA 33 61.65 26.14 -9.65
CA GLY LA 33 61.41 24.78 -10.10
C GLY LA 33 61.41 23.82 -8.92
N TYR LA 34 61.90 22.61 -9.19
CA TYR LA 34 61.89 21.53 -8.21
C TYR LA 34 62.90 20.49 -8.62
N GLU LA 35 63.60 19.92 -7.65
CA GLU LA 35 64.66 18.96 -7.89
C GLU LA 35 64.22 17.57 -7.45
N LYS LA 36 64.47 16.58 -8.29
CA LYS LA 36 64.03 15.20 -8.07
C LYS LA 36 65.27 14.34 -7.85
N THR LA 37 65.47 13.91 -6.61
CA THR LA 37 66.67 13.16 -6.23
C THR LA 37 66.39 11.67 -6.03
N GLY LA 38 65.25 11.18 -6.51
CA GLY LA 38 64.95 9.78 -6.41
C GLY LA 38 64.45 9.37 -5.02
N GLY LA 39 63.72 8.27 -4.99
CA GLY LA 39 63.17 7.79 -3.73
C GLY LA 39 62.01 8.58 -3.20
N GLY LA 40 61.39 9.43 -4.02
CA GLY LA 40 60.28 10.23 -3.58
C GLY LA 40 60.63 11.56 -2.96
N TYR LA 41 61.92 11.84 -2.76
CA TYR LA 41 62.36 13.12 -2.23
C TYR LA 41 62.30 14.17 -3.33
N VAL LA 42 61.51 15.22 -3.11
CA VAL LA 42 61.41 16.33 -4.06
C VAL LA 42 61.71 17.61 -3.29
N THR LA 43 62.54 18.47 -3.87
CA THR LA 43 62.96 19.72 -3.25
C THR LA 43 62.37 20.91 -3.99
N ALA LA 44 61.52 21.68 -3.31
CA ALA LA 44 61.05 22.95 -3.83
C ALA LA 44 62.07 24.03 -3.51
N VAL LA 45 62.42 24.82 -4.52
CA VAL LA 45 63.45 25.85 -4.42
C VAL LA 45 62.83 27.18 -4.81
N VAL LA 46 62.75 28.10 -3.87
CA VAL LA 46 62.37 29.49 -4.15
C VAL LA 46 63.61 30.35 -4.05
N ARG LA 47 63.50 31.56 -4.58
CA ARG LA 47 64.67 32.43 -4.61
C ARG LA 47 64.23 33.89 -4.57
N GLY LA 48 64.73 34.60 -3.56
CA GLY LA 48 64.43 36.01 -3.37
C GLY LA 48 65.27 36.52 -2.22
N ASP LA 49 65.08 37.80 -1.90
CA ASP LA 49 65.86 38.44 -0.84
C ASP LA 49 65.55 37.81 0.52
N VAL LA 50 66.48 38.02 1.47
CA VAL LA 50 66.70 37.08 2.58
C VAL LA 50 65.53 37.06 3.57
N ALA LA 51 64.88 38.20 3.82
CA ALA LA 51 63.77 38.19 4.75
C ALA LA 51 62.52 37.59 4.13
N ALA LA 52 62.30 37.82 2.84
CA ALA LA 52 61.15 37.24 2.15
C ALA LA 52 61.24 35.73 2.08
N VAL LA 53 62.43 35.19 1.76
CA VAL LA 53 62.56 33.74 1.74
C VAL LA 53 62.61 33.17 3.14
N LYS LA 54 63.07 33.95 4.13
CA LYS LA 54 63.08 33.47 5.51
C LYS LA 54 61.67 33.37 6.06
N ALA LA 55 60.77 34.26 5.63
CA ALA LA 55 59.37 34.12 5.99
C ALA LA 55 58.67 33.07 5.14
N ALA LA 56 59.08 32.93 3.88
CA ALA LA 56 58.43 31.99 2.97
C ALA LA 56 58.69 30.54 3.37
N THR LA 57 59.93 30.22 3.71
CA THR LA 57 60.26 28.84 4.08
C THR LA 57 59.62 28.45 5.41
N GLU LA 58 59.52 29.39 6.36
CA GLU LA 58 58.86 29.05 7.61
C GLU LA 58 57.34 29.05 7.49
N ALA LA 59 56.78 29.68 6.45
CA ALA LA 59 55.36 29.47 6.16
C ALA LA 59 55.14 28.14 5.46
N GLY LA 60 56.03 27.77 4.54
CA GLY LA 60 55.87 26.52 3.80
C GLY LA 60 56.16 25.29 4.64
N GLN LA 61 57.05 25.42 5.63
CA GLN LA 61 57.26 24.33 6.59
C GLN LA 61 56.03 24.14 7.47
N ARG LA 62 55.35 25.23 7.82
CA ARG LA 62 54.12 25.11 8.61
C ARG LA 62 52.99 24.53 7.77
N ALA LA 63 52.95 24.86 6.48
CA ALA LA 63 51.89 24.35 5.62
C ALA LA 63 52.13 22.90 5.18
N ALA LA 64 53.38 22.50 5.01
CA ALA LA 64 53.69 21.18 4.48
C ALA LA 64 53.75 20.10 5.54
N GLU LA 65 53.84 20.46 6.82
CA GLU LA 65 53.74 19.45 7.86
C GLU LA 65 52.31 19.03 8.13
N ARG LA 66 51.32 19.74 7.59
CA ARG LA 66 49.94 19.30 7.66
C ARG LA 66 49.61 18.26 6.61
N VAL LA 67 50.44 18.15 5.56
CA VAL LA 67 50.15 17.24 4.46
C VAL LA 67 51.21 16.17 4.25
N GLY LA 68 52.39 16.31 4.84
CA GLY LA 68 53.43 15.34 4.61
C GLY LA 68 54.48 15.36 5.70
N GLU LA 69 55.66 14.86 5.34
CA GLU LA 69 56.78 14.72 6.27
C GLU LA 69 57.94 15.54 5.69
N VAL LA 70 58.20 16.69 6.30
CA VAL LA 70 59.22 17.61 5.78
C VAL LA 70 60.58 17.15 6.26
N VAL LA 71 61.49 16.92 5.31
CA VAL LA 71 62.82 16.42 5.64
C VAL LA 71 63.74 17.56 6.06
N ALA LA 72 63.90 18.57 5.20
CA ALA LA 72 64.86 19.62 5.44
C ALA LA 72 64.33 20.96 4.96
N VAL LA 73 64.54 21.99 5.77
CA VAL LA 73 64.22 23.39 5.43
C VAL LA 73 65.48 24.21 5.68
N HIS LA 74 65.91 24.97 4.68
CA HIS LA 74 67.10 25.78 4.88
C HIS LA 74 67.06 27.00 3.98
N VAL LA 75 67.63 28.10 4.49
CA VAL LA 75 67.75 29.36 3.77
C VAL LA 75 69.23 29.72 3.68
N ILE LA 76 69.69 30.05 2.49
CA ILE LA 76 71.05 30.52 2.27
C ILE LA 76 70.96 31.99 1.85
N PRO LA 77 71.52 32.93 2.62
CA PRO LA 77 71.31 34.35 2.31
C PRO LA 77 72.05 34.84 1.08
N ARG LA 78 73.29 34.42 0.89
CA ARG LA 78 74.08 34.82 -0.28
C ARG LA 78 74.76 33.56 -0.80
N PRO LA 79 74.11 32.80 -1.69
CA PRO LA 79 74.73 31.59 -2.21
C PRO LA 79 75.89 31.91 -3.12
N HIS LA 80 76.96 31.12 -2.97
CA HIS LA 80 78.23 31.37 -3.63
C HIS LA 80 78.08 31.17 -5.14
N VAL LA 81 78.98 31.81 -5.89
CA VAL LA 81 78.85 31.82 -7.35
C VAL LA 81 79.16 30.44 -7.94
N ASN LA 82 80.00 29.65 -7.27
CA ASN LA 82 80.25 28.28 -7.72
C ASN LA 82 79.06 27.39 -7.42
N VAL LA 83 78.31 27.71 -6.36
CA VAL LA 83 77.10 26.94 -6.04
C VAL LA 83 76.02 27.16 -7.08
N ASP LA 84 75.82 28.42 -7.50
CA ASP LA 84 74.86 28.70 -8.56
C ASP LA 84 75.36 28.22 -9.91
N ALA LA 85 76.67 28.18 -10.11
CA ALA LA 85 77.22 27.71 -11.38
C ALA LA 85 77.25 26.19 -11.49
N ALA LA 86 77.19 25.47 -10.37
CA ALA LA 86 77.24 24.01 -10.36
C ALA LA 86 75.92 23.34 -10.03
N LEU LA 87 75.14 23.90 -9.12
CA LEU LA 87 73.89 23.30 -8.72
C LEU LA 87 72.72 23.94 -9.44
N PRO LA 88 71.69 23.18 -9.84
CA PRO LA 88 70.54 23.76 -10.56
C PRO LA 88 69.61 24.57 -9.67
N LEU LA 89 69.97 25.83 -9.43
CA LEU LA 89 69.26 26.67 -8.49
C LEU LA 89 68.56 27.85 -9.15
N GLY LA 90 68.52 27.88 -10.49
CA GLY LA 90 67.80 28.91 -11.18
C GLY LA 90 68.62 30.13 -11.59
N ARG LA 91 69.93 30.12 -11.36
CA ARG LA 91 70.80 31.21 -11.78
C ARG LA 91 72.03 30.68 -12.49
N THR LA 92 71.86 29.70 -13.36
CA THR LA 92 72.97 29.19 -14.14
C THR LA 92 73.18 30.06 -15.36
N PRO LA 93 74.35 30.73 -15.52
CA PRO LA 93 74.61 31.62 -16.64
C PRO LA 93 74.71 30.91 -17.99
N ALA MA 2 44.45 29.54 -11.28
CA ALA MA 2 43.06 29.77 -11.65
C ALA MA 2 42.17 28.67 -11.09
N ASP MA 3 42.12 27.54 -11.79
CA ASP MA 3 41.31 26.42 -11.34
C ASP MA 3 41.96 25.74 -10.14
N ALA MA 4 41.12 25.13 -9.31
CA ALA MA 4 41.59 24.48 -8.10
C ALA MA 4 42.32 23.19 -8.42
N LEU MA 5 43.25 22.83 -7.53
CA LEU MA 5 44.16 21.73 -7.74
C LEU MA 5 43.80 20.58 -6.80
N GLY MA 6 44.01 19.35 -7.27
CA GLY MA 6 43.75 18.19 -6.43
C GLY MA 6 44.77 17.11 -6.69
N MET MA 7 45.27 16.46 -5.64
CA MET MA 7 46.35 15.51 -5.79
C MET MA 7 46.12 14.27 -4.94
N ILE MA 8 46.39 13.11 -5.53
CA ILE MA 8 46.48 11.87 -4.78
C ILE MA 8 47.86 11.27 -5.05
N GLU MA 9 48.65 11.10 -4.01
CA GLU MA 9 49.94 10.43 -4.14
C GLU MA 9 49.83 9.02 -3.60
N VAL MA 10 50.19 8.03 -4.41
CA VAL MA 10 50.10 6.63 -4.05
C VAL MA 10 51.48 6.01 -4.22
N ARG MA 11 51.91 5.24 -3.23
CA ARG MA 11 53.06 4.35 -3.39
C ARG MA 11 52.59 3.16 -4.21
N GLY MA 12 52.64 3.30 -5.53
CA GLY MA 12 52.15 2.26 -6.40
C GLY MA 12 51.36 2.79 -7.56
N PHE MA 13 51.57 2.22 -8.74
CA PHE MA 13 50.90 2.71 -9.94
C PHE MA 13 49.44 2.30 -9.97
N VAL MA 14 49.11 1.16 -9.36
CA VAL MA 14 47.76 0.61 -9.45
C VAL MA 14 46.79 1.46 -8.64
N GLY MA 15 47.16 1.79 -7.40
CA GLY MA 15 46.34 2.66 -6.58
C GLY MA 15 46.22 4.06 -7.15
N MET MA 16 47.27 4.55 -7.83
CA MET MA 16 47.20 5.85 -8.47
C MET MA 16 46.24 5.85 -9.65
N VAL MA 17 46.22 4.75 -10.42
CA VAL MA 17 45.30 4.69 -11.57
C VAL MA 17 43.86 4.52 -11.08
N GLU MA 18 43.66 3.77 -10.00
CA GLU MA 18 42.31 3.67 -9.42
C GLU MA 18 41.84 5.01 -8.85
N ALA MA 19 42.74 5.76 -8.21
CA ALA MA 19 42.38 7.09 -7.70
C ALA MA 19 42.11 8.06 -8.85
N ALA MA 20 42.92 8.01 -9.90
CA ALA MA 20 42.74 8.89 -11.04
C ALA MA 20 41.51 8.55 -11.85
N ASP MA 21 41.04 7.31 -11.76
CA ASP MA 21 39.77 6.94 -12.39
C ASP MA 21 38.59 7.41 -11.54
N ALA MA 22 38.68 7.21 -10.21
CA ALA MA 22 37.59 7.62 -9.33
C ALA MA 22 37.42 9.13 -9.28
N MET MA 23 38.51 9.89 -9.42
CA MET MA 23 38.41 11.35 -9.41
C MET MA 23 37.70 11.86 -10.66
N VAL MA 24 38.07 11.35 -11.83
CA VAL MA 24 37.42 11.82 -13.05
C VAL MA 24 36.03 11.23 -13.25
N LYS MA 25 35.69 10.17 -12.52
CA LYS MA 25 34.30 9.71 -12.54
C LYS MA 25 33.44 10.33 -11.44
N ALA MA 26 34.04 10.95 -10.43
CA ALA MA 26 33.26 11.50 -9.34
C ALA MA 26 32.77 12.92 -9.60
N ALA MA 27 33.50 13.72 -10.38
CA ALA MA 27 33.10 15.09 -10.66
C ALA MA 27 33.65 15.49 -12.02
N LYS MA 28 33.41 16.75 -12.39
CA LYS MA 28 33.95 17.30 -13.64
C LYS MA 28 35.33 17.89 -13.39
N VAL MA 29 36.29 17.00 -13.20
CA VAL MA 29 37.68 17.37 -13.08
C VAL MA 29 38.39 16.96 -14.36
N GLU MA 30 39.64 17.37 -14.49
CA GLU MA 30 40.46 17.01 -15.64
C GLU MA 30 41.76 16.40 -15.16
N LEU MA 31 41.96 15.13 -15.44
CA LEU MA 31 43.23 14.47 -15.16
C LEU MA 31 44.26 14.99 -16.16
N ILE MA 32 45.07 15.95 -15.72
CA ILE MA 32 46.02 16.57 -16.64
C ILE MA 32 47.22 15.67 -16.88
N GLY MA 33 47.55 14.80 -15.92
CA GLY MA 33 48.70 13.93 -16.09
C GLY MA 33 49.03 13.19 -14.81
N TYR MA 34 50.31 12.89 -14.66
CA TYR MA 34 50.81 12.14 -13.51
C TYR MA 34 52.30 12.42 -13.38
N GLU MA 35 52.78 12.45 -12.14
CA GLU MA 35 54.17 12.76 -11.85
C GLU MA 35 54.83 11.57 -11.19
N LYS MA 36 55.99 11.18 -11.71
CA LYS MA 36 56.76 10.03 -11.24
C LYS MA 36 57.97 10.55 -10.47
N THR MA 37 57.85 10.63 -9.15
CA THR MA 37 58.95 11.13 -8.32
C THR MA 37 59.98 10.07 -7.99
N GLY MA 38 59.78 8.83 -8.43
CA GLY MA 38 60.75 7.78 -8.17
C GLY MA 38 60.60 7.15 -6.82
N GLY MA 39 61.04 5.90 -6.68
CA GLY MA 39 60.89 5.20 -5.42
C GLY MA 39 59.54 4.57 -5.21
N GLY MA 40 58.75 4.41 -6.27
CA GLY MA 40 57.41 3.87 -6.18
C GLY MA 40 56.32 4.90 -6.03
N TYR MA 41 56.65 6.11 -5.59
CA TYR MA 41 55.66 7.15 -5.37
C TYR MA 41 55.25 7.74 -6.72
N VAL MA 42 53.95 7.74 -7.02
CA VAL MA 42 53.42 8.39 -8.20
C VAL MA 42 52.22 9.23 -7.80
N THR MA 43 52.07 10.39 -8.44
CA THR MA 43 51.11 11.41 -8.02
C THR MA 43 50.17 11.73 -9.17
N ALA MA 44 48.87 11.57 -8.93
CA ALA MA 44 47.83 11.93 -9.89
C ALA MA 44 47.30 13.32 -9.56
N VAL MA 45 47.18 14.16 -10.59
CA VAL MA 45 46.84 15.57 -10.45
C VAL MA 45 45.59 15.84 -11.27
N VAL MA 46 44.51 16.21 -10.59
CA VAL MA 46 43.29 16.67 -11.23
C VAL MA 46 43.16 18.17 -11.00
N ARG MA 47 42.33 18.80 -11.82
CA ARG MA 47 42.24 20.25 -11.77
C ARG MA 47 40.86 20.70 -12.23
N GLY MA 48 40.17 21.43 -11.37
CA GLY MA 48 38.82 21.92 -11.62
C GLY MA 48 38.41 22.80 -10.47
N ASP MA 49 37.17 23.27 -10.53
CA ASP MA 49 36.69 24.18 -9.48
C ASP MA 49 36.54 23.46 -8.14
N VAL MA 50 36.56 24.25 -7.07
CA VAL MA 50 37.00 23.79 -5.75
C VAL MA 50 36.03 22.78 -5.13
N ALA MA 51 34.73 22.91 -5.40
CA ALA MA 51 33.77 21.95 -4.86
C ALA MA 51 33.89 20.61 -5.57
N ALA MA 52 34.12 20.64 -6.89
CA ALA MA 52 34.23 19.40 -7.66
C ALA MA 52 35.49 18.64 -7.30
N VAL MA 53 36.63 19.33 -7.17
CA VAL MA 53 37.85 18.62 -6.80
C VAL MA 53 37.83 18.24 -5.32
N LYS MA 54 37.10 18.99 -4.49
CA LYS MA 54 36.99 18.63 -3.09
C LYS MA 54 36.12 17.40 -2.90
N ALA MA 55 35.17 17.15 -3.82
CA ALA MA 55 34.47 15.87 -3.81
C ALA MA 55 35.29 14.77 -4.49
N ALA MA 56 36.04 15.12 -5.53
CA ALA MA 56 36.75 14.13 -6.33
C ALA MA 56 37.91 13.52 -5.56
N THR MA 57 38.68 14.34 -4.83
CA THR MA 57 39.81 13.80 -4.08
C THR MA 57 39.35 12.96 -2.89
N GLU MA 58 38.24 13.32 -2.25
CA GLU MA 58 37.76 12.48 -1.16
C GLU MA 58 37.04 11.24 -1.68
N ALA MA 59 36.66 11.21 -2.96
CA ALA MA 59 36.26 9.94 -3.55
C ALA MA 59 37.46 9.10 -3.94
N GLY MA 60 38.52 9.74 -4.45
CA GLY MA 60 39.70 9.00 -4.88
C GLY MA 60 40.53 8.47 -3.72
N GLN MA 61 40.48 9.14 -2.58
CA GLN MA 61 41.11 8.59 -1.38
C GLN MA 61 40.36 7.36 -0.88
N ARG MA 62 39.03 7.42 -0.92
CA ARG MA 62 38.21 6.29 -0.47
C ARG MA 62 38.33 5.12 -1.43
N ALA MA 63 38.58 5.38 -2.71
CA ALA MA 63 38.79 4.30 -3.67
C ALA MA 63 40.24 3.84 -3.74
N ALA MA 64 41.20 4.62 -3.24
CA ALA MA 64 42.60 4.26 -3.34
C ALA MA 64 43.18 3.68 -2.06
N GLU MA 65 42.50 3.85 -0.92
CA GLU MA 65 42.93 3.17 0.29
C GLU MA 65 42.56 1.70 0.29
N ARG MA 66 41.67 1.27 -0.62
CA ARG MA 66 41.28 -0.12 -0.69
C ARG MA 66 42.29 -0.95 -1.48
N VAL MA 67 42.99 -0.34 -2.43
CA VAL MA 67 43.90 -1.09 -3.29
C VAL MA 67 45.36 -0.72 -3.09
N GLY MA 68 45.67 0.42 -2.49
CA GLY MA 68 47.06 0.82 -2.36
C GLY MA 68 47.38 1.58 -1.08
N GLU MA 69 48.56 2.21 -1.07
CA GLU MA 69 49.02 2.99 0.07
C GLU MA 69 48.93 4.47 -0.31
N VAL MA 70 48.05 5.20 0.36
CA VAL MA 70 47.83 6.61 0.08
C VAL MA 70 48.75 7.43 0.96
N VAL MA 71 49.66 8.18 0.34
CA VAL MA 71 50.62 8.98 1.09
C VAL MA 71 49.99 10.30 1.53
N ALA MA 72 49.51 11.09 0.58
CA ALA MA 72 49.04 12.42 0.88
C ALA MA 72 47.88 12.80 -0.02
N VAL MA 73 46.85 13.40 0.57
CA VAL MA 73 45.70 13.95 -0.14
C VAL MA 73 45.61 15.43 0.22
N HIS MA 74 45.56 16.29 -0.79
CA HIS MA 74 45.45 17.71 -0.52
C HIS MA 74 44.81 18.42 -1.70
N VAL MA 75 44.01 19.43 -1.41
CA VAL MA 75 43.31 20.25 -2.39
C VAL MA 75 43.73 21.70 -2.21
N ILE MA 76 44.20 22.33 -3.27
CA ILE MA 76 44.54 23.74 -3.26
C ILE MA 76 43.44 24.49 -4.01
N PRO MA 77 42.68 25.38 -3.34
CA PRO MA 77 41.57 26.05 -4.02
C PRO MA 77 42.01 27.06 -5.07
N ARG MA 78 43.08 27.81 -4.82
CA ARG MA 78 43.68 28.69 -5.83
C ARG MA 78 45.18 28.58 -5.76
N PRO MA 79 45.81 27.78 -6.63
CA PRO MA 79 47.25 27.83 -6.75
C PRO MA 79 47.68 29.15 -7.39
N HIS MA 80 48.79 29.69 -6.88
CA HIS MA 80 49.34 30.95 -7.38
C HIS MA 80 49.85 30.76 -8.81
N VAL MA 81 49.98 31.87 -9.53
CA VAL MA 81 50.37 31.82 -10.94
C VAL MA 81 51.83 31.36 -11.10
N ASN MA 82 52.67 31.54 -10.08
CA ASN MA 82 54.04 31.03 -10.15
C ASN MA 82 54.06 29.51 -10.00
N VAL MA 83 53.10 28.94 -9.28
CA VAL MA 83 53.01 27.50 -9.14
C VAL MA 83 52.64 26.86 -10.47
N ASP MA 84 51.67 27.44 -11.18
CA ASP MA 84 51.32 26.95 -12.50
C ASP MA 84 52.40 27.22 -13.53
N ALA MA 85 53.15 28.31 -13.36
CA ALA MA 85 54.21 28.64 -14.31
C ALA MA 85 55.44 27.77 -14.11
N ALA MA 86 55.68 27.27 -12.90
CA ALA MA 86 56.87 26.48 -12.61
C ALA MA 86 56.58 24.98 -12.54
N LEU MA 87 55.62 24.58 -11.74
CA LEU MA 87 55.37 23.16 -11.55
C LEU MA 87 54.49 22.62 -12.69
N PRO MA 88 54.72 21.39 -13.15
CA PRO MA 88 53.96 20.84 -14.28
C PRO MA 88 52.54 20.39 -13.90
N LEU MA 89 51.62 21.35 -13.84
CA LEU MA 89 50.28 21.08 -13.34
C LEU MA 89 49.21 21.25 -14.40
N GLY MA 90 49.57 21.17 -15.67
CA GLY MA 90 48.61 21.10 -16.75
C GLY MA 90 48.14 22.42 -17.32
N ARG MA 91 48.37 23.52 -16.61
CA ARG MA 91 47.95 24.84 -17.09
C ARG MA 91 49.15 25.77 -17.24
N THR MA 92 50.22 25.26 -17.84
CA THR MA 92 51.38 26.09 -18.12
C THR MA 92 51.07 26.99 -19.31
N PRO MA 93 51.19 28.32 -19.19
CA PRO MA 93 50.92 29.28 -20.28
C PRO MA 93 51.89 29.15 -21.45
#